data_5AKB
#
_entry.id   5AKB
#
_cell.length_a   165.932
_cell.length_b   188.544
_cell.length_c   200.426
_cell.angle_alpha   90.00
_cell.angle_beta   94.77
_cell.angle_gamma   90.00
#
_symmetry.space_group_name_H-M   'C 1 2 1'
#
loop_
_entity.id
_entity.type
_entity.pdbx_description
1 polymer 'DNA MISMATCH REPAIR PROTEIN MUTS'
2 polymer 'DNA MISMATCH REPAIR PROTEIN MUTL'
3 non-polymer 'PHOSPHOAMINOPHOSPHONIC ACID-ADENYLATE ESTER'
#
loop_
_entity_poly.entity_id
_entity_poly.type
_entity_poly.pdbx_seq_one_letter_code
_entity_poly.pdbx_strand_id
1 'polypeptide(L)'
;MSAIENFDAHTPMMQQYLRLKAQHPEILLFYRMGDFYELFYDDAKRASQLLDISLTKRGASAGEPIPMAGIPYHAVENYL
AKLVNQGESVAIAEQIGDPATSKGPVERKVVRIVTPGTISDEALLQERQDNLLAAIWQDSKGFGYATLDISSGRFRLSEP
ADRETMAAELQRTNPAELLYAEDFAEMSLIEGRRGLRRRPLWEFEIDTARQQLNLQFGTRDLVGFGVENAPRGLSAAGAL
LQYAKCTQRTTLPHIRSITMEREQDSIIMDAATRRNLEITQNLAGGAENTLASVLDSTVTPMGSRMLKRWLHMPVRDTRV
LLERQQTIGALQDFTAGLQPVLRQVGDLERILARLALRTARPRDLARMRHAFQQLPELRAQLETVDSAPVQALREKMGEF
AELRDLLERAIIDTPPVLVRDGGVIASGYNEELDEWRALADGATDYLERLEVRERERTGLDTLKVGFNAVHGYYIQISRG
QSHLAPINYMRRQTLKNAERYIIPELKEYEDKVLTSKGKALALEKQLYEELFDLLLPHLEALQQSASALAELDVLVNLAE
RAYTLNYTSPTFIDKPGIRITEGRHPVVEQVLNEPFIANPLNLSPQRRMLIITGPNMGGKSTYMRQTALIALMAYIGSYV
PAQKVEIGPIDRIFTRVGAADDLASGRSTFMVEMTETANILHNATEYSLVLMDEIGRGTSTYDGLSLAWAVAENLANKIK
ALTLFATHYFELTQLPEKMEGVANVHLDALEHGDTIAFMHSVQDGAASKSYGLAVAALAGVPKEVIKRARQKLRELESIS
;
A,B,E
2 'polypeptide(L)'
;MGSSHHHHHHSSGLVPRGSHMPIQVLPPQLANQIAAGEVVERPASVVKELVENSLDAGATRIDIDIERGGAKLIRIRDNG
SGIKKDELALALARHATSKIASLDDLEAIISLGFRGEALASISSVSRLTLTSRTAEQQEAWQAYAEGRDMCVTVKPAAHP
VGTTLEVLDLFYNTPARRKFLRTEKTEFNHIDEIIRRIALARFDVTINLSHNGKIVRQYRAVPEGGQKERRLGAILGTAF
LEQALAIEWQHGDLTLRGWVADPNHTTPALAEIQYFYVNGRMMRDRLINHAIRQAYEDKLGADQQPAFVLYLEIDPHQVD
VNVHPAKHEVRFHQSRLVHDFIYQGVLSVLQQQLETPLPLDDEPQPAPR
;
C,D,F
#
loop_
_chem_comp.id
_chem_comp.type
_chem_comp.name
_chem_comp.formula
ANP non-polymer 'PHOSPHOAMINOPHOSPHONIC ACID-ADENYLATE ESTER' 'C10 H17 N6 O12 P3'
#
# COMPACT_ATOMS: atom_id res chain seq x y z
N ARG A 128 32.02 12.44 0.33
CA ARG A 128 30.71 12.10 -0.29
C ARG A 128 29.81 13.32 -0.49
N GLN A 129 30.21 14.18 -1.43
CA GLN A 129 29.33 15.24 -1.92
C GLN A 129 29.40 15.26 -3.45
N ASP A 130 28.22 15.16 -4.06
CA ASP A 130 28.06 14.72 -5.43
C ASP A 130 27.92 15.83 -6.45
N ASN A 131 27.86 15.43 -7.71
CA ASN A 131 27.67 16.31 -8.86
C ASN A 131 26.18 16.27 -9.16
N LEU A 132 25.46 17.30 -8.74
CA LEU A 132 23.98 17.31 -8.81
C LEU A 132 23.40 18.39 -9.70
N LEU A 133 22.28 18.07 -10.36
CA LEU A 133 21.61 18.95 -11.35
C LEU A 133 20.11 19.08 -11.02
N ALA A 134 19.53 20.25 -11.31
CA ALA A 134 18.14 20.54 -10.97
C ALA A 134 17.45 21.49 -11.94
N ALA A 135 16.12 21.50 -11.92
CA ALA A 135 15.31 22.41 -12.72
C ALA A 135 14.05 22.84 -11.93
N ILE A 136 13.57 24.05 -12.18
CA ILE A 136 12.40 24.60 -11.46
C ILE A 136 11.63 25.59 -12.35
N TRP A 137 10.30 25.57 -12.23
CA TRP A 137 9.46 26.54 -12.91
C TRP A 137 8.34 26.93 -12.00
N GLN A 138 7.85 28.14 -12.17
CA GLN A 138 6.71 28.59 -11.38
C GLN A 138 5.61 29.22 -12.24
N ASP A 139 4.36 28.98 -11.81
CA ASP A 139 3.19 29.75 -12.24
C ASP A 139 2.85 30.69 -11.09
N SER A 140 1.81 31.50 -11.26
CA SER A 140 1.42 32.41 -10.19
C SER A 140 0.82 31.72 -8.94
N LYS A 141 0.72 30.38 -8.95
CA LYS A 141 0.19 29.60 -7.81
C LYS A 141 1.27 29.21 -6.80
N GLY A 142 2.36 28.63 -7.30
CA GLY A 142 3.43 28.15 -6.45
C GLY A 142 4.62 27.63 -7.26
N PHE A 143 5.32 26.63 -6.72
CA PHE A 143 6.51 26.06 -7.37
C PHE A 143 6.41 24.56 -7.62
N GLY A 144 7.14 24.11 -8.64
CA GLY A 144 7.35 22.69 -8.93
C GLY A 144 8.82 22.46 -9.23
N TYR A 145 9.36 21.31 -8.81
CA TYR A 145 10.81 21.09 -8.75
C TYR A 145 11.23 19.69 -9.21
N ALA A 146 12.42 19.55 -9.81
CA ALA A 146 12.96 18.24 -10.25
C ALA A 146 14.49 18.21 -10.17
N THR A 147 15.10 17.02 -10.00
CA THR A 147 16.57 16.88 -9.88
C THR A 147 17.18 15.71 -10.67
N LEU A 148 18.53 15.69 -10.82
CA LEU A 148 19.26 14.65 -11.57
C LEU A 148 20.81 14.56 -11.29
N ASP A 149 21.31 13.35 -10.97
CA ASP A 149 22.78 13.09 -10.81
C ASP A 149 23.27 12.20 -11.96
N ILE A 150 24.22 12.68 -12.77
CA ILE A 150 24.75 11.92 -13.93
C ILE A 150 25.69 10.76 -13.56
N SER A 151 26.20 10.77 -12.34
CA SER A 151 27.02 9.68 -11.80
C SER A 151 26.17 8.43 -11.52
N SER A 152 25.05 8.63 -10.83
CA SER A 152 24.13 7.55 -10.39
C SER A 152 22.87 7.40 -11.26
N GLY A 153 22.22 8.53 -11.57
CA GLY A 153 21.03 8.56 -12.43
C GLY A 153 19.73 8.67 -11.63
N ARG A 154 19.75 9.44 -10.54
CA ARG A 154 18.60 9.57 -9.61
C ARG A 154 17.64 10.71 -9.99
N PHE A 155 16.31 10.49 -9.86
CA PHE A 155 15.27 11.41 -10.40
C PHE A 155 14.03 11.44 -9.47
N ARG A 156 13.79 12.61 -8.83
CA ARG A 156 12.64 12.83 -7.93
C ARG A 156 11.84 14.05 -8.36
N LEU A 157 10.71 14.27 -7.70
CA LEU A 157 9.88 15.44 -7.98
C LEU A 157 9.45 16.08 -6.68
N SER A 158 8.99 17.32 -6.76
CA SER A 158 8.25 17.94 -5.64
C SER A 158 7.48 19.19 -6.10
N GLU A 159 6.61 19.70 -5.23
CA GLU A 159 5.84 20.93 -5.44
C GLU A 159 5.83 21.80 -4.18
N PRO A 160 7.02 22.30 -3.78
CA PRO A 160 7.03 23.22 -2.64
C PRO A 160 6.04 24.37 -2.86
N ALA A 161 5.13 24.58 -1.91
CA ALA A 161 4.05 25.57 -2.06
C ALA A 161 4.47 27.02 -1.74
N ASP A 162 5.33 27.20 -0.75
CA ASP A 162 5.75 28.54 -0.27
C ASP A 162 7.25 28.82 -0.44
N ARG A 163 7.71 29.99 0.01
CA ARG A 163 9.08 30.45 -0.26
C ARG A 163 10.19 29.73 0.53
N GLU A 164 10.01 29.63 1.84
CA GLU A 164 11.02 29.00 2.71
C GLU A 164 11.21 27.51 2.38
N THR A 165 10.11 26.82 2.06
CA THR A 165 10.17 25.42 1.59
C THR A 165 11.00 25.30 0.29
N MET A 166 10.78 26.24 -0.65
CA MET A 166 11.49 26.25 -1.92
C MET A 166 12.97 26.53 -1.74
N ALA A 167 13.27 27.50 -0.86
CA ALA A 167 14.65 27.84 -0.50
C ALA A 167 15.35 26.69 0.24
N ALA A 168 14.60 26.00 1.12
CA ALA A 168 15.11 24.84 1.84
C ALA A 168 15.36 23.64 0.91
N GLU A 169 14.55 23.50 -0.14
CA GLU A 169 14.72 22.42 -1.13
C GLU A 169 15.93 22.60 -2.10
N LEU A 170 16.27 23.86 -2.42
CA LEU A 170 17.50 24.16 -3.18
C LEU A 170 18.75 24.01 -2.30
N GLN A 171 18.62 24.48 -1.05
CA GLN A 171 19.62 24.29 0.00
C GLN A 171 20.02 22.81 0.18
N ARG A 172 19.00 21.96 0.23
CA ARG A 172 19.14 20.51 0.53
C ARG A 172 19.88 19.78 -0.60
N THR A 173 19.30 19.83 -1.79
CA THR A 173 19.81 19.13 -2.96
C THR A 173 21.09 19.79 -3.49
N ASN A 174 21.18 21.13 -3.34
CA ASN A 174 22.38 21.90 -3.70
C ASN A 174 22.95 21.50 -5.08
N PRO A 175 22.21 21.82 -6.17
CA PRO A 175 22.68 21.48 -7.50
C PRO A 175 23.94 22.25 -7.90
N ALA A 176 24.92 21.53 -8.45
CA ALA A 176 26.06 22.15 -9.09
C ALA A 176 25.62 22.91 -10.36
N GLU A 177 24.45 22.55 -10.89
CA GLU A 177 23.89 23.15 -12.10
C GLU A 177 22.37 23.29 -11.94
N LEU A 178 21.84 24.49 -12.15
CA LEU A 178 20.42 24.80 -11.87
C LEU A 178 19.73 25.50 -13.06
N LEU A 179 18.64 24.91 -13.56
CA LEU A 179 17.88 25.47 -14.70
C LEU A 179 16.73 26.38 -14.28
N TYR A 180 16.50 27.44 -15.04
CA TYR A 180 15.36 28.33 -14.86
C TYR A 180 14.87 28.92 -16.20
N ALA A 181 13.57 29.06 -16.34
CA ALA A 181 12.96 29.67 -17.52
C ALA A 181 13.19 31.19 -17.50
N GLU A 182 13.50 31.76 -18.67
CA GLU A 182 13.71 33.21 -18.83
C GLU A 182 12.87 34.12 -17.91
N ASP A 183 11.60 33.77 -17.73
CA ASP A 183 10.59 34.63 -17.08
C ASP A 183 10.30 34.33 -15.59
N PHE A 184 11.25 33.69 -14.90
CA PHE A 184 11.06 33.31 -13.49
C PHE A 184 10.84 34.55 -12.63
N ALA A 185 9.81 34.53 -11.78
CA ALA A 185 9.38 35.72 -11.04
C ALA A 185 10.15 35.97 -9.74
N GLU A 186 10.29 34.93 -8.92
CA GLU A 186 10.96 35.04 -7.60
C GLU A 186 12.45 34.75 -7.74
N MET A 187 13.13 35.57 -8.54
CA MET A 187 14.55 35.41 -8.83
C MET A 187 15.44 35.44 -7.59
N SER A 188 14.96 36.08 -6.53
CA SER A 188 15.69 36.21 -5.26
C SER A 188 16.21 34.89 -4.68
N LEU A 189 15.57 33.79 -5.04
CA LEU A 189 16.03 32.46 -4.62
C LEU A 189 17.33 31.98 -5.31
N ILE A 190 17.52 32.35 -6.58
CA ILE A 190 18.54 31.73 -7.46
C ILE A 190 19.75 32.58 -7.88
N GLU A 191 19.69 33.90 -7.67
CA GLU A 191 20.78 34.79 -8.10
C GLU A 191 22.03 34.78 -7.22
N GLY A 192 21.98 34.14 -6.06
CA GLY A 192 23.17 33.90 -5.24
C GLY A 192 23.75 32.49 -5.42
N ARG A 193 23.13 31.71 -6.31
CA ARG A 193 23.47 30.30 -6.49
C ARG A 193 24.43 30.06 -7.62
N ARG A 194 25.17 28.96 -7.55
CA ARG A 194 26.22 28.66 -8.52
C ARG A 194 25.73 27.84 -9.74
N GLY A 195 26.44 27.97 -10.85
CA GLY A 195 26.20 27.21 -12.09
C GLY A 195 24.79 27.34 -12.65
N LEU A 196 24.32 28.57 -12.79
CA LEU A 196 22.94 28.85 -13.21
C LEU A 196 22.78 28.72 -14.72
N ARG A 197 21.59 28.29 -15.16
CA ARG A 197 21.31 28.08 -16.59
C ARG A 197 19.96 28.62 -17.02
N ARG A 198 19.98 29.78 -17.67
CA ARG A 198 18.79 30.41 -18.23
C ARG A 198 18.27 29.60 -19.42
N ARG A 199 16.98 29.27 -19.40
CA ARG A 199 16.38 28.46 -20.46
C ARG A 199 15.14 29.14 -21.06
N PRO A 200 14.76 28.76 -22.32
CA PRO A 200 13.52 29.27 -22.94
C PRO A 200 12.22 28.79 -22.24
N LEU A 201 11.08 29.40 -22.57
CA LEU A 201 9.79 29.04 -21.97
C LEU A 201 9.20 27.73 -22.46
N TRP A 202 9.07 27.62 -23.79
CA TRP A 202 8.51 26.43 -24.49
C TRP A 202 9.06 25.08 -24.00
N GLU A 203 10.29 25.07 -23.49
CA GLU A 203 10.94 23.88 -22.92
C GLU A 203 10.26 23.40 -21.64
N PHE A 204 9.53 24.29 -20.97
CA PHE A 204 8.84 23.96 -19.72
C PHE A 204 7.33 23.65 -19.90
N GLU A 205 6.90 23.40 -21.14
CA GLU A 205 5.50 23.13 -21.44
C GLU A 205 5.16 21.71 -21.05
N ILE A 206 4.05 21.55 -20.36
CA ILE A 206 3.63 20.25 -19.84
C ILE A 206 3.35 19.24 -20.95
N ASP A 207 2.75 19.70 -22.07
CA ASP A 207 2.32 18.83 -23.16
C ASP A 207 3.46 17.97 -23.69
N THR A 208 4.52 18.66 -24.09
CA THR A 208 5.72 18.01 -24.58
C THR A 208 6.37 17.24 -23.43
N ALA A 209 6.54 17.91 -22.29
CA ALA A 209 7.19 17.34 -21.10
C ALA A 209 6.69 15.93 -20.80
N ARG A 210 5.36 15.83 -20.67
CA ARG A 210 4.66 14.56 -20.42
C ARG A 210 4.93 13.57 -21.54
N GLN A 211 4.70 14.03 -22.76
CA GLN A 211 4.89 13.21 -23.94
C GLN A 211 6.33 12.64 -23.94
N GLN A 212 7.29 13.54 -23.84
CA GLN A 212 8.72 13.23 -23.83
C GLN A 212 9.07 12.16 -22.77
N LEU A 213 8.87 12.50 -21.50
CA LEU A 213 9.20 11.60 -20.40
C LEU A 213 8.46 10.24 -20.45
N ASN A 214 7.24 10.22 -21.01
CA ASN A 214 6.45 8.96 -21.15
C ASN A 214 7.10 7.95 -22.11
N LEU A 215 7.69 8.44 -23.19
CA LEU A 215 8.41 7.55 -24.08
C LEU A 215 9.81 7.20 -23.54
N GLN A 216 10.38 8.06 -22.68
CA GLN A 216 11.65 7.74 -21.97
C GLN A 216 11.50 6.47 -21.09
N PHE A 217 10.47 6.48 -20.24
CA PHE A 217 10.18 5.34 -19.37
C PHE A 217 9.42 4.27 -20.15
N GLY A 218 8.79 4.67 -21.26
CA GLY A 218 8.14 3.74 -22.18
C GLY A 218 6.65 3.58 -21.95
N THR A 219 6.15 4.09 -20.82
CA THR A 219 4.73 3.96 -20.42
C THR A 219 3.85 4.84 -21.29
N ARG A 220 2.53 4.67 -21.15
CA ARG A 220 1.61 5.55 -21.84
C ARG A 220 1.07 6.64 -20.91
N ASP A 221 1.32 6.46 -19.62
CA ASP A 221 1.03 7.48 -18.60
C ASP A 221 2.06 7.39 -17.47
N LEU A 222 2.02 8.34 -16.54
CA LEU A 222 2.88 8.33 -15.34
C LEU A 222 2.10 7.93 -14.06
N VAL A 223 1.06 7.11 -14.25
CA VAL A 223 0.27 6.58 -13.16
C VAL A 223 1.15 5.76 -12.21
N GLY A 224 1.90 4.84 -12.75
CA GLY A 224 2.77 3.97 -11.95
C GLY A 224 3.92 4.64 -11.20
N PHE A 225 4.08 5.94 -11.39
CA PHE A 225 5.16 6.68 -10.73
C PHE A 225 4.65 7.46 -9.53
N GLY A 226 3.34 7.63 -9.47
CA GLY A 226 2.71 8.34 -8.37
C GLY A 226 2.93 9.82 -8.44
N VAL A 227 2.84 10.39 -9.64
CA VAL A 227 2.96 11.84 -9.83
C VAL A 227 2.00 12.41 -10.89
N GLU A 228 1.05 11.61 -11.35
CA GLU A 228 0.28 11.89 -12.58
C GLU A 228 -0.35 13.29 -12.65
N ASN A 229 -0.98 13.70 -11.55
CA ASN A 229 -1.56 15.02 -11.49
C ASN A 229 -0.80 15.91 -10.51
N ALA A 230 0.44 16.20 -10.89
CA ALA A 230 1.24 17.21 -10.22
C ALA A 230 2.01 17.99 -11.30
N PRO A 231 1.27 18.65 -12.23
CA PRO A 231 1.85 19.27 -13.46
C PRO A 231 2.84 20.43 -13.25
N ARG A 232 2.69 21.16 -12.15
CA ARG A 232 3.60 22.24 -11.77
C ARG A 232 5.05 21.73 -11.60
N GLY A 233 5.18 20.57 -10.95
CA GLY A 233 6.46 19.86 -10.83
C GLY A 233 6.92 19.28 -12.14
N LEU A 234 5.97 18.77 -12.93
CA LEU A 234 6.29 18.09 -14.21
C LEU A 234 6.87 18.97 -15.36
N SER A 235 6.57 20.27 -15.36
CA SER A 235 7.23 21.20 -16.28
C SER A 235 8.73 21.23 -15.97
N ALA A 236 9.06 21.24 -14.69
CA ALA A 236 10.44 21.17 -14.21
C ALA A 236 11.12 19.85 -14.61
N ALA A 237 10.42 18.74 -14.48
CA ALA A 237 10.94 17.43 -14.91
C ALA A 237 11.01 17.34 -16.43
N GLY A 238 10.03 17.92 -17.10
CA GLY A 238 10.00 17.99 -18.56
C GLY A 238 11.13 18.81 -19.18
N ALA A 239 11.46 19.97 -18.58
CA ALA A 239 12.56 20.83 -19.07
C ALA A 239 13.94 20.29 -18.73
N LEU A 240 14.07 19.64 -17.57
CA LEU A 240 15.32 18.98 -17.21
C LEU A 240 15.67 17.82 -18.16
N LEU A 241 14.68 17.16 -18.77
CA LEU A 241 14.96 16.04 -19.71
C LEU A 241 15.35 16.48 -21.12
N GLN A 242 14.73 17.56 -21.62
CA GLN A 242 15.13 18.11 -22.93
C GLN A 242 16.55 18.69 -22.88
N TYR A 243 16.89 19.27 -21.73
CA TYR A 243 18.26 19.70 -21.41
C TYR A 243 19.23 18.52 -21.31
N ALA A 244 18.80 17.44 -20.65
CA ALA A 244 19.61 16.21 -20.46
C ALA A 244 19.84 15.45 -21.77
N LYS A 245 18.79 15.34 -22.58
CA LYS A 245 18.90 14.83 -23.95
C LYS A 245 20.00 15.60 -24.65
N CYS A 246 19.99 16.90 -24.47
CA CYS A 246 20.92 17.82 -25.13
C CYS A 246 22.23 18.11 -24.36
N THR A 247 22.31 17.79 -23.06
CA THR A 247 23.59 17.84 -22.30
C THR A 247 24.41 16.59 -22.51
N GLN A 248 23.75 15.44 -22.49
CA GLN A 248 24.40 14.14 -22.66
C GLN A 248 24.37 13.74 -24.15
N ARG A 249 23.20 13.75 -24.77
CA ARG A 249 23.02 13.37 -26.20
C ARG A 249 23.44 11.92 -26.55
N THR A 250 23.40 11.05 -25.55
CA THR A 250 23.37 9.61 -25.78
C THR A 250 22.27 9.05 -24.88
N THR A 251 21.98 7.76 -25.07
CA THR A 251 21.08 7.01 -24.20
C THR A 251 21.53 7.11 -22.74
N LEU A 252 20.57 7.29 -21.85
CA LEU A 252 20.84 7.30 -20.41
C LEU A 252 19.85 6.33 -19.77
N PRO A 253 20.19 5.02 -19.75
CA PRO A 253 19.36 4.03 -19.08
C PRO A 253 19.68 3.81 -17.59
N HIS A 254 20.65 4.55 -17.07
CA HIS A 254 20.83 4.68 -15.61
C HIS A 254 19.82 5.69 -14.96
N ILE A 255 19.03 6.39 -15.78
CA ILE A 255 17.80 7.08 -15.35
C ILE A 255 16.61 6.16 -15.63
N ARG A 256 16.05 5.63 -14.55
CA ARG A 256 15.01 4.62 -14.58
C ARG A 256 13.56 5.10 -14.27
N SER A 257 13.41 6.04 -13.34
CA SER A 257 12.10 6.33 -12.75
C SER A 257 11.98 7.75 -12.22
N ILE A 258 10.81 8.08 -11.69
CA ILE A 258 10.55 9.32 -10.94
C ILE A 258 9.51 9.09 -9.81
N THR A 259 9.71 9.75 -8.68
CA THR A 259 8.88 9.56 -7.47
C THR A 259 8.65 10.89 -6.79
N MET A 260 7.52 11.00 -6.06
CA MET A 260 7.15 12.21 -5.35
C MET A 260 7.49 12.11 -3.87
N GLU A 261 8.07 13.19 -3.33
CA GLU A 261 8.07 13.40 -1.88
C GLU A 261 6.88 14.27 -1.51
N ARG A 262 6.31 14.10 -0.29
CA ARG A 262 4.93 14.55 -0.01
C ARG A 262 4.72 15.66 1.01
N GLU A 263 3.98 16.68 0.56
CA GLU A 263 3.94 17.99 1.21
C GLU A 263 3.69 17.81 2.70
N GLN A 264 2.55 17.19 2.99
CA GLN A 264 2.09 16.94 4.35
C GLN A 264 2.79 15.70 4.92
N ASP A 265 4.09 15.80 5.23
CA ASP A 265 4.80 14.62 5.75
C ASP A 265 4.53 14.29 7.23
N SER A 266 3.22 14.12 7.55
CA SER A 266 2.70 13.16 8.54
C SER A 266 1.97 12.18 7.60
N ILE A 267 2.71 11.21 7.10
CA ILE A 267 2.58 10.80 5.71
C ILE A 267 1.26 10.06 5.40
N ILE A 268 1.01 9.88 4.11
CA ILE A 268 -0.29 10.03 3.52
C ILE A 268 -0.69 8.75 2.75
N MET A 269 -1.79 8.86 2.04
CA MET A 269 -2.63 7.75 1.63
C MET A 269 -3.14 8.00 0.21
N ASP A 270 -2.89 7.04 -0.69
CA ASP A 270 -3.19 7.26 -2.12
C ASP A 270 -4.68 7.33 -2.43
N ALA A 271 -5.00 7.71 -3.67
CA ALA A 271 -6.37 7.89 -4.10
C ALA A 271 -7.12 6.58 -4.08
N ALA A 272 -6.46 5.48 -4.46
CA ALA A 272 -7.11 4.15 -4.48
C ALA A 272 -7.61 3.74 -3.09
N THR A 273 -6.73 3.85 -2.09
CA THR A 273 -7.11 3.62 -0.69
C THR A 273 -8.34 4.47 -0.28
N ARG A 274 -8.31 5.77 -0.60
CA ARG A 274 -9.34 6.73 -0.20
C ARG A 274 -10.74 6.37 -0.75
N ARG A 275 -10.85 6.25 -2.07
CA ARG A 275 -12.10 5.85 -2.72
C ARG A 275 -12.52 4.47 -2.31
N ASN A 276 -11.54 3.63 -1.98
CA ASN A 276 -11.81 2.27 -1.64
C ASN A 276 -12.19 2.06 -0.18
N LEU A 277 -11.55 2.78 0.74
CA LEU A 277 -11.83 2.58 2.18
C LEU A 277 -13.14 3.22 2.64
N GLU A 278 -13.69 4.11 1.82
CA GLU A 278 -15.02 4.67 2.05
C GLU A 278 -15.13 5.25 3.43
N ILE A 279 -14.10 6.00 3.83
CA ILE A 279 -14.08 6.59 5.16
C ILE A 279 -15.10 7.70 5.24
N THR A 280 -15.20 8.50 4.16
CA THR A 280 -16.21 9.54 4.08
C THR A 280 -17.13 9.41 2.86
N GLN A 281 -16.92 8.41 2.00
CA GLN A 281 -17.83 8.17 0.89
C GLN A 281 -17.81 6.73 0.39
N ASN A 282 -18.96 6.18 0.11
CA ASN A 282 -19.06 4.79 -0.27
C ASN A 282 -19.05 4.51 -1.74
N LEU A 283 -18.99 3.22 -2.04
CA LEU A 283 -19.23 2.58 -3.33
C LEU A 283 -20.09 3.44 -4.25
N ALA A 284 -21.36 3.58 -3.90
CA ALA A 284 -22.33 4.22 -4.77
C ALA A 284 -22.24 5.74 -4.76
N GLY A 285 -21.54 6.31 -3.78
CA GLY A 285 -21.38 7.76 -3.71
C GLY A 285 -22.21 8.52 -2.69
N GLY A 286 -22.90 7.80 -1.81
CA GLY A 286 -23.59 8.40 -0.64
C GLY A 286 -22.64 8.47 0.55
N ALA A 287 -23.21 8.48 1.76
CA ALA A 287 -22.39 8.46 3.01
C ALA A 287 -22.73 7.28 3.91
N GLU A 288 -23.21 6.22 3.28
CA GLU A 288 -23.64 5.02 3.97
C GLU A 288 -22.51 4.02 4.13
N ASN A 289 -22.54 3.20 5.19
CA ASN A 289 -21.49 2.23 5.52
C ASN A 289 -20.14 2.88 5.61
N THR A 290 -20.12 4.13 6.02
CA THR A 290 -18.88 4.86 6.08
C THR A 290 -18.35 4.80 7.48
N LEU A 291 -17.05 5.03 7.63
CA LEU A 291 -16.48 5.25 8.94
C LEU A 291 -17.15 6.49 9.54
N ALA A 292 -17.48 7.46 8.68
CA ALA A 292 -18.24 8.64 9.08
C ALA A 292 -19.61 8.28 9.67
N SER A 293 -20.38 7.47 8.95
CA SER A 293 -21.73 7.08 9.39
C SER A 293 -21.75 6.61 10.86
N VAL A 294 -20.66 5.97 11.28
CA VAL A 294 -20.45 5.51 12.65
C VAL A 294 -19.93 6.61 13.56
N LEU A 295 -18.77 7.15 13.23
CA LEU A 295 -18.09 8.11 14.09
C LEU A 295 -18.83 9.42 14.16
N ASP A 296 -19.38 9.86 13.04
CA ASP A 296 -20.07 11.13 12.99
C ASP A 296 -21.45 11.04 13.63
N SER A 297 -21.46 11.12 14.94
CA SER A 297 -22.67 11.48 15.69
C SER A 297 -22.34 12.84 16.32
N THR A 298 -21.69 13.69 15.52
CA THR A 298 -21.33 15.02 15.94
C THR A 298 -22.57 15.88 15.83
N VAL A 299 -22.71 16.76 16.81
CA VAL A 299 -23.95 17.50 17.02
C VAL A 299 -24.09 18.72 16.13
N THR A 300 -22.97 19.15 15.56
CA THR A 300 -22.94 20.37 14.81
C THR A 300 -22.21 20.11 13.49
N PRO A 301 -22.57 20.88 12.42
CA PRO A 301 -22.00 20.60 11.11
C PRO A 301 -20.50 20.85 11.06
N MET A 302 -20.02 21.87 11.78
CA MET A 302 -18.58 22.17 11.85
C MET A 302 -17.78 21.07 12.57
N GLY A 303 -18.47 20.27 13.38
CA GLY A 303 -17.87 19.06 13.95
C GLY A 303 -17.69 17.99 12.88
N SER A 304 -18.73 17.76 12.09
CA SER A 304 -18.72 16.74 11.01
C SER A 304 -17.59 16.95 10.01
N ARG A 305 -17.39 18.20 9.58
CA ARG A 305 -16.35 18.52 8.61
C ARG A 305 -14.99 18.22 9.20
N MET A 306 -14.68 18.80 10.36
CA MET A 306 -13.35 18.64 10.97
C MET A 306 -13.08 17.18 11.35
N LEU A 307 -14.13 16.48 11.77
CA LEU A 307 -14.04 15.04 11.99
C LEU A 307 -13.61 14.37 10.68
N LYS A 308 -14.34 14.65 9.61
CA LYS A 308 -13.98 14.13 8.27
C LYS A 308 -12.59 14.60 7.72
N ARG A 309 -12.13 15.77 8.13
CA ARG A 309 -10.83 16.29 7.68
C ARG A 309 -9.66 15.58 8.35
N TRP A 310 -9.73 15.38 9.66
CA TRP A 310 -8.69 14.66 10.39
C TRP A 310 -8.48 13.25 9.85
N LEU A 311 -9.53 12.68 9.26
CA LEU A 311 -9.45 11.39 8.59
C LEU A 311 -8.67 11.47 7.28
N HIS A 312 -8.87 12.55 6.54
CA HIS A 312 -8.08 12.79 5.32
C HIS A 312 -6.58 13.15 5.54
N MET A 313 -6.22 13.42 6.79
CA MET A 313 -4.89 13.92 7.12
C MET A 313 -4.49 13.50 8.54
N PRO A 314 -4.07 12.23 8.72
CA PRO A 314 -3.71 11.70 10.05
C PRO A 314 -2.53 12.37 10.66
N VAL A 315 -2.61 12.68 11.94
CA VAL A 315 -1.53 13.38 12.64
C VAL A 315 -0.44 12.39 13.09
N ARG A 316 0.84 12.74 12.85
CA ARG A 316 1.99 11.88 13.15
C ARG A 316 3.13 12.51 13.95
N ASP A 317 2.91 13.74 14.43
CA ASP A 317 3.71 14.25 15.53
C ASP A 317 3.19 13.47 16.76
N THR A 318 4.05 12.62 17.32
CA THR A 318 3.65 11.74 18.42
C THR A 318 3.04 12.51 19.58
N ARG A 319 3.62 13.68 19.84
CA ARG A 319 3.16 14.59 20.89
C ARG A 319 1.66 14.94 20.78
N VAL A 320 1.21 15.33 19.58
CA VAL A 320 -0.19 15.71 19.36
C VAL A 320 -1.16 14.53 19.47
N LEU A 321 -0.71 13.35 19.06
CA LEU A 321 -1.50 12.13 19.19
C LEU A 321 -1.83 11.80 20.64
N LEU A 322 -0.83 11.96 21.51
CA LEU A 322 -0.98 11.71 22.93
C LEU A 322 -1.77 12.80 23.62
N GLU A 323 -1.65 14.03 23.15
CA GLU A 323 -2.48 15.14 23.63
C GLU A 323 -3.96 14.80 23.43
N ARG A 324 -4.27 14.25 22.26
CA ARG A 324 -5.64 13.88 21.93
C ARG A 324 -6.18 12.71 22.76
N GLN A 325 -5.33 11.72 23.05
CA GLN A 325 -5.73 10.59 23.89
C GLN A 325 -6.05 11.02 25.32
N GLN A 326 -5.22 11.88 25.88
CA GLN A 326 -5.44 12.44 27.23
C GLN A 326 -6.74 13.20 27.33
N THR A 327 -7.01 14.02 26.31
CA THR A 327 -8.26 14.75 26.20
C THR A 327 -9.44 13.79 26.02
N ILE A 328 -9.33 12.87 25.07
CA ILE A 328 -10.44 11.94 24.73
C ILE A 328 -10.85 11.01 25.91
N GLY A 329 -9.88 10.63 26.72
CA GLY A 329 -10.15 9.79 27.90
C GLY A 329 -10.80 10.51 29.05
N ALA A 330 -10.39 11.76 29.29
CA ALA A 330 -10.88 12.57 30.42
C ALA A 330 -12.33 13.03 30.26
N LEU A 331 -12.83 12.99 29.03
CA LEU A 331 -14.20 13.41 28.72
C LEU A 331 -15.27 12.31 28.88
N GLN A 332 -14.86 11.04 29.06
CA GLN A 332 -15.80 9.90 29.03
C GLN A 332 -16.82 9.91 30.18
N ASP A 333 -16.48 10.59 31.27
CA ASP A 333 -17.38 10.76 32.40
C ASP A 333 -18.40 11.87 32.11
N PHE A 334 -18.05 12.78 31.21
CA PHE A 334 -18.86 13.95 30.90
C PHE A 334 -19.49 13.86 29.51
N THR A 335 -19.53 12.65 28.94
CA THR A 335 -20.04 12.44 27.57
C THR A 335 -21.38 13.12 27.35
N ALA A 336 -22.33 12.74 28.18
CA ALA A 336 -23.71 13.20 28.05
C ALA A 336 -23.87 14.66 28.43
N GLY A 337 -23.29 15.07 29.57
CA GLY A 337 -23.46 16.40 30.11
C GLY A 337 -23.13 17.53 29.15
N LEU A 338 -22.16 17.28 28.27
CA LEU A 338 -21.70 18.30 27.37
C LEU A 338 -22.45 18.28 26.03
N GLN A 339 -22.74 17.08 25.53
CA GLN A 339 -23.22 16.91 24.15
C GLN A 339 -24.30 17.89 23.70
N PRO A 340 -25.41 17.97 24.46
CA PRO A 340 -26.53 18.79 24.01
C PRO A 340 -26.24 20.28 23.97
N VAL A 341 -25.29 20.72 24.79
CA VAL A 341 -24.91 22.13 24.85
C VAL A 341 -24.35 22.60 23.51
N LEU A 342 -23.65 21.71 22.84
CA LEU A 342 -23.03 22.01 21.55
C LEU A 342 -24.00 21.95 20.38
N ARG A 343 -25.06 21.16 20.51
CA ARG A 343 -26.08 21.08 19.45
C ARG A 343 -26.87 22.39 19.35
N GLN A 344 -26.81 23.19 20.41
CA GLN A 344 -27.42 24.52 20.44
C GLN A 344 -26.72 25.52 19.53
N VAL A 345 -25.39 25.36 19.41
CA VAL A 345 -24.54 26.31 18.69
C VAL A 345 -24.91 26.43 17.22
N GLY A 346 -25.15 25.28 16.59
CA GLY A 346 -25.33 25.21 15.15
C GLY A 346 -23.99 25.38 14.48
N ASP A 347 -23.99 25.89 13.25
CA ASP A 347 -22.74 26.13 12.55
C ASP A 347 -22.29 27.58 12.73
N LEU A 348 -21.71 27.87 13.89
CA LEU A 348 -21.10 29.16 14.18
C LEU A 348 -20.10 29.57 13.12
N GLU A 349 -19.34 28.59 12.65
CA GLU A 349 -18.29 28.83 11.71
C GLU A 349 -18.82 29.45 10.41
N ARG A 350 -19.78 28.78 9.76
CA ARG A 350 -20.35 29.31 8.52
C ARG A 350 -21.13 30.60 8.67
N ILE A 351 -21.61 30.85 9.88
CA ILE A 351 -22.28 32.10 10.19
C ILE A 351 -21.27 33.25 10.15
N LEU A 352 -20.10 33.03 10.76
CA LEU A 352 -19.00 33.99 10.68
C LEU A 352 -18.63 34.33 9.24
N ALA A 353 -18.88 33.40 8.32
CA ALA A 353 -18.59 33.58 6.89
C ALA A 353 -19.44 34.68 6.26
N ARG A 354 -20.75 34.54 6.41
CA ARG A 354 -21.69 35.53 5.86
C ARG A 354 -21.60 36.84 6.63
N LEU A 355 -21.10 36.76 7.85
CA LEU A 355 -20.73 37.93 8.63
C LEU A 355 -19.59 38.68 7.94
N ALA A 356 -18.52 37.95 7.64
CA ALA A 356 -17.37 38.52 6.95
C ALA A 356 -17.74 39.04 5.56
N LEU A 357 -18.51 38.25 4.80
CA LEU A 357 -19.00 38.66 3.48
C LEU A 357 -19.99 39.82 3.55
N ARG A 358 -20.65 39.95 4.71
CA ARG A 358 -21.66 40.98 4.95
C ARG A 358 -22.99 40.62 4.28
N THR A 359 -23.23 39.31 4.21
CA THR A 359 -24.47 38.75 3.70
C THR A 359 -25.26 38.05 4.81
N ALA A 360 -24.79 38.18 6.06
CA ALA A 360 -25.40 37.49 7.20
C ALA A 360 -26.86 37.93 7.41
N ARG A 361 -27.69 36.98 7.79
CA ARG A 361 -29.14 37.18 7.91
C ARG A 361 -29.60 37.08 9.36
N PRO A 362 -30.78 37.65 9.68
CA PRO A 362 -31.25 37.74 11.06
C PRO A 362 -31.17 36.44 11.86
N ARG A 363 -31.73 35.35 11.33
CA ARG A 363 -31.78 34.09 12.04
C ARG A 363 -30.43 33.41 12.21
N ASP A 364 -29.48 33.80 11.37
CA ASP A 364 -28.08 33.40 11.54
C ASP A 364 -27.52 34.07 12.81
N LEU A 365 -27.76 35.37 12.96
CA LEU A 365 -27.34 36.09 14.16
C LEU A 365 -28.08 35.62 15.39
N ALA A 366 -29.28 35.09 15.18
CA ALA A 366 -30.09 34.55 16.25
C ALA A 366 -29.49 33.30 16.86
N ARG A 367 -29.09 32.34 16.03
CA ARG A 367 -28.52 31.09 16.52
C ARG A 367 -27.14 31.29 17.09
N MET A 368 -26.50 32.38 16.65
CA MET A 368 -25.26 32.84 17.25
C MET A 368 -25.48 33.25 18.69
N ARG A 369 -26.48 34.09 18.92
CA ARG A 369 -26.81 34.53 20.27
C ARG A 369 -27.04 33.32 21.16
N HIS A 370 -27.84 32.38 20.65
CA HIS A 370 -28.15 31.16 21.39
C HIS A 370 -26.87 30.41 21.72
N ALA A 371 -25.92 30.44 20.80
CA ALA A 371 -24.62 29.84 21.04
C ALA A 371 -23.86 30.58 22.14
N PHE A 372 -23.84 31.92 22.10
CA PHE A 372 -23.12 32.72 23.11
C PHE A 372 -23.63 32.49 24.53
N GLN A 373 -24.91 32.15 24.65
CA GLN A 373 -25.53 31.89 25.94
C GLN A 373 -25.07 30.57 26.59
N GLN A 374 -24.48 29.68 25.80
CA GLN A 374 -23.98 28.39 26.31
C GLN A 374 -22.58 28.50 26.90
N LEU A 375 -21.91 29.63 26.70
CA LEU A 375 -20.50 29.77 27.04
C LEU A 375 -20.19 29.73 28.53
N PRO A 376 -21.01 30.42 29.37
CA PRO A 376 -20.81 30.25 30.81
C PRO A 376 -20.95 28.80 31.27
N GLU A 377 -21.90 28.09 30.66
CA GLU A 377 -22.18 26.68 30.97
C GLU A 377 -20.98 25.79 30.70
N LEU A 378 -20.44 25.90 29.49
CA LEU A 378 -19.34 25.07 29.07
C LEU A 378 -18.08 25.38 29.88
N ARG A 379 -17.84 26.67 30.14
CA ARG A 379 -16.73 27.11 30.99
C ARG A 379 -16.71 26.38 32.34
N ALA A 380 -17.90 26.18 32.91
CA ALA A 380 -18.03 25.51 34.20
C ALA A 380 -17.77 24.00 34.13
N GLN A 381 -18.39 23.34 33.17
CA GLN A 381 -18.31 21.86 33.06
C GLN A 381 -16.90 21.33 32.79
N LEU A 382 -16.09 22.14 32.10
CA LEU A 382 -14.76 21.71 31.66
C LEU A 382 -13.66 22.03 32.67
N GLU A 383 -13.93 22.96 33.59
CA GLU A 383 -12.94 23.35 34.60
C GLU A 383 -12.62 22.20 35.56
N THR A 384 -13.59 21.31 35.78
CA THR A 384 -13.40 20.16 36.65
C THR A 384 -12.63 19.00 35.99
N VAL A 385 -12.57 18.98 34.66
CA VAL A 385 -12.00 17.85 33.91
C VAL A 385 -10.46 17.84 33.98
N ASP A 386 -9.89 16.64 34.18
CA ASP A 386 -8.45 16.46 34.36
C ASP A 386 -7.70 16.21 33.04
N SER A 387 -7.31 17.29 32.39
CA SER A 387 -6.49 17.26 31.20
C SER A 387 -6.10 18.70 30.88
N ALA A 388 -4.81 19.01 30.92
CA ALA A 388 -4.32 20.36 30.62
C ALA A 388 -4.59 20.79 29.17
N PRO A 389 -4.56 19.84 28.21
CA PRO A 389 -5.04 20.12 26.83
C PRO A 389 -6.52 20.51 26.78
N VAL A 390 -7.33 19.97 27.69
CA VAL A 390 -8.71 20.39 27.84
C VAL A 390 -8.81 21.80 28.42
N GLN A 391 -7.95 22.10 29.40
CA GLN A 391 -7.91 23.43 30.02
C GLN A 391 -7.46 24.51 29.03
N ALA A 392 -6.58 24.12 28.11
CA ALA A 392 -6.11 25.02 27.06
C ALA A 392 -7.22 25.31 26.05
N LEU A 393 -7.91 24.26 25.60
CA LEU A 393 -9.03 24.40 24.67
C LEU A 393 -10.22 25.13 25.30
N ARG A 394 -10.33 25.05 26.62
CA ARG A 394 -11.38 25.75 27.38
C ARG A 394 -11.17 27.26 27.33
N GLU A 395 -9.91 27.67 27.30
CA GLU A 395 -9.59 29.07 27.15
C GLU A 395 -9.88 29.56 25.73
N LYS A 396 -9.49 28.75 24.75
CA LYS A 396 -9.69 29.05 23.32
C LYS A 396 -11.16 29.31 22.98
N MET A 397 -12.02 28.57 23.66
CA MET A 397 -13.45 28.77 23.60
C MET A 397 -13.83 30.23 23.90
N GLY A 398 -13.35 30.77 25.02
CA GLY A 398 -13.60 32.16 25.39
C GLY A 398 -15.00 32.37 25.93
N GLU A 399 -15.38 33.63 26.13
CA GLU A 399 -16.69 33.96 26.69
C GLU A 399 -17.47 35.02 25.88
N PHE A 400 -16.86 36.19 25.67
CA PHE A 400 -17.48 37.26 24.87
C PHE A 400 -18.80 37.80 25.47
N ALA A 401 -18.69 38.33 26.69
CA ALA A 401 -19.84 38.81 27.44
C ALA A 401 -20.56 40.00 26.79
N GLU A 402 -19.77 40.96 26.34
CA GLU A 402 -20.28 42.19 25.71
C GLU A 402 -20.94 41.95 24.36
N LEU A 403 -20.41 40.97 23.60
CA LEU A 403 -20.96 40.62 22.31
C LEU A 403 -22.33 39.97 22.47
N ARG A 404 -22.46 39.14 23.49
CA ARG A 404 -23.76 38.57 23.85
C ARG A 404 -24.75 39.70 24.15
N ASP A 405 -24.32 40.66 24.96
CA ASP A 405 -25.18 41.74 25.40
C ASP A 405 -25.81 42.53 24.26
N LEU A 406 -25.01 42.86 23.26
CA LEU A 406 -25.47 43.67 22.14
C LEU A 406 -26.58 42.97 21.37
N LEU A 407 -26.31 41.73 20.95
CA LEU A 407 -27.28 40.95 20.21
C LEU A 407 -28.57 40.77 20.98
N GLU A 408 -28.44 40.56 22.28
CA GLU A 408 -29.59 40.40 23.17
C GLU A 408 -30.46 41.65 23.18
N ARG A 409 -29.82 42.82 23.24
CA ARG A 409 -30.55 44.09 23.31
C ARG A 409 -31.06 44.57 21.96
N ALA A 410 -30.39 44.18 20.88
CA ALA A 410 -30.70 44.73 19.56
C ALA A 410 -31.80 43.98 18.80
N ILE A 411 -31.87 42.66 18.98
CA ILE A 411 -32.71 41.81 18.13
C ILE A 411 -33.82 41.07 18.90
N ILE A 412 -34.96 40.88 18.23
CA ILE A 412 -36.08 40.05 18.72
C ILE A 412 -35.63 38.59 18.81
N ASP A 413 -36.33 37.81 19.64
CA ASP A 413 -36.02 36.39 19.81
C ASP A 413 -35.68 35.62 18.53
N THR A 414 -36.60 35.59 17.59
CA THR A 414 -36.32 35.08 16.23
C THR A 414 -37.14 35.86 15.21
N PRO A 415 -36.53 36.87 14.59
CA PRO A 415 -37.14 37.69 13.54
C PRO A 415 -37.47 36.91 12.27
N PRO A 416 -37.98 37.62 11.22
CA PRO A 416 -38.14 37.00 9.90
C PRO A 416 -36.81 36.60 9.22
N VAL A 417 -36.91 35.96 8.06
CA VAL A 417 -35.75 35.31 7.42
C VAL A 417 -34.65 36.28 7.01
N LEU A 418 -35.06 37.34 6.30
CA LEU A 418 -34.16 38.39 5.82
C LEU A 418 -34.39 39.67 6.59
N VAL A 419 -33.60 40.69 6.27
CA VAL A 419 -33.74 42.03 6.84
C VAL A 419 -34.62 42.93 5.94
N ARG A 420 -34.84 42.50 4.69
CA ARG A 420 -35.49 43.33 3.67
C ARG A 420 -36.80 44.00 4.12
N ASP A 421 -37.72 43.21 4.69
CA ASP A 421 -39.03 43.72 5.14
C ASP A 421 -39.11 43.89 6.67
N GLY A 422 -37.98 44.21 7.28
CA GLY A 422 -37.92 44.63 8.69
C GLY A 422 -38.44 43.61 9.68
N GLY A 423 -38.82 44.11 10.85
CA GLY A 423 -39.31 43.28 11.95
C GLY A 423 -38.22 42.55 12.68
N VAL A 424 -37.04 43.18 12.75
CA VAL A 424 -35.83 42.52 13.27
C VAL A 424 -35.34 43.12 14.58
N ILE A 425 -35.12 44.43 14.58
CA ILE A 425 -34.62 45.09 15.76
C ILE A 425 -35.75 45.25 16.74
N ALA A 426 -35.49 44.91 18.00
CA ALA A 426 -36.50 44.98 19.05
C ALA A 426 -36.67 46.42 19.52
N SER A 427 -37.87 46.73 20.00
CA SER A 427 -38.14 47.99 20.65
C SER A 427 -37.41 48.03 22.00
N GLY A 428 -36.84 49.18 22.35
CA GLY A 428 -36.07 49.32 23.59
C GLY A 428 -34.56 49.38 23.38
N TYR A 429 -34.13 49.06 22.16
CA TYR A 429 -32.73 49.26 21.76
C TYR A 429 -32.49 50.69 21.32
N ASN A 430 -33.45 51.23 20.55
CA ASN A 430 -33.32 52.53 19.94
C ASN A 430 -34.59 53.35 20.10
N GLU A 431 -34.43 54.57 20.65
CA GLU A 431 -35.55 55.48 20.87
C GLU A 431 -36.18 55.93 19.55
N GLU A 432 -35.32 56.30 18.60
CA GLU A 432 -35.80 56.78 17.30
C GLU A 432 -36.57 55.69 16.56
N LEU A 433 -36.11 54.44 16.66
CA LEU A 433 -36.81 53.31 16.06
C LEU A 433 -38.26 53.29 16.51
N ASP A 434 -38.45 53.41 17.81
CA ASP A 434 -39.79 53.39 18.39
C ASP A 434 -40.59 54.65 18.07
N GLU A 435 -39.89 55.77 17.84
CA GLU A 435 -40.54 57.02 17.41
C GLU A 435 -41.30 56.84 16.10
N TRP A 436 -40.60 56.43 15.04
CA TRP A 436 -41.21 56.22 13.73
C TRP A 436 -42.22 55.09 13.74
N ARG A 437 -42.02 54.13 14.65
CA ARG A 437 -42.98 53.06 14.87
C ARG A 437 -44.29 53.57 15.51
N ALA A 438 -44.19 54.66 16.29
CA ALA A 438 -45.37 55.28 16.94
C ALA A 438 -46.33 56.01 15.98
N LEU A 439 -45.82 56.42 14.81
CA LEU A 439 -46.64 57.05 13.77
C LEU A 439 -47.60 56.07 13.10
N ALA A 440 -47.07 54.90 12.72
CA ALA A 440 -47.88 53.82 12.17
C ALA A 440 -48.73 53.11 13.24
N ASP A 441 -48.35 53.29 14.51
CA ASP A 441 -49.10 52.73 15.64
C ASP A 441 -50.33 53.57 16.01
N GLY A 442 -50.41 54.81 15.49
CA GLY A 442 -51.64 55.62 15.56
C GLY A 442 -52.57 55.38 14.37
N ALA A 443 -52.56 54.15 13.85
CA ALA A 443 -53.28 53.80 12.64
C ALA A 443 -54.75 53.35 12.86
N THR A 444 -54.94 52.14 13.37
CA THR A 444 -56.28 51.47 13.41
C THR A 444 -57.41 52.24 14.13
N ASP A 445 -57.11 52.83 15.28
CA ASP A 445 -58.08 53.60 16.07
C ASP A 445 -58.48 54.91 15.39
N TYR A 446 -57.54 55.51 14.68
CA TYR A 446 -57.79 56.68 13.86
C TYR A 446 -58.91 56.36 12.84
N LEU A 447 -58.75 55.24 12.13
CA LEU A 447 -59.68 54.84 11.07
C LEU A 447 -60.99 54.23 11.54
N GLU A 448 -61.01 53.66 12.74
CA GLU A 448 -62.24 53.17 13.35
C GLU A 448 -63.19 54.34 13.69
N ARG A 449 -62.64 55.37 14.34
CA ARG A 449 -63.41 56.56 14.74
C ARG A 449 -64.00 57.27 13.53
N LEU A 450 -63.19 57.34 12.47
CA LEU A 450 -63.65 57.82 11.16
C LEU A 450 -64.81 56.96 10.62
N GLU A 451 -64.59 55.65 10.53
CA GLU A 451 -65.59 54.70 10.02
C GLU A 451 -66.92 54.80 10.76
N VAL A 452 -66.83 54.90 12.09
CA VAL A 452 -67.99 54.97 12.97
C VAL A 452 -68.70 56.34 12.89
N ARG A 453 -67.93 57.44 12.96
CA ARG A 453 -68.51 58.79 12.83
C ARG A 453 -69.21 58.99 11.49
N GLU A 454 -68.53 58.61 10.41
CA GLU A 454 -69.03 58.81 9.05
C GLU A 454 -70.21 57.88 8.72
N ARG A 455 -70.21 56.67 9.28
CA ARG A 455 -71.34 55.76 9.15
C ARG A 455 -72.60 56.35 9.77
N GLU A 456 -72.46 56.91 10.97
CA GLU A 456 -73.61 57.49 11.63
C GLU A 456 -73.94 58.94 11.18
N ARG A 457 -72.96 59.70 10.66
CA ARG A 457 -73.22 61.05 10.10
C ARG A 457 -73.96 61.00 8.76
N THR A 458 -73.60 60.03 7.91
CA THR A 458 -74.21 59.85 6.58
C THR A 458 -75.48 59.00 6.62
N GLY A 459 -75.52 58.04 7.53
CA GLY A 459 -76.63 57.09 7.64
C GLY A 459 -76.50 55.90 6.71
N LEU A 460 -75.27 55.58 6.32
CA LEU A 460 -74.98 54.46 5.42
C LEU A 460 -74.15 53.44 6.19
N ASP A 461 -74.73 52.28 6.50
CA ASP A 461 -74.07 51.28 7.37
C ASP A 461 -73.13 50.33 6.61
N THR A 462 -73.34 50.21 5.28
CA THR A 462 -72.42 49.45 4.43
C THR A 462 -71.09 50.20 4.20
N LEU A 463 -71.00 51.43 4.72
CA LEU A 463 -69.78 52.25 4.72
C LEU A 463 -68.67 51.64 5.60
N LYS A 464 -67.58 51.21 4.96
CA LYS A 464 -66.39 50.70 5.68
C LYS A 464 -65.12 51.32 5.12
N VAL A 465 -64.22 51.73 6.04
CA VAL A 465 -62.92 52.33 5.71
C VAL A 465 -61.86 51.21 5.61
N GLY A 466 -61.39 50.96 4.40
CA GLY A 466 -60.49 49.83 4.12
C GLY A 466 -59.20 50.24 3.43
N PHE A 467 -58.26 49.30 3.40
CA PHE A 467 -56.97 49.52 2.76
C PHE A 467 -56.84 48.74 1.46
N ASN A 468 -56.09 49.31 0.52
CA ASN A 468 -55.74 48.66 -0.74
C ASN A 468 -54.28 48.88 -1.06
N ALA A 469 -53.55 47.79 -1.35
CA ALA A 469 -52.13 47.89 -1.73
C ALA A 469 -51.96 48.80 -2.94
N VAL A 470 -52.88 48.67 -3.90
CA VAL A 470 -52.84 49.37 -5.18
C VAL A 470 -53.13 50.88 -5.07
N HIS A 471 -54.22 51.25 -4.43
CA HIS A 471 -54.73 52.63 -4.41
C HIS A 471 -54.56 53.39 -3.09
N GLY A 472 -54.14 52.69 -2.04
CA GLY A 472 -54.13 53.28 -0.68
C GLY A 472 -55.47 53.07 0.00
N TYR A 473 -55.71 53.76 1.11
CA TYR A 473 -56.97 53.66 1.85
C TYR A 473 -58.13 54.34 1.11
N TYR A 474 -59.36 54.01 1.49
CA TYR A 474 -60.56 54.52 0.83
C TYR A 474 -61.77 54.32 1.73
N ILE A 475 -62.91 54.88 1.31
CA ILE A 475 -64.20 54.65 1.97
C ILE A 475 -65.19 54.08 0.96
N GLN A 476 -65.58 52.81 1.13
CA GLN A 476 -66.52 52.14 0.22
C GLN A 476 -67.94 52.16 0.76
N ILE A 477 -68.89 52.34 -0.16
CA ILE A 477 -70.31 52.26 0.13
C ILE A 477 -70.97 51.38 -0.93
N SER A 478 -71.95 50.55 -0.53
CA SER A 478 -72.67 49.66 -1.46
C SER A 478 -73.47 50.48 -2.48
N ARG A 479 -73.69 49.91 -3.66
CA ARG A 479 -74.17 50.68 -4.82
C ARG A 479 -75.50 51.42 -4.63
N GLY A 480 -76.42 50.84 -3.87
CA GLY A 480 -77.71 51.47 -3.59
C GLY A 480 -77.60 52.70 -2.71
N GLN A 481 -76.64 52.66 -1.78
CA GLN A 481 -76.40 53.75 -0.84
C GLN A 481 -75.33 54.73 -1.32
N SER A 482 -74.63 54.39 -2.41
CA SER A 482 -73.43 55.11 -2.86
C SER A 482 -73.65 56.60 -3.16
N HIS A 483 -74.68 56.92 -3.93
CA HIS A 483 -75.00 58.31 -4.29
C HIS A 483 -75.77 59.07 -3.18
N LEU A 484 -75.88 58.45 -2.01
CA LEU A 484 -76.45 59.06 -0.81
C LEU A 484 -75.36 59.50 0.18
N ALA A 485 -74.11 59.57 -0.30
CA ALA A 485 -72.95 59.98 0.51
C ALA A 485 -72.70 61.50 0.38
N PRO A 486 -71.88 62.09 1.30
CA PRO A 486 -71.70 63.56 1.31
C PRO A 486 -70.69 64.06 0.27
N ILE A 487 -70.71 65.37 0.03
CA ILE A 487 -69.88 66.00 -1.01
C ILE A 487 -68.40 66.23 -0.63
N ASN A 488 -68.05 65.93 0.62
CA ASN A 488 -66.63 65.89 1.05
C ASN A 488 -65.84 64.85 0.27
N TYR A 489 -66.56 63.79 -0.15
CA TYR A 489 -65.96 62.59 -0.73
C TYR A 489 -65.50 62.79 -2.17
N MET A 490 -64.25 62.42 -2.46
CA MET A 490 -63.68 62.50 -3.79
C MET A 490 -63.51 61.10 -4.35
N ARG A 491 -64.02 60.89 -5.56
CA ARG A 491 -63.95 59.57 -6.19
C ARG A 491 -62.49 59.23 -6.57
N ARG A 492 -62.00 58.11 -6.05
CA ARG A 492 -60.72 57.52 -6.50
C ARG A 492 -60.94 56.22 -7.29
N GLN A 493 -62.06 55.53 -7.02
CA GLN A 493 -62.27 54.14 -7.49
C GLN A 493 -63.75 53.76 -7.62
N THR A 494 -64.23 53.63 -8.86
CA THR A 494 -65.55 53.09 -9.14
C THR A 494 -65.46 51.57 -9.26
N LEU A 495 -66.47 50.86 -8.75
CA LEU A 495 -66.53 49.39 -8.87
C LEU A 495 -67.83 48.92 -9.54
N LYS A 496 -67.91 47.60 -9.78
CA LYS A 496 -69.13 46.90 -10.20
C LYS A 496 -70.24 47.03 -9.14
N ASN A 497 -69.86 46.77 -7.89
CA ASN A 497 -70.81 46.61 -6.79
C ASN A 497 -70.81 47.78 -5.78
N ALA A 498 -70.03 48.83 -6.05
CA ALA A 498 -69.83 49.89 -5.06
C ALA A 498 -69.14 51.12 -5.66
N GLU A 499 -68.99 52.17 -4.85
CA GLU A 499 -68.19 53.33 -5.19
C GLU A 499 -67.22 53.62 -4.04
N ARG A 500 -65.92 53.71 -4.35
CA ARG A 500 -64.91 54.07 -3.36
C ARG A 500 -64.51 55.52 -3.47
N TYR A 501 -64.23 56.13 -2.32
CA TYR A 501 -63.90 57.55 -2.25
C TYR A 501 -62.66 57.78 -1.39
N ILE A 502 -62.09 58.97 -1.53
CA ILE A 502 -60.97 59.43 -0.69
C ILE A 502 -61.33 60.78 -0.08
N ILE A 503 -60.82 61.03 1.12
CA ILE A 503 -61.00 62.33 1.78
C ILE A 503 -59.69 62.84 2.34
N PRO A 504 -59.56 64.18 2.53
CA PRO A 504 -58.27 64.77 2.92
C PRO A 504 -57.73 64.26 4.26
N GLU A 505 -58.62 64.04 5.21
CA GLU A 505 -58.23 63.49 6.51
C GLU A 505 -57.54 62.13 6.36
N LEU A 506 -58.08 61.30 5.48
CA LEU A 506 -57.51 59.97 5.21
C LEU A 506 -56.25 60.08 4.41
N LYS A 507 -56.31 60.86 3.34
CA LYS A 507 -55.21 61.08 2.41
C LYS A 507 -54.01 61.71 3.11
N GLU A 508 -54.28 62.57 4.12
CA GLU A 508 -53.30 63.12 5.08
C GLU A 508 -52.71 61.97 5.86
N TYR A 509 -53.59 61.24 6.51
CA TYR A 509 -53.20 60.15 7.38
C TYR A 509 -52.51 59.02 6.59
N GLU A 510 -52.95 58.80 5.34
CA GLU A 510 -52.32 57.85 4.41
C GLU A 510 -50.80 58.05 4.34
N ASP A 511 -50.39 59.30 4.17
CA ASP A 511 -48.98 59.69 4.05
C ASP A 511 -48.19 59.32 5.31
N LYS A 512 -48.63 59.81 6.46
CA LYS A 512 -47.91 59.63 7.74
C LYS A 512 -47.60 58.18 8.07
N VAL A 513 -48.49 57.28 7.68
CA VAL A 513 -48.30 55.85 7.89
C VAL A 513 -47.24 55.33 6.91
N LEU A 514 -47.52 55.50 5.62
CA LEU A 514 -46.69 54.91 4.56
C LEU A 514 -45.21 55.32 4.63
N THR A 515 -44.98 56.59 4.96
CA THR A 515 -43.63 57.16 5.06
C THR A 515 -42.91 56.75 6.33
N SER A 516 -43.62 56.81 7.47
CA SER A 516 -43.06 56.41 8.76
C SER A 516 -42.56 54.97 8.70
N LYS A 517 -43.38 54.10 8.13
CA LYS A 517 -42.99 52.72 7.84
C LYS A 517 -41.65 52.66 7.12
N GLY A 518 -41.59 53.31 5.96
CA GLY A 518 -40.37 53.37 5.17
C GLY A 518 -39.16 53.74 6.00
N LYS A 519 -39.27 54.85 6.73
CA LYS A 519 -38.12 55.42 7.47
C LYS A 519 -37.77 54.64 8.72
N ALA A 520 -38.75 53.97 9.29
CA ALA A 520 -38.50 53.00 10.35
C ALA A 520 -37.77 51.81 9.75
N LEU A 521 -38.25 51.36 8.58
CA LEU A 521 -37.61 50.27 7.85
C LEU A 521 -36.19 50.63 7.46
N ALA A 522 -36.00 51.87 7.02
CA ALA A 522 -34.70 52.36 6.59
C ALA A 522 -33.71 52.40 7.76
N LEU A 523 -34.19 52.85 8.92
CA LEU A 523 -33.37 52.88 10.12
C LEU A 523 -32.94 51.47 10.52
N GLU A 524 -33.85 50.52 10.34
CA GLU A 524 -33.62 49.13 10.66
C GLU A 524 -32.46 48.55 9.82
N LYS A 525 -32.50 48.77 8.52
CA LYS A 525 -31.41 48.35 7.61
C LYS A 525 -30.08 48.95 8.05
N GLN A 526 -30.11 50.23 8.43
CA GLN A 526 -28.91 50.96 8.83
C GLN A 526 -28.30 50.31 10.05
N LEU A 527 -29.11 50.16 11.10
CA LEU A 527 -28.65 49.58 12.36
C LEU A 527 -28.09 48.18 12.18
N TYR A 528 -28.70 47.40 11.30
CA TYR A 528 -28.28 46.00 11.08
C TYR A 528 -26.89 45.90 10.49
N GLU A 529 -26.65 46.60 9.37
CA GLU A 529 -25.34 46.54 8.68
C GLU A 529 -24.24 47.25 9.50
N GLU A 530 -24.63 48.12 10.43
CA GLU A 530 -23.71 48.75 11.37
C GLU A 530 -23.16 47.75 12.38
N LEU A 531 -23.95 46.74 12.71
CA LEU A 531 -23.52 45.67 13.59
C LEU A 531 -22.33 44.88 13.05
N PHE A 532 -22.24 44.77 11.72
CA PHE A 532 -21.05 44.19 11.08
C PHE A 532 -19.81 44.98 11.47
N ASP A 533 -19.94 46.30 11.47
CA ASP A 533 -18.85 47.20 11.87
C ASP A 533 -18.43 46.96 13.32
N LEU A 534 -19.42 46.62 14.16
CA LEU A 534 -19.21 46.47 15.60
C LEU A 534 -18.57 45.13 16.00
N LEU A 535 -18.83 44.08 15.22
CA LEU A 535 -18.33 42.74 15.54
C LEU A 535 -16.96 42.43 14.93
N LEU A 536 -16.73 42.95 13.72
CA LEU A 536 -15.55 42.60 12.91
C LEU A 536 -14.19 42.84 13.54
N PRO A 537 -14.05 43.85 14.41
CA PRO A 537 -12.76 44.01 15.11
C PRO A 537 -12.31 42.83 15.99
N HIS A 538 -13.22 41.91 16.30
CA HIS A 538 -12.86 40.67 17.01
C HIS A 538 -12.98 39.45 16.10
N LEU A 539 -13.10 39.67 14.80
CA LEU A 539 -13.43 38.62 13.85
C LEU A 539 -12.50 37.41 13.94
N GLU A 540 -11.21 37.66 14.15
CA GLU A 540 -10.25 36.56 14.30
C GLU A 540 -10.42 35.81 15.62
N ALA A 541 -10.65 36.55 16.68
CA ALA A 541 -10.92 35.97 18.03
C ALA A 541 -12.16 35.05 18.04
N LEU A 542 -13.11 35.37 17.16
CA LEU A 542 -14.34 34.60 17.02
C LEU A 542 -14.14 33.34 16.20
N GLN A 543 -13.36 33.46 15.14
CA GLN A 543 -12.93 32.30 14.36
C GLN A 543 -12.21 31.30 15.25
N GLN A 544 -11.40 31.81 16.17
CA GLN A 544 -10.63 30.97 17.12
C GLN A 544 -11.61 30.17 17.99
N SER A 545 -12.59 30.87 18.55
CA SER A 545 -13.63 30.20 19.34
C SER A 545 -14.38 29.18 18.49
N ALA A 546 -14.74 29.58 17.26
CA ALA A 546 -15.46 28.70 16.32
C ALA A 546 -14.68 27.44 15.99
N SER A 547 -13.38 27.60 15.77
CA SER A 547 -12.47 26.48 15.55
C SER A 547 -12.39 25.59 16.79
N ALA A 548 -12.28 26.21 17.97
CA ALA A 548 -12.21 25.50 19.25
C ALA A 548 -13.43 24.64 19.50
N LEU A 549 -14.61 25.22 19.25
CA LEU A 549 -15.88 24.53 19.46
C LEU A 549 -16.11 23.39 18.47
N ALA A 550 -15.77 23.63 17.21
CA ALA A 550 -15.83 22.59 16.19
C ALA A 550 -14.97 21.38 16.60
N GLU A 551 -13.76 21.68 17.06
CA GLU A 551 -12.79 20.67 17.49
C GLU A 551 -13.28 19.91 18.74
N LEU A 552 -13.92 20.64 19.65
CA LEU A 552 -14.43 20.02 20.88
C LEU A 552 -15.55 19.05 20.60
N ASP A 553 -16.43 19.40 19.66
CA ASP A 553 -17.49 18.49 19.23
C ASP A 553 -16.90 17.20 18.69
N VAL A 554 -15.82 17.33 17.91
CA VAL A 554 -15.10 16.18 17.36
C VAL A 554 -14.50 15.33 18.48
N LEU A 555 -13.76 15.99 19.37
CA LEU A 555 -13.13 15.31 20.51
C LEU A 555 -14.14 14.61 21.42
N VAL A 556 -15.23 15.31 21.73
CA VAL A 556 -16.27 14.78 22.59
C VAL A 556 -17.01 13.64 21.89
N ASN A 557 -17.38 13.85 20.63
CA ASN A 557 -17.99 12.79 19.81
C ASN A 557 -17.16 11.50 19.88
N LEU A 558 -15.86 11.65 19.66
CA LEU A 558 -14.93 10.52 19.74
C LEU A 558 -14.83 9.94 21.16
N ALA A 559 -14.79 10.81 22.16
CA ALA A 559 -14.82 10.36 23.55
C ALA A 559 -16.08 9.53 23.76
N GLU A 560 -17.16 9.97 23.12
CA GLU A 560 -18.45 9.29 23.19
C GLU A 560 -18.53 8.01 22.33
N ARG A 561 -17.82 7.98 21.19
CA ARG A 561 -17.80 6.77 20.38
C ARG A 561 -16.98 5.65 21.05
N ALA A 562 -15.94 6.04 21.79
CA ALA A 562 -15.16 5.09 22.58
C ALA A 562 -15.93 4.63 23.81
N TYR A 563 -16.79 5.51 24.31
CA TYR A 563 -17.78 5.21 25.37
C TYR A 563 -18.91 4.29 24.89
N THR A 564 -19.40 4.56 23.68
CA THR A 564 -20.49 3.79 23.08
C THR A 564 -20.03 2.42 22.57
N LEU A 565 -18.89 2.38 21.88
CA LEU A 565 -18.41 1.18 21.19
C LEU A 565 -17.17 0.50 21.83
N ASN A 566 -16.80 0.94 23.04
CA ASN A 566 -15.70 0.32 23.82
C ASN A 566 -14.42 0.16 23.04
N TYR A 567 -13.81 1.29 22.71
CA TYR A 567 -12.51 1.24 22.06
C TYR A 567 -11.41 1.39 23.12
N THR A 568 -10.17 1.05 22.78
CA THR A 568 -9.08 1.07 23.75
C THR A 568 -8.02 2.10 23.37
N SER A 569 -7.25 2.57 24.35
CA SER A 569 -6.14 3.52 24.13
C SER A 569 -4.83 2.79 23.78
N PRO A 570 -4.27 3.05 22.57
CA PRO A 570 -3.04 2.41 22.18
C PRO A 570 -1.77 3.17 22.60
N THR A 571 -0.59 2.58 22.35
CA THR A 571 0.71 3.25 22.54
C THR A 571 1.64 3.12 21.33
N PHE A 572 2.58 4.05 21.22
CA PHE A 572 3.49 4.09 20.08
C PHE A 572 4.87 3.52 20.42
N ILE A 573 5.48 2.84 19.45
CA ILE A 573 6.80 2.24 19.62
C ILE A 573 7.80 2.78 18.61
N ASP A 574 9.00 2.24 18.66
CA ASP A 574 10.13 2.78 17.94
C ASP A 574 10.11 2.43 16.48
N LYS A 575 10.06 1.13 16.17
CA LYS A 575 10.24 0.65 14.80
C LYS A 575 9.01 -0.12 14.31
N PRO A 576 8.86 -0.29 12.98
CA PRO A 576 7.55 -0.66 12.43
C PRO A 576 7.06 -2.00 12.95
N GLY A 577 5.77 -2.06 13.25
CA GLY A 577 5.10 -3.26 13.77
C GLY A 577 3.72 -2.97 14.34
N ILE A 578 2.77 -3.88 14.11
CA ILE A 578 1.43 -3.75 14.67
C ILE A 578 1.11 -4.98 15.47
N ARG A 579 0.60 -4.77 16.68
CA ARG A 579 0.04 -5.85 17.50
C ARG A 579 -1.40 -5.52 17.87
N ILE A 580 -2.32 -6.36 17.42
CA ILE A 580 -3.71 -6.19 17.74
C ILE A 580 -4.10 -7.35 18.62
N THR A 581 -4.79 -7.01 19.69
CA THR A 581 -5.33 -8.02 20.58
C THR A 581 -6.88 -8.03 20.43
N GLU A 582 -7.40 -9.09 19.79
CA GLU A 582 -8.83 -9.24 19.52
C GLU A 582 -9.45 -7.96 18.92
N GLY A 583 -9.01 -7.62 17.73
CA GLY A 583 -9.44 -6.41 17.08
C GLY A 583 -10.62 -6.67 16.18
N ARG A 584 -11.36 -5.63 15.89
CA ARG A 584 -12.53 -5.76 15.05
C ARG A 584 -12.64 -4.66 14.04
N HIS A 585 -13.17 -5.04 12.89
CA HIS A 585 -13.52 -4.16 11.80
C HIS A 585 -14.61 -3.21 12.27
N PRO A 586 -14.27 -1.95 12.54
CA PRO A 586 -15.22 -1.05 13.14
C PRO A 586 -16.46 -0.70 12.32
N VAL A 587 -16.42 -0.76 10.99
CA VAL A 587 -17.64 -0.56 10.19
C VAL A 587 -18.51 -1.81 10.08
N VAL A 588 -17.97 -2.86 9.49
CA VAL A 588 -18.72 -4.13 9.29
C VAL A 588 -19.44 -4.66 10.56
N GLU A 589 -18.79 -4.66 11.71
CA GLU A 589 -19.42 -5.13 12.98
C GLU A 589 -20.69 -4.37 13.38
N GLN A 590 -20.78 -3.10 13.00
CA GLN A 590 -21.91 -2.27 13.32
C GLN A 590 -23.03 -2.51 12.35
N VAL A 591 -22.71 -2.80 11.11
CA VAL A 591 -23.77 -3.10 10.15
C VAL A 591 -24.21 -4.58 10.20
N LEU A 592 -23.40 -5.44 10.78
CA LEU A 592 -23.58 -6.90 10.61
C LEU A 592 -24.56 -7.63 11.57
N ASN A 593 -25.28 -8.60 11.01
CA ASN A 593 -26.11 -9.49 11.77
C ASN A 593 -25.51 -10.00 13.05
N GLU A 594 -24.30 -10.53 12.99
CA GLU A 594 -23.71 -11.15 14.16
C GLU A 594 -22.51 -10.35 14.64
N PRO A 595 -21.93 -10.70 15.80
CA PRO A 595 -20.84 -9.87 16.30
C PRO A 595 -19.59 -10.27 15.61
N PHE A 596 -18.72 -9.29 15.42
CA PHE A 596 -17.59 -9.50 14.59
C PHE A 596 -16.72 -10.56 15.26
N ILE A 597 -16.20 -11.46 14.43
CA ILE A 597 -15.26 -12.46 14.90
C ILE A 597 -13.92 -11.74 15.06
N ALA A 598 -13.66 -11.30 16.29
CA ALA A 598 -12.46 -10.53 16.60
C ALA A 598 -11.22 -11.40 16.42
N ASN A 599 -10.20 -10.81 15.81
CA ASN A 599 -8.99 -11.52 15.56
C ASN A 599 -7.82 -10.65 15.93
N PRO A 600 -6.71 -11.27 16.35
CA PRO A 600 -5.48 -10.51 16.56
C PRO A 600 -4.62 -10.41 15.28
N LEU A 601 -3.51 -9.71 15.41
CA LEU A 601 -2.56 -9.57 14.34
C LEU A 601 -1.22 -9.27 14.96
N ASN A 602 -0.17 -9.89 14.43
CA ASN A 602 1.17 -9.69 14.98
C ASN A 602 2.25 -9.56 13.89
N LEU A 603 2.61 -8.32 13.58
CA LEU A 603 3.53 -8.00 12.50
C LEU A 603 4.73 -7.22 13.04
N SER A 604 5.87 -7.33 12.36
CA SER A 604 7.12 -6.77 12.83
C SER A 604 8.16 -6.75 11.70
N PRO A 605 9.37 -6.24 12.00
CA PRO A 605 10.43 -6.32 10.99
C PRO A 605 10.93 -7.76 10.76
N GLN A 606 10.71 -8.64 11.75
CA GLN A 606 11.10 -10.05 11.63
C GLN A 606 10.03 -10.80 10.87
N ARG A 607 8.77 -10.52 11.21
CA ARG A 607 7.63 -11.09 10.53
C ARG A 607 7.00 -10.00 9.70
N ARG A 608 7.54 -9.75 8.52
CA ARG A 608 7.13 -8.57 7.77
C ARG A 608 6.12 -8.82 6.66
N MET A 609 5.84 -10.08 6.35
CA MET A 609 4.83 -10.42 5.33
C MET A 609 3.92 -11.61 5.72
N LEU A 610 2.65 -11.55 5.34
CA LEU A 610 1.66 -12.62 5.58
C LEU A 610 0.93 -13.03 4.30
N ILE A 611 1.20 -14.24 3.83
CA ILE A 611 0.51 -14.80 2.66
C ILE A 611 -0.84 -15.34 3.10
N ILE A 612 -1.91 -14.73 2.59
CA ILE A 612 -3.27 -15.06 3.04
C ILE A 612 -4.05 -15.72 1.92
N THR A 613 -4.45 -16.97 2.13
CA THR A 613 -5.23 -17.73 1.17
C THR A 613 -6.49 -18.16 1.83
N GLY A 614 -7.48 -18.61 1.05
CA GLY A 614 -8.72 -19.12 1.65
C GLY A 614 -9.99 -19.08 0.79
N PRO A 615 -11.15 -19.38 1.41
CA PRO A 615 -12.43 -19.33 0.75
C PRO A 615 -12.92 -17.92 0.49
N ASN A 616 -13.88 -17.78 -0.41
CA ASN A 616 -14.57 -16.51 -0.60
C ASN A 616 -15.56 -16.28 0.54
N MET A 617 -15.81 -15.00 0.84
CA MET A 617 -16.40 -14.57 2.12
C MET A 617 -15.62 -15.15 3.30
N GLY A 618 -14.37 -15.56 3.05
CA GLY A 618 -13.51 -16.06 4.11
C GLY A 618 -13.20 -14.92 5.06
N GLY A 619 -13.16 -13.71 4.51
CA GLY A 619 -12.80 -12.53 5.27
C GLY A 619 -11.40 -12.07 4.96
N LYS A 620 -10.93 -12.34 3.74
CA LYS A 620 -9.61 -11.91 3.30
C LYS A 620 -9.60 -10.39 3.27
N SER A 621 -10.28 -9.83 2.28
CA SER A 621 -10.31 -8.39 2.08
C SER A 621 -10.79 -7.67 3.37
N THR A 622 -11.63 -8.36 4.15
CA THR A 622 -12.09 -7.86 5.44
C THR A 622 -10.97 -7.79 6.46
N TYR A 623 -10.31 -8.92 6.73
CA TYR A 623 -9.20 -8.93 7.67
C TYR A 623 -8.12 -7.93 7.26
N MET A 624 -8.01 -7.69 5.95
CA MET A 624 -7.08 -6.71 5.42
C MET A 624 -7.56 -5.29 5.69
N ARG A 625 -8.66 -4.90 5.06
CA ARG A 625 -9.11 -3.52 5.17
C ARG A 625 -9.35 -3.08 6.59
N GLN A 626 -9.62 -4.03 7.49
CA GLN A 626 -9.81 -3.73 8.92
C GLN A 626 -8.50 -3.24 9.52
N THR A 627 -7.43 -3.89 9.12
CA THR A 627 -6.13 -3.48 9.57
C THR A 627 -5.94 -1.99 9.26
N ALA A 628 -6.35 -1.56 8.07
CA ALA A 628 -6.21 -0.17 7.62
C ALA A 628 -6.85 0.81 8.58
N LEU A 629 -8.07 0.49 8.97
CA LEU A 629 -8.85 1.35 9.84
C LEU A 629 -8.20 1.54 11.22
N ILE A 630 -7.55 0.49 11.73
CA ILE A 630 -6.91 0.53 13.05
C ILE A 630 -5.88 1.64 13.11
N ALA A 631 -5.05 1.67 12.08
CA ALA A 631 -3.97 2.63 12.00
C ALA A 631 -4.52 4.04 11.97
N LEU A 632 -5.40 4.29 11.01
CA LEU A 632 -5.92 5.63 10.81
C LEU A 632 -6.51 6.16 12.11
N MET A 633 -7.31 5.31 12.76
CA MET A 633 -7.99 5.68 14.02
C MET A 633 -6.97 6.01 15.11
N ALA A 634 -6.01 5.11 15.31
CA ALA A 634 -4.99 5.33 16.31
C ALA A 634 -4.28 6.65 16.02
N TYR A 635 -4.06 6.93 14.73
CA TYR A 635 -3.29 8.10 14.28
C TYR A 635 -4.10 9.42 14.14
N ILE A 636 -5.30 9.48 14.72
CA ILE A 636 -5.96 10.77 15.00
C ILE A 636 -6.06 10.97 16.52
N GLY A 637 -5.37 10.12 17.27
CA GLY A 637 -5.37 10.18 18.73
C GLY A 637 -6.59 9.55 19.36
N SER A 638 -7.45 8.89 18.57
CA SER A 638 -8.71 8.26 19.07
C SER A 638 -8.46 6.85 19.57
N TYR A 639 -9.42 6.28 20.29
CA TYR A 639 -9.27 4.91 20.74
C TYR A 639 -9.70 4.00 19.62
N VAL A 640 -9.36 2.73 19.71
CA VAL A 640 -9.44 1.81 18.57
C VAL A 640 -10.17 0.50 18.91
N PRO A 641 -10.89 -0.08 17.92
CA PRO A 641 -11.63 -1.34 18.12
C PRO A 641 -10.77 -2.58 18.35
N ALA A 642 -10.23 -2.70 19.56
CA ALA A 642 -9.49 -3.89 19.96
C ALA A 642 -9.21 -3.86 21.44
N GLN A 643 -8.72 -4.97 21.96
CA GLN A 643 -8.44 -5.12 23.39
C GLN A 643 -7.21 -4.32 23.78
N LYS A 644 -6.15 -4.46 22.99
CA LYS A 644 -4.90 -3.68 23.22
C LYS A 644 -4.06 -3.61 21.93
N VAL A 645 -3.64 -2.40 21.60
CA VAL A 645 -3.01 -2.11 20.33
C VAL A 645 -1.72 -1.32 20.58
N GLU A 646 -0.60 -1.82 20.06
CA GLU A 646 0.70 -1.14 20.06
C GLU A 646 1.19 -1.03 18.63
N ILE A 647 1.83 0.08 18.30
CA ILE A 647 2.17 0.35 16.93
C ILE A 647 3.42 1.19 16.80
N GLY A 648 4.25 0.84 15.83
CA GLY A 648 5.44 1.59 15.46
C GLY A 648 5.14 2.57 14.33
N PRO A 649 6.18 3.08 13.67
CA PRO A 649 5.98 3.99 12.55
C PRO A 649 5.41 3.36 11.26
N ILE A 650 4.36 3.99 10.72
CA ILE A 650 3.84 3.67 9.39
C ILE A 650 3.58 4.98 8.65
N ASP A 651 4.36 5.24 7.62
CA ASP A 651 4.30 6.49 6.91
C ASP A 651 3.22 6.51 5.83
N ARG A 652 3.27 5.53 4.94
CA ARG A 652 2.48 5.53 3.72
C ARG A 652 1.57 4.33 3.68
N ILE A 653 0.37 4.55 3.15
CA ILE A 653 -0.71 3.54 3.19
C ILE A 653 -1.33 3.31 1.82
N PHE A 654 -0.84 2.29 1.12
CA PHE A 654 -1.19 2.09 -0.30
C PHE A 654 -2.07 0.88 -0.48
N THR A 655 -2.87 0.90 -1.54
CA THR A 655 -3.90 -0.10 -1.75
C THR A 655 -4.09 -0.47 -3.22
N ARG A 656 -4.49 -1.72 -3.44
CA ARG A 656 -4.97 -2.18 -4.73
C ARG A 656 -6.42 -2.71 -4.56
N VAL A 657 -7.29 -2.17 -5.40
CA VAL A 657 -8.73 -2.37 -5.36
C VAL A 657 -9.19 -3.10 -6.62
N GLY A 658 -9.51 -4.38 -6.46
CA GLY A 658 -9.91 -5.23 -7.61
C GLY A 658 -10.49 -4.48 -8.82
N ALA A 659 -9.82 -4.62 -9.96
CA ALA A 659 -10.21 -3.97 -11.23
C ALA A 659 -10.64 -2.50 -11.09
N PHE A 670 -7.80 -4.22 -17.17
CA PHE A 670 -6.58 -4.86 -16.72
C PHE A 670 -5.47 -3.85 -16.83
N MET A 671 -5.50 -3.02 -17.88
CA MET A 671 -4.65 -1.83 -17.95
C MET A 671 -4.72 -1.19 -16.58
N VAL A 672 -5.94 -0.98 -16.12
CA VAL A 672 -6.20 -0.38 -14.84
C VAL A 672 -5.49 -1.08 -13.69
N GLU A 673 -5.64 -2.41 -13.59
CA GLU A 673 -5.14 -3.19 -12.43
C GLU A 673 -3.64 -3.05 -12.27
N MET A 674 -2.96 -3.28 -13.38
CA MET A 674 -1.55 -3.34 -13.33
C MET A 674 -1.01 -1.98 -12.95
N THR A 675 -1.45 -0.95 -13.66
CA THR A 675 -0.78 0.34 -13.60
C THR A 675 -0.57 0.82 -12.18
N GLU A 676 -1.60 0.72 -11.37
CA GLU A 676 -1.49 1.25 -10.03
C GLU A 676 -0.54 0.42 -9.18
N THR A 677 -0.38 -0.85 -9.52
CA THR A 677 0.48 -1.75 -8.77
C THR A 677 1.89 -1.21 -8.71
N ALA A 678 2.37 -0.78 -9.86
CA ALA A 678 3.75 -0.31 -9.95
C ALA A 678 4.00 0.93 -9.09
N ASN A 679 2.98 1.78 -8.97
CA ASN A 679 3.08 2.95 -8.11
C ASN A 679 3.50 2.52 -6.73
N ILE A 680 2.76 1.55 -6.20
CA ILE A 680 2.94 1.11 -4.83
C ILE A 680 4.36 0.59 -4.66
N LEU A 681 4.86 -0.10 -5.69
CA LEU A 681 6.25 -0.55 -5.70
C LEU A 681 7.26 0.58 -5.51
N HIS A 682 7.26 1.55 -6.44
CA HIS A 682 8.34 2.56 -6.51
C HIS A 682 8.35 3.54 -5.36
N ASN A 683 7.20 3.69 -4.71
CA ASN A 683 7.05 4.68 -3.64
C ASN A 683 7.11 4.09 -2.22
N ALA A 684 6.57 2.88 -2.02
CA ALA A 684 6.45 2.26 -0.67
C ALA A 684 7.80 2.01 -0.02
N THR A 685 7.87 2.18 1.30
CA THR A 685 9.12 2.17 2.05
C THR A 685 9.22 1.02 3.06
N GLU A 686 10.38 0.93 3.72
CA GLU A 686 10.67 -0.04 4.78
C GLU A 686 9.68 0.03 5.97
N TYR A 687 8.97 1.14 6.07
CA TYR A 687 8.08 1.40 7.19
C TYR A 687 6.59 1.50 6.78
N SER A 688 6.30 1.37 5.50
CA SER A 688 4.94 1.60 4.95
C SER A 688 3.98 0.47 5.26
N LEU A 689 2.76 0.63 4.77
CA LEU A 689 1.75 -0.44 4.77
C LEU A 689 1.25 -0.71 3.36
N VAL A 690 1.44 -1.94 2.89
CA VAL A 690 1.08 -2.36 1.54
C VAL A 690 -0.09 -3.34 1.58
N LEU A 691 -1.09 -3.09 0.73
CA LEU A 691 -2.39 -3.75 0.86
C LEU A 691 -2.84 -4.41 -0.44
N MET A 692 -2.52 -5.71 -0.58
CA MET A 692 -2.71 -6.46 -1.81
C MET A 692 -3.84 -7.48 -1.75
N ASP A 693 -4.78 -7.39 -2.69
CA ASP A 693 -5.88 -8.33 -2.84
C ASP A 693 -6.08 -8.76 -4.29
N GLU A 694 -5.78 -10.02 -4.57
CA GLU A 694 -6.00 -10.63 -5.88
C GLU A 694 -5.35 -9.89 -7.08
N ILE A 695 -4.04 -9.63 -6.97
CA ILE A 695 -3.26 -9.19 -8.14
C ILE A 695 -2.97 -10.38 -9.00
N GLY A 696 -3.18 -10.18 -10.28
CA GLY A 696 -3.10 -11.27 -11.16
C GLY A 696 -4.46 -11.84 -11.44
N ARG A 697 -5.42 -10.95 -11.71
CA ARG A 697 -6.61 -11.32 -12.45
C ARG A 697 -6.15 -11.34 -13.89
N GLY A 698 -5.58 -12.47 -14.31
CA GLY A 698 -4.73 -12.48 -15.51
C GLY A 698 -5.36 -13.01 -16.76
N THR A 699 -4.53 -13.16 -17.78
CA THR A 699 -4.97 -13.68 -19.07
C THR A 699 -4.82 -15.18 -19.20
N SER A 700 -4.18 -15.79 -18.22
CA SER A 700 -3.79 -17.19 -18.33
C SER A 700 -3.49 -17.76 -16.93
N THR A 701 -3.28 -19.08 -16.86
CA THR A 701 -2.81 -19.75 -15.64
C THR A 701 -1.60 -19.05 -15.02
N TYR A 702 -0.55 -18.88 -15.83
CA TYR A 702 0.82 -18.60 -15.32
C TYR A 702 1.12 -17.13 -15.08
N ASP A 703 0.66 -16.28 -15.99
CA ASP A 703 0.90 -14.84 -15.89
C ASP A 703 0.64 -14.37 -14.48
N GLY A 704 -0.59 -14.60 -14.01
CA GLY A 704 -1.01 -14.15 -12.70
C GLY A 704 -0.02 -14.63 -11.68
N LEU A 705 0.23 -15.94 -11.66
CA LEU A 705 1.11 -16.56 -10.66
C LEU A 705 2.50 -15.96 -10.71
N SER A 706 3.14 -16.10 -11.85
CA SER A 706 4.46 -15.55 -12.03
C SER A 706 4.46 -14.13 -11.47
N LEU A 707 3.60 -13.27 -12.03
CA LEU A 707 3.56 -11.86 -11.68
C LEU A 707 3.68 -11.70 -10.20
N ALA A 708 2.73 -12.31 -9.53
CA ALA A 708 2.64 -12.22 -8.09
C ALA A 708 3.93 -12.69 -7.50
N TRP A 709 4.33 -13.93 -7.82
CA TRP A 709 5.45 -14.56 -7.15
C TRP A 709 6.47 -13.51 -6.92
N ALA A 710 6.72 -12.76 -7.99
CA ALA A 710 7.72 -11.74 -7.95
C ALA A 710 7.42 -10.69 -6.90
N VAL A 711 6.30 -10.00 -7.09
CA VAL A 711 6.06 -8.80 -6.32
C VAL A 711 6.29 -9.11 -4.84
N ALA A 712 5.86 -10.30 -4.43
CA ALA A 712 6.01 -10.75 -3.06
C ALA A 712 7.48 -10.83 -2.69
N GLU A 713 8.24 -11.67 -3.39
CA GLU A 713 9.66 -11.81 -3.12
C GLU A 713 10.29 -10.43 -3.02
N ASN A 714 9.87 -9.50 -3.90
CA ASN A 714 10.45 -8.15 -3.94
C ASN A 714 10.24 -7.38 -2.65
N LEU A 715 9.04 -7.49 -2.11
CA LEU A 715 8.69 -6.80 -0.86
C LEU A 715 9.33 -7.42 0.38
N ALA A 716 9.73 -8.69 0.27
CA ALA A 716 10.44 -9.38 1.34
C ALA A 716 11.95 -9.29 1.20
N ASN A 717 12.43 -9.50 -0.03
CA ASN A 717 13.87 -9.53 -0.34
C ASN A 717 14.52 -8.15 -0.28
N LYS A 718 13.92 -7.19 -0.98
CA LYS A 718 14.54 -5.88 -1.24
C LYS A 718 13.93 -4.77 -0.36
N ILE A 719 12.64 -4.53 -0.55
CA ILE A 719 11.97 -3.40 0.08
C ILE A 719 11.86 -3.57 1.60
N LYS A 720 11.43 -4.77 2.03
CA LYS A 720 11.32 -5.13 3.46
C LYS A 720 10.21 -4.36 4.20
N ALA A 721 9.11 -4.08 3.51
CA ALA A 721 8.00 -3.34 4.09
C ALA A 721 7.09 -4.26 4.90
N LEU A 722 6.26 -3.69 5.79
CA LEU A 722 5.22 -4.48 6.48
C LEU A 722 4.03 -4.70 5.53
N THR A 723 3.86 -5.93 5.07
CA THR A 723 2.90 -6.23 4.00
C THR A 723 1.84 -7.25 4.44
N LEU A 724 0.70 -7.21 3.75
CA LEU A 724 -0.32 -8.26 3.86
C LEU A 724 -0.79 -8.60 2.45
N PHE A 725 -0.67 -9.86 2.08
CA PHE A 725 -0.85 -10.26 0.69
C PHE A 725 -1.99 -11.25 0.58
N ALA A 726 -3.12 -10.76 0.06
CA ALA A 726 -4.26 -11.61 -0.17
C ALA A 726 -4.21 -12.15 -1.58
N THR A 727 -4.24 -13.47 -1.69
CA THR A 727 -4.11 -14.17 -2.95
C THR A 727 -5.03 -15.37 -3.05
N HIS A 728 -5.28 -15.80 -4.28
CA HIS A 728 -5.96 -17.08 -4.55
C HIS A 728 -5.06 -18.12 -5.23
N TYR A 729 -3.81 -17.73 -5.55
CA TYR A 729 -2.97 -18.59 -6.37
C TYR A 729 -2.00 -19.33 -5.44
N PHE A 730 -2.32 -20.60 -5.20
CA PHE A 730 -1.81 -21.35 -4.04
C PHE A 730 -0.29 -21.44 -3.99
N GLU A 731 0.35 -21.57 -5.16
CA GLU A 731 1.77 -21.89 -5.22
C GLU A 731 2.63 -20.92 -4.40
N LEU A 732 2.13 -19.70 -4.23
CA LEU A 732 2.76 -18.67 -3.41
C LEU A 732 2.94 -19.08 -1.95
N THR A 733 2.06 -19.93 -1.45
CA THR A 733 2.16 -20.45 -0.09
C THR A 733 3.45 -21.23 0.14
N GLN A 734 4.23 -21.46 -0.91
CA GLN A 734 5.55 -21.99 -0.76
C GLN A 734 6.57 -20.94 -0.37
N LEU A 735 6.13 -19.69 -0.18
CA LEU A 735 7.07 -18.60 0.09
C LEU A 735 7.61 -18.48 1.53
N PRO A 736 6.89 -18.98 2.54
CA PRO A 736 7.44 -18.95 3.90
C PRO A 736 8.74 -19.75 4.04
N GLU A 737 8.80 -20.88 3.34
CA GLU A 737 10.01 -21.66 3.23
C GLU A 737 11.05 -20.97 2.33
N LYS A 738 10.60 -20.39 1.20
CA LYS A 738 11.50 -19.73 0.23
C LYS A 738 12.22 -18.47 0.75
N MET A 739 11.52 -17.67 1.56
CA MET A 739 12.02 -16.37 2.01
C MET A 739 12.19 -16.33 3.52
N GLU A 740 13.12 -15.50 3.98
CA GLU A 740 13.16 -15.11 5.38
C GLU A 740 12.14 -13.98 5.59
N GLY A 741 11.35 -14.09 6.67
CA GLY A 741 10.42 -13.04 7.08
C GLY A 741 8.96 -13.19 6.67
N VAL A 742 8.67 -14.27 5.95
CA VAL A 742 7.34 -14.56 5.42
C VAL A 742 6.77 -15.77 6.19
N ALA A 743 5.46 -15.72 6.51
CA ALA A 743 4.75 -16.80 7.25
C ALA A 743 3.28 -16.99 6.84
N ASN A 744 2.86 -18.26 6.76
CA ASN A 744 1.56 -18.61 6.21
C ASN A 744 0.43 -18.37 7.17
N VAL A 745 -0.65 -17.80 6.64
CA VAL A 745 -1.93 -17.70 7.34
C VAL A 745 -3.06 -17.88 6.34
N HIS A 746 -4.24 -18.19 6.85
CA HIS A 746 -5.43 -18.38 6.03
C HIS A 746 -6.74 -18.33 6.85
N LEU A 747 -7.83 -17.87 6.24
CA LEU A 747 -9.14 -17.87 6.86
C LEU A 747 -9.72 -19.24 6.63
N ASP A 748 -9.82 -20.03 7.70
CA ASP A 748 -10.25 -21.42 7.59
C ASP A 748 -11.77 -21.53 7.47
N ALA A 749 -12.20 -22.47 6.63
CA ALA A 749 -13.63 -22.70 6.40
C ALA A 749 -13.98 -24.14 6.72
N LEU A 750 -15.17 -24.34 7.30
CA LEU A 750 -15.70 -25.64 7.68
C LEU A 750 -16.91 -25.97 6.81
N GLU A 751 -16.64 -26.78 5.78
CA GLU A 751 -17.48 -26.91 4.57
C GLU A 751 -18.23 -28.24 4.60
N HIS A 752 -19.54 -28.19 4.78
CA HIS A 752 -20.31 -29.37 5.21
C HIS A 752 -21.71 -29.63 4.60
N GLY A 753 -21.81 -30.70 3.82
CA GLY A 753 -23.09 -31.18 3.29
C GLY A 753 -23.73 -30.19 2.33
N ASP A 754 -24.95 -29.80 2.64
CA ASP A 754 -25.65 -28.81 1.82
C ASP A 754 -25.08 -27.38 2.02
N THR A 755 -24.57 -27.10 3.22
CA THR A 755 -24.20 -25.75 3.66
C THR A 755 -22.68 -25.65 3.81
N ILE A 756 -22.16 -24.51 4.26
CA ILE A 756 -20.72 -24.29 4.51
C ILE A 756 -20.56 -23.23 5.59
N ALA A 757 -19.57 -23.39 6.47
CA ALA A 757 -19.28 -22.42 7.54
C ALA A 757 -17.96 -21.67 7.35
N PHE A 758 -18.01 -20.35 7.47
CA PHE A 758 -16.84 -19.50 7.35
C PHE A 758 -16.50 -19.02 8.72
N MET A 759 -15.49 -19.61 9.32
CA MET A 759 -15.12 -19.27 10.69
C MET A 759 -14.91 -17.79 10.92
N HIS A 760 -14.57 -17.05 9.87
CA HIS A 760 -14.23 -15.63 9.97
C HIS A 760 -13.10 -15.44 10.99
N SER A 761 -12.18 -16.40 10.98
CA SER A 761 -11.06 -16.43 11.92
C SER A 761 -9.75 -16.74 11.18
N VAL A 762 -8.69 -16.01 11.52
CA VAL A 762 -7.40 -16.08 10.81
C VAL A 762 -6.59 -17.22 11.42
N GLN A 763 -6.21 -18.17 10.58
CA GLN A 763 -5.56 -19.38 11.06
C GLN A 763 -4.15 -19.48 10.46
N ASP A 764 -3.23 -20.02 11.25
CA ASP A 764 -1.90 -20.30 10.80
C ASP A 764 -1.98 -21.46 9.80
N GLY A 765 -1.32 -21.31 8.65
CA GLY A 765 -1.34 -22.32 7.57
C GLY A 765 -1.87 -21.75 6.27
N ALA A 766 -2.39 -22.62 5.40
CA ALA A 766 -2.85 -22.21 4.06
C ALA A 766 -4.24 -22.73 3.69
N ALA A 767 -4.78 -22.21 2.59
CA ALA A 767 -6.11 -22.60 2.08
C ALA A 767 -6.20 -24.04 1.61
N SER A 768 -7.41 -24.57 1.65
CA SER A 768 -7.66 -25.96 1.32
C SER A 768 -7.70 -26.15 -0.19
N LYS A 769 -8.57 -25.40 -0.86
CA LYS A 769 -9.12 -25.87 -2.13
C LYS A 769 -9.99 -24.82 -2.83
N SER A 770 -10.74 -25.29 -3.84
CA SER A 770 -11.77 -24.52 -4.51
C SER A 770 -13.01 -24.28 -3.63
N TYR A 771 -13.30 -23.01 -3.35
CA TYR A 771 -14.48 -22.60 -2.58
C TYR A 771 -15.54 -21.92 -3.40
N GLY A 772 -15.25 -21.71 -4.68
CA GLY A 772 -16.14 -20.99 -5.58
C GLY A 772 -17.34 -21.80 -5.98
N LEU A 773 -17.11 -23.07 -6.35
CA LEU A 773 -18.20 -23.99 -6.71
C LEU A 773 -19.28 -24.03 -5.65
N ALA A 774 -18.82 -23.99 -4.39
CA ALA A 774 -19.69 -23.95 -3.22
C ALA A 774 -20.46 -22.63 -3.12
N VAL A 775 -19.75 -21.51 -3.23
CA VAL A 775 -20.39 -20.20 -3.12
C VAL A 775 -21.39 -19.96 -4.28
N ALA A 776 -21.18 -20.67 -5.40
CA ALA A 776 -21.97 -20.50 -6.62
C ALA A 776 -23.46 -20.40 -6.38
N ALA A 777 -24.01 -21.41 -5.71
CA ALA A 777 -25.44 -21.43 -5.47
C ALA A 777 -25.92 -20.20 -4.69
N LEU A 778 -25.07 -19.67 -3.79
CA LEU A 778 -25.45 -18.54 -2.95
C LEU A 778 -25.83 -17.29 -3.74
N ALA A 779 -25.26 -17.17 -4.93
CA ALA A 779 -25.71 -16.19 -5.92
C ALA A 779 -27.14 -16.49 -6.33
N GLY A 780 -27.36 -17.75 -6.67
CA GLY A 780 -28.65 -18.23 -7.13
C GLY A 780 -28.56 -19.16 -8.30
N VAL A 781 -27.45 -19.85 -8.43
CA VAL A 781 -27.17 -20.68 -9.60
C VAL A 781 -28.14 -21.87 -9.73
N PRO A 782 -28.82 -22.01 -10.91
CA PRO A 782 -29.61 -23.23 -11.15
C PRO A 782 -28.67 -24.48 -11.18
N LYS A 783 -29.17 -25.63 -10.73
CA LYS A 783 -28.33 -26.85 -10.67
C LYS A 783 -27.96 -27.48 -12.05
N GLU A 784 -28.67 -27.07 -13.12
CA GLU A 784 -28.23 -27.36 -14.51
C GLU A 784 -26.71 -27.13 -14.63
N VAL A 785 -26.31 -26.04 -13.99
CA VAL A 785 -24.99 -25.47 -14.06
C VAL A 785 -24.09 -26.01 -12.95
N ILE A 786 -24.56 -25.96 -11.70
CA ILE A 786 -23.75 -26.39 -10.54
C ILE A 786 -23.26 -27.82 -10.71
N LYS A 787 -24.13 -28.69 -11.23
CA LYS A 787 -23.77 -30.09 -11.51
C LYS A 787 -22.95 -30.29 -12.79
N ARG A 788 -23.11 -29.40 -13.77
CA ARG A 788 -22.17 -29.40 -14.90
C ARG A 788 -20.78 -28.93 -14.45
N ALA A 789 -20.79 -28.03 -13.47
CA ALA A 789 -19.57 -27.50 -12.84
C ALA A 789 -18.78 -28.58 -12.11
N ARG A 790 -19.46 -29.30 -11.23
CA ARG A 790 -18.84 -30.35 -10.45
C ARG A 790 -18.53 -31.60 -11.29
N GLN A 791 -19.27 -31.79 -12.39
CA GLN A 791 -19.03 -32.90 -13.32
C GLN A 791 -17.77 -32.65 -14.16
N LYS A 792 -17.52 -31.40 -14.50
CA LYS A 792 -16.26 -31.00 -15.11
C LYS A 792 -15.14 -30.81 -14.07
N LEU A 793 -15.49 -30.34 -12.86
CA LEU A 793 -14.49 -30.08 -11.80
C LEU A 793 -13.60 -31.28 -11.49
N ARG A 794 -14.22 -32.46 -11.45
CA ARG A 794 -13.51 -33.71 -11.17
C ARG A 794 -13.10 -34.49 -12.43
N GLU A 795 -13.36 -33.92 -13.61
CA GLU A 795 -12.64 -34.28 -14.83
C GLU A 795 -11.28 -33.60 -14.77
N LEU A 796 -11.28 -32.36 -14.31
CA LEU A 796 -10.06 -31.55 -14.17
C LEU A 796 -9.23 -31.98 -12.96
N GLU A 797 -9.88 -32.06 -11.79
CA GLU A 797 -9.22 -32.43 -10.54
C GLU A 797 -8.78 -33.91 -10.48
N SER A 798 -9.17 -34.72 -11.46
CA SER A 798 -8.69 -36.11 -11.57
C SER A 798 -7.30 -36.27 -12.21
N ILE A 799 -6.73 -35.17 -12.70
CA ILE A 799 -5.34 -35.12 -13.17
C ILE A 799 -4.46 -34.66 -11.99
N SER A 800 -4.90 -33.58 -11.34
CA SER A 800 -4.28 -33.08 -10.10
C SER A 800 -5.35 -32.59 -9.13
N ARG B 128 -54.41 -28.78 -22.34
CA ARG B 128 -55.02 -27.57 -22.95
C ARG B 128 -55.27 -26.43 -21.96
N GLN B 129 -55.51 -26.75 -20.68
CA GLN B 129 -55.84 -25.74 -19.65
C GLN B 129 -55.24 -26.03 -18.27
N ASP B 130 -55.27 -25.00 -17.41
CA ASP B 130 -54.43 -24.93 -16.23
C ASP B 130 -55.09 -25.24 -14.89
N ASN B 131 -54.26 -25.10 -13.84
CA ASN B 131 -54.70 -24.94 -12.45
C ASN B 131 -53.77 -23.90 -11.79
N LEU B 132 -54.25 -22.66 -11.65
CA LEU B 132 -53.39 -21.53 -11.26
C LEU B 132 -53.78 -20.82 -9.96
N LEU B 133 -52.75 -20.32 -9.23
CA LEU B 133 -52.90 -19.64 -7.95
C LEU B 133 -52.17 -18.29 -7.95
N ALA B 134 -52.70 -17.31 -7.21
CA ALA B 134 -52.16 -15.95 -7.23
C ALA B 134 -52.35 -15.22 -5.89
N ALA B 135 -51.57 -14.16 -5.69
CA ALA B 135 -51.69 -13.29 -4.52
C ALA B 135 -51.40 -11.84 -4.91
N ILE B 136 -52.03 -10.90 -4.21
CA ILE B 136 -51.89 -9.46 -4.52
C ILE B 136 -52.05 -8.60 -3.25
N TRP B 137 -51.29 -7.52 -3.17
CA TRP B 137 -51.41 -6.54 -2.10
C TRP B 137 -51.17 -5.16 -2.66
N GLN B 138 -51.77 -4.15 -2.04
CA GLN B 138 -51.54 -2.78 -2.47
C GLN B 138 -51.24 -1.83 -1.31
N ASP B 139 -50.38 -0.86 -1.58
CA ASP B 139 -50.22 0.34 -0.76
C ASP B 139 -50.93 1.48 -1.49
N SER B 140 -50.90 2.68 -0.93
CA SER B 140 -51.51 3.84 -1.59
C SER B 140 -50.80 4.31 -2.88
N LYS B 141 -49.69 3.66 -3.25
CA LYS B 141 -48.94 3.99 -4.46
C LYS B 141 -49.44 3.25 -5.70
N GLY B 142 -49.58 1.93 -5.58
CA GLY B 142 -50.00 1.09 -6.70
C GLY B 142 -50.18 -0.36 -6.30
N PHE B 143 -49.91 -1.28 -7.21
CA PHE B 143 -50.08 -2.73 -6.97
C PHE B 143 -48.79 -3.54 -7.17
N GLY B 144 -48.73 -4.67 -6.47
CA GLY B 144 -47.70 -5.69 -6.69
C GLY B 144 -48.36 -7.08 -6.70
N TYR B 145 -47.84 -7.98 -7.53
CA TYR B 145 -48.56 -9.22 -7.89
C TYR B 145 -47.63 -10.44 -7.96
N ALA B 146 -48.14 -11.64 -7.64
CA ALA B 146 -47.35 -12.88 -7.73
C ALA B 146 -48.27 -14.07 -8.06
N THR B 147 -47.71 -15.12 -8.69
CA THR B 147 -48.50 -16.30 -9.11
C THR B 147 -47.81 -17.66 -8.84
N LEU B 148 -48.57 -18.76 -8.96
CA LEU B 148 -48.06 -20.12 -8.71
C LEU B 148 -48.94 -21.28 -9.27
N ASP B 149 -48.33 -22.18 -10.04
CA ASP B 149 -49.00 -23.40 -10.56
C ASP B 149 -48.41 -24.63 -9.86
N ILE B 150 -49.26 -25.36 -9.15
CA ILE B 150 -48.82 -26.55 -8.39
C ILE B 150 -48.49 -27.77 -9.26
N SER B 151 -48.97 -27.76 -10.51
CA SER B 151 -48.65 -28.80 -11.49
C SER B 151 -47.20 -28.71 -11.94
N SER B 152 -46.79 -27.51 -12.31
CA SER B 152 -45.45 -27.25 -12.85
C SER B 152 -44.47 -26.65 -11.83
N GLY B 153 -44.95 -25.65 -11.08
CA GLY B 153 -44.15 -24.98 -10.05
C GLY B 153 -43.57 -23.66 -10.49
N ARG B 154 -44.33 -22.93 -11.30
CA ARG B 154 -43.87 -21.69 -11.93
C ARG B 154 -44.18 -20.45 -11.09
N PHE B 155 -43.24 -19.51 -11.00
CA PHE B 155 -43.29 -18.42 -10.01
C PHE B 155 -42.70 -17.13 -10.62
N ARG B 156 -43.56 -16.14 -10.85
CA ARG B 156 -43.20 -14.84 -11.46
C ARG B 156 -43.63 -13.68 -10.57
N LEU B 157 -43.22 -12.47 -10.95
CA LEU B 157 -43.57 -11.27 -10.20
C LEU B 157 -44.00 -10.17 -11.16
N SER B 158 -44.68 -9.15 -10.65
CA SER B 158 -44.93 -7.90 -11.38
C SER B 158 -45.41 -6.78 -10.46
N GLU B 159 -45.42 -5.56 -10.98
CA GLU B 159 -45.92 -4.37 -10.28
C GLU B 159 -46.82 -3.51 -11.18
N PRO B 160 -47.98 -4.04 -11.61
CA PRO B 160 -48.91 -3.21 -12.39
C PRO B 160 -49.19 -1.88 -11.67
N ALA B 161 -48.97 -0.77 -12.37
CA ALA B 161 -49.08 0.56 -11.74
C ALA B 161 -50.52 1.09 -11.62
N ASP B 162 -51.35 0.81 -12.62
CA ASP B 162 -52.72 1.37 -12.69
C ASP B 162 -53.82 0.28 -12.70
N ARG B 163 -55.09 0.68 -12.79
CA ARG B 163 -56.22 -0.23 -12.60
C ARG B 163 -56.47 -1.20 -13.77
N GLU B 164 -56.49 -0.69 -15.00
CA GLU B 164 -56.72 -1.52 -16.17
C GLU B 164 -55.61 -2.58 -16.35
N THR B 165 -54.36 -2.20 -16.07
CA THR B 165 -53.23 -3.13 -16.11
C THR B 165 -53.42 -4.26 -15.07
N MET B 166 -53.86 -3.89 -13.87
CA MET B 166 -54.12 -4.85 -12.80
C MET B 166 -55.27 -5.80 -13.12
N ALA B 167 -56.34 -5.24 -13.69
CA ALA B 167 -57.50 -6.02 -14.15
C ALA B 167 -57.15 -6.95 -15.29
N ALA B 168 -56.32 -6.45 -16.21
CA ALA B 168 -55.83 -7.25 -17.33
C ALA B 168 -54.91 -8.39 -16.87
N GLU B 169 -54.14 -8.16 -15.80
CA GLU B 169 -53.20 -9.17 -15.26
C GLU B 169 -53.90 -10.30 -14.49
N LEU B 170 -55.03 -10.00 -13.87
CA LEU B 170 -55.87 -11.04 -13.26
C LEU B 170 -56.64 -11.80 -14.32
N GLN B 171 -57.12 -11.06 -15.32
CA GLN B 171 -57.77 -11.63 -16.50
C GLN B 171 -56.88 -12.66 -17.21
N ARG B 172 -55.61 -12.30 -17.38
CA ARG B 172 -54.62 -13.08 -18.13
C ARG B 172 -54.29 -14.41 -17.42
N THR B 173 -53.77 -14.30 -16.21
CA THR B 173 -53.35 -15.45 -15.41
C THR B 173 -54.54 -16.26 -14.91
N ASN B 174 -55.67 -15.59 -14.64
CA ASN B 174 -56.92 -16.25 -14.25
C ASN B 174 -56.72 -17.34 -13.19
N PRO B 175 -56.36 -16.93 -11.95
CA PRO B 175 -56.17 -17.91 -10.88
C PRO B 175 -57.46 -18.62 -10.47
N ALA B 176 -57.38 -19.95 -10.35
CA ALA B 176 -58.44 -20.75 -9.74
C ALA B 176 -58.58 -20.44 -8.25
N GLU B 177 -57.52 -19.87 -7.66
CA GLU B 177 -57.47 -19.48 -6.26
C GLU B 177 -56.70 -18.15 -6.12
N LEU B 178 -57.31 -17.16 -5.45
CA LEU B 178 -56.74 -15.79 -5.39
C LEU B 178 -56.71 -15.25 -3.96
N LEU B 179 -55.51 -14.87 -3.49
CA LEU B 179 -55.33 -14.33 -2.14
C LEU B 179 -55.44 -12.81 -2.08
N TYR B 180 -56.03 -12.29 -1.00
CA TYR B 180 -56.07 -10.85 -0.71
C TYR B 180 -56.02 -10.55 0.80
N ALA B 181 -55.32 -9.48 1.16
CA ALA B 181 -55.25 -9.05 2.55
C ALA B 181 -56.56 -8.42 2.96
N GLU B 182 -56.99 -8.72 4.19
CA GLU B 182 -58.22 -8.15 4.77
C GLU B 182 -58.57 -6.75 4.30
N ASP B 183 -57.57 -5.88 4.23
CA ASP B 183 -57.76 -4.43 4.06
C ASP B 183 -57.52 -3.92 2.63
N PHE B 184 -57.69 -4.78 1.64
CA PHE B 184 -57.48 -4.40 0.24
C PHE B 184 -58.46 -3.26 -0.15
N ALA B 185 -57.95 -2.20 -0.78
CA ALA B 185 -58.74 -0.98 -1.04
C ALA B 185 -59.62 -1.04 -2.31
N GLU B 186 -59.02 -1.46 -3.42
CA GLU B 186 -59.74 -1.55 -4.71
C GLU B 186 -60.42 -2.91 -4.92
N MET B 187 -61.36 -3.23 -4.03
CA MET B 187 -62.06 -4.54 -4.01
C MET B 187 -62.84 -4.85 -5.29
N SER B 188 -63.25 -3.81 -6.00
CA SER B 188 -63.98 -3.92 -7.26
C SER B 188 -63.34 -4.87 -8.29
N LEU B 189 -62.03 -5.07 -8.20
CA LEU B 189 -61.32 -5.99 -9.09
C LEU B 189 -61.62 -7.47 -8.81
N ILE B 190 -61.83 -7.82 -7.53
CA ILE B 190 -61.82 -9.22 -7.07
C ILE B 190 -63.16 -9.85 -6.61
N GLU B 191 -64.19 -9.03 -6.39
CA GLU B 191 -65.45 -9.55 -5.85
C GLU B 191 -66.34 -10.34 -6.81
N GLY B 192 -66.03 -10.27 -8.10
CA GLY B 192 -66.71 -11.11 -9.11
C GLY B 192 -65.89 -12.34 -9.48
N ARG B 193 -64.75 -12.51 -8.83
CA ARG B 193 -63.81 -13.59 -9.18
C ARG B 193 -64.00 -14.83 -8.30
N ARG B 194 -63.59 -15.98 -8.83
CA ARG B 194 -63.81 -17.28 -8.21
C ARG B 194 -62.69 -17.70 -7.26
N GLY B 195 -63.03 -18.56 -6.29
CA GLY B 195 -62.07 -19.17 -5.36
C GLY B 195 -61.26 -18.19 -4.55
N LEU B 196 -61.94 -17.21 -3.96
CA LEU B 196 -61.29 -16.09 -3.28
C LEU B 196 -60.85 -16.51 -1.86
N ARG B 197 -59.74 -15.95 -1.39
CA ARG B 197 -59.19 -16.28 -0.06
C ARG B 197 -58.75 -15.04 0.71
N ARG B 198 -59.56 -14.63 1.68
CA ARG B 198 -59.26 -13.51 2.57
C ARG B 198 -58.08 -13.88 3.49
N ARG B 199 -57.05 -13.04 3.56
CA ARG B 199 -55.87 -13.30 4.41
C ARG B 199 -55.58 -12.14 5.36
N PRO B 200 -54.87 -12.42 6.49
CA PRO B 200 -54.45 -11.36 7.42
C PRO B 200 -53.40 -10.39 6.83
N LEU B 201 -53.16 -9.26 7.50
CA LEU B 201 -52.19 -8.25 7.01
C LEU B 201 -50.74 -8.66 7.20
N TRP B 202 -50.39 -8.98 8.44
CA TRP B 202 -49.04 -9.37 8.85
C TRP B 202 -48.35 -10.40 7.89
N GLU B 203 -49.15 -11.23 7.22
CA GLU B 203 -48.66 -12.21 6.24
C GLU B 203 -48.09 -11.56 4.99
N PHE B 204 -48.45 -10.30 4.73
CA PHE B 204 -47.96 -9.54 3.56
C PHE B 204 -46.81 -8.55 3.87
N GLU B 205 -46.16 -8.73 5.03
CA GLU B 205 -45.10 -7.84 5.44
C GLU B 205 -43.83 -8.23 4.71
N ILE B 206 -43.14 -7.23 4.17
CA ILE B 206 -41.91 -7.44 3.41
C ILE B 206 -40.79 -8.12 4.21
N ASP B 207 -40.63 -7.75 5.47
CA ASP B 207 -39.54 -8.27 6.32
C ASP B 207 -39.53 -9.78 6.40
N THR B 208 -40.65 -10.35 6.78
CA THR B 208 -40.82 -11.80 6.83
C THR B 208 -40.72 -12.35 5.42
N ALA B 209 -41.48 -11.75 4.51
CA ALA B 209 -41.58 -12.19 3.12
C ALA B 209 -40.21 -12.44 2.52
N ARG B 210 -39.36 -11.42 2.61
CA ARG B 210 -37.98 -11.50 2.15
C ARG B 210 -37.23 -12.60 2.88
N GLN B 211 -37.33 -12.58 4.22
CA GLN B 211 -36.66 -13.54 5.07
C GLN B 211 -37.04 -14.94 4.65
N GLN B 212 -38.35 -15.19 4.61
CA GLN B 212 -38.92 -16.46 4.21
C GLN B 212 -38.41 -16.96 2.87
N LEU B 213 -38.69 -16.20 1.82
CA LEU B 213 -38.33 -16.60 0.45
C LEU B 213 -36.83 -16.78 0.26
N ASN B 214 -36.03 -16.02 1.02
CA ASN B 214 -34.58 -16.14 0.94
C ASN B 214 -34.05 -17.49 1.42
N LEU B 215 -34.65 -18.01 2.48
CA LEU B 215 -34.27 -19.33 2.93
C LEU B 215 -34.88 -20.45 2.10
N GLN B 216 -36.00 -20.18 1.43
CA GLN B 216 -36.59 -21.14 0.45
C GLN B 216 -35.61 -21.43 -0.70
N PHE B 217 -35.10 -20.36 -1.32
CA PHE B 217 -34.13 -20.50 -2.41
C PHE B 217 -32.74 -20.72 -1.83
N GLY B 218 -32.54 -20.33 -0.57
CA GLY B 218 -31.28 -20.59 0.15
C GLY B 218 -30.32 -19.41 0.17
N THR B 219 -30.58 -18.41 -0.67
CA THR B 219 -29.68 -17.24 -0.85
C THR B 219 -29.69 -16.30 0.35
N ARG B 220 -28.76 -15.33 0.37
CA ARG B 220 -28.72 -14.26 1.35
C ARG B 220 -29.53 -13.06 0.89
N ASP B 221 -29.78 -12.98 -0.40
CA ASP B 221 -30.56 -11.91 -0.98
C ASP B 221 -31.25 -12.41 -2.24
N LEU B 222 -32.12 -11.59 -2.83
CA LEU B 222 -32.77 -11.91 -4.12
C LEU B 222 -32.16 -11.13 -5.29
N VAL B 223 -30.87 -10.81 -5.17
CA VAL B 223 -30.09 -10.14 -6.20
C VAL B 223 -30.09 -10.98 -7.45
N GLY B 224 -29.75 -12.27 -7.30
CA GLY B 224 -29.69 -13.17 -8.42
C GLY B 224 -31.03 -13.47 -9.13
N PHE B 225 -32.15 -12.93 -8.62
CA PHE B 225 -33.48 -13.13 -9.25
C PHE B 225 -33.95 -11.94 -10.07
N GLY B 226 -33.31 -10.79 -9.86
CA GLY B 226 -33.63 -9.57 -10.59
C GLY B 226 -34.95 -8.97 -10.16
N VAL B 227 -35.20 -9.01 -8.86
CA VAL B 227 -36.41 -8.40 -8.28
C VAL B 227 -36.16 -7.70 -6.95
N GLU B 228 -34.89 -7.54 -6.57
CA GLU B 228 -34.50 -7.14 -5.22
C GLU B 228 -35.19 -5.87 -4.73
N ASN B 229 -35.27 -4.85 -5.59
CA ASN B 229 -35.96 -3.61 -5.24
C ASN B 229 -37.27 -3.45 -6.00
N ALA B 230 -38.19 -4.37 -5.74
CA ALA B 230 -39.57 -4.29 -6.15
C ALA B 230 -40.44 -4.82 -5.00
N PRO B 231 -40.39 -4.18 -3.81
CA PRO B 231 -41.04 -4.67 -2.56
C PRO B 231 -42.57 -4.75 -2.59
N ARG B 232 -43.22 -3.90 -3.38
CA ARG B 232 -44.67 -3.89 -3.55
C ARG B 232 -45.16 -5.24 -4.10
N GLY B 233 -44.43 -5.77 -5.08
CA GLY B 233 -44.67 -7.12 -5.59
C GLY B 233 -44.29 -8.20 -4.59
N LEU B 234 -43.21 -7.99 -3.85
CA LEU B 234 -42.67 -8.99 -2.91
C LEU B 234 -43.53 -9.34 -1.70
N SER B 235 -44.37 -8.40 -1.26
CA SER B 235 -45.37 -8.70 -0.22
C SER B 235 -46.32 -9.77 -0.75
N ALA B 236 -46.70 -9.63 -2.03
CA ALA B 236 -47.55 -10.61 -2.70
C ALA B 236 -46.88 -11.97 -2.84
N ALA B 237 -45.60 -11.97 -3.20
CA ALA B 237 -44.83 -13.20 -3.26
C ALA B 237 -44.59 -13.78 -1.87
N GLY B 238 -44.36 -12.90 -0.89
CA GLY B 238 -44.17 -13.32 0.49
C GLY B 238 -45.37 -14.00 1.13
N ALA B 239 -46.57 -13.45 0.86
CA ALA B 239 -47.80 -14.00 1.41
C ALA B 239 -48.24 -15.27 0.69
N LEU B 240 -47.98 -15.35 -0.62
CA LEU B 240 -48.29 -16.54 -1.39
C LEU B 240 -47.43 -17.75 -0.93
N LEU B 241 -46.24 -17.51 -0.39
CA LEU B 241 -45.39 -18.61 0.12
C LEU B 241 -45.79 -19.13 1.50
N GLN B 242 -46.20 -18.25 2.42
CA GLN B 242 -46.68 -18.69 3.74
C GLN B 242 -47.98 -19.50 3.62
N TYR B 243 -48.81 -19.10 2.65
CA TYR B 243 -50.00 -19.83 2.26
C TYR B 243 -49.66 -21.17 1.62
N ALA B 244 -48.66 -21.20 0.75
CA ALA B 244 -48.21 -22.42 0.04
C ALA B 244 -47.56 -23.43 0.98
N LYS B 245 -46.74 -22.93 1.89
CA LYS B 245 -46.18 -23.75 2.96
C LYS B 245 -47.32 -24.44 3.64
N CYS B 246 -48.38 -23.68 3.90
CA CYS B 246 -49.55 -24.17 4.63
C CYS B 246 -50.66 -24.80 3.75
N THR B 247 -50.67 -24.57 2.43
CA THR B 247 -51.62 -25.27 1.51
C THR B 247 -51.13 -26.66 1.15
N GLN B 248 -49.81 -26.75 0.89
CA GLN B 248 -49.20 -28.00 0.51
C GLN B 248 -48.63 -28.69 1.75
N ARG B 249 -47.80 -27.97 2.51
CA ARG B 249 -47.08 -28.55 3.64
C ARG B 249 -46.25 -29.78 3.20
N THR B 250 -46.05 -29.92 1.88
CA THR B 250 -45.37 -31.05 1.24
C THR B 250 -44.14 -30.50 0.55
N THR B 251 -43.29 -31.41 0.08
CA THR B 251 -42.13 -31.05 -0.70
C THR B 251 -42.53 -30.19 -1.90
N LEU B 252 -41.86 -29.04 -2.05
CA LEU B 252 -42.01 -28.19 -3.22
C LEU B 252 -40.66 -27.61 -3.69
N PRO B 253 -39.72 -28.48 -4.11
CA PRO B 253 -38.54 -28.04 -4.86
C PRO B 253 -38.81 -27.98 -6.39
N HIS B 254 -40.04 -28.20 -6.83
CA HIS B 254 -40.49 -27.82 -8.19
C HIS B 254 -40.78 -26.31 -8.32
N ILE B 255 -40.76 -25.61 -7.18
CA ILE B 255 -40.69 -24.14 -7.13
C ILE B 255 -39.22 -23.77 -6.92
N ARG B 256 -38.60 -23.27 -7.99
CA ARG B 256 -37.16 -23.10 -8.08
C ARG B 256 -36.67 -21.64 -7.97
N SER B 257 -37.45 -20.71 -8.53
CA SER B 257 -36.99 -19.35 -8.73
C SER B 257 -38.14 -18.32 -8.77
N ILE B 258 -37.79 -17.06 -8.97
CA ILE B 258 -38.73 -15.98 -9.25
C ILE B 258 -38.09 -14.94 -10.20
N THR B 259 -38.89 -14.41 -11.12
CA THR B 259 -38.41 -13.52 -12.17
C THR B 259 -39.43 -12.41 -12.43
N MET B 260 -38.95 -11.26 -12.90
CA MET B 260 -39.78 -10.10 -13.16
C MET B 260 -40.11 -9.98 -14.64
N GLU B 261 -41.38 -9.73 -14.94
CA GLU B 261 -41.79 -9.30 -16.25
C GLU B 261 -41.86 -7.80 -16.12
N ARG B 262 -41.63 -7.09 -17.23
CA ARG B 262 -41.42 -5.66 -17.14
C ARG B 262 -42.48 -4.89 -17.92
N GLU B 263 -43.15 -3.93 -17.23
CA GLU B 263 -44.26 -3.15 -17.80
C GLU B 263 -43.90 -2.69 -19.19
N GLN B 264 -42.79 -1.97 -19.27
CA GLN B 264 -42.26 -1.49 -20.52
C GLN B 264 -41.68 -2.66 -21.32
N ASP B 265 -42.56 -3.45 -21.94
CA ASP B 265 -42.17 -4.47 -22.94
C ASP B 265 -41.21 -3.87 -24.02
N SER B 266 -41.29 -2.55 -24.18
CA SER B 266 -40.31 -1.78 -24.94
C SER B 266 -38.85 -1.94 -24.52
N ILE B 267 -38.54 -2.03 -23.23
CA ILE B 267 -37.13 -2.07 -22.76
C ILE B 267 -36.83 -2.81 -21.49
N ILE B 268 -35.55 -3.18 -21.34
CA ILE B 268 -34.99 -3.78 -20.13
C ILE B 268 -33.48 -3.68 -20.18
N MET B 269 -32.83 -2.74 -19.49
CA MET B 269 -31.36 -2.75 -19.33
C MET B 269 -31.02 -2.64 -17.85
N ASP B 270 -30.34 -3.64 -17.29
CA ASP B 270 -30.14 -3.72 -15.84
C ASP B 270 -29.24 -2.62 -15.26
N ALA B 271 -29.17 -2.56 -13.93
CA ALA B 271 -28.41 -1.53 -13.25
C ALA B 271 -26.91 -1.66 -13.51
N ALA B 272 -26.40 -2.89 -13.58
CA ALA B 272 -24.96 -3.11 -13.85
C ALA B 272 -24.49 -2.53 -15.22
N THR B 273 -25.25 -2.83 -16.27
CA THR B 273 -25.05 -2.23 -17.60
C THR B 273 -25.03 -0.70 -17.52
N ARG B 274 -26.02 -0.13 -16.85
CA ARG B 274 -26.21 1.33 -16.75
C ARG B 274 -25.01 2.03 -16.10
N ARG B 275 -24.64 1.62 -14.88
CA ARG B 275 -23.48 2.16 -14.17
C ARG B 275 -22.21 1.87 -14.90
N ASN B 276 -22.18 0.77 -15.63
CA ASN B 276 -21.00 0.36 -16.36
C ASN B 276 -20.82 1.06 -17.72
N LEU B 277 -21.90 1.25 -18.46
CA LEU B 277 -21.80 1.81 -19.81
C LEU B 277 -21.57 3.32 -19.81
N GLU B 278 -21.83 3.98 -18.69
CA GLU B 278 -21.51 5.40 -18.54
C GLU B 278 -22.02 6.23 -19.73
N ILE B 279 -23.27 5.97 -20.08
CA ILE B 279 -23.91 6.65 -21.19
C ILE B 279 -24.17 8.10 -20.81
N THR B 280 -24.58 8.34 -19.58
CA THR B 280 -24.76 9.71 -19.09
C THR B 280 -23.90 10.07 -17.86
N GLN B 281 -23.13 9.11 -17.35
CA GLN B 281 -22.32 9.34 -16.13
C GLN B 281 -21.14 8.37 -16.08
N ASN B 282 -19.96 8.89 -15.82
CA ASN B 282 -18.77 8.04 -15.76
C ASN B 282 -18.45 7.52 -14.37
N LEU B 283 -17.54 6.55 -14.32
CA LEU B 283 -17.05 6.00 -13.08
C LEU B 283 -16.83 7.03 -11.97
N ALA B 284 -16.05 8.07 -12.23
CA ALA B 284 -15.70 9.05 -11.19
C ALA B 284 -16.85 9.97 -10.82
N GLY B 285 -17.88 10.02 -11.67
CA GLY B 285 -19.09 10.74 -11.34
C GLY B 285 -19.26 12.07 -12.05
N GLY B 286 -18.40 12.36 -13.03
CA GLY B 286 -18.59 13.50 -13.90
C GLY B 286 -19.42 13.12 -15.11
N ALA B 287 -19.27 13.90 -16.19
CA ALA B 287 -19.94 13.63 -17.47
C ALA B 287 -18.93 13.51 -18.62
N GLU B 288 -17.72 13.13 -18.27
CA GLU B 288 -16.62 13.00 -19.22
C GLU B 288 -16.56 11.58 -19.76
N ASN B 289 -16.08 11.46 -20.99
CA ASN B 289 -15.96 10.17 -21.67
C ASN B 289 -17.30 9.43 -21.70
N THR B 290 -18.38 10.20 -21.78
CA THR B 290 -19.71 9.65 -21.82
C THR B 290 -20.20 9.62 -23.25
N LEU B 291 -21.21 8.80 -23.51
CA LEU B 291 -21.92 8.88 -24.79
C LEU B 291 -22.53 10.27 -24.91
N ALA B 292 -22.95 10.82 -23.78
CA ALA B 292 -23.48 12.17 -23.70
C ALA B 292 -22.46 13.22 -24.13
N SER B 293 -21.25 13.15 -23.57
CA SER B 293 -20.20 14.11 -23.88
C SER B 293 -20.06 14.32 -25.39
N VAL B 294 -20.30 13.25 -26.13
CA VAL B 294 -20.26 13.28 -27.60
C VAL B 294 -21.59 13.76 -28.19
N LEU B 295 -22.67 13.02 -27.90
CA LEU B 295 -23.95 13.28 -28.51
C LEU B 295 -24.55 14.60 -28.10
N ASP B 296 -24.37 14.94 -26.83
CA ASP B 296 -24.93 16.16 -26.29
C ASP B 296 -24.12 17.37 -26.70
N SER B 297 -24.40 17.77 -27.91
CA SER B 297 -24.11 19.11 -28.38
C SER B 297 -25.43 19.83 -28.61
N THR B 298 -26.36 19.55 -27.70
CA THR B 298 -27.68 20.14 -27.76
C THR B 298 -27.58 21.55 -27.21
N VAL B 299 -28.29 22.46 -27.86
CA VAL B 299 -28.11 23.90 -27.66
C VAL B 299 -28.86 24.42 -26.45
N THR B 300 -29.80 23.63 -25.95
CA THR B 300 -30.65 24.05 -24.86
C THR B 300 -30.69 22.95 -23.81
N PRO B 301 -30.89 23.32 -22.53
CA PRO B 301 -30.86 22.32 -21.45
C PRO B 301 -31.98 21.27 -21.54
N MET B 302 -33.17 21.68 -21.99
CA MET B 302 -34.28 20.75 -22.19
C MET B 302 -34.01 19.73 -23.31
N GLY B 303 -33.07 20.06 -24.20
CA GLY B 303 -32.59 19.11 -25.18
C GLY B 303 -31.74 18.05 -24.51
N SER B 304 -30.79 18.50 -23.68
CA SER B 304 -29.86 17.62 -22.96
C SER B 304 -30.56 16.56 -22.14
N ARG B 305 -31.59 16.99 -21.42
CA ARG B 305 -32.36 16.07 -20.61
C ARG B 305 -33.04 15.00 -21.46
N MET B 306 -33.84 15.42 -22.43
CA MET B 306 -34.63 14.46 -23.24
C MET B 306 -33.71 13.56 -24.07
N LEU B 307 -32.59 14.11 -24.49
CA LEU B 307 -31.56 13.31 -25.13
C LEU B 307 -31.14 12.20 -24.18
N LYS B 308 -30.76 12.59 -22.97
CA LYS B 308 -30.35 11.64 -21.95
C LYS B 308 -31.46 10.64 -21.52
N ARG B 309 -32.73 11.06 -21.62
CA ARG B 309 -33.86 10.20 -21.23
C ARG B 309 -34.14 9.10 -22.24
N TRP B 310 -34.13 9.45 -23.52
CA TRP B 310 -34.33 8.45 -24.57
C TRP B 310 -33.29 7.35 -24.52
N LEU B 311 -32.11 7.68 -23.99
CA LEU B 311 -31.06 6.70 -23.75
C LEU B 311 -31.41 5.74 -22.61
N HIS B 312 -32.02 6.27 -21.55
CA HIS B 312 -32.49 5.44 -20.43
C HIS B 312 -33.70 4.57 -20.80
N MET B 313 -34.36 4.86 -21.92
CA MET B 313 -35.55 4.11 -22.33
C MET B 313 -35.67 4.03 -23.87
N PRO B 314 -34.92 3.07 -24.49
CA PRO B 314 -35.00 2.83 -25.93
C PRO B 314 -36.36 2.40 -26.47
N VAL B 315 -36.77 3.01 -27.57
CA VAL B 315 -38.07 2.76 -28.18
C VAL B 315 -38.03 1.52 -29.07
N ARG B 316 -39.02 0.64 -28.93
CA ARG B 316 -39.09 -0.63 -29.67
C ARG B 316 -40.40 -0.91 -30.42
N ASP B 317 -41.28 0.09 -30.49
CA ASP B 317 -42.31 0.11 -31.53
C ASP B 317 -41.56 0.44 -32.81
N THR B 318 -41.49 -0.52 -33.73
CA THR B 318 -40.72 -0.39 -34.96
C THR B 318 -41.12 0.87 -35.74
N ARG B 319 -42.42 1.16 -35.74
CA ARG B 319 -42.98 2.35 -36.37
C ARG B 319 -42.28 3.63 -35.94
N VAL B 320 -42.17 3.83 -34.64
CA VAL B 320 -41.63 5.08 -34.09
C VAL B 320 -40.12 5.22 -34.38
N LEU B 321 -39.42 4.09 -34.40
CA LEU B 321 -37.99 4.07 -34.75
C LEU B 321 -37.74 4.57 -36.17
N LEU B 322 -38.60 4.13 -37.09
CA LEU B 322 -38.49 4.54 -38.49
C LEU B 322 -38.96 5.97 -38.72
N GLU B 323 -39.95 6.41 -37.94
CA GLU B 323 -40.37 7.81 -37.94
C GLU B 323 -39.20 8.73 -37.61
N ARG B 324 -38.41 8.32 -36.61
CA ARG B 324 -37.24 9.08 -36.17
C ARG B 324 -36.12 9.10 -37.22
N GLN B 325 -35.91 7.99 -37.91
CA GLN B 325 -34.89 7.92 -38.97
C GLN B 325 -35.22 8.84 -40.14
N GLN B 326 -36.50 8.84 -40.55
CA GLN B 326 -36.97 9.73 -41.63
C GLN B 326 -36.79 11.19 -41.27
N THR B 327 -37.12 11.53 -40.03
CA THR B 327 -36.92 12.88 -39.53
C THR B 327 -35.42 13.22 -39.45
N ILE B 328 -34.63 12.34 -38.85
CA ILE B 328 -33.19 12.59 -38.63
C ILE B 328 -32.40 12.75 -39.93
N GLY B 329 -32.80 12.03 -40.96
CA GLY B 329 -32.14 12.11 -42.28
C GLY B 329 -32.48 13.37 -43.06
N ALA B 330 -33.73 13.82 -42.97
CA ALA B 330 -34.22 14.98 -43.73
C ALA B 330 -33.65 16.31 -43.23
N LEU B 331 -33.15 16.33 -42.00
CA LEU B 331 -32.60 17.54 -41.37
C LEU B 331 -31.12 17.80 -41.68
N GLN B 332 -30.42 16.83 -42.29
CA GLN B 332 -28.96 16.91 -42.44
C GLN B 332 -28.48 18.05 -43.37
N ASP B 333 -29.36 18.50 -44.27
CA ASP B 333 -29.09 19.66 -45.12
C ASP B 333 -29.28 20.97 -44.35
N PHE B 334 -30.09 20.92 -43.29
CA PHE B 334 -30.47 22.10 -42.52
C PHE B 334 -29.83 22.11 -41.14
N THR B 335 -28.77 21.32 -40.95
CA THR B 335 -28.07 21.20 -39.67
C THR B 335 -27.73 22.57 -39.09
N ALA B 336 -26.98 23.33 -39.88
CA ALA B 336 -26.48 24.62 -39.46
C ALA B 336 -27.59 25.66 -39.34
N GLY B 337 -28.44 25.75 -40.37
CA GLY B 337 -29.49 26.78 -40.45
C GLY B 337 -30.42 26.86 -39.24
N LEU B 338 -30.67 25.72 -38.62
CA LEU B 338 -31.60 25.65 -37.51
C LEU B 338 -30.91 25.83 -36.18
N GLN B 339 -29.71 25.28 -36.02
CA GLN B 339 -29.05 25.18 -34.70
C GLN B 339 -29.09 26.43 -33.84
N PRO B 340 -28.62 27.56 -34.37
CA PRO B 340 -28.55 28.78 -33.55
C PRO B 340 -29.91 29.33 -33.10
N VAL B 341 -30.95 29.05 -33.87
CA VAL B 341 -32.31 29.52 -33.56
C VAL B 341 -32.81 28.94 -32.23
N LEU B 342 -32.42 27.70 -31.96
CA LEU B 342 -32.84 26.98 -30.76
C LEU B 342 -32.04 27.37 -29.53
N ARG B 343 -30.80 27.80 -29.72
CA ARG B 343 -29.97 28.27 -28.61
C ARG B 343 -30.48 29.57 -28.01
N GLN B 344 -31.30 30.29 -28.78
CA GLN B 344 -31.99 31.50 -28.31
C GLN B 344 -33.05 31.20 -27.23
N VAL B 345 -33.71 30.05 -27.36
CA VAL B 345 -34.87 29.67 -26.51
C VAL B 345 -34.50 29.60 -25.02
N GLY B 346 -33.37 28.97 -24.74
CA GLY B 346 -33.00 28.66 -23.37
C GLY B 346 -33.87 27.52 -22.89
N ASP B 347 -34.10 27.45 -21.58
CA ASP B 347 -34.96 26.39 -21.03
C ASP B 347 -36.38 26.90 -20.85
N LEU B 348 -37.12 26.97 -21.96
CA LEU B 348 -38.53 27.31 -21.96
C LEU B 348 -39.31 26.41 -21.00
N GLU B 349 -38.95 25.13 -20.98
CA GLU B 349 -39.66 24.14 -20.18
C GLU B 349 -39.65 24.50 -18.69
N ARG B 350 -38.46 24.69 -18.12
CA ARG B 350 -38.33 25.04 -16.69
C ARG B 350 -38.90 26.40 -16.32
N ILE B 351 -38.98 27.29 -17.31
CA ILE B 351 -39.61 28.60 -17.13
C ILE B 351 -41.12 28.42 -16.93
N LEU B 352 -41.73 27.58 -17.76
CA LEU B 352 -43.14 27.21 -17.59
C LEU B 352 -43.45 26.65 -16.19
N ALA B 353 -42.44 26.04 -15.55
CA ALA B 353 -42.56 25.48 -14.20
C ALA B 353 -42.82 26.55 -13.15
N ARG B 354 -41.96 27.56 -13.11
CA ARG B 354 -42.11 28.65 -12.15
C ARG B 354 -43.31 29.53 -12.51
N LEU B 355 -43.71 29.47 -13.77
CA LEU B 355 -44.98 30.04 -14.22
C LEU B 355 -46.15 29.33 -13.56
N ALA B 356 -46.17 28.00 -13.66
CA ALA B 356 -47.19 27.17 -13.04
C ALA B 356 -47.21 27.32 -11.52
N LEU B 357 -46.04 27.25 -10.89
CA LEU B 357 -45.89 27.46 -9.44
C LEU B 357 -46.23 28.89 -9.01
N ARG B 358 -46.10 29.83 -9.95
CA ARG B 358 -46.32 31.27 -9.71
C ARG B 358 -45.15 31.92 -8.98
N THR B 359 -43.96 31.40 -9.26
CA THR B 359 -42.70 31.91 -8.73
C THR B 359 -41.84 32.50 -9.86
N ALA B 360 -42.40 32.58 -11.07
CA ALA B 360 -41.65 33.04 -12.24
C ALA B 360 -41.14 34.47 -12.09
N ARG B 361 -39.94 34.71 -12.60
CA ARG B 361 -39.25 35.99 -12.42
C ARG B 361 -39.08 36.74 -13.76
N PRO B 362 -38.86 38.09 -13.71
CA PRO B 362 -38.83 38.93 -14.91
C PRO B 362 -37.96 38.40 -16.04
N ARG B 363 -36.69 38.09 -15.74
CA ARG B 363 -35.75 37.66 -16.79
C ARG B 363 -36.05 36.26 -17.34
N ASP B 364 -36.81 35.47 -16.59
CA ASP B 364 -37.34 34.20 -17.10
C ASP B 364 -38.37 34.49 -18.19
N LEU B 365 -39.28 35.43 -17.92
CA LEU B 365 -40.28 35.85 -18.91
C LEU B 365 -39.63 36.55 -20.09
N ALA B 366 -38.48 37.16 -19.85
CA ALA B 366 -37.71 37.83 -20.90
C ALA B 366 -37.15 36.84 -21.94
N ARG B 367 -36.51 35.77 -21.47
CA ARG B 367 -35.97 34.75 -22.38
C ARG B 367 -37.06 33.93 -23.07
N MET B 368 -38.22 33.88 -22.43
CA MET B 368 -39.42 33.31 -23.04
C MET B 368 -39.84 34.14 -24.27
N ARG B 369 -39.93 35.45 -24.09
CA ARG B 369 -40.27 36.38 -25.18
C ARG B 369 -39.30 36.17 -26.35
N HIS B 370 -38.01 36.14 -26.02
CA HIS B 370 -36.96 35.94 -27.05
C HIS B 370 -37.18 34.62 -27.77
N ALA B 371 -37.65 33.60 -27.03
CA ALA B 371 -38.00 32.32 -27.63
C ALA B 371 -39.19 32.43 -28.58
N PHE B 372 -40.25 33.13 -28.15
CA PHE B 372 -41.46 33.33 -28.98
C PHE B 372 -41.18 34.04 -30.30
N GLN B 373 -40.15 34.88 -30.32
CA GLN B 373 -39.76 35.63 -31.52
C GLN B 373 -39.10 34.74 -32.60
N GLN B 374 -38.63 33.56 -32.22
CA GLN B 374 -38.00 32.61 -33.16
C GLN B 374 -39.02 31.73 -33.90
N LEU B 375 -40.28 31.75 -33.46
CA LEU B 375 -41.30 30.82 -33.96
C LEU B 375 -41.69 31.01 -35.42
N PRO B 376 -41.87 32.26 -35.87
CA PRO B 376 -42.06 32.47 -37.31
C PRO B 376 -40.88 31.94 -38.15
N GLU B 377 -39.65 32.12 -37.64
CA GLU B 377 -38.43 31.68 -38.32
C GLU B 377 -38.41 30.15 -38.50
N LEU B 378 -38.65 29.44 -37.41
CA LEU B 378 -38.61 27.98 -37.44
C LEU B 378 -39.74 27.42 -38.31
N ARG B 379 -40.93 28.02 -38.22
CA ARG B 379 -42.08 27.65 -39.06
C ARG B 379 -41.71 27.65 -40.55
N ALA B 380 -40.91 28.63 -40.96
CA ALA B 380 -40.49 28.75 -42.35
C ALA B 380 -39.47 27.69 -42.77
N GLN B 381 -38.43 27.51 -41.96
CA GLN B 381 -37.31 26.61 -42.29
C GLN B 381 -37.70 25.14 -42.41
N LEU B 382 -38.72 24.76 -41.67
CA LEU B 382 -39.16 23.37 -41.59
C LEU B 382 -40.22 22.99 -42.62
N GLU B 383 -40.90 23.98 -43.17
CA GLU B 383 -41.94 23.74 -44.18
C GLU B 383 -41.37 23.13 -45.47
N THR B 384 -40.12 23.47 -45.77
CA THR B 384 -39.43 22.95 -46.95
C THR B 384 -38.88 21.53 -46.79
N VAL B 385 -38.74 21.07 -45.55
CA VAL B 385 -38.11 19.77 -45.25
C VAL B 385 -39.05 18.59 -45.58
N ASP B 386 -38.49 17.55 -46.20
CA ASP B 386 -39.27 16.38 -46.66
C ASP B 386 -39.35 15.28 -45.62
N SER B 387 -40.34 15.39 -44.75
CA SER B 387 -40.65 14.35 -43.76
C SER B 387 -41.97 14.76 -43.10
N ALA B 388 -42.99 13.92 -43.26
CA ALA B 388 -44.29 14.20 -42.66
C ALA B 388 -44.25 14.23 -41.13
N PRO B 389 -43.38 13.38 -40.50
CA PRO B 389 -43.10 13.48 -39.06
C PRO B 389 -42.51 14.84 -38.65
N VAL B 390 -41.75 15.46 -39.54
CA VAL B 390 -41.25 16.82 -39.35
C VAL B 390 -42.39 17.84 -39.47
N GLN B 391 -43.28 17.64 -40.44
CA GLN B 391 -44.45 18.51 -40.62
C GLN B 391 -45.43 18.44 -39.45
N ALA B 392 -45.51 17.27 -38.82
CA ALA B 392 -46.34 17.09 -37.62
C ALA B 392 -45.74 17.81 -36.42
N LEU B 393 -44.43 17.64 -36.21
CA LEU B 393 -43.71 18.32 -35.13
C LEU B 393 -43.65 19.84 -35.32
N ARG B 394 -43.73 20.29 -36.57
CA ARG B 394 -43.77 21.71 -36.92
C ARG B 394 -45.08 22.35 -36.45
N GLU B 395 -46.15 21.58 -36.47
CA GLU B 395 -47.44 22.04 -35.97
C GLU B 395 -47.40 22.11 -34.44
N LYS B 396 -46.86 21.07 -33.81
CA LYS B 396 -46.75 20.96 -32.35
C LYS B 396 -46.00 22.16 -31.73
N MET B 397 -45.01 22.63 -32.46
CA MET B 397 -44.28 23.84 -32.12
C MET B 397 -45.24 25.02 -31.91
N GLY B 398 -46.11 25.26 -32.88
CA GLY B 398 -47.09 26.34 -32.80
C GLY B 398 -46.47 27.71 -33.03
N GLU B 399 -47.24 28.76 -32.78
CA GLU B 399 -46.77 30.14 -32.99
C GLU B 399 -47.00 31.06 -31.79
N PHE B 400 -48.26 31.16 -31.35
CA PHE B 400 -48.62 31.99 -30.18
C PHE B 400 -48.35 33.48 -30.40
N ALA B 401 -48.96 34.05 -31.44
CA ALA B 401 -48.76 35.45 -31.81
C ALA B 401 -49.22 36.45 -30.74
N GLU B 402 -50.40 36.21 -30.17
CA GLU B 402 -50.98 37.08 -29.12
C GLU B 402 -50.19 37.06 -27.80
N LEU B 403 -49.65 35.90 -27.47
CA LEU B 403 -48.85 35.73 -26.24
C LEU B 403 -47.55 36.50 -26.36
N ARG B 404 -46.96 36.46 -27.55
CA ARG B 404 -45.79 37.28 -27.84
C ARG B 404 -46.13 38.75 -27.65
N ASP B 405 -47.26 39.19 -28.22
CA ASP B 405 -47.68 40.59 -28.19
C ASP B 405 -47.77 41.16 -26.78
N LEU B 406 -48.37 40.40 -25.87
CA LEU B 406 -48.57 40.87 -24.51
C LEU B 406 -47.24 41.13 -23.80
N LEU B 407 -46.37 40.12 -23.80
CA LEU B 407 -45.04 40.22 -23.18
C LEU B 407 -44.25 41.39 -23.75
N GLU B 408 -44.35 41.56 -25.07
CA GLU B 408 -43.66 42.64 -25.76
C GLU B 408 -44.14 44.01 -25.29
N ARG B 409 -45.45 44.16 -25.10
CA ARG B 409 -46.04 45.43 -24.70
C ARG B 409 -45.94 45.70 -23.19
N ALA B 410 -45.88 44.64 -22.40
CA ALA B 410 -45.92 44.79 -20.94
C ALA B 410 -44.56 45.00 -20.26
N ILE B 411 -43.51 44.40 -20.80
CA ILE B 411 -42.19 44.37 -20.12
C ILE B 411 -41.05 45.08 -20.90
N ILE B 412 -40.12 45.71 -20.15
CA ILE B 412 -38.88 46.30 -20.67
C ILE B 412 -37.99 45.21 -21.25
N ASP B 413 -37.07 45.59 -22.13
CA ASP B 413 -36.12 44.67 -22.77
C ASP B 413 -35.54 43.62 -21.80
N THR B 414 -34.85 44.07 -20.76
CA THR B 414 -34.37 43.17 -19.70
C THR B 414 -34.40 43.90 -18.36
N PRO B 415 -35.46 43.69 -17.60
CA PRO B 415 -35.64 44.27 -16.28
C PRO B 415 -34.65 43.74 -15.23
N PRO B 416 -34.78 44.19 -13.95
CA PRO B 416 -34.04 43.58 -12.84
C PRO B 416 -34.47 42.15 -12.52
N VAL B 417 -33.76 41.52 -11.58
CA VAL B 417 -33.81 40.07 -11.39
C VAL B 417 -35.16 39.61 -10.92
N LEU B 418 -35.66 40.27 -9.88
CA LEU B 418 -36.96 39.99 -9.29
C LEU B 418 -37.96 41.10 -9.62
N VAL B 419 -39.19 40.94 -9.15
CA VAL B 419 -40.25 41.95 -9.30
C VAL B 419 -40.34 42.85 -8.05
N ARG B 420 -39.74 42.38 -6.96
CA ARG B 420 -39.80 43.05 -5.66
C ARG B 420 -39.54 44.58 -5.72
N ASP B 421 -38.44 44.96 -6.36
CA ASP B 421 -38.01 46.37 -6.45
C ASP B 421 -38.35 47.04 -7.79
N GLY B 422 -39.39 46.55 -8.46
CA GLY B 422 -39.95 47.19 -9.63
C GLY B 422 -38.99 47.38 -10.77
N GLY B 423 -39.32 48.30 -11.66
CA GLY B 423 -38.55 48.59 -12.86
C GLY B 423 -38.75 47.52 -13.94
N VAL B 424 -39.94 46.93 -14.00
CA VAL B 424 -40.23 45.76 -14.83
C VAL B 424 -41.18 46.08 -15.99
N ILE B 425 -42.35 46.61 -15.65
CA ILE B 425 -43.36 46.93 -16.65
C ILE B 425 -42.95 48.21 -17.36
N ALA B 426 -43.01 48.18 -18.69
CA ALA B 426 -42.62 49.32 -19.50
C ALA B 426 -43.72 50.38 -19.51
N SER B 427 -43.30 51.63 -19.71
CA SER B 427 -44.22 52.72 -19.95
C SER B 427 -44.85 52.56 -21.34
N GLY B 428 -46.15 52.85 -21.43
CA GLY B 428 -46.90 52.65 -22.68
C GLY B 428 -47.82 51.44 -22.66
N TYR B 429 -47.67 50.59 -21.65
CA TYR B 429 -48.59 49.48 -21.41
C TYR B 429 -49.82 49.95 -20.64
N ASN B 430 -49.58 50.77 -19.63
CA ASN B 430 -50.61 51.19 -18.70
C ASN B 430 -50.55 52.69 -18.42
N GLU B 431 -51.67 53.38 -18.60
CA GLU B 431 -51.75 54.83 -18.37
C GLU B 431 -51.54 55.17 -16.90
N GLU B 432 -52.20 54.42 -16.01
CA GLU B 432 -52.10 54.67 -14.57
C GLU B 432 -50.66 54.47 -14.08
N LEU B 433 -49.98 53.46 -14.61
CA LEU B 433 -48.58 53.21 -14.28
C LEU B 433 -47.76 54.48 -14.49
N ASP B 434 -47.95 55.09 -15.66
CA ASP B 434 -47.22 56.28 -16.04
C ASP B 434 -47.69 57.51 -15.25
N GLU B 435 -48.95 57.51 -14.80
CA GLU B 435 -49.48 58.57 -13.92
C GLU B 435 -48.67 58.69 -12.62
N TRP B 436 -48.60 57.61 -11.85
CA TRP B 436 -47.86 57.60 -10.58
C TRP B 436 -46.35 57.79 -10.81
N ARG B 437 -45.88 57.37 -11.98
CA ARG B 437 -44.50 57.62 -12.38
C ARG B 437 -44.23 59.10 -12.69
N ALA B 438 -45.25 59.83 -13.12
CA ALA B 438 -45.15 61.27 -13.39
C ALA B 438 -44.95 62.14 -12.14
N LEU B 439 -45.38 61.63 -10.98
CA LEU B 439 -45.17 62.34 -9.69
C LEU B 439 -43.70 62.31 -9.28
N ALA B 440 -43.09 61.12 -9.34
CA ALA B 440 -41.65 60.97 -9.13
C ALA B 440 -40.83 61.45 -10.34
N ASP B 441 -41.49 61.62 -11.49
CA ASP B 441 -40.86 62.18 -12.69
C ASP B 441 -40.68 63.68 -12.60
N GLY B 442 -41.47 64.30 -11.74
CA GLY B 442 -41.25 65.70 -11.38
C GLY B 442 -40.30 65.79 -10.20
N ALA B 443 -39.35 64.87 -10.13
CA ALA B 443 -38.40 64.81 -9.03
C ALA B 443 -37.14 65.60 -9.31
N THR B 444 -36.26 65.03 -10.16
CA THR B 444 -34.89 65.54 -10.36
C THR B 444 -34.85 67.01 -10.81
N ASP B 445 -35.75 67.39 -11.72
CA ASP B 445 -35.83 68.77 -12.24
C ASP B 445 -36.30 69.77 -11.20
N TYR B 446 -37.21 69.33 -10.33
CA TYR B 446 -37.67 70.13 -9.21
C TYR B 446 -36.48 70.48 -8.31
N LEU B 447 -35.66 69.48 -7.96
CA LEU B 447 -34.52 69.64 -7.07
C LEU B 447 -33.29 70.29 -7.69
N GLU B 448 -33.14 70.16 -9.00
CA GLU B 448 -32.06 70.83 -9.72
C GLU B 448 -32.28 72.35 -9.71
N ARG B 449 -33.51 72.77 -10.05
CA ARG B 449 -33.86 74.20 -10.09
C ARG B 449 -33.71 74.83 -8.71
N LEU B 450 -34.08 74.07 -7.66
CA LEU B 450 -33.82 74.44 -6.27
C LEU B 450 -32.32 74.60 -6.00
N GLU B 451 -31.55 73.56 -6.31
CA GLU B 451 -30.10 73.54 -6.09
C GLU B 451 -29.42 74.69 -6.78
N VAL B 452 -29.86 74.98 -8.02
CA VAL B 452 -29.30 76.05 -8.83
C VAL B 452 -29.74 77.44 -8.37
N ARG B 453 -31.04 77.63 -8.10
CA ARG B 453 -31.55 78.91 -7.58
C ARG B 453 -30.90 79.28 -6.26
N GLU B 454 -30.85 78.30 -5.34
CA GLU B 454 -30.31 78.52 -4.00
C GLU B 454 -28.78 78.71 -4.00
N ARG B 455 -28.08 78.02 -4.90
CA ARG B 455 -26.62 78.25 -5.10
C ARG B 455 -26.32 79.69 -5.58
N GLU B 456 -27.13 80.18 -6.54
CA GLU B 456 -27.14 81.57 -7.08
C GLU B 456 -27.49 82.63 -6.06
N ARG B 457 -28.53 82.33 -5.31
CA ARG B 457 -29.14 83.28 -4.41
C ARG B 457 -28.25 83.53 -3.18
N THR B 458 -27.63 82.47 -2.68
CA THR B 458 -26.79 82.52 -1.48
C THR B 458 -25.34 82.86 -1.80
N GLY B 459 -24.87 82.41 -2.96
CA GLY B 459 -23.47 82.57 -3.38
C GLY B 459 -22.54 81.50 -2.84
N LEU B 460 -23.11 80.32 -2.54
CA LEU B 460 -22.34 79.21 -1.99
C LEU B 460 -22.40 78.07 -2.99
N ASP B 461 -21.28 77.76 -3.62
CA ASP B 461 -21.24 76.79 -4.72
C ASP B 461 -21.09 75.33 -4.25
N THR B 462 -20.58 75.13 -3.03
CA THR B 462 -20.51 73.79 -2.41
C THR B 462 -21.91 73.31 -1.95
N LEU B 463 -22.92 74.17 -2.09
CA LEU B 463 -24.33 73.85 -1.83
C LEU B 463 -24.88 72.82 -2.81
N LYS B 464 -25.22 71.64 -2.30
CA LYS B 464 -25.80 70.57 -3.10
C LYS B 464 -27.02 69.94 -2.38
N VAL B 465 -28.12 69.76 -3.12
CA VAL B 465 -29.37 69.15 -2.62
C VAL B 465 -29.33 67.64 -2.81
N GLY B 466 -29.24 66.90 -1.70
CA GLY B 466 -29.05 65.45 -1.71
C GLY B 466 -30.07 64.68 -0.91
N PHE B 467 -30.10 63.35 -1.09
CA PHE B 467 -31.03 62.48 -0.39
C PHE B 467 -30.33 61.62 0.66
N ASN B 468 -31.07 61.31 1.72
CA ASN B 468 -30.62 60.38 2.77
C ASN B 468 -31.77 59.42 3.15
N ALA B 469 -31.49 58.12 3.14
CA ALA B 469 -32.46 57.12 3.57
C ALA B 469 -32.98 57.38 4.99
N VAL B 470 -32.06 57.78 5.87
CA VAL B 470 -32.35 57.98 7.30
C VAL B 470 -33.19 59.24 7.60
N HIS B 471 -32.79 60.38 7.04
CA HIS B 471 -33.38 61.68 7.40
C HIS B 471 -34.26 62.29 6.31
N GLY B 472 -34.28 61.72 5.10
CA GLY B 472 -34.92 62.34 3.95
C GLY B 472 -33.97 63.29 3.24
N TYR B 473 -34.49 64.13 2.35
CA TYR B 473 -33.66 65.08 1.58
C TYR B 473 -33.16 66.23 2.47
N TYR B 474 -32.15 66.95 1.98
CA TYR B 474 -31.50 68.05 2.73
C TYR B 474 -30.70 68.94 1.77
N ILE B 475 -30.19 70.05 2.31
CA ILE B 475 -29.28 70.93 1.58
C ILE B 475 -27.98 71.06 2.38
N GLN B 476 -26.89 70.51 1.85
CA GLN B 476 -25.57 70.59 2.51
C GLN B 476 -24.70 71.71 1.97
N ILE B 477 -23.97 72.34 2.87
CA ILE B 477 -22.99 73.37 2.53
C ILE B 477 -21.70 73.04 3.31
N SER B 478 -20.55 73.27 2.68
CA SER B 478 -19.24 73.03 3.32
C SER B 478 -19.05 73.96 4.52
N ARG B 479 -18.26 73.52 5.49
CA ARG B 479 -18.18 74.18 6.80
C ARG B 479 -17.79 75.67 6.78
N GLY B 480 -16.89 76.06 5.88
CA GLY B 480 -16.45 77.45 5.75
C GLY B 480 -17.54 78.38 5.23
N GLN B 481 -18.40 77.84 4.37
CA GLN B 481 -19.52 78.57 3.79
C GLN B 481 -20.84 78.38 4.54
N SER B 482 -20.87 77.46 5.52
CA SER B 482 -22.12 77.00 6.16
C SER B 482 -22.93 78.12 6.85
N HIS B 483 -22.24 78.94 7.66
CA HIS B 483 -22.89 80.07 8.38
C HIS B 483 -23.10 81.32 7.51
N LEU B 484 -22.85 81.18 6.20
CA LEU B 484 -23.11 82.21 5.21
C LEU B 484 -24.41 81.90 4.41
N ALA B 485 -25.23 80.97 4.92
CA ALA B 485 -26.50 80.57 4.28
C ALA B 485 -27.68 81.41 4.81
N PRO B 486 -28.83 81.39 4.11
CA PRO B 486 -29.95 82.25 4.52
C PRO B 486 -30.77 81.66 5.69
N ILE B 487 -31.59 82.51 6.30
CA ILE B 487 -32.33 82.11 7.51
C ILE B 487 -33.60 81.29 7.24
N ASN B 488 -33.93 81.08 5.97
CA ASN B 488 -34.98 80.15 5.54
C ASN B 488 -34.68 78.71 5.99
N TYR B 489 -33.39 78.41 6.13
CA TYR B 489 -32.90 77.05 6.34
C TYR B 489 -33.05 76.61 7.79
N MET B 490 -33.63 75.42 7.97
CA MET B 490 -33.82 74.83 9.30
C MET B 490 -32.85 73.68 9.44
N ARG B 491 -32.07 73.68 10.52
CA ARG B 491 -31.11 72.60 10.77
C ARG B 491 -31.84 71.28 11.04
N ARG B 492 -31.53 70.26 10.24
CA ARG B 492 -31.93 68.88 10.53
C ARG B 492 -30.73 68.01 10.96
N GLN B 493 -29.52 68.39 10.51
CA GLN B 493 -28.33 67.53 10.59
C GLN B 493 -26.99 68.32 10.58
N THR B 494 -26.31 68.36 11.72
CA THR B 494 -24.95 68.90 11.83
C THR B 494 -23.94 67.78 11.52
N LEU B 495 -22.87 68.12 10.79
CA LEU B 495 -21.79 67.17 10.48
C LEU B 495 -20.43 67.67 10.98
N LYS B 496 -19.40 66.83 10.85
CA LYS B 496 -18.05 67.26 11.20
C LYS B 496 -17.50 68.34 10.28
N ASN B 497 -17.76 68.20 8.98
CA ASN B 497 -17.25 69.09 7.93
C ASN B 497 -18.31 69.81 7.09
N ALA B 498 -19.55 69.84 7.59
CA ALA B 498 -20.64 70.53 6.91
C ALA B 498 -21.83 70.75 7.85
N GLU B 499 -22.83 71.50 7.37
CA GLU B 499 -24.11 71.64 8.05
C GLU B 499 -25.22 71.34 7.04
N ARG B 500 -26.12 70.41 7.39
CA ARG B 500 -27.28 70.10 6.54
C ARG B 500 -28.53 70.79 7.07
N TYR B 501 -29.38 71.21 6.13
CA TYR B 501 -30.58 71.94 6.45
C TYR B 501 -31.79 71.38 5.70
N ILE B 502 -32.98 71.73 6.17
CA ILE B 502 -34.23 71.34 5.53
C ILE B 502 -35.05 72.62 5.30
N ILE B 503 -35.85 72.62 4.24
CA ILE B 503 -36.78 73.70 3.97
C ILE B 503 -38.15 73.14 3.60
N PRO B 504 -39.22 73.94 3.82
CA PRO B 504 -40.59 73.43 3.67
C PRO B 504 -40.91 72.94 2.25
N GLU B 505 -40.38 73.64 1.24
CA GLU B 505 -40.55 73.26 -0.15
C GLU B 505 -40.10 71.83 -0.39
N LEU B 506 -38.95 71.50 0.18
CA LEU B 506 -38.34 70.19 0.01
C LEU B 506 -39.08 69.12 0.84
N LYS B 507 -39.33 69.46 2.11
CA LYS B 507 -39.94 68.52 3.04
C LYS B 507 -41.35 68.10 2.61
N GLU B 508 -42.09 68.98 1.93
CA GLU B 508 -43.39 68.53 1.38
C GLU B 508 -43.28 67.78 0.02
N TYR B 509 -42.33 68.21 -0.82
CA TYR B 509 -42.01 67.48 -2.04
C TYR B 509 -41.50 66.06 -1.70
N GLU B 510 -40.82 65.93 -0.57
CA GLU B 510 -40.36 64.62 -0.06
C GLU B 510 -41.46 63.56 -0.08
N ASP B 511 -42.63 63.93 0.45
CA ASP B 511 -43.78 63.03 0.51
C ASP B 511 -44.25 62.55 -0.86
N LYS B 512 -44.55 63.50 -1.74
CA LYS B 512 -45.15 63.19 -3.06
C LYS B 512 -44.33 62.19 -3.87
N VAL B 513 -43.01 62.21 -3.67
CA VAL B 513 -42.12 61.26 -4.32
C VAL B 513 -42.21 59.88 -3.68
N LEU B 514 -41.92 59.83 -2.38
CA LEU B 514 -41.82 58.57 -1.64
C LEU B 514 -43.08 57.68 -1.75
N THR B 515 -44.25 58.33 -1.70
CA THR B 515 -45.55 57.63 -1.77
C THR B 515 -45.92 57.18 -3.18
N SER B 516 -45.73 58.08 -4.15
CA SER B 516 -46.01 57.77 -5.56
C SER B 516 -45.21 56.54 -6.01
N LYS B 517 -43.92 56.52 -5.63
CA LYS B 517 -43.05 55.37 -5.84
C LYS B 517 -43.72 54.10 -5.35
N GLY B 518 -44.06 54.08 -4.07
CA GLY B 518 -44.71 52.94 -3.47
C GLY B 518 -45.87 52.44 -4.30
N LYS B 519 -46.79 53.34 -4.66
CA LYS B 519 -48.05 52.95 -5.31
C LYS B 519 -47.86 52.60 -6.78
N ALA B 520 -46.83 53.16 -7.38
CA ALA B 520 -46.41 52.72 -8.70
C ALA B 520 -45.82 51.31 -8.57
N LEU B 521 -45.01 51.10 -7.53
CA LEU B 521 -44.43 49.79 -7.24
C LEU B 521 -45.53 48.77 -7.00
N ALA B 522 -46.53 49.18 -6.24
CA ALA B 522 -47.64 48.31 -5.89
C ALA B 522 -48.44 47.87 -7.11
N LEU B 523 -48.68 48.82 -8.02
CA LEU B 523 -49.38 48.53 -9.26
C LEU B 523 -48.59 47.51 -10.10
N GLU B 524 -47.27 47.66 -10.07
CA GLU B 524 -46.37 46.80 -10.83
C GLU B 524 -46.45 45.34 -10.40
N LYS B 525 -46.41 45.11 -9.09
CA LYS B 525 -46.60 43.77 -8.51
C LYS B 525 -47.94 43.16 -8.95
N GLN B 526 -48.99 43.98 -8.91
CA GLN B 526 -50.34 43.54 -9.24
C GLN B 526 -50.40 43.08 -10.69
N LEU B 527 -49.97 43.95 -11.59
CA LEU B 527 -49.97 43.65 -13.01
C LEU B 527 -49.18 42.40 -13.37
N TYR B 528 -48.05 42.19 -12.69
CA TYR B 528 -47.19 41.03 -12.96
C TYR B 528 -47.87 39.69 -12.63
N GLU B 529 -48.40 39.55 -11.40
CA GLU B 529 -49.06 38.30 -10.98
C GLU B 529 -50.41 38.06 -11.70
N GLU B 530 -50.98 39.13 -12.24
CA GLU B 530 -52.18 39.03 -13.09
C GLU B 530 -51.86 38.37 -14.43
N LEU B 531 -50.63 38.55 -14.92
CA LEU B 531 -50.17 37.90 -16.16
C LEU B 531 -50.21 36.38 -16.06
N PHE B 532 -49.99 35.84 -14.85
CA PHE B 532 -50.13 34.40 -14.63
C PHE B 532 -51.56 33.97 -14.96
N ASP B 533 -52.53 34.79 -14.54
CA ASP B 533 -53.94 34.54 -14.84
C ASP B 533 -54.21 34.53 -16.34
N LEU B 534 -53.48 35.36 -17.07
CA LEU B 534 -53.68 35.56 -18.52
C LEU B 534 -53.05 34.48 -19.40
N LEU B 535 -51.96 33.88 -18.94
CA LEU B 535 -51.25 32.87 -19.72
C LEU B 535 -51.72 31.45 -19.46
N LEU B 536 -52.10 31.18 -18.21
CA LEU B 536 -52.41 29.83 -17.74
C LEU B 536 -53.53 29.07 -18.50
N PRO B 537 -54.53 29.78 -19.08
CA PRO B 537 -55.51 29.07 -19.91
C PRO B 537 -54.96 28.33 -21.13
N HIS B 538 -53.72 28.64 -21.53
CA HIS B 538 -53.04 27.92 -22.60
C HIS B 538 -51.87 27.06 -22.06
N LEU B 539 -51.82 26.88 -20.74
CA LEU B 539 -50.64 26.29 -20.09
C LEU B 539 -50.25 24.94 -20.66
N GLU B 540 -51.24 24.11 -20.97
CA GLU B 540 -50.98 22.78 -21.55
C GLU B 540 -50.47 22.90 -22.98
N ALA B 541 -51.06 23.80 -23.75
CA ALA B 541 -50.63 24.08 -25.14
C ALA B 541 -49.18 24.58 -25.22
N LEU B 542 -48.74 25.26 -24.17
CA LEU B 542 -47.37 25.78 -24.07
C LEU B 542 -46.39 24.68 -23.69
N GLN B 543 -46.79 23.82 -22.75
CA GLN B 543 -46.02 22.62 -22.41
C GLN B 543 -45.79 21.76 -23.66
N GLN B 544 -46.82 21.65 -24.49
CA GLN B 544 -46.74 20.88 -25.74
C GLN B 544 -45.69 21.48 -26.67
N SER B 545 -45.72 22.79 -26.85
CA SER B 545 -44.68 23.49 -27.64
C SER B 545 -43.30 23.30 -27.04
N ALA B 546 -43.21 23.43 -25.71
CA ALA B 546 -41.95 23.25 -24.97
C ALA B 546 -41.39 21.84 -25.16
N SER B 547 -42.27 20.84 -25.08
CA SER B 547 -41.90 19.46 -25.35
C SER B 547 -41.44 19.26 -26.80
N ALA B 548 -42.17 19.86 -27.74
CA ALA B 548 -41.85 19.79 -29.17
C ALA B 548 -40.48 20.36 -29.47
N LEU B 549 -40.19 21.52 -28.89
CA LEU B 549 -38.91 22.21 -29.09
C LEU B 549 -37.74 21.46 -28.46
N ALA B 550 -37.95 20.95 -27.25
CA ALA B 550 -36.95 20.11 -26.59
C ALA B 550 -36.61 18.90 -27.45
N GLU B 551 -37.64 18.25 -27.97
CA GLU B 551 -37.50 17.08 -28.85
C GLU B 551 -36.79 17.42 -30.18
N LEU B 552 -37.11 18.59 -30.74
CA LEU B 552 -36.48 19.03 -31.99
C LEU B 552 -34.98 19.31 -31.84
N ASP B 553 -34.58 19.90 -30.74
CA ASP B 553 -33.15 20.11 -30.44
C ASP B 553 -32.43 18.77 -30.39
N VAL B 554 -33.07 17.78 -29.78
CA VAL B 554 -32.52 16.43 -29.70
C VAL B 554 -32.40 15.83 -31.10
N LEU B 555 -33.50 15.86 -31.86
CA LEU B 555 -33.53 15.33 -33.22
C LEU B 555 -32.50 15.98 -34.11
N VAL B 556 -32.43 17.31 -34.05
CA VAL B 556 -31.51 18.08 -34.86
C VAL B 556 -30.07 17.82 -34.41
N ASN B 557 -29.83 17.84 -33.11
CA ASN B 557 -28.52 17.47 -32.54
C ASN B 557 -28.04 16.14 -33.10
N LEU B 558 -28.92 15.13 -33.06
CA LEU B 558 -28.62 13.81 -33.60
C LEU B 558 -28.44 13.81 -35.12
N ALA B 559 -29.28 14.57 -35.82
CA ALA B 559 -29.11 14.77 -37.26
C ALA B 559 -27.74 15.38 -37.51
N GLU B 560 -27.33 16.28 -36.62
CA GLU B 560 -26.01 16.92 -36.68
C GLU B 560 -24.85 16.03 -36.23
N ARG B 561 -25.09 15.13 -35.28
CA ARG B 561 -24.04 14.17 -34.87
C ARG B 561 -23.79 13.11 -35.94
N ALA B 562 -24.83 12.72 -36.68
CA ALA B 562 -24.70 11.82 -37.84
C ALA B 562 -24.04 12.53 -39.03
N TYR B 563 -24.26 13.84 -39.11
CA TYR B 563 -23.60 14.73 -40.06
C TYR B 563 -22.12 14.93 -39.69
N THR B 564 -21.86 15.11 -38.39
CA THR B 564 -20.52 15.36 -37.88
C THR B 564 -19.66 14.09 -37.85
N LEU B 565 -20.23 12.99 -37.38
CA LEU B 565 -19.49 11.75 -37.14
C LEU B 565 -19.81 10.62 -38.13
N ASN B 566 -20.55 10.94 -39.19
CA ASN B 566 -20.84 10.01 -40.30
C ASN B 566 -21.39 8.68 -39.83
N TYR B 567 -22.60 8.72 -39.28
CA TYR B 567 -23.29 7.49 -38.90
C TYR B 567 -24.21 7.06 -40.04
N THR B 568 -24.64 5.80 -40.00
CA THR B 568 -25.46 5.24 -41.08
C THR B 568 -26.85 4.84 -40.58
N SER B 569 -27.81 4.79 -41.50
CA SER B 569 -29.18 4.38 -41.19
C SER B 569 -29.37 2.87 -41.29
N PRO B 570 -29.71 2.21 -40.16
CA PRO B 570 -29.88 0.76 -40.16
C PRO B 570 -31.31 0.32 -40.53
N THR B 571 -31.51 -1.00 -40.64
CA THR B 571 -32.85 -1.59 -40.88
C THR B 571 -33.14 -2.76 -39.91
N PHE B 572 -34.44 -3.01 -39.68
CA PHE B 572 -34.86 -4.03 -38.71
C PHE B 572 -35.30 -5.32 -39.38
N ILE B 573 -34.99 -6.45 -38.75
CA ILE B 573 -35.35 -7.76 -39.28
C ILE B 573 -36.23 -8.55 -38.31
N ASP B 574 -36.54 -9.78 -38.71
CA ASP B 574 -37.54 -10.60 -38.02
C ASP B 574 -37.02 -11.22 -36.75
N LYS B 575 -35.94 -11.98 -36.85
CA LYS B 575 -35.45 -12.81 -35.74
C LYS B 575 -34.04 -12.40 -35.30
N PRO B 576 -33.62 -12.78 -34.08
CA PRO B 576 -32.47 -12.12 -33.45
C PRO B 576 -31.18 -12.27 -34.22
N GLY B 577 -30.41 -11.20 -34.31
CA GLY B 577 -29.13 -11.18 -35.01
C GLY B 577 -28.63 -9.78 -35.26
N ILE B 578 -27.32 -9.61 -35.15
CA ILE B 578 -26.67 -8.33 -35.47
C ILE B 578 -25.62 -8.51 -36.54
N ARG B 579 -25.66 -7.64 -37.55
CA ARG B 579 -24.62 -7.56 -38.55
C ARG B 579 -24.07 -6.14 -38.58
N ILE B 580 -22.78 -6.03 -38.28
CA ILE B 580 -22.11 -4.74 -38.32
C ILE B 580 -21.09 -4.80 -39.47
N THR B 581 -21.07 -3.74 -40.26
CA THR B 581 -20.11 -3.60 -41.31
C THR B 581 -19.19 -2.45 -40.93
N GLU B 582 -17.95 -2.79 -40.58
CA GLU B 582 -16.93 -1.81 -40.15
C GLU B 582 -17.49 -0.85 -39.11
N GLY B 583 -17.84 -1.40 -37.96
CA GLY B 583 -18.44 -0.61 -36.90
C GLY B 583 -17.37 -0.11 -35.96
N ARG B 584 -17.71 0.96 -35.25
CA ARG B 584 -16.75 1.56 -34.35
C ARG B 584 -17.40 1.95 -33.02
N HIS B 585 -16.60 1.82 -31.97
CA HIS B 585 -16.93 2.24 -30.63
C HIS B 585 -17.09 3.75 -30.61
N PRO B 586 -18.33 4.25 -30.54
CA PRO B 586 -18.55 5.69 -30.73
C PRO B 586 -17.92 6.61 -29.67
N VAL B 587 -17.68 6.14 -28.45
CA VAL B 587 -16.98 6.96 -27.46
C VAL B 587 -15.46 6.93 -27.58
N VAL B 588 -14.87 5.75 -27.40
CA VAL B 588 -13.42 5.58 -27.46
C VAL B 588 -12.76 6.23 -28.71
N GLU B 589 -13.34 6.05 -29.91
CA GLU B 589 -12.78 6.64 -31.14
C GLU B 589 -12.67 8.17 -31.08
N GLN B 590 -13.55 8.82 -30.34
CA GLN B 590 -13.53 10.26 -30.21
C GLN B 590 -12.49 10.69 -29.19
N VAL B 591 -12.31 9.90 -28.13
CA VAL B 591 -11.32 10.20 -27.09
C VAL B 591 -9.93 9.70 -27.51
N LEU B 592 -9.89 8.79 -28.47
CA LEU B 592 -8.63 8.32 -29.05
C LEU B 592 -8.03 9.32 -30.06
N ASN B 593 -6.71 9.48 -30.01
CA ASN B 593 -6.00 10.33 -30.94
C ASN B 593 -5.65 9.42 -32.10
N GLU B 594 -6.64 9.21 -32.96
CA GLU B 594 -6.61 8.26 -34.06
C GLU B 594 -8.03 7.83 -34.44
N PRO B 595 -8.22 7.33 -35.66
CA PRO B 595 -9.49 6.70 -35.96
C PRO B 595 -9.43 5.30 -35.39
N PHE B 596 -10.58 4.80 -34.98
CA PHE B 596 -10.74 3.50 -34.33
C PHE B 596 -10.48 2.40 -35.37
N ILE B 597 -9.96 1.27 -34.92
CA ILE B 597 -9.82 0.11 -35.79
C ILE B 597 -11.20 -0.50 -35.93
N ALA B 598 -11.91 -0.11 -36.99
CA ALA B 598 -13.28 -0.55 -37.24
C ALA B 598 -13.29 -2.03 -37.54
N ASN B 599 -14.26 -2.72 -36.98
CA ASN B 599 -14.37 -4.15 -37.18
C ASN B 599 -15.82 -4.49 -37.43
N PRO B 600 -16.08 -5.57 -38.18
CA PRO B 600 -17.44 -6.06 -38.33
C PRO B 600 -17.85 -7.06 -37.21
N LEU B 601 -19.10 -7.51 -37.27
CA LEU B 601 -19.63 -8.48 -36.32
C LEU B 601 -20.78 -9.19 -37.00
N ASN B 602 -20.86 -10.50 -36.83
CA ASN B 602 -21.89 -11.30 -37.48
C ASN B 602 -22.46 -12.37 -36.56
N LEU B 603 -23.60 -12.06 -35.95
CA LEU B 603 -24.27 -12.95 -34.98
C LEU B 603 -25.68 -13.29 -35.46
N SER B 604 -26.18 -14.45 -35.03
CA SER B 604 -27.46 -14.98 -35.48
C SER B 604 -27.94 -16.11 -34.57
N PRO B 605 -29.13 -16.69 -34.85
CA PRO B 605 -29.56 -17.86 -34.08
C PRO B 605 -28.70 -19.11 -34.37
N GLN B 606 -28.04 -19.13 -35.53
CA GLN B 606 -27.15 -20.24 -35.88
C GLN B 606 -25.78 -20.04 -35.24
N ARG B 607 -25.29 -18.82 -35.32
CA ARG B 607 -24.01 -18.43 -34.73
C ARG B 607 -24.33 -17.56 -33.53
N ARG B 608 -24.67 -18.21 -32.41
CA ARG B 608 -25.24 -17.48 -31.29
C ARG B 608 -24.26 -17.13 -30.17
N MET B 609 -23.03 -17.66 -30.23
CA MET B 609 -22.01 -17.35 -29.23
C MET B 609 -20.61 -17.20 -29.79
N LEU B 610 -19.83 -16.25 -29.25
CA LEU B 610 -18.43 -16.03 -29.61
C LEU B 610 -17.48 -16.05 -28.40
N ILE B 611 -16.64 -17.08 -28.31
CA ILE B 611 -15.62 -17.18 -27.25
C ILE B 611 -14.44 -16.29 -27.62
N ILE B 612 -14.20 -15.26 -26.81
CA ILE B 612 -13.19 -14.24 -27.11
C ILE B 612 -12.03 -14.31 -26.11
N THR B 613 -10.84 -14.62 -26.63
CA THR B 613 -9.63 -14.69 -25.81
C THR B 613 -8.62 -13.73 -26.41
N GLY B 614 -7.54 -13.41 -25.69
CA GLY B 614 -6.45 -12.56 -26.24
C GLY B 614 -5.59 -11.82 -25.24
N PRO B 615 -4.77 -10.89 -25.72
CA PRO B 615 -3.94 -10.03 -24.90
C PRO B 615 -4.70 -8.95 -24.19
N ASN B 616 -4.11 -8.39 -23.14
CA ASN B 616 -4.72 -7.25 -22.49
C ASN B 616 -4.36 -5.98 -23.29
N MET B 617 -5.27 -5.00 -23.21
CA MET B 617 -5.44 -3.95 -24.21
C MET B 617 -5.65 -4.53 -25.60
N GLY B 618 -6.07 -5.80 -25.68
CA GLY B 618 -6.39 -6.43 -26.95
C GLY B 618 -7.60 -5.75 -27.57
N GLY B 619 -8.49 -5.31 -26.70
CA GLY B 619 -9.77 -4.72 -27.12
C GLY B 619 -10.93 -5.67 -26.90
N LYS B 620 -10.82 -6.54 -25.90
CA LYS B 620 -11.89 -7.48 -25.59
C LYS B 620 -13.06 -6.66 -25.12
N SER B 621 -12.95 -6.11 -23.91
CA SER B 621 -14.05 -5.38 -23.30
C SER B 621 -14.52 -4.25 -24.22
N THR B 622 -13.60 -3.73 -25.02
CA THR B 622 -13.90 -2.71 -26.02
C THR B 622 -14.78 -3.26 -27.13
N TYR B 623 -14.32 -4.31 -27.81
CA TYR B 623 -15.14 -4.92 -28.87
C TYR B 623 -16.51 -5.35 -28.34
N MET B 624 -16.57 -5.69 -27.06
CA MET B 624 -17.82 -6.03 -26.40
C MET B 624 -18.67 -4.79 -26.16
N ARG B 625 -18.21 -3.89 -25.29
CA ARG B 625 -19.00 -2.71 -24.91
C ARG B 625 -19.45 -1.87 -26.10
N GLN B 626 -18.69 -1.93 -27.18
CA GLN B 626 -19.04 -1.22 -28.42
C GLN B 626 -20.31 -1.80 -29.01
N THR B 627 -20.40 -3.12 -29.00
CA THR B 627 -21.57 -3.80 -29.52
C THR B 627 -22.82 -3.24 -28.82
N ALA B 628 -22.71 -3.03 -27.51
CA ALA B 628 -23.84 -2.52 -26.71
C ALA B 628 -24.36 -1.19 -27.22
N LEU B 629 -23.44 -0.27 -27.48
CA LEU B 629 -23.79 1.08 -27.89
C LEU B 629 -24.54 1.09 -29.23
N ILE B 630 -24.19 0.16 -30.12
CA ILE B 630 -24.80 0.07 -31.45
C ILE B 630 -26.30 -0.14 -31.34
N ALA B 631 -26.67 -1.11 -30.51
CA ALA B 631 -28.07 -1.46 -30.32
C ALA B 631 -28.85 -0.26 -29.81
N LEU B 632 -28.37 0.29 -28.70
CA LEU B 632 -29.06 1.39 -28.04
C LEU B 632 -29.29 2.52 -29.01
N MET B 633 -28.24 2.88 -29.76
CA MET B 633 -28.32 3.98 -30.72
C MET B 633 -29.33 3.70 -31.81
N ALA B 634 -29.24 2.51 -32.40
CA ALA B 634 -30.19 2.12 -33.43
C ALA B 634 -31.61 2.20 -32.90
N TYR B 635 -31.79 1.80 -31.64
CA TYR B 635 -33.10 1.71 -31.01
C TYR B 635 -33.63 3.01 -30.38
N ILE B 636 -33.04 4.15 -30.72
CA ILE B 636 -33.69 5.45 -30.51
C ILE B 636 -34.02 6.10 -31.85
N GLY B 637 -33.89 5.31 -32.92
CA GLY B 637 -34.11 5.79 -34.27
C GLY B 637 -32.97 6.60 -34.86
N SER B 638 -31.83 6.64 -34.17
CA SER B 638 -30.65 7.42 -34.63
C SER B 638 -29.78 6.58 -35.57
N TYR B 639 -28.87 7.24 -36.28
CA TYR B 639 -27.92 6.56 -37.13
C TYR B 639 -26.78 6.06 -36.25
N VAL B 640 -26.00 5.11 -36.76
CA VAL B 640 -25.09 4.32 -35.94
C VAL B 640 -23.67 4.31 -36.50
N PRO B 641 -22.65 4.29 -35.62
CA PRO B 641 -21.25 4.22 -36.04
C PRO B 641 -20.84 2.92 -36.74
N ALA B 642 -21.24 2.78 -38.00
CA ALA B 642 -20.83 1.66 -38.83
C ALA B 642 -21.23 1.93 -40.27
N GLN B 643 -20.71 1.11 -41.16
CA GLN B 643 -20.96 1.26 -42.60
C GLN B 643 -22.38 0.85 -42.93
N LYS B 644 -22.77 -0.29 -42.40
CA LYS B 644 -24.15 -0.75 -42.48
C LYS B 644 -24.51 -1.72 -41.37
N VAL B 645 -25.67 -1.49 -40.77
CA VAL B 645 -26.14 -2.27 -39.61
C VAL B 645 -27.55 -2.78 -39.87
N GLU B 646 -27.73 -4.08 -39.72
CA GLU B 646 -29.04 -4.72 -39.73
C GLU B 646 -29.23 -5.47 -38.41
N ILE B 647 -30.46 -5.46 -37.91
CA ILE B 647 -30.68 -5.99 -36.58
C ILE B 647 -32.08 -6.56 -36.41
N GLY B 648 -32.15 -7.69 -35.74
CA GLY B 648 -33.42 -8.31 -35.35
C GLY B 648 -33.82 -7.91 -33.95
N PRO B 649 -34.76 -8.64 -33.34
CA PRO B 649 -35.19 -8.34 -31.98
C PRO B 649 -34.16 -8.61 -30.87
N ILE B 650 -33.93 -7.60 -30.03
CA ILE B 650 -33.17 -7.75 -28.78
C ILE B 650 -33.94 -7.05 -27.67
N ASP B 651 -34.48 -7.84 -26.75
CA ASP B 651 -35.34 -7.32 -25.69
C ASP B 651 -34.53 -6.80 -24.50
N ARG B 652 -33.65 -7.63 -23.97
CA ARG B 652 -32.99 -7.39 -22.69
C ARG B 652 -31.49 -7.33 -22.86
N ILE B 653 -30.87 -6.43 -22.10
CA ILE B 653 -29.45 -6.13 -22.27
C ILE B 653 -28.71 -6.19 -20.94
N PHE B 654 -28.11 -7.34 -20.65
CA PHE B 654 -27.49 -7.59 -19.34
C PHE B 654 -25.97 -7.60 -19.38
N THR B 655 -25.36 -7.27 -18.26
CA THR B 655 -23.92 -7.05 -18.17
C THR B 655 -23.32 -7.52 -16.87
N ARG B 656 -22.06 -7.92 -16.95
CA ARG B 656 -21.23 -8.25 -15.80
C ARG B 656 -19.94 -7.41 -15.87
N VAL B 657 -19.66 -6.69 -14.79
CA VAL B 657 -18.62 -5.65 -14.72
C VAL B 657 -17.49 -6.02 -13.77
N GLY B 658 -16.32 -6.36 -14.31
CA GLY B 658 -15.14 -6.71 -13.50
C GLY B 658 -15.13 -6.17 -12.07
N ALA B 659 -15.08 -7.10 -11.12
CA ALA B 659 -15.10 -6.78 -9.68
C ALA B 659 -16.12 -5.69 -9.28
N PHE B 670 -15.52 -10.75 -4.73
CA PHE B 670 -15.94 -11.99 -5.40
C PHE B 670 -17.39 -12.28 -5.09
N MET B 671 -17.78 -12.10 -3.83
CA MET B 671 -19.20 -12.15 -3.51
C MET B 671 -19.95 -11.31 -4.53
N VAL B 672 -19.41 -10.13 -4.80
CA VAL B 672 -19.98 -9.22 -5.77
C VAL B 672 -20.19 -9.87 -7.14
N GLU B 673 -19.10 -10.44 -7.70
CA GLU B 673 -19.06 -10.86 -9.09
C GLU B 673 -20.07 -11.98 -9.32
N MET B 674 -20.09 -12.96 -8.43
CA MET B 674 -20.92 -14.10 -8.64
C MET B 674 -22.38 -13.70 -8.64
N THR B 675 -22.84 -13.01 -7.59
CA THR B 675 -24.27 -12.85 -7.37
C THR B 675 -25.01 -12.34 -8.60
N GLU B 676 -24.44 -11.34 -9.25
CA GLU B 676 -25.10 -10.72 -10.37
C GLU B 676 -25.18 -11.64 -11.57
N THR B 677 -24.23 -12.57 -11.64
CA THR B 677 -24.19 -13.55 -12.71
C THR B 677 -25.48 -14.35 -12.80
N ALA B 678 -25.94 -14.86 -11.67
CA ALA B 678 -27.17 -15.66 -11.64
C ALA B 678 -28.39 -14.93 -12.15
N ASN B 679 -28.45 -13.62 -11.89
CA ASN B 679 -29.55 -12.80 -12.40
C ASN B 679 -29.68 -12.95 -13.88
N ILE B 680 -28.55 -12.74 -14.52
CA ILE B 680 -28.51 -12.72 -15.95
C ILE B 680 -28.99 -14.06 -16.48
N LEU B 681 -28.60 -15.14 -15.78
CA LEU B 681 -29.07 -16.48 -16.12
C LEU B 681 -30.58 -16.59 -16.14
N HIS B 682 -31.22 -16.33 -15.01
CA HIS B 682 -32.64 -16.63 -14.83
C HIS B 682 -33.59 -15.76 -15.64
N ASN B 683 -33.11 -14.59 -16.04
CA ASN B 683 -33.94 -13.62 -16.75
C ASN B 683 -33.72 -13.57 -18.27
N ALA B 684 -32.47 -13.74 -18.71
CA ALA B 684 -32.12 -13.59 -20.14
C ALA B 684 -32.81 -14.60 -21.04
N THR B 685 -33.19 -14.17 -22.23
CA THR B 685 -34.05 -14.95 -23.12
C THR B 685 -33.37 -15.36 -24.43
N GLU B 686 -34.11 -16.13 -25.25
CA GLU B 686 -33.66 -16.54 -26.59
C GLU B 686 -33.31 -15.38 -27.51
N TYR B 687 -33.78 -14.18 -27.17
CA TYR B 687 -33.63 -12.99 -28.01
C TYR B 687 -32.75 -11.89 -27.38
N SER B 688 -32.27 -12.13 -26.16
CA SER B 688 -31.55 -11.10 -25.38
C SER B 688 -30.12 -10.86 -25.85
N LEU B 689 -29.43 -9.94 -25.18
CA LEU B 689 -28.00 -9.73 -25.35
C LEU B 689 -27.27 -9.91 -24.02
N VAL B 690 -26.34 -10.86 -23.98
CA VAL B 690 -25.59 -11.19 -22.75
C VAL B 690 -24.14 -10.79 -22.91
N LEU B 691 -23.60 -10.13 -21.88
CA LEU B 691 -22.32 -9.44 -21.96
C LEU B 691 -21.36 -9.85 -20.84
N MET B 692 -20.51 -10.83 -21.14
CA MET B 692 -19.61 -11.46 -20.15
C MET B 692 -18.13 -11.10 -20.30
N ASP B 693 -17.52 -10.61 -19.22
CA ASP B 693 -16.09 -10.30 -19.20
C ASP B 693 -15.42 -10.80 -17.91
N GLU B 694 -14.55 -11.80 -18.06
CA GLU B 694 -13.70 -12.32 -16.96
C GLU B 694 -14.46 -12.79 -15.73
N ILE B 695 -15.45 -13.64 -15.98
CA ILE B 695 -16.07 -14.38 -14.89
C ILE B 695 -15.17 -15.52 -14.51
N GLY B 696 -15.02 -15.72 -13.22
CA GLY B 696 -14.13 -16.72 -12.72
C GLY B 696 -12.81 -16.13 -12.34
N ARG B 697 -12.84 -14.96 -11.71
CA ARG B 697 -11.70 -14.49 -10.97
C ARG B 697 -11.70 -15.28 -9.69
N GLY B 698 -11.14 -16.48 -9.70
CA GLY B 698 -11.45 -17.50 -8.68
C GLY B 698 -10.52 -17.67 -7.52
N THR B 699 -10.79 -18.68 -6.69
CA THR B 699 -9.99 -18.98 -5.51
C THR B 699 -8.95 -20.03 -5.74
N SER B 700 -9.02 -20.68 -6.89
CA SER B 700 -8.20 -21.84 -7.18
C SER B 700 -8.11 -22.06 -8.69
N THR B 701 -7.31 -23.03 -9.07
CA THR B 701 -7.11 -23.40 -10.46
C THR B 701 -8.43 -23.66 -11.20
N TYR B 702 -9.23 -24.57 -10.66
CA TYR B 702 -10.30 -25.22 -11.42
C TYR B 702 -11.66 -24.55 -11.25
N ASP B 703 -11.93 -24.02 -10.05
CA ASP B 703 -13.18 -23.31 -9.80
C ASP B 703 -13.52 -22.36 -10.96
N GLY B 704 -12.64 -21.41 -11.25
CA GLY B 704 -12.91 -20.40 -12.27
C GLY B 704 -13.29 -21.06 -13.57
N LEU B 705 -12.43 -21.97 -14.01
CA LEU B 705 -12.61 -22.68 -15.27
C LEU B 705 -13.93 -23.42 -15.29
N SER B 706 -14.09 -24.36 -14.36
CA SER B 706 -15.29 -25.12 -14.27
C SER B 706 -16.47 -24.15 -14.39
N LEU B 707 -16.51 -23.18 -13.49
CA LEU B 707 -17.60 -22.23 -13.40
C LEU B 707 -17.99 -21.74 -14.78
N ALA B 708 -17.02 -21.12 -15.42
CA ALA B 708 -17.26 -20.56 -16.71
C ALA B 708 -17.78 -21.67 -17.62
N TRP B 709 -17.03 -22.75 -17.73
CA TRP B 709 -17.35 -23.82 -18.69
C TRP B 709 -18.84 -24.00 -18.74
N ALA B 710 -19.42 -24.10 -17.56
CA ALA B 710 -20.84 -24.29 -17.43
C ALA B 710 -21.60 -23.14 -18.09
N VAL B 711 -21.40 -21.93 -17.59
CA VAL B 711 -22.26 -20.81 -17.97
C VAL B 711 -22.43 -20.76 -19.47
N ALA B 712 -21.30 -20.97 -20.15
CA ALA B 712 -21.26 -20.95 -21.58
C ALA B 712 -22.16 -22.03 -22.15
N GLU B 713 -21.86 -23.30 -21.82
CA GLU B 713 -22.65 -24.41 -22.32
C GLU B 713 -24.13 -24.14 -22.11
N ASN B 714 -24.47 -23.57 -20.94
CA ASN B 714 -25.86 -23.30 -20.60
C ASN B 714 -26.55 -22.34 -21.57
N LEU B 715 -25.82 -21.27 -21.92
CA LEU B 715 -26.35 -20.26 -22.84
C LEU B 715 -26.42 -20.72 -24.28
N ALA B 716 -25.65 -21.75 -24.62
CA ALA B 716 -25.67 -22.35 -25.96
C ALA B 716 -26.63 -23.54 -26.04
N ASN B 717 -26.59 -24.40 -25.02
CA ASN B 717 -27.37 -25.64 -24.99
C ASN B 717 -28.86 -25.41 -24.76
N LYS B 718 -29.17 -24.64 -23.70
CA LYS B 718 -30.52 -24.49 -23.19
C LYS B 718 -31.17 -23.16 -23.57
N ILE B 719 -30.56 -22.07 -23.13
CA ILE B 719 -31.13 -20.73 -23.30
C ILE B 719 -31.13 -20.29 -24.76
N LYS B 720 -30.01 -20.49 -25.44
CA LYS B 720 -29.87 -20.18 -26.88
C LYS B 720 -29.92 -18.67 -27.18
N ALA B 721 -29.38 -17.85 -26.28
CA ALA B 721 -29.34 -16.40 -26.46
C ALA B 721 -28.19 -15.95 -27.37
N LEU B 722 -28.26 -14.72 -27.89
CA LEU B 722 -27.13 -14.12 -28.62
C LEU B 722 -26.12 -13.58 -27.63
N THR B 723 -24.96 -14.23 -27.53
CA THR B 723 -24.00 -13.95 -26.46
C THR B 723 -22.62 -13.56 -27.00
N LEU B 724 -21.87 -12.83 -26.17
CA LEU B 724 -20.45 -12.57 -26.41
C LEU B 724 -19.69 -12.83 -25.09
N PHE B 725 -18.71 -13.73 -25.14
CA PHE B 725 -18.10 -14.20 -23.91
C PHE B 725 -16.61 -13.86 -23.91
N ALA B 726 -16.25 -12.87 -23.11
CA ALA B 726 -14.85 -12.51 -22.93
C ALA B 726 -14.26 -13.29 -21.77
N THR B 727 -13.19 -14.03 -22.05
CA THR B 727 -12.55 -14.88 -21.06
C THR B 727 -11.04 -14.85 -21.16
N HIS B 728 -10.39 -15.23 -20.05
CA HIS B 728 -8.96 -15.44 -20.03
C HIS B 728 -8.56 -16.91 -19.74
N TYR B 729 -9.55 -17.78 -19.60
CA TYR B 729 -9.30 -19.20 -19.29
C TYR B 729 -9.40 -20.04 -20.55
N PHE B 730 -8.25 -20.37 -21.10
CA PHE B 730 -8.14 -20.80 -22.49
C PHE B 730 -8.89 -22.07 -22.83
N GLU B 731 -8.98 -23.00 -21.88
CA GLU B 731 -9.55 -24.31 -22.13
C GLU B 731 -10.96 -24.23 -22.72
N LEU B 732 -11.65 -23.13 -22.44
CA LEU B 732 -12.98 -22.84 -23.00
C LEU B 732 -13.00 -22.76 -24.52
N THR B 733 -11.88 -22.39 -25.11
CA THR B 733 -11.75 -22.36 -26.57
C THR B 733 -11.94 -23.74 -27.20
N GLN B 734 -12.08 -24.77 -26.38
CA GLN B 734 -12.49 -26.08 -26.87
C GLN B 734 -14.00 -26.17 -27.06
N LEU B 735 -14.74 -25.09 -26.83
CA LEU B 735 -16.21 -25.16 -26.89
C LEU B 735 -16.84 -25.09 -28.28
N PRO B 736 -16.15 -24.49 -29.27
CA PRO B 736 -16.70 -24.54 -30.63
C PRO B 736 -16.87 -25.97 -31.16
N GLU B 737 -15.93 -26.83 -30.81
CA GLU B 737 -16.03 -28.26 -31.11
C GLU B 737 -17.08 -28.94 -30.22
N LYS B 738 -17.11 -28.59 -28.93
CA LYS B 738 -18.06 -29.21 -27.97
C LYS B 738 -19.54 -28.91 -28.23
N MET B 739 -19.83 -27.68 -28.68
CA MET B 739 -21.21 -27.21 -28.83
C MET B 739 -21.56 -26.87 -30.28
N GLU B 740 -22.84 -27.02 -30.62
CA GLU B 740 -23.37 -26.45 -31.86
C GLU B 740 -23.69 -24.99 -31.59
N GLY B 741 -23.30 -24.11 -32.52
CA GLY B 741 -23.62 -22.69 -32.45
C GLY B 741 -22.56 -21.76 -31.88
N VAL B 742 -21.43 -22.35 -31.45
CA VAL B 742 -20.31 -21.61 -30.86
C VAL B 742 -19.12 -21.60 -31.84
N ALA B 743 -18.42 -20.46 -31.95
CA ALA B 743 -17.24 -20.30 -32.87
C ALA B 743 -16.17 -19.37 -32.31
N ASN B 744 -14.90 -19.74 -32.53
CA ASN B 744 -13.79 -19.05 -31.88
C ASN B 744 -13.44 -17.73 -32.55
N VAL B 745 -13.17 -16.72 -31.73
CA VAL B 745 -12.58 -15.47 -32.19
C VAL B 745 -11.59 -14.97 -31.14
N HIS B 746 -10.71 -14.05 -31.53
CA HIS B 746 -9.74 -13.46 -30.62
C HIS B 746 -9.10 -12.19 -31.19
N LEU B 747 -8.70 -11.28 -30.30
CA LEU B 747 -7.99 -10.07 -30.71
C LEU B 747 -6.54 -10.45 -30.82
N ASP B 748 -6.00 -10.47 -32.04
CA ASP B 748 -4.61 -10.91 -32.31
C ASP B 748 -3.60 -9.82 -32.01
N ALA B 749 -2.47 -10.21 -31.39
CA ALA B 749 -1.42 -9.28 -31.02
C ALA B 749 -0.14 -9.71 -31.71
N LEU B 750 0.65 -8.71 -32.14
CA LEU B 750 1.92 -8.92 -32.86
C LEU B 750 3.12 -8.45 -32.01
N GLU B 751 3.83 -9.41 -31.42
CA GLU B 751 4.91 -9.14 -30.46
C GLU B 751 6.22 -9.17 -31.25
N HIS B 752 6.91 -8.03 -31.41
CA HIS B 752 8.22 -8.03 -32.10
C HIS B 752 9.39 -7.62 -31.20
N GLY B 753 10.15 -8.62 -30.76
CA GLY B 753 11.27 -8.42 -29.83
C GLY B 753 10.82 -7.91 -28.46
N ASP B 754 11.36 -6.76 -28.07
CA ASP B 754 11.00 -6.07 -26.85
C ASP B 754 10.18 -4.80 -27.09
N THR B 755 9.28 -4.89 -28.06
CA THR B 755 8.06 -4.10 -28.07
C THR B 755 6.84 -5.00 -28.43
N ILE B 756 5.63 -4.44 -28.37
CA ILE B 756 4.43 -5.24 -28.66
C ILE B 756 3.33 -4.43 -29.38
N ALA B 757 2.70 -5.03 -30.39
CA ALA B 757 1.62 -4.39 -31.15
C ALA B 757 0.27 -5.07 -30.95
N PHE B 758 -0.76 -4.27 -30.66
CA PHE B 758 -2.13 -4.75 -30.45
C PHE B 758 -2.95 -4.37 -31.65
N MET B 759 -3.20 -5.32 -32.55
CA MET B 759 -3.86 -4.99 -33.81
C MET B 759 -5.19 -4.26 -33.66
N HIS B 760 -5.83 -4.43 -32.52
CA HIS B 760 -7.15 -3.87 -32.26
C HIS B 760 -8.13 -4.39 -33.31
N SER B 761 -7.94 -5.63 -33.72
CA SER B 761 -8.72 -6.26 -34.79
C SER B 761 -9.15 -7.67 -34.40
N VAL B 762 -10.42 -7.99 -34.68
CA VAL B 762 -11.02 -9.26 -34.25
C VAL B 762 -10.69 -10.36 -35.25
N GLN B 763 -10.08 -11.44 -34.77
CA GLN B 763 -9.64 -12.53 -35.66
C GLN B 763 -10.35 -13.84 -35.32
N ASP B 764 -10.64 -14.64 -36.35
CA ASP B 764 -11.13 -15.99 -36.13
C ASP B 764 -10.01 -16.83 -35.55
N GLY B 765 -10.32 -17.61 -34.52
CA GLY B 765 -9.34 -18.42 -33.81
C GLY B 765 -9.26 -18.03 -32.34
N ALA B 766 -8.13 -18.33 -31.71
CA ALA B 766 -7.98 -18.13 -30.27
C ALA B 766 -6.69 -17.41 -29.87
N ALA B 767 -6.59 -17.01 -28.59
CA ALA B 767 -5.41 -16.31 -28.05
C ALA B 767 -4.16 -17.16 -28.01
N SER B 768 -3.02 -16.48 -27.98
CA SER B 768 -1.73 -17.15 -27.96
C SER B 768 -1.38 -17.68 -26.55
N LYS B 769 -1.36 -16.79 -25.56
CA LYS B 769 -0.49 -16.98 -24.39
C LYS B 769 -0.71 -15.94 -23.29
N SER B 770 0.23 -15.93 -22.33
CA SER B 770 0.36 -14.87 -21.31
C SER B 770 0.81 -13.53 -21.88
N TYR B 771 -0.05 -12.51 -21.77
CA TYR B 771 0.25 -11.16 -22.23
C TYR B 771 0.48 -10.19 -21.09
N GLY B 772 0.35 -10.69 -19.87
CA GLY B 772 0.53 -9.91 -18.65
C GLY B 772 1.96 -9.54 -18.37
N LEU B 773 2.89 -10.52 -18.45
CA LEU B 773 4.32 -10.23 -18.22
C LEU B 773 4.77 -9.04 -19.03
N ALA B 774 4.24 -9.00 -20.27
CA ALA B 774 4.51 -7.94 -21.24
C ALA B 774 3.90 -6.61 -20.78
N VAL B 775 2.61 -6.62 -20.43
CA VAL B 775 1.92 -5.39 -20.00
C VAL B 775 2.52 -4.84 -18.67
N ALA B 776 3.17 -5.71 -17.90
CA ALA B 776 3.76 -5.37 -16.59
C ALA B 776 4.53 -4.05 -16.55
N ALA B 777 5.51 -3.97 -17.41
CA ALA B 777 6.32 -2.76 -17.50
C ALA B 777 5.48 -1.51 -17.77
N LEU B 778 4.37 -1.64 -18.51
CA LEU B 778 3.52 -0.47 -18.90
C LEU B 778 2.99 0.27 -17.69
N ALA B 779 2.85 -0.46 -16.59
CA ALA B 779 2.63 0.15 -15.31
C ALA B 779 3.84 1.01 -14.92
N GLY B 780 5.00 0.38 -15.01
CA GLY B 780 6.26 0.99 -14.62
C GLY B 780 7.11 0.04 -13.80
N VAL B 781 6.94 -1.26 -14.00
CA VAL B 781 7.57 -2.26 -13.15
C VAL B 781 9.10 -2.21 -13.20
N PRO B 782 9.77 -2.11 -12.00
CA PRO B 782 11.23 -2.21 -11.97
C PRO B 782 11.71 -3.60 -12.47
N LYS B 783 12.86 -3.67 -13.14
CA LYS B 783 13.31 -4.94 -13.72
C LYS B 783 13.81 -5.98 -12.69
N GLU B 784 14.07 -5.55 -11.44
CA GLU B 784 14.30 -6.51 -10.31
C GLU B 784 13.22 -7.59 -10.37
N VAL B 785 12.02 -7.13 -10.70
CA VAL B 785 10.79 -7.89 -10.65
C VAL B 785 10.50 -8.55 -12.00
N ILE B 786 10.51 -7.77 -13.09
CA ILE B 786 10.21 -8.30 -14.43
C ILE B 786 11.09 -9.49 -14.79
N LYS B 787 12.37 -9.42 -14.40
CA LYS B 787 13.32 -10.52 -14.63
C LYS B 787 13.20 -11.66 -13.62
N ARG B 788 12.74 -11.38 -12.41
CA ARG B 788 12.39 -12.46 -11.49
C ARG B 788 11.13 -13.14 -12.01
N ALA B 789 10.28 -12.36 -12.68
CA ALA B 789 9.06 -12.86 -13.32
C ALA B 789 9.33 -13.83 -14.44
N ARG B 790 10.16 -13.40 -15.38
CA ARG B 790 10.50 -14.22 -16.51
C ARG B 790 11.43 -15.40 -16.13
N GLN B 791 12.17 -15.25 -15.02
CA GLN B 791 13.05 -16.31 -14.47
C GLN B 791 12.19 -17.43 -13.83
N LYS B 792 11.10 -17.05 -13.19
CA LYS B 792 10.13 -18.00 -12.71
C LYS B 792 9.15 -18.46 -13.83
N LEU B 793 8.82 -17.58 -14.78
CA LEU B 793 7.83 -17.87 -15.84
C LEU B 793 8.15 -19.15 -16.60
N ARG B 794 9.44 -19.32 -16.92
CA ARG B 794 9.92 -20.48 -17.67
C ARG B 794 10.45 -21.61 -16.77
N GLU B 795 10.37 -21.42 -15.45
CA GLU B 795 10.38 -22.54 -14.50
C GLU B 795 8.98 -23.20 -14.56
N LEU B 796 7.95 -22.37 -14.62
CA LEU B 796 6.55 -22.83 -14.68
C LEU B 796 6.15 -23.34 -16.06
N GLU B 797 6.43 -22.53 -17.09
CA GLU B 797 6.11 -22.88 -18.47
C GLU B 797 6.95 -24.05 -19.03
N SER B 798 7.98 -24.50 -18.29
CA SER B 798 8.79 -25.69 -18.68
C SER B 798 8.15 -27.03 -18.30
N ILE B 799 7.01 -26.97 -17.61
CA ILE B 799 6.15 -28.13 -17.38
C ILE B 799 5.09 -28.18 -18.50
N SER B 800 4.43 -27.04 -18.72
CA SER B 800 3.49 -26.85 -19.83
C SER B 800 3.61 -25.45 -20.42
N VAL C 40 -46.50 -16.69 28.51
CA VAL C 40 -45.89 -16.08 27.32
C VAL C 40 -46.91 -15.27 26.54
N GLU C 41 -47.46 -14.25 27.18
CA GLU C 41 -48.48 -13.47 26.48
C GLU C 41 -47.93 -12.21 25.88
N ARG C 42 -47.25 -11.38 26.68
CA ARG C 42 -46.61 -10.15 26.14
C ARG C 42 -45.17 -10.44 25.61
N PRO C 43 -44.60 -9.53 24.76
CA PRO C 43 -43.17 -9.68 24.39
C PRO C 43 -42.28 -9.43 25.60
N ALA C 44 -42.70 -8.55 26.49
CA ALA C 44 -42.03 -8.30 27.76
C ALA C 44 -41.75 -9.56 28.54
N SER C 45 -42.71 -10.48 28.57
CA SER C 45 -42.59 -11.74 29.34
C SER C 45 -41.61 -12.69 28.67
N VAL C 46 -41.69 -12.84 27.35
CA VAL C 46 -40.75 -13.70 26.60
C VAL C 46 -39.33 -13.17 26.71
N VAL C 47 -39.21 -11.85 26.68
CA VAL C 47 -37.94 -11.17 26.93
C VAL C 47 -37.40 -11.52 28.31
N LYS C 48 -38.17 -11.21 29.37
CA LYS C 48 -37.70 -11.36 30.75
C LYS C 48 -37.19 -12.75 31.04
N GLU C 49 -37.95 -13.76 30.64
CA GLU C 49 -37.57 -15.15 30.87
C GLU C 49 -36.30 -15.55 30.14
N LEU C 50 -36.23 -15.26 28.85
CA LEU C 50 -35.08 -15.66 28.04
C LEU C 50 -33.83 -14.82 28.33
N VAL C 51 -34.03 -13.64 28.93
CA VAL C 51 -32.93 -12.84 29.50
C VAL C 51 -32.36 -13.53 30.75
N GLU C 52 -33.24 -14.11 31.56
CA GLU C 52 -32.83 -14.82 32.78
C GLU C 52 -32.31 -16.25 32.54
N ASN C 53 -32.57 -16.80 31.35
CA ASN C 53 -31.96 -18.09 30.96
C ASN C 53 -30.43 -18.03 30.87
N SER C 54 -29.94 -16.89 30.37
CA SER C 54 -28.53 -16.63 30.24
C SER C 54 -27.89 -16.27 31.59
N LEU C 55 -28.58 -15.48 32.40
CA LEU C 55 -28.12 -15.18 33.77
C LEU C 55 -27.86 -16.44 34.58
N ASP C 56 -28.75 -17.41 34.46
CA ASP C 56 -28.64 -18.72 35.13
C ASP C 56 -27.46 -19.52 34.58
N ALA C 57 -27.07 -19.25 33.34
CA ALA C 57 -25.86 -19.80 32.74
C ALA C 57 -24.56 -19.00 33.07
N GLY C 58 -24.61 -18.17 34.12
CA GLY C 58 -23.44 -17.45 34.66
C GLY C 58 -22.98 -16.30 33.78
N ALA C 59 -23.94 -15.57 33.19
CA ALA C 59 -23.60 -14.60 32.14
C ALA C 59 -23.08 -13.27 32.68
N THR C 60 -22.09 -12.73 31.98
CA THR C 60 -21.55 -11.36 32.20
C THR C 60 -21.91 -10.38 31.09
N ARG C 61 -22.28 -10.88 29.91
CA ARG C 61 -22.62 -10.00 28.79
C ARG C 61 -23.86 -10.49 28.11
N ILE C 62 -24.80 -9.57 27.91
CA ILE C 62 -26.07 -9.91 27.30
C ILE C 62 -26.46 -8.81 26.33
N ASP C 63 -26.55 -9.18 25.06
CA ASP C 63 -27.10 -8.30 24.04
C ASP C 63 -28.59 -8.62 23.87
N ILE C 64 -29.41 -7.57 23.89
CA ILE C 64 -30.83 -7.70 23.66
C ILE C 64 -31.33 -6.71 22.61
N ASP C 65 -31.82 -7.24 21.49
CA ASP C 65 -32.25 -6.41 20.36
C ASP C 65 -33.71 -6.67 19.98
N ILE C 66 -34.43 -5.59 19.68
CA ILE C 66 -35.85 -5.63 19.32
C ILE C 66 -36.16 -4.76 18.11
N GLU C 67 -37.20 -5.12 17.37
CA GLU C 67 -37.86 -4.22 16.44
C GLU C 67 -39.36 -4.29 16.60
N ARG C 68 -40.01 -3.13 16.51
CA ARG C 68 -41.46 -3.04 16.48
C ARG C 68 -42.18 -3.62 17.70
N GLY C 69 -41.87 -3.07 18.88
CA GLY C 69 -42.48 -3.47 20.14
C GLY C 69 -42.27 -4.92 20.57
N GLY C 70 -41.43 -5.64 19.82
CA GLY C 70 -41.27 -7.08 20.01
C GLY C 70 -42.03 -7.90 18.99
N ALA C 71 -43.03 -7.32 18.33
CA ALA C 71 -43.86 -8.04 17.38
C ALA C 71 -42.94 -8.73 16.39
N LYS C 72 -42.18 -7.95 15.63
CA LYS C 72 -41.39 -8.47 14.50
C LYS C 72 -40.05 -9.14 14.82
N LEU C 73 -39.19 -8.50 15.63
CA LEU C 73 -37.86 -9.04 15.99
C LEU C 73 -37.61 -9.09 17.47
N ILE C 74 -36.98 -10.18 17.92
CA ILE C 74 -36.31 -10.27 19.20
C ILE C 74 -35.02 -11.08 19.09
N ARG C 75 -33.91 -10.50 19.53
CA ARG C 75 -32.58 -11.15 19.43
C ARG C 75 -31.86 -11.14 20.79
N ILE C 76 -31.55 -12.33 21.30
CA ILE C 76 -30.80 -12.48 22.54
C ILE C 76 -29.50 -13.18 22.29
N ARG C 77 -28.39 -12.53 22.67
CA ARG C 77 -27.06 -13.13 22.60
C ARG C 77 -26.44 -13.09 24.00
N ASP C 78 -25.82 -14.20 24.40
CA ASP C 78 -25.26 -14.33 25.74
C ASP C 78 -23.92 -14.98 25.73
N ASN C 79 -23.14 -14.73 26.79
CA ASN C 79 -21.86 -15.39 26.98
C ASN C 79 -21.92 -16.52 27.98
N GLY C 80 -23.11 -16.79 28.52
CA GLY C 80 -23.30 -17.96 29.38
C GLY C 80 -22.99 -19.22 28.59
N SER C 81 -22.69 -20.31 29.28
CA SER C 81 -22.29 -21.57 28.62
C SER C 81 -23.28 -22.03 27.55
N GLY C 82 -22.83 -22.91 26.66
CA GLY C 82 -23.59 -23.23 25.46
C GLY C 82 -24.28 -24.56 25.40
N ILE C 83 -24.86 -24.84 24.23
CA ILE C 83 -25.71 -26.01 23.99
C ILE C 83 -25.08 -26.89 22.95
N LYS C 84 -24.81 -28.14 23.30
CA LYS C 84 -24.14 -29.07 22.36
C LYS C 84 -25.06 -29.44 21.20
N LYS C 85 -24.48 -30.01 20.14
CA LYS C 85 -25.24 -30.26 18.90
C LYS C 85 -26.38 -31.30 19.01
N ASP C 86 -26.25 -32.25 19.95
CA ASP C 86 -27.33 -33.23 20.28
C ASP C 86 -28.55 -32.56 20.97
N GLU C 87 -28.24 -31.69 21.92
CA GLU C 87 -29.24 -31.05 22.78
C GLU C 87 -30.07 -29.98 22.05
N LEU C 88 -29.58 -29.50 20.90
CA LEU C 88 -30.28 -28.45 20.13
C LEU C 88 -31.58 -28.91 19.51
N ALA C 89 -31.53 -30.06 18.83
CA ALA C 89 -32.65 -30.55 18.02
C ALA C 89 -33.95 -30.76 18.82
N LEU C 90 -33.91 -31.68 19.78
CA LEU C 90 -35.09 -32.10 20.55
C LEU C 90 -35.60 -31.11 21.61
N ALA C 91 -34.80 -30.11 21.98
CA ALA C 91 -35.23 -29.03 22.87
C ALA C 91 -36.41 -28.26 22.30
N LEU C 92 -36.63 -28.38 20.99
CA LEU C 92 -37.74 -27.74 20.28
C LEU C 92 -38.67 -28.70 19.53
N ALA C 93 -38.12 -29.62 18.75
CA ALA C 93 -38.92 -30.62 18.00
C ALA C 93 -39.41 -31.70 18.93
N ILE C 100 -44.00 -33.41 19.40
CA ILE C 100 -42.83 -33.38 20.31
C ILE C 100 -42.20 -34.81 20.42
N ALA C 101 -42.53 -35.70 19.46
CA ALA C 101 -42.11 -37.11 19.49
C ALA C 101 -40.59 -37.43 19.36
N SER C 102 -39.75 -36.42 19.08
CA SER C 102 -38.28 -36.60 18.95
C SER C 102 -37.54 -36.87 20.29
N LEU C 103 -38.28 -36.77 21.41
CA LEU C 103 -37.79 -37.08 22.75
C LEU C 103 -37.70 -38.58 23.02
N ASP C 104 -38.63 -39.38 22.46
CA ASP C 104 -38.85 -40.81 22.79
C ASP C 104 -37.59 -41.66 23.02
N ASP C 105 -36.78 -41.76 21.97
CA ASP C 105 -35.59 -42.63 21.95
C ASP C 105 -34.41 -42.10 22.77
N LEU C 106 -34.21 -40.78 22.71
CA LEU C 106 -33.08 -40.12 23.36
C LEU C 106 -33.19 -40.10 24.89
N GLU C 107 -32.13 -40.60 25.54
CA GLU C 107 -32.11 -41.02 26.95
C GLU C 107 -31.94 -39.87 27.96
N ALA C 108 -33.00 -39.10 28.14
CA ALA C 108 -33.04 -38.06 29.15
C ALA C 108 -31.82 -37.16 29.07
N ILE C 109 -31.66 -36.52 27.92
CA ILE C 109 -30.71 -35.43 27.76
C ILE C 109 -31.48 -34.11 27.72
N ILE C 110 -32.80 -34.23 27.61
CA ILE C 110 -33.71 -33.15 27.97
C ILE C 110 -33.27 -32.48 29.28
N SER C 111 -32.66 -33.26 30.18
CA SER C 111 -32.11 -32.79 31.47
C SER C 111 -31.37 -31.47 31.38
N LEU C 112 -30.36 -31.40 30.54
CA LEU C 112 -29.58 -30.17 30.44
C LEU C 112 -30.36 -29.17 29.59
N GLY C 113 -31.09 -28.28 30.25
CA GLY C 113 -31.89 -27.27 29.56
C GLY C 113 -33.21 -26.98 30.22
N PHE C 114 -33.21 -26.11 31.23
CA PHE C 114 -34.46 -25.57 31.81
C PHE C 114 -34.97 -24.37 31.01
N ARG C 115 -34.11 -23.78 30.18
CA ARG C 115 -34.57 -22.89 29.12
C ARG C 115 -35.31 -23.73 28.06
N GLY C 116 -34.80 -24.95 27.83
CA GLY C 116 -35.45 -25.91 26.94
C GLY C 116 -36.94 -26.11 27.21
N GLU C 117 -37.33 -25.94 28.48
CA GLU C 117 -38.74 -25.93 28.82
C GLU C 117 -39.42 -24.70 28.23
N ALA C 118 -38.84 -23.53 28.46
CA ALA C 118 -39.36 -22.26 27.95
C ALA C 118 -39.33 -22.18 26.42
N LEU C 119 -38.32 -22.80 25.82
CA LEU C 119 -38.17 -22.78 24.37
C LEU C 119 -39.24 -23.59 23.68
N ALA C 120 -39.48 -24.80 24.18
CA ALA C 120 -40.41 -25.72 23.54
C ALA C 120 -41.78 -25.13 23.29
N SER C 121 -42.27 -24.36 24.27
CA SER C 121 -43.59 -23.72 24.19
C SER C 121 -43.62 -22.66 23.08
N ILE C 122 -42.53 -21.91 22.97
CA ILE C 122 -42.41 -20.82 22.02
C ILE C 122 -42.40 -21.37 20.60
N SER C 123 -41.69 -22.47 20.44
CA SER C 123 -41.29 -22.97 19.11
C SER C 123 -42.36 -23.58 18.20
N SER C 124 -43.35 -24.24 18.78
CA SER C 124 -44.34 -24.97 17.98
C SER C 124 -45.17 -24.05 17.07
N VAL C 125 -45.40 -22.82 17.57
CA VAL C 125 -46.28 -21.86 16.92
C VAL C 125 -45.51 -20.60 16.55
N SER C 126 -44.29 -20.75 16.01
CA SER C 126 -43.46 -19.62 15.64
C SER C 126 -42.34 -19.86 14.60
N ARG C 127 -41.58 -18.79 14.37
CA ARG C 127 -40.45 -18.75 13.49
C ARG C 127 -39.19 -18.53 14.31
N LEU C 128 -38.71 -19.57 14.97
CA LEU C 128 -37.59 -19.46 15.92
C LEU C 128 -36.22 -19.87 15.29
N THR C 129 -35.14 -19.22 15.70
CA THR C 129 -33.77 -19.60 15.28
C THR C 129 -32.78 -19.63 16.44
N LEU C 130 -32.45 -20.83 16.89
CA LEU C 130 -31.41 -21.02 17.87
C LEU C 130 -30.10 -21.23 17.17
N THR C 131 -29.02 -20.65 17.71
CA THR C 131 -27.63 -20.90 17.20
C THR C 131 -26.59 -20.77 18.31
N SER C 132 -25.71 -21.74 18.41
CA SER C 132 -24.82 -21.81 19.56
C SER C 132 -23.63 -22.71 19.38
N ARG C 133 -22.52 -22.25 19.93
CA ARG C 133 -21.26 -22.98 20.03
C ARG C 133 -20.98 -23.13 21.50
N THR C 134 -20.62 -24.34 21.89
CA THR C 134 -20.35 -24.63 23.27
C THR C 134 -19.02 -24.06 23.70
N ALA C 135 -18.89 -23.81 25.00
CA ALA C 135 -17.60 -23.52 25.60
C ALA C 135 -16.60 -24.67 25.33
N GLU C 136 -17.11 -25.90 25.30
CA GLU C 136 -16.30 -27.06 24.93
C GLU C 136 -15.88 -27.01 23.49
N GLN C 137 -14.57 -27.08 23.19
CA GLN C 137 -14.06 -26.91 21.81
C GLN C 137 -14.96 -27.64 20.76
N GLN C 138 -15.73 -26.85 20.01
CA GLN C 138 -16.70 -27.36 19.01
C GLN C 138 -16.67 -26.35 17.86
N GLU C 139 -17.41 -26.62 16.80
CA GLU C 139 -17.85 -25.59 15.85
C GLU C 139 -19.30 -25.19 16.24
N ALA C 140 -19.76 -24.01 15.79
CA ALA C 140 -21.12 -23.56 16.09
C ALA C 140 -22.22 -24.29 15.29
N TRP C 141 -23.33 -24.61 15.94
CA TRP C 141 -24.47 -25.25 15.29
C TRP C 141 -25.79 -24.47 15.53
N GLN C 142 -26.81 -24.73 14.72
CA GLN C 142 -27.95 -23.82 14.51
C GLN C 142 -29.28 -24.53 14.14
N ALA C 143 -30.40 -23.99 14.62
CA ALA C 143 -31.76 -24.47 14.31
C ALA C 143 -32.67 -23.33 13.84
N TYR C 144 -33.52 -23.60 12.85
CA TYR C 144 -34.30 -22.59 12.11
C TYR C 144 -35.77 -22.89 12.02
N ALA C 145 -36.59 -21.84 11.95
CA ALA C 145 -38.05 -21.99 11.75
C ALA C 145 -38.75 -22.95 12.78
N VAL C 152 -37.12 -25.97 9.76
CA VAL C 152 -36.54 -27.26 10.17
C VAL C 152 -35.29 -27.63 9.32
N THR C 153 -34.22 -26.89 9.61
CA THR C 153 -32.88 -27.36 9.32
C THR C 153 -31.93 -27.17 10.49
N VAL C 154 -31.19 -28.23 10.81
CA VAL C 154 -29.99 -28.14 11.68
C VAL C 154 -28.71 -28.24 10.83
N LYS C 155 -27.89 -27.19 10.90
CA LYS C 155 -26.58 -27.13 10.20
C LYS C 155 -25.65 -26.24 11.02
N PRO C 156 -24.35 -26.28 10.75
CA PRO C 156 -23.51 -25.35 11.46
C PRO C 156 -23.57 -23.92 10.91
N ALA C 157 -23.38 -22.93 11.77
CA ALA C 157 -22.93 -21.59 11.32
C ALA C 157 -21.89 -21.13 12.31
N ALA C 158 -21.63 -19.84 12.44
CA ALA C 158 -20.51 -19.38 13.27
C ALA C 158 -20.95 -18.56 14.42
N HIS C 159 -20.28 -18.70 15.57
CA HIS C 159 -20.62 -17.91 16.76
C HIS C 159 -19.58 -18.05 17.86
N PRO C 160 -19.43 -17.02 18.74
CA PRO C 160 -18.57 -17.11 19.92
C PRO C 160 -19.10 -18.00 21.03
N VAL C 161 -18.35 -18.09 22.12
CA VAL C 161 -18.70 -18.95 23.27
C VAL C 161 -19.98 -18.48 23.91
N GLY C 162 -21.08 -19.17 23.60
CA GLY C 162 -22.39 -18.79 24.11
C GLY C 162 -23.54 -19.18 23.20
N THR C 163 -24.57 -18.33 23.18
CA THR C 163 -25.83 -18.68 22.52
C THR C 163 -26.57 -17.45 22.02
N THR C 164 -27.24 -17.60 20.89
CA THR C 164 -28.04 -16.54 20.28
C THR C 164 -29.42 -17.05 19.86
N LEU C 165 -30.45 -16.22 20.03
CA LEU C 165 -31.80 -16.55 19.65
C LEU C 165 -32.44 -15.45 18.83
N GLU C 166 -32.83 -15.79 17.60
CA GLU C 166 -33.46 -14.86 16.67
C GLU C 166 -34.93 -15.31 16.42
N VAL C 167 -35.88 -14.36 16.30
CA VAL C 167 -37.33 -14.68 16.20
C VAL C 167 -38.22 -13.71 15.37
N LEU C 168 -39.18 -14.26 14.63
CA LEU C 168 -40.32 -13.49 14.08
C LEU C 168 -41.63 -13.79 14.71
N ASP C 169 -42.44 -12.73 14.81
CA ASP C 169 -43.59 -12.61 15.77
C ASP C 169 -44.21 -13.91 16.23
N LEU C 170 -44.08 -14.17 17.53
CA LEU C 170 -44.17 -15.52 18.12
C LEU C 170 -45.32 -16.38 17.59
N PHE C 171 -46.54 -15.97 17.87
CA PHE C 171 -47.69 -16.64 17.31
C PHE C 171 -47.52 -16.46 15.80
N TYR C 172 -47.49 -17.55 15.03
CA TYR C 172 -47.58 -17.47 13.56
C TYR C 172 -48.85 -18.01 12.89
N ASN C 173 -49.66 -18.80 13.59
CA ASN C 173 -50.99 -19.19 13.05
C ASN C 173 -52.19 -18.89 13.96
N THR C 174 -51.97 -18.24 15.10
CA THR C 174 -53.08 -17.86 15.97
C THR C 174 -53.59 -16.50 15.55
N PRO C 175 -54.83 -16.42 15.04
CA PRO C 175 -55.31 -15.17 14.46
C PRO C 175 -55.40 -14.02 15.47
N ALA C 176 -55.87 -14.32 16.67
CA ALA C 176 -56.21 -13.31 17.62
C ALA C 176 -55.06 -12.93 18.53
N ARG C 177 -54.45 -13.89 19.21
CA ARG C 177 -53.45 -13.59 20.24
C ARG C 177 -52.42 -12.62 19.72
N ARG C 178 -52.22 -12.61 18.40
CA ARG C 178 -51.45 -11.57 17.71
C ARG C 178 -52.25 -10.28 17.60
N LYS C 179 -53.42 -10.35 17.00
CA LYS C 179 -54.31 -9.19 16.87
C LYS C 179 -54.42 -8.39 18.18
N PHE C 180 -54.22 -9.04 19.31
CA PHE C 180 -54.26 -8.40 20.62
C PHE C 180 -52.99 -7.63 20.91
N LEU C 181 -51.86 -8.22 20.55
CA LEU C 181 -50.52 -7.84 21.10
C LEU C 181 -50.25 -6.36 21.09
N ARG C 182 -50.15 -5.81 22.30
CA ARG C 182 -50.47 -4.40 22.56
C ARG C 182 -49.60 -3.44 21.80
N THR C 183 -50.22 -2.35 21.35
CA THR C 183 -49.56 -1.25 20.68
C THR C 183 -48.15 -1.63 20.12
N GLU C 184 -47.17 -0.76 20.32
CA GLU C 184 -45.82 -0.91 19.75
C GLU C 184 -44.90 -0.17 20.71
N LYS C 185 -45.18 1.09 20.86
CA LYS C 185 -44.52 2.02 21.76
C LYS C 185 -44.52 1.48 23.17
N THR C 186 -45.69 1.09 23.66
CA THR C 186 -45.84 0.71 25.05
C THR C 186 -45.13 -0.61 25.33
N GLU C 187 -45.14 -1.52 24.35
CA GLU C 187 -44.48 -2.78 24.55
C GLU C 187 -43.01 -2.60 24.82
N PHE C 188 -42.38 -1.65 24.13
CA PHE C 188 -40.97 -1.35 24.39
C PHE C 188 -40.77 -0.71 25.73
N ASN C 189 -41.65 0.23 26.07
CA ASN C 189 -41.55 0.93 27.33
C ASN C 189 -41.64 -0.06 28.49
N HIS C 190 -42.39 -1.14 28.29
CA HIS C 190 -42.45 -2.25 29.26
C HIS C 190 -41.14 -3.03 29.23
N ILE C 191 -40.69 -3.44 28.03
CA ILE C 191 -39.43 -4.14 27.94
C ILE C 191 -38.32 -3.31 28.60
N ASP C 192 -38.35 -1.99 28.35
CA ASP C 192 -37.38 -1.06 28.91
C ASP C 192 -37.31 -1.19 30.42
N GLU C 193 -38.46 -1.37 31.03
CA GLU C 193 -38.53 -1.60 32.48
C GLU C 193 -38.01 -3.00 32.84
N ILE C 194 -38.31 -4.02 32.03
CA ILE C 194 -37.86 -5.40 32.31
C ILE C 194 -36.38 -5.42 32.53
N ILE C 195 -35.67 -4.78 31.60
CA ILE C 195 -34.21 -4.71 31.65
C ILE C 195 -33.77 -3.84 32.82
N ARG C 196 -34.48 -2.74 33.06
CA ARG C 196 -34.15 -1.82 34.15
C ARG C 196 -34.21 -2.51 35.50
N ARG C 197 -35.22 -3.36 35.68
CA ARG C 197 -35.35 -4.16 36.91
C ARG C 197 -34.17 -5.12 37.08
N ILE C 198 -33.93 -5.95 36.05
CA ILE C 198 -32.90 -7.00 36.13
C ILE C 198 -31.53 -6.37 36.20
N ALA C 199 -31.41 -5.16 35.67
CA ALA C 199 -30.15 -4.42 35.68
C ALA C 199 -29.67 -4.11 37.08
N LEU C 200 -30.58 -3.58 37.93
CA LEU C 200 -30.21 -3.25 39.32
C LEU C 200 -30.05 -4.48 40.17
N ALA C 201 -30.67 -5.56 39.75
CA ALA C 201 -30.53 -6.87 40.41
C ALA C 201 -29.16 -7.49 40.18
N ARG C 202 -28.56 -7.20 39.03
CA ARG C 202 -27.25 -7.77 38.66
C ARG C 202 -26.24 -6.67 38.14
N PHE C 203 -25.43 -6.12 39.05
CA PHE C 203 -24.40 -5.14 38.67
C PHE C 203 -23.22 -5.80 37.97
N ASP C 204 -23.22 -7.13 37.94
CA ASP C 204 -22.14 -7.91 37.34
C ASP C 204 -22.35 -8.30 35.88
N VAL C 205 -23.48 -7.95 35.28
CA VAL C 205 -23.73 -8.34 33.89
C VAL C 205 -23.94 -7.11 32.98
N THR C 206 -23.14 -7.02 31.91
CA THR C 206 -23.24 -5.94 30.93
C THR C 206 -24.36 -6.22 29.96
N ILE C 207 -25.25 -5.24 29.84
CA ILE C 207 -26.44 -5.39 29.02
C ILE C 207 -26.57 -4.24 28.06
N ASN C 208 -26.79 -4.61 26.80
CA ASN C 208 -27.05 -3.66 25.76
C ASN C 208 -28.44 -3.87 25.21
N LEU C 209 -29.28 -2.86 25.40
CA LEU C 209 -30.61 -2.84 24.84
C LEU C 209 -30.64 -1.93 23.63
N SER C 210 -31.17 -2.45 22.52
CA SER C 210 -31.37 -1.65 21.32
C SER C 210 -32.77 -1.83 20.79
N HIS C 211 -33.21 -0.85 19.99
CA HIS C 211 -34.53 -0.90 19.37
C HIS C 211 -34.44 -0.40 17.92
N ASN C 212 -34.93 -1.21 16.99
CA ASN C 212 -34.96 -0.89 15.56
C ASN C 212 -33.58 -0.56 14.96
N GLY C 213 -32.58 -1.37 15.36
CA GLY C 213 -31.19 -1.18 14.91
C GLY C 213 -30.41 -0.20 15.77
N LYS C 214 -31.13 0.74 16.41
CA LYS C 214 -30.51 1.83 17.16
C LYS C 214 -30.32 1.51 18.66
N ILE C 215 -29.11 1.74 19.13
CA ILE C 215 -28.78 1.61 20.56
C ILE C 215 -29.62 2.55 21.40
N VAL C 216 -30.19 2.02 22.46
CA VAL C 216 -30.96 2.82 23.38
C VAL C 216 -30.26 2.92 24.74
N ARG C 217 -29.95 1.78 25.32
CA ARG C 217 -29.40 1.70 26.68
C ARG C 217 -28.21 0.75 26.83
N GLN C 218 -27.15 1.25 27.45
CA GLN C 218 -25.88 0.53 27.60
C GLN C 218 -25.48 0.50 29.06
N TYR C 219 -25.78 -0.60 29.71
CA TYR C 219 -25.45 -0.78 31.12
C TYR C 219 -24.15 -1.53 31.23
N ARG C 220 -23.08 -0.82 31.59
CA ARG C 220 -21.81 -1.48 31.83
C ARG C 220 -21.77 -2.18 33.15
N ALA C 221 -21.20 -3.39 33.15
CA ALA C 221 -20.93 -4.13 34.35
C ALA C 221 -19.83 -3.45 35.10
N VAL C 222 -20.06 -3.18 36.37
CA VAL C 222 -19.10 -2.53 37.24
C VAL C 222 -18.04 -3.54 37.67
N PRO C 223 -16.75 -3.15 37.66
CA PRO C 223 -15.73 -4.09 38.09
C PRO C 223 -15.96 -4.50 39.53
N GLU C 224 -15.50 -5.71 39.87
CA GLU C 224 -15.62 -6.23 41.21
C GLU C 224 -14.86 -5.32 42.17
N GLY C 225 -15.59 -4.84 43.19
CA GLY C 225 -15.06 -3.83 44.10
C GLY C 225 -14.92 -2.48 43.43
N GLY C 226 -15.85 -2.15 42.54
CA GLY C 226 -15.72 -0.95 41.71
C GLY C 226 -16.64 0.19 42.07
N GLN C 227 -16.62 1.19 41.20
CA GLN C 227 -17.44 2.41 41.32
C GLN C 227 -18.85 2.10 40.84
N LYS C 228 -19.76 1.87 41.79
CA LYS C 228 -21.13 1.49 41.49
C LYS C 228 -22.03 2.68 41.20
N GLU C 229 -21.51 3.89 41.41
CA GLU C 229 -22.28 5.13 41.17
C GLU C 229 -22.51 5.32 39.67
N ARG C 230 -21.58 4.78 38.88
CA ARG C 230 -21.66 4.80 37.42
C ARG C 230 -22.96 4.21 36.92
N ARG C 231 -23.23 3.00 37.37
CA ARG C 231 -24.35 2.20 36.89
C ARG C 231 -25.69 2.70 37.46
N LEU C 232 -25.64 3.27 38.67
CA LEU C 232 -26.80 3.83 39.37
C LEU C 232 -27.38 5.07 38.65
N GLY C 233 -26.49 5.94 38.14
CA GLY C 233 -26.91 7.10 37.37
C GLY C 233 -27.45 6.74 36.00
N ALA C 234 -26.86 5.69 35.40
CA ALA C 234 -27.25 5.21 34.07
C ALA C 234 -28.68 4.65 34.03
N ILE C 235 -29.03 3.92 35.06
CA ILE C 235 -30.33 3.26 35.16
C ILE C 235 -31.47 4.20 35.68
N LEU C 236 -31.15 5.04 36.67
CA LEU C 236 -32.13 5.87 37.38
C LEU C 236 -32.01 7.38 37.10
N GLY C 237 -31.24 7.73 36.08
CA GLY C 237 -31.01 9.12 35.74
C GLY C 237 -30.05 9.78 36.71
N THR C 238 -29.59 10.96 36.30
CA THR C 238 -28.64 11.74 37.08
C THR C 238 -29.29 12.42 38.29
N ALA C 239 -30.61 12.65 38.22
CA ALA C 239 -31.33 13.35 39.29
C ALA C 239 -31.29 12.56 40.58
N PHE C 240 -31.54 11.25 40.49
CA PHE C 240 -31.45 10.36 41.64
C PHE C 240 -30.02 10.26 42.14
N LEU C 241 -29.10 10.00 41.21
CA LEU C 241 -27.69 9.79 41.54
C LEU C 241 -27.15 10.85 42.52
N GLU C 242 -27.45 12.12 42.24
CA GLU C 242 -26.92 13.24 43.04
C GLU C 242 -27.60 13.47 44.39
N GLN C 243 -28.72 12.79 44.63
CA GLN C 243 -29.35 12.80 45.93
C GLN C 243 -29.18 11.49 46.69
N ALA C 244 -28.43 10.55 46.11
CA ALA C 244 -28.30 9.20 46.67
C ALA C 244 -27.53 9.21 48.00
N LEU C 245 -28.19 8.79 49.08
CA LEU C 245 -27.56 8.58 50.39
C LEU C 245 -27.52 7.09 50.66
N ALA C 246 -26.31 6.53 50.64
CA ALA C 246 -26.12 5.10 50.79
C ALA C 246 -26.52 4.62 52.17
N ILE C 247 -26.73 3.32 52.26
CA ILE C 247 -27.11 2.68 53.52
C ILE C 247 -26.35 1.39 53.73
N GLU C 248 -25.87 1.20 54.97
CA GLU C 248 -25.14 -0.01 55.36
C GLU C 248 -25.51 -0.40 56.80
N TRP C 249 -26.48 -1.32 56.93
CA TRP C 249 -26.94 -1.79 58.23
C TRP C 249 -26.69 -3.29 58.37
N GLN C 250 -26.53 -3.75 59.61
CA GLN C 250 -26.11 -5.13 59.84
C GLN C 250 -26.40 -5.61 61.26
N HIS C 251 -27.26 -6.63 61.39
CA HIS C 251 -27.52 -7.32 62.65
C HIS C 251 -27.58 -8.83 62.49
N GLY C 252 -26.51 -9.52 62.90
CA GLY C 252 -26.46 -10.99 62.83
C GLY C 252 -26.42 -11.50 61.39
N ASP C 253 -27.34 -12.41 61.08
CA ASP C 253 -27.47 -12.96 59.72
C ASP C 253 -27.91 -11.94 58.69
N LEU C 254 -28.73 -10.99 59.17
CA LEU C 254 -29.37 -10.00 58.32
C LEU C 254 -28.40 -8.88 57.94
N THR C 255 -28.50 -8.46 56.68
CA THR C 255 -27.62 -7.44 56.14
C THR C 255 -28.37 -6.61 55.08
N LEU C 256 -28.38 -5.29 55.26
CA LEU C 256 -29.07 -4.34 54.38
C LEU C 256 -28.14 -3.28 53.74
N ARG C 257 -28.03 -3.30 52.41
CA ARG C 257 -27.17 -2.39 51.63
C ARG C 257 -27.99 -1.66 50.56
N GLY C 258 -27.54 -0.46 50.16
CA GLY C 258 -28.15 0.27 49.06
C GLY C 258 -28.12 1.78 49.14
N TRP C 259 -29.14 2.42 48.60
CA TRP C 259 -29.28 3.90 48.50
C TRP C 259 -30.71 4.39 48.77
N VAL C 260 -30.84 5.61 49.27
CA VAL C 260 -32.13 6.27 49.54
C VAL C 260 -32.02 7.76 49.24
N ALA C 261 -32.87 8.27 48.34
CA ALA C 261 -32.85 9.70 47.97
C ALA C 261 -33.25 10.55 49.15
N ASP C 262 -32.45 11.56 49.49
CA ASP C 262 -32.71 12.44 50.64
C ASP C 262 -34.12 13.02 50.49
N PRO C 263 -34.99 12.77 51.48
CA PRO C 263 -36.38 13.28 51.45
C PRO C 263 -36.43 14.80 51.31
N ASN C 264 -35.50 15.48 51.96
CA ASN C 264 -35.42 16.93 51.91
C ASN C 264 -35.39 17.47 50.46
N HIS C 265 -34.66 16.79 49.58
CA HIS C 265 -34.54 17.20 48.18
C HIS C 265 -35.19 16.20 47.22
N THR C 266 -36.25 15.51 47.66
CA THR C 266 -37.00 14.58 46.82
C THR C 266 -38.18 15.31 46.17
N THR C 267 -38.17 15.33 44.84
CA THR C 267 -39.12 16.07 44.02
C THR C 267 -40.09 15.10 43.30
N PRO C 268 -41.07 15.62 42.54
CA PRO C 268 -41.99 14.77 41.76
C PRO C 268 -41.34 13.82 40.74
N ALA C 269 -40.22 14.23 40.16
CA ALA C 269 -39.51 13.38 39.20
C ALA C 269 -38.88 12.18 39.90
N LEU C 270 -38.27 12.40 41.07
CA LEU C 270 -37.54 11.35 41.83
C LEU C 270 -38.44 10.27 42.42
N ALA C 271 -39.65 10.66 42.82
CA ALA C 271 -40.57 9.76 43.51
C ALA C 271 -40.93 8.46 42.75
N GLU C 272 -40.60 8.39 41.45
CA GLU C 272 -40.90 7.20 40.62
C GLU C 272 -40.05 5.96 40.88
N ILE C 273 -39.09 6.07 41.81
CA ILE C 273 -38.11 5.04 42.05
C ILE C 273 -38.32 4.31 43.35
N GLN C 274 -38.96 3.15 43.28
CA GLN C 274 -39.22 2.33 44.46
C GLN C 274 -39.08 0.88 44.08
N TYR C 275 -37.92 0.31 44.37
CA TYR C 275 -37.65 -1.09 44.04
C TYR C 275 -37.01 -1.82 45.22
N PHE C 276 -37.56 -2.97 45.60
CA PHE C 276 -37.04 -3.73 46.75
C PHE C 276 -36.69 -5.17 46.41
N TYR C 277 -35.46 -5.56 46.73
CA TYR C 277 -34.93 -6.85 46.40
C TYR C 277 -34.43 -7.52 47.62
N VAL C 278 -34.59 -8.83 47.63
CA VAL C 278 -34.26 -9.62 48.79
C VAL C 278 -33.46 -10.80 48.29
N ASN C 279 -32.17 -10.80 48.62
CA ASN C 279 -31.28 -11.83 48.12
C ASN C 279 -31.39 -11.98 46.58
N GLY C 280 -31.62 -10.85 45.91
CA GLY C 280 -31.78 -10.80 44.46
C GLY C 280 -33.21 -10.60 43.98
N ARG C 281 -34.14 -11.29 44.63
CA ARG C 281 -35.51 -11.36 44.14
C ARG C 281 -36.38 -10.22 44.65
N MET C 282 -36.98 -9.50 43.72
CA MET C 282 -38.02 -8.52 44.04
C MET C 282 -39.36 -9.21 44.30
N MET C 283 -39.91 -9.02 45.50
CA MET C 283 -41.34 -9.23 45.73
C MET C 283 -41.87 -7.83 46.08
N ARG C 284 -43.11 -7.54 45.67
CA ARG C 284 -43.84 -6.36 46.14
C ARG C 284 -44.78 -6.90 47.21
N ASP C 285 -44.25 -7.04 48.42
CA ASP C 285 -45.01 -7.45 49.60
C ASP C 285 -45.33 -6.16 50.36
N ARG C 286 -46.60 -5.98 50.68
CA ARG C 286 -47.03 -4.72 51.30
C ARG C 286 -46.36 -4.43 52.67
N LEU C 287 -45.79 -5.44 53.33
CA LEU C 287 -45.14 -5.28 54.66
C LEU C 287 -44.11 -4.18 54.66
N ILE C 288 -43.23 -4.28 53.68
CA ILE C 288 -42.08 -3.42 53.56
C ILE C 288 -42.53 -1.99 53.23
N ASN C 289 -43.68 -1.86 52.55
CA ASN C 289 -44.32 -0.58 52.29
C ASN C 289 -44.44 0.26 53.55
N HIS C 290 -44.86 -0.39 54.63
CA HIS C 290 -44.95 0.23 55.94
C HIS C 290 -43.59 0.65 56.43
N ALA C 291 -42.67 -0.32 56.56
CA ALA C 291 -41.34 -0.09 57.13
C ALA C 291 -40.69 1.21 56.60
N ILE C 292 -40.84 1.44 55.30
CA ILE C 292 -40.22 2.59 54.62
C ILE C 292 -41.08 3.85 54.66
N ARG C 293 -42.41 3.72 54.57
CA ARG C 293 -43.24 4.91 54.68
C ARG C 293 -43.34 5.37 56.12
N GLN C 294 -43.08 4.45 57.04
CA GLN C 294 -42.80 4.78 58.44
C GLN C 294 -41.52 5.58 58.58
N ALA C 295 -40.48 5.15 57.86
CA ALA C 295 -39.18 5.82 57.88
C ALA C 295 -39.17 7.26 57.29
N TYR C 296 -39.93 7.49 56.21
CA TYR C 296 -40.04 8.82 55.57
C TYR C 296 -40.96 9.78 56.34
N GLU C 297 -41.94 9.22 57.04
CA GLU C 297 -42.80 9.97 57.96
C GLU C 297 -42.05 10.41 59.22
N ASP C 298 -41.15 9.55 59.72
CA ASP C 298 -40.48 9.75 61.02
C ASP C 298 -39.29 10.73 61.00
N LYS C 299 -38.65 10.91 59.85
CA LYS C 299 -37.60 11.92 59.70
C LYS C 299 -38.27 13.30 59.53
N LEU C 300 -39.05 13.45 58.45
CA LEU C 300 -39.90 14.63 58.25
C LEU C 300 -41.36 14.23 58.05
N GLY C 301 -42.25 14.90 58.78
CA GLY C 301 -43.68 14.56 58.82
C GLY C 301 -44.39 14.47 57.47
N ALA C 302 -43.97 15.30 56.53
CA ALA C 302 -44.52 15.32 55.17
C ALA C 302 -44.38 13.94 54.55
N ASP C 303 -45.51 13.22 54.47
CA ASP C 303 -45.51 11.89 53.88
C ASP C 303 -45.75 11.99 52.38
N GLN C 304 -44.65 12.18 51.65
CA GLN C 304 -44.62 12.20 50.19
C GLN C 304 -43.89 10.96 49.68
N GLN C 305 -43.98 10.71 48.37
CA GLN C 305 -43.47 9.49 47.77
C GLN C 305 -41.92 9.47 47.76
N PRO C 306 -41.32 8.43 48.37
CA PRO C 306 -39.88 8.30 48.50
C PRO C 306 -39.18 7.81 47.21
N ALA C 307 -37.85 7.79 47.25
CA ALA C 307 -37.01 7.27 46.16
C ALA C 307 -35.89 6.39 46.75
N PHE C 308 -35.89 5.11 46.42
CA PHE C 308 -34.96 4.15 47.02
C PHE C 308 -34.72 2.94 46.13
N VAL C 309 -33.56 2.31 46.35
CA VAL C 309 -33.23 0.99 45.79
C VAL C 309 -32.40 0.24 46.83
N LEU C 310 -32.99 -0.76 47.48
CA LEU C 310 -32.35 -1.41 48.61
C LEU C 310 -32.16 -2.89 48.41
N TYR C 311 -31.08 -3.41 48.99
CA TYR C 311 -30.65 -4.78 48.83
C TYR C 311 -30.56 -5.47 50.20
N LEU C 312 -31.34 -6.53 50.40
CA LEU C 312 -31.36 -7.26 51.66
C LEU C 312 -30.88 -8.72 51.53
N GLU C 313 -30.08 -9.17 52.50
CA GLU C 313 -29.44 -10.48 52.49
C GLU C 313 -29.66 -11.25 53.79
N ILE C 314 -30.54 -12.26 53.77
CA ILE C 314 -30.83 -13.09 54.96
C ILE C 314 -30.93 -14.60 54.66
N ASP C 315 -31.13 -15.44 55.66
CA ASP C 315 -31.35 -16.90 55.41
C ASP C 315 -32.85 -17.41 55.35
N PRO C 316 -33.21 -18.27 54.35
CA PRO C 316 -34.58 -18.66 53.94
C PRO C 316 -35.77 -18.67 54.92
N HIS C 317 -36.71 -17.77 54.66
CA HIS C 317 -37.89 -17.48 55.48
C HIS C 317 -38.85 -16.56 54.70
N GLN C 318 -39.46 -17.13 53.65
CA GLN C 318 -40.41 -16.43 52.75
C GLN C 318 -41.52 -15.68 53.50
N VAL C 319 -41.85 -14.49 53.01
CA VAL C 319 -42.91 -13.64 53.58
C VAL C 319 -43.72 -12.94 52.50
N SER C 335 -40.04 -12.73 60.97
CA SER C 335 -40.80 -12.13 59.90
C SER C 335 -41.22 -10.66 60.19
N ARG C 336 -41.33 -10.35 61.46
CA ARG C 336 -41.35 -8.95 61.99
C ARG C 336 -39.92 -8.53 62.31
N LEU C 337 -39.06 -9.50 62.63
CA LEU C 337 -37.64 -9.28 62.74
C LEU C 337 -37.16 -8.41 61.55
N VAL C 338 -37.53 -8.84 60.34
CA VAL C 338 -37.17 -8.17 59.09
C VAL C 338 -37.72 -6.75 59.02
N HIS C 339 -38.94 -6.55 59.51
CA HIS C 339 -39.60 -5.24 59.47
C HIS C 339 -38.83 -4.10 60.18
N ASP C 340 -38.54 -4.28 61.47
CA ASP C 340 -37.87 -3.24 62.26
C ASP C 340 -36.39 -3.07 61.92
N PHE C 341 -35.79 -4.15 61.45
CA PHE C 341 -34.44 -4.12 60.88
C PHE C 341 -34.34 -3.12 59.74
N ILE C 342 -35.26 -3.23 58.78
CA ILE C 342 -35.35 -2.32 57.63
C ILE C 342 -35.51 -0.88 58.11
N TYR C 343 -36.53 -0.66 58.92
CA TYR C 343 -36.86 0.66 59.43
C TYR C 343 -35.67 1.40 60.06
N GLN C 344 -34.97 0.76 61.00
CA GLN C 344 -33.87 1.40 61.73
C GLN C 344 -32.70 1.76 60.84
N GLY C 345 -32.47 0.94 59.81
CA GLY C 345 -31.41 1.21 58.84
C GLY C 345 -31.57 2.54 58.12
N VAL C 346 -32.78 2.80 57.60
CA VAL C 346 -33.04 3.96 56.74
C VAL C 346 -32.95 5.28 57.49
N LEU C 347 -33.52 5.33 58.68
CA LEU C 347 -33.64 6.57 59.44
C LEU C 347 -32.32 7.17 59.88
N SER C 348 -31.42 6.32 60.37
CA SER C 348 -30.07 6.72 60.75
C SER C 348 -29.40 7.43 59.58
N VAL C 349 -29.56 6.84 58.40
CA VAL C 349 -28.96 7.31 57.15
C VAL C 349 -29.43 8.72 56.76
N LEU C 350 -30.71 9.00 56.97
CA LEU C 350 -31.31 10.28 56.57
C LEU C 350 -30.79 11.44 57.44
N GLN C 351 -30.37 11.12 58.65
CA GLN C 351 -29.77 12.09 59.56
C GLN C 351 -28.26 11.91 59.60
N VAL D 40 8.52 26.81 -45.66
CA VAL D 40 7.78 26.29 -44.48
C VAL D 40 7.93 27.24 -43.28
N GLU D 41 7.44 28.48 -43.43
CA GLU D 41 7.52 29.47 -42.34
C GLU D 41 6.34 29.40 -41.36
N ARG D 42 5.13 29.59 -41.88
CA ARG D 42 3.89 29.58 -41.09
C ARG D 42 3.32 28.14 -40.99
N PRO D 43 2.41 27.89 -40.03
CA PRO D 43 1.66 26.62 -40.05
C PRO D 43 0.71 26.53 -41.26
N ALA D 44 0.15 27.67 -41.66
CA ALA D 44 -0.68 27.77 -42.87
C ALA D 44 -0.01 27.18 -44.09
N SER D 45 1.29 27.44 -44.25
CA SER D 45 2.07 26.95 -45.40
C SER D 45 2.32 25.43 -45.35
N VAL D 46 2.72 24.93 -44.18
CA VAL D 46 2.96 23.48 -43.99
C VAL D 46 1.64 22.73 -44.20
N VAL D 47 0.54 23.33 -43.73
CA VAL D 47 -0.82 22.83 -43.96
C VAL D 47 -1.13 22.73 -45.45
N LYS D 48 -1.10 23.86 -46.15
CA LYS D 48 -1.50 23.90 -47.56
C LYS D 48 -0.77 22.87 -48.42
N GLU D 49 0.56 22.79 -48.27
CA GLU D 49 1.39 21.87 -49.06
C GLU D 49 1.04 20.39 -48.79
N LEU D 50 1.00 20.03 -47.51
CA LEU D 50 0.74 18.64 -47.13
C LEU D 50 -0.74 18.25 -47.35
N VAL D 51 -1.63 19.26 -47.44
CA VAL D 51 -3.02 19.06 -47.87
C VAL D 51 -3.08 18.68 -49.35
N GLU D 52 -2.25 19.35 -50.16
CA GLU D 52 -2.19 19.06 -51.59
C GLU D 52 -1.36 17.83 -51.96
N ASN D 53 -0.56 17.30 -51.03
CA ASN D 53 0.15 16.02 -51.25
C ASN D 53 -0.83 14.86 -51.44
N SER D 54 -1.90 14.90 -50.66
CA SER D 54 -2.97 13.89 -50.69
C SER D 54 -3.90 14.06 -51.88
N LEU D 55 -4.23 15.30 -52.23
CA LEU D 55 -5.02 15.60 -53.44
C LEU D 55 -4.37 15.02 -54.68
N ASP D 56 -3.05 15.16 -54.79
CA ASP D 56 -2.25 14.63 -55.90
C ASP D 56 -2.23 13.09 -55.91
N ALA D 57 -2.43 12.49 -54.75
CA ALA D 57 -2.61 11.04 -54.61
C ALA D 57 -4.08 10.57 -54.84
N GLY D 58 -4.91 11.43 -55.46
CA GLY D 58 -6.28 11.10 -55.85
C GLY D 58 -7.26 11.02 -54.71
N ALA D 59 -7.12 11.93 -53.75
CA ALA D 59 -7.88 11.85 -52.50
C ALA D 59 -9.31 12.37 -52.65
N THR D 60 -10.24 11.65 -52.01
CA THR D 60 -11.66 12.02 -51.84
C THR D 60 -12.01 12.39 -50.40
N ARG D 61 -11.18 12.00 -49.43
CA ARG D 61 -11.43 12.32 -48.03
C ARG D 61 -10.15 12.81 -47.40
N ILE D 62 -10.24 13.94 -46.72
CA ILE D 62 -9.09 14.52 -46.04
C ILE D 62 -9.51 15.02 -44.67
N ASP D 63 -8.95 14.42 -43.63
CA ASP D 63 -9.10 14.94 -42.28
C ASP D 63 -7.92 15.83 -41.94
N ILE D 64 -8.23 17.03 -41.47
CA ILE D 64 -7.21 17.97 -41.03
C ILE D 64 -7.49 18.49 -39.62
N ASP D 65 -6.60 18.16 -38.69
CA ASP D 65 -6.79 18.48 -37.26
C ASP D 65 -5.64 19.30 -36.71
N ILE D 66 -5.97 20.31 -35.92
CA ILE D 66 -4.99 21.24 -35.35
C ILE D 66 -5.27 21.51 -33.87
N GLU D 67 -4.22 21.82 -33.12
CA GLU D 67 -4.36 22.44 -31.80
C GLU D 67 -3.40 23.61 -31.68
N ARG D 68 -3.88 24.69 -31.06
CA ARG D 68 -3.02 25.84 -30.69
C ARG D 68 -2.35 26.55 -31.89
N GLY D 69 -3.15 27.06 -32.83
CA GLY D 69 -2.67 27.79 -34.01
C GLY D 69 -1.75 27.02 -34.96
N GLY D 70 -1.59 25.72 -34.70
CA GLY D 70 -0.61 24.91 -35.41
C GLY D 70 0.65 24.62 -34.61
N ALA D 71 0.94 25.42 -33.59
CA ALA D 71 2.15 25.26 -32.76
C ALA D 71 2.29 23.83 -32.24
N LYS D 72 1.28 23.39 -31.48
CA LYS D 72 1.29 22.09 -30.78
C LYS D 72 1.01 20.89 -31.69
N LEU D 73 -0.13 20.90 -32.37
CA LEU D 73 -0.58 19.74 -33.16
C LEU D 73 -0.96 20.09 -34.57
N ILE D 74 -0.57 19.20 -35.49
CA ILE D 74 -1.16 19.14 -36.82
C ILE D 74 -1.26 17.67 -37.27
N ARG D 75 -2.48 17.24 -37.65
CA ARG D 75 -2.76 15.86 -38.07
C ARG D 75 -3.47 15.82 -39.42
N ILE D 76 -2.82 15.17 -40.38
CA ILE D 76 -3.40 14.99 -41.71
C ILE D 76 -3.61 13.52 -41.97
N ARG D 77 -4.85 13.15 -42.27
CA ARG D 77 -5.19 11.81 -42.70
C ARG D 77 -5.82 11.88 -44.08
N ASP D 78 -5.41 10.99 -44.96
CA ASP D 78 -5.91 11.00 -46.34
C ASP D 78 -6.23 9.61 -46.82
N ASN D 79 -7.09 9.55 -47.82
CA ASN D 79 -7.39 8.28 -48.48
C ASN D 79 -6.66 8.10 -49.80
N GLY D 80 -5.82 9.07 -50.17
CA GLY D 80 -4.94 8.92 -51.33
C GLY D 80 -4.02 7.72 -51.12
N SER D 81 -3.49 7.18 -52.22
CA SER D 81 -2.63 5.97 -52.17
C SER D 81 -1.50 6.09 -51.15
N GLY D 82 -0.98 4.94 -50.73
CA GLY D 82 -0.13 4.87 -49.56
C GLY D 82 1.36 4.73 -49.83
N ILE D 83 2.10 4.61 -48.74
CA ILE D 83 3.53 4.55 -48.73
C ILE D 83 3.99 3.19 -48.22
N LYS D 84 4.71 2.45 -49.05
CA LYS D 84 5.19 1.10 -48.69
C LYS D 84 6.24 1.16 -47.58
N LYS D 85 6.54 0.03 -46.95
CA LYS D 85 7.42 0.01 -45.78
C LYS D 85 8.91 0.38 -46.06
N ASP D 86 9.37 0.12 -47.28
CA ASP D 86 10.72 0.53 -47.77
C ASP D 86 10.81 2.05 -47.96
N GLU D 87 9.77 2.63 -48.56
CA GLU D 87 9.71 4.05 -48.92
C GLU D 87 9.57 5.00 -47.69
N LEU D 88 9.12 4.46 -46.55
CA LEU D 88 8.91 5.25 -45.33
C LEU D 88 10.21 5.76 -44.71
N ALA D 89 11.16 4.86 -44.51
CA ALA D 89 12.44 5.18 -43.83
C ALA D 89 13.27 6.32 -44.48
N LEU D 90 13.74 6.13 -45.72
CA LEU D 90 14.64 7.07 -46.43
C LEU D 90 14.01 8.38 -46.94
N ALA D 91 12.69 8.48 -47.00
CA ALA D 91 12.01 9.75 -47.32
C ALA D 91 12.31 10.88 -46.30
N LEU D 92 12.79 10.50 -45.10
CA LEU D 92 13.09 11.42 -43.99
C LEU D 92 14.56 11.33 -43.51
N ALA D 93 15.05 10.12 -43.27
CA ALA D 93 16.45 9.90 -42.87
C ALA D 93 17.32 10.10 -44.12
N ILE D 100 21.43 12.16 -44.37
CA ILE D 100 20.39 11.54 -45.21
C ILE D 100 20.97 10.38 -46.10
N ALA D 101 22.08 9.81 -45.61
CA ALA D 101 22.86 8.81 -46.37
C ALA D 101 22.19 7.44 -46.66
N SER D 102 21.00 7.20 -46.09
CA SER D 102 20.24 5.96 -46.28
C SER D 102 19.63 5.78 -47.68
N LEU D 103 19.70 6.83 -48.49
CA LEU D 103 19.21 6.79 -49.88
C LEU D 103 20.19 6.11 -50.80
N ASP D 104 21.49 6.23 -50.54
CA ASP D 104 22.58 5.84 -51.49
C ASP D 104 22.41 4.47 -52.16
N ASP D 105 22.36 3.44 -51.32
CA ASP D 105 22.35 2.03 -51.75
C ASP D 105 21.02 1.63 -52.38
N LEU D 106 19.94 2.18 -51.83
CA LEU D 106 18.58 1.95 -52.33
C LEU D 106 18.35 2.59 -53.72
N GLU D 107 17.88 1.77 -54.64
CA GLU D 107 17.87 2.05 -56.10
C GLU D 107 16.75 2.95 -56.62
N ALA D 108 16.89 4.25 -56.35
CA ALA D 108 15.97 5.27 -56.84
C ALA D 108 14.53 4.85 -56.60
N ILE D 109 14.20 4.69 -55.32
CA ILE D 109 12.81 4.55 -54.88
C ILE D 109 12.39 5.85 -54.21
N ILE D 110 13.38 6.71 -53.95
CA ILE D 110 13.12 8.13 -53.73
C ILE D 110 12.08 8.67 -54.76
N SER D 111 12.07 8.11 -55.98
CA SER D 111 11.13 8.45 -57.06
C SER D 111 9.68 8.63 -56.59
N LEU D 112 9.12 7.58 -55.95
CA LEU D 112 7.74 7.66 -55.47
C LEU D 112 7.69 8.46 -54.16
N GLY D 113 7.41 9.76 -54.29
CA GLY D 113 7.33 10.65 -53.15
C GLY D 113 7.82 12.05 -53.42
N PHE D 114 6.95 12.87 -54.02
CA PHE D 114 7.19 14.31 -54.18
C PHE D 114 6.82 15.05 -52.89
N ARG D 115 5.98 14.42 -52.07
CA ARG D 115 5.79 14.83 -50.68
C ARG D 115 7.07 14.54 -49.89
N GLY D 116 7.74 13.42 -50.23
CA GLY D 116 9.06 13.09 -49.69
C GLY D 116 10.09 14.22 -49.75
N GLU D 117 9.99 15.08 -50.76
CA GLU D 117 10.77 16.34 -50.81
C GLU D 117 10.35 17.28 -49.66
N ALA D 118 9.05 17.54 -49.53
CA ALA D 118 8.49 18.37 -48.45
C ALA D 118 8.70 17.79 -47.05
N LEU D 119 8.63 16.46 -46.93
CA LEU D 119 8.81 15.78 -45.65
C LEU D 119 10.24 15.90 -45.10
N ALA D 120 11.23 15.65 -45.95
CA ALA D 120 12.64 15.63 -45.56
C ALA D 120 13.10 16.92 -44.83
N SER D 121 12.64 18.08 -45.33
CA SER D 121 12.97 19.38 -44.74
C SER D 121 12.39 19.55 -43.33
N ILE D 122 11.14 19.11 -43.18
CA ILE D 122 10.40 19.23 -41.93
C ILE D 122 11.07 18.36 -40.83
N SER D 123 11.50 17.16 -41.22
CA SER D 123 11.87 16.07 -40.30
C SER D 123 13.15 16.18 -39.46
N SER D 124 14.19 16.79 -40.04
CA SER D 124 15.51 16.84 -39.37
C SER D 124 15.50 17.61 -38.06
N VAL D 125 14.62 18.61 -37.98
CA VAL D 125 14.53 19.52 -36.85
C VAL D 125 13.14 19.51 -36.17
N SER D 126 12.55 18.31 -36.00
CA SER D 126 11.21 18.21 -35.41
C SER D 126 10.84 16.85 -34.77
N ARG D 127 9.58 16.78 -34.32
CA ARG D 127 9.00 15.61 -33.71
C ARG D 127 7.88 15.02 -34.57
N LEU D 128 8.27 14.31 -35.63
CA LEU D 128 7.36 13.86 -36.69
C LEU D 128 6.91 12.40 -36.57
N THR D 129 5.66 12.11 -36.96
CA THR D 129 5.15 10.75 -36.99
C THR D 129 4.39 10.42 -38.25
N LEU D 130 5.04 9.66 -39.13
CA LEU D 130 4.39 9.14 -40.32
C LEU D 130 3.85 7.76 -40.03
N THR D 131 2.66 7.48 -40.55
CA THR D 131 2.06 6.16 -40.46
C THR D 131 1.18 5.87 -41.64
N SER D 132 1.34 4.69 -42.23
CA SER D 132 0.58 4.38 -43.42
C SER D 132 0.53 2.91 -43.77
N ARG D 133 -0.62 2.52 -44.30
CA ARG D 133 -0.81 1.22 -44.92
C ARG D 133 -1.12 1.46 -46.39
N THR D 134 -0.47 0.70 -47.25
CA THR D 134 -0.68 0.86 -48.69
C THR D 134 -2.02 0.24 -49.12
N ALA D 135 -2.55 0.75 -50.24
CA ALA D 135 -3.68 0.11 -50.91
C ALA D 135 -3.33 -1.33 -51.32
N GLU D 136 -2.05 -1.53 -51.68
CA GLU D 136 -1.50 -2.82 -52.10
C GLU D 136 -1.08 -3.73 -50.93
N GLN D 137 -0.96 -5.03 -51.23
CA GLN D 137 -0.36 -6.05 -50.36
C GLN D 137 0.32 -5.54 -49.08
N GLN D 138 -0.45 -5.40 -47.98
CA GLN D 138 0.16 -4.96 -46.68
C GLN D 138 -0.58 -4.84 -45.28
N GLU D 139 0.24 -4.80 -44.23
CA GLU D 139 -0.12 -4.31 -42.89
C GLU D 139 0.36 -2.84 -42.78
N ALA D 140 -0.17 -2.06 -41.83
CA ALA D 140 0.25 -0.66 -41.65
C ALA D 140 1.62 -0.51 -40.96
N TRP D 141 2.45 0.41 -41.44
CA TRP D 141 3.78 0.68 -40.84
C TRP D 141 3.97 2.17 -40.51
N GLN D 142 4.93 2.48 -39.63
CA GLN D 142 4.92 3.73 -38.88
C GLN D 142 6.31 4.21 -38.48
N ALA D 143 6.50 5.53 -38.48
CA ALA D 143 7.75 6.18 -38.06
C ALA D 143 7.52 7.30 -37.07
N TYR D 144 8.40 7.43 -36.07
CA TYR D 144 8.19 8.30 -34.92
C TYR D 144 9.35 9.24 -34.61
N ALA D 145 9.05 10.41 -34.05
CA ALA D 145 10.03 11.37 -33.52
C ALA D 145 11.13 11.74 -34.53
N VAL D 152 11.90 7.43 -32.35
CA VAL D 152 13.10 6.63 -32.43
C VAL D 152 12.86 5.21 -33.00
N THR D 153 11.71 4.96 -33.65
CA THR D 153 11.31 3.59 -34.04
C THR D 153 10.48 3.46 -35.33
N VAL D 154 10.81 2.45 -36.15
CA VAL D 154 9.91 1.93 -37.20
C VAL D 154 9.34 0.58 -36.78
N LYS D 155 8.02 0.51 -36.69
CA LYS D 155 7.31 -0.72 -36.36
C LYS D 155 5.94 -0.69 -37.04
N PRO D 156 5.23 -1.83 -37.09
CA PRO D 156 3.86 -1.71 -37.60
C PRO D 156 2.86 -1.18 -36.54
N ALA D 157 1.85 -0.45 -36.99
CA ALA D 157 0.65 -0.18 -36.19
C ALA D 157 -0.50 -0.33 -37.17
N ALA D 158 -1.66 0.24 -36.86
CA ALA D 158 -2.83 -0.01 -37.68
C ALA D 158 -3.32 1.26 -38.35
N HIS D 159 -3.85 1.13 -39.55
CA HIS D 159 -4.46 2.24 -40.26
C HIS D 159 -5.21 1.79 -41.51
N PRO D 160 -6.24 2.55 -41.96
CA PRO D 160 -6.94 2.25 -43.22
C PRO D 160 -6.12 2.58 -44.47
N VAL D 161 -6.72 2.35 -45.64
CA VAL D 161 -6.07 2.58 -46.93
C VAL D 161 -5.73 4.07 -47.13
N GLY D 162 -4.46 4.42 -46.91
CA GLY D 162 -4.00 5.82 -47.01
C GLY D 162 -2.86 6.14 -46.08
N THR D 163 -2.86 7.36 -45.55
CA THR D 163 -1.71 7.87 -44.82
C THR D 163 -2.11 8.93 -43.78
N THR D 164 -1.37 8.94 -42.66
CA THR D 164 -1.59 9.90 -41.57
C THR D 164 -0.27 10.53 -41.11
N LEU D 165 -0.29 11.83 -40.80
CA LEU D 165 0.91 12.54 -40.35
C LEU D 165 0.62 13.33 -39.12
N GLU D 166 1.32 12.99 -38.05
CA GLU D 166 1.14 13.62 -36.75
C GLU D 166 2.43 14.38 -36.38
N VAL D 167 2.30 15.56 -35.75
CA VAL D 167 3.46 16.45 -35.46
C VAL D 167 3.36 17.30 -34.17
N LEU D 168 4.49 17.45 -33.45
CA LEU D 168 4.64 18.44 -32.37
C LEU D 168 5.67 19.54 -32.65
N ASP D 169 5.40 20.71 -32.03
CA ASP D 169 6.07 22.02 -32.25
C ASP D 169 7.56 21.90 -32.62
N LEU D 170 7.91 22.53 -33.72
CA LEU D 170 9.23 22.35 -34.29
C LEU D 170 10.23 23.29 -33.59
N PHE D 171 11.50 23.16 -33.97
CA PHE D 171 12.64 23.89 -33.36
C PHE D 171 13.04 23.30 -31.98
N TYR D 172 13.80 22.20 -31.97
CA TYR D 172 14.14 21.60 -30.68
C TYR D 172 15.28 22.35 -29.96
N ASN D 173 16.00 23.18 -30.70
CA ASN D 173 16.97 24.07 -30.06
C ASN D 173 17.17 25.48 -30.66
N THR D 174 16.33 25.89 -31.62
CA THR D 174 16.43 27.26 -32.16
C THR D 174 15.60 28.25 -31.33
N PRO D 175 16.28 29.21 -30.66
CA PRO D 175 15.56 30.09 -29.72
C PRO D 175 14.52 31.03 -30.36
N ALA D 176 14.88 31.64 -31.48
CA ALA D 176 14.09 32.71 -32.06
C ALA D 176 13.03 32.24 -33.05
N ARG D 177 13.40 31.38 -33.99
CA ARG D 177 12.48 31.03 -35.09
C ARG D 177 11.09 30.60 -34.61
N ARG D 178 11.01 30.09 -33.37
CA ARG D 178 9.73 29.84 -32.68
C ARG D 178 9.07 31.16 -32.23
N LYS D 179 9.84 32.02 -31.54
CA LYS D 179 9.36 33.37 -31.17
C LYS D 179 8.59 34.08 -32.30
N PHE D 180 8.87 33.73 -33.55
CA PHE D 180 8.29 34.36 -34.75
C PHE D 180 7.05 33.67 -35.32
N LEU D 181 6.76 32.45 -34.86
CA LEU D 181 5.45 31.87 -35.11
C LEU D 181 4.48 32.85 -34.42
N ARG D 182 3.38 33.19 -35.13
CA ARG D 182 2.41 34.28 -34.83
C ARG D 182 1.62 34.03 -33.52
N THR D 183 0.71 34.94 -33.18
CA THR D 183 -0.15 34.84 -31.98
C THR D 183 -1.25 33.78 -32.09
N GLU D 184 -1.12 32.85 -33.04
CA GLU D 184 -1.86 31.58 -33.07
C GLU D 184 -3.35 31.66 -33.45
N LYS D 185 -4.11 32.54 -32.79
CA LYS D 185 -5.50 32.88 -33.17
C LYS D 185 -5.60 33.17 -34.67
N THR D 186 -4.74 34.09 -35.08
CA THR D 186 -4.64 34.49 -36.47
C THR D 186 -4.12 33.33 -37.32
N GLU D 187 -3.26 32.50 -36.74
CA GLU D 187 -2.75 31.33 -37.47
C GLU D 187 -3.86 30.39 -37.92
N PHE D 188 -4.85 30.16 -37.05
CA PHE D 188 -6.01 29.35 -37.43
C PHE D 188 -6.87 30.05 -38.48
N ASN D 189 -7.09 31.36 -38.30
CA ASN D 189 -7.89 32.14 -39.25
C ASN D 189 -7.29 32.10 -40.65
N HIS D 190 -5.96 32.02 -40.71
CA HIS D 190 -5.24 31.79 -41.98
C HIS D 190 -5.45 30.35 -42.48
N ILE D 191 -5.22 29.36 -41.62
CA ILE D 191 -5.47 27.96 -41.99
C ILE D 191 -6.92 27.78 -42.49
N ASP D 192 -7.85 28.43 -41.79
CA ASP D 192 -9.27 28.42 -42.17
C ASP D 192 -9.47 28.85 -43.63
N GLU D 193 -8.72 29.86 -44.05
CA GLU D 193 -8.72 30.32 -45.44
C GLU D 193 -8.05 29.29 -46.38
N ILE D 194 -6.94 28.69 -45.93
CA ILE D 194 -6.22 27.66 -46.74
C ILE D 194 -7.17 26.58 -47.21
N ILE D 195 -7.96 26.06 -46.28
CA ILE D 195 -8.93 25.01 -46.55
C ILE D 195 -10.09 25.55 -47.40
N ARG D 196 -10.55 26.76 -47.10
CA ARG D 196 -11.62 27.40 -47.87
C ARG D 196 -11.27 27.57 -49.36
N ARG D 197 -10.02 27.96 -49.64
CA ARG D 197 -9.53 28.06 -51.03
C ARG D 197 -9.54 26.70 -51.75
N ILE D 198 -8.88 25.70 -51.14
CA ILE D 198 -8.74 24.37 -51.76
C ILE D 198 -10.09 23.66 -51.84
N ALA D 199 -11.01 24.02 -50.94
CA ALA D 199 -12.38 23.47 -50.91
C ALA D 199 -13.19 23.79 -52.18
N LEU D 200 -13.21 25.05 -52.59
CA LEU D 200 -13.89 25.45 -53.83
C LEU D 200 -13.18 24.97 -55.09
N ALA D 201 -11.86 24.74 -54.97
CA ALA D 201 -11.05 24.17 -56.06
C ALA D 201 -11.38 22.70 -56.33
N ARG D 202 -11.79 21.99 -55.29
CA ARG D 202 -12.09 20.55 -55.39
C ARG D 202 -13.44 20.19 -54.72
N PHE D 203 -14.52 20.21 -55.51
CA PHE D 203 -15.85 19.80 -55.02
C PHE D 203 -15.96 18.28 -54.80
N ASP D 204 -14.94 17.53 -55.25
CA ASP D 204 -14.95 16.06 -55.17
C ASP D 204 -14.29 15.48 -53.92
N VAL D 205 -13.75 16.31 -53.04
CA VAL D 205 -13.01 15.83 -51.87
C VAL D 205 -13.65 16.32 -50.57
N THR D 206 -14.00 15.37 -49.70
CA THR D 206 -14.59 15.69 -48.41
C THR D 206 -13.49 16.08 -47.43
N ILE D 207 -13.64 17.26 -46.82
CA ILE D 207 -12.65 17.78 -45.92
C ILE D 207 -13.28 18.14 -44.58
N ASN D 208 -12.66 17.65 -43.50
CA ASN D 208 -13.06 17.99 -42.13
C ASN D 208 -11.93 18.76 -41.49
N LEU D 209 -12.22 20.03 -41.17
CA LEU D 209 -11.29 20.86 -40.43
C LEU D 209 -11.77 20.93 -38.99
N SER D 210 -10.86 20.64 -38.06
CA SER D 210 -11.16 20.74 -36.65
C SER D 210 -10.06 21.53 -35.95
N HIS D 211 -10.41 22.09 -34.79
CA HIS D 211 -9.46 22.82 -33.96
C HIS D 211 -9.66 22.46 -32.49
N ASN D 212 -8.57 22.04 -31.85
CA ASN D 212 -8.54 21.68 -30.42
C ASN D 212 -9.48 20.50 -30.13
N GLY D 213 -9.45 19.52 -31.03
CA GLY D 213 -10.30 18.33 -30.96
C GLY D 213 -11.67 18.55 -31.57
N LYS D 214 -12.13 19.81 -31.56
CA LYS D 214 -13.51 20.17 -31.87
C LYS D 214 -13.71 20.51 -33.33
N ILE D 215 -14.75 19.90 -33.91
CA ILE D 215 -15.15 20.14 -35.29
C ILE D 215 -15.50 21.62 -35.51
N VAL D 216 -14.94 22.18 -36.57
CA VAL D 216 -15.22 23.56 -36.95
C VAL D 216 -15.97 23.59 -38.29
N ARG D 217 -15.40 22.96 -39.32
CA ARG D 217 -15.95 22.99 -40.67
C ARG D 217 -15.97 21.61 -41.33
N GLN D 218 -17.13 21.27 -41.89
CA GLN D 218 -17.34 20.02 -42.61
C GLN D 218 -17.81 20.28 -44.02
N TYR D 219 -16.89 20.16 -44.98
CA TYR D 219 -17.20 20.30 -46.39
C TYR D 219 -17.44 18.93 -47.00
N ARG D 220 -18.72 18.64 -47.29
CA ARG D 220 -19.09 17.37 -47.91
C ARG D 220 -18.76 17.39 -49.39
N ALA D 221 -18.23 16.28 -49.89
CA ALA D 221 -18.02 16.10 -51.32
C ALA D 221 -19.38 15.91 -51.98
N VAL D 222 -19.62 16.69 -53.03
CA VAL D 222 -20.87 16.61 -53.79
C VAL D 222 -20.79 15.41 -54.74
N PRO D 223 -21.90 14.63 -54.86
CA PRO D 223 -21.87 13.54 -55.82
C PRO D 223 -21.62 14.05 -57.24
N GLU D 224 -20.98 13.24 -58.07
CA GLU D 224 -20.55 13.70 -59.40
C GLU D 224 -21.79 14.01 -60.24
N GLY D 225 -21.87 15.23 -60.75
CA GLY D 225 -23.07 15.75 -61.43
C GLY D 225 -24.21 15.98 -60.46
N GLY D 226 -23.87 16.45 -59.25
CA GLY D 226 -24.83 16.57 -58.15
C GLY D 226 -25.24 17.98 -57.80
N GLN D 227 -25.89 18.12 -56.64
CA GLN D 227 -26.36 19.40 -56.12
C GLN D 227 -25.19 20.18 -55.50
N LYS D 228 -24.64 21.11 -56.28
CA LYS D 228 -23.46 21.86 -55.87
C LYS D 228 -23.79 23.09 -55.03
N GLU D 229 -25.08 23.39 -54.87
CA GLU D 229 -25.53 24.51 -54.04
C GLU D 229 -25.28 24.22 -52.58
N ARG D 230 -25.32 22.94 -52.20
CA ARG D 230 -25.08 22.49 -50.82
C ARG D 230 -23.67 22.91 -50.34
N ARG D 231 -22.64 22.68 -51.16
CA ARG D 231 -21.24 23.00 -50.82
C ARG D 231 -20.90 24.51 -50.91
N LEU D 232 -21.59 25.21 -51.83
CA LEU D 232 -21.42 26.65 -52.03
C LEU D 232 -21.89 27.49 -50.83
N GLY D 233 -22.99 27.07 -50.22
CA GLY D 233 -23.50 27.71 -49.02
C GLY D 233 -22.65 27.43 -47.79
N ALA D 234 -22.08 26.22 -47.72
CA ALA D 234 -21.22 25.80 -46.60
C ALA D 234 -19.92 26.59 -46.51
N ILE D 235 -19.32 26.86 -47.66
CA ILE D 235 -18.02 27.55 -47.76
C ILE D 235 -18.15 29.08 -47.68
N LEU D 236 -19.18 29.63 -48.36
CA LEU D 236 -19.35 31.09 -48.51
C LEU D 236 -20.53 31.67 -47.75
N GLY D 237 -21.09 30.90 -46.83
CA GLY D 237 -22.26 31.33 -46.06
C GLY D 237 -23.54 31.28 -46.87
N THR D 238 -24.67 31.33 -46.16
CA THR D 238 -26.00 31.29 -46.78
C THR D 238 -26.36 32.61 -47.52
N ALA D 239 -25.74 33.71 -47.10
CA ALA D 239 -25.95 35.03 -47.71
C ALA D 239 -25.60 35.07 -49.20
N PHE D 240 -24.42 34.56 -49.54
CA PHE D 240 -23.99 34.43 -50.94
C PHE D 240 -24.88 33.45 -51.70
N LEU D 241 -25.09 32.27 -51.12
CA LEU D 241 -25.86 31.19 -51.75
C LEU D 241 -27.19 31.68 -52.37
N GLU D 242 -27.93 32.47 -51.60
CA GLU D 242 -29.26 32.94 -52.04
C GLU D 242 -29.25 34.09 -53.05
N GLN D 243 -28.08 34.68 -53.31
CA GLN D 243 -27.92 35.66 -54.38
C GLN D 243 -27.13 35.12 -55.57
N ALA D 244 -26.79 33.83 -55.52
CA ALA D 244 -25.95 33.22 -56.54
C ALA D 244 -26.67 33.12 -57.90
N LEU D 245 -26.12 33.80 -58.90
CA LEU D 245 -26.57 33.65 -60.29
C LEU D 245 -25.49 32.88 -61.06
N ALA D 246 -25.80 31.65 -61.46
CA ALA D 246 -24.85 30.78 -62.15
C ALA D 246 -24.45 31.33 -63.52
N ILE D 247 -23.33 30.84 -64.04
CA ILE D 247 -22.82 31.26 -65.36
C ILE D 247 -22.35 30.04 -66.16
N GLU D 248 -22.73 30.00 -67.43
CA GLU D 248 -22.33 28.96 -68.36
C GLU D 248 -22.04 29.56 -69.75
N TRP D 249 -20.77 29.84 -70.01
CA TRP D 249 -20.33 30.45 -71.30
C TRP D 249 -19.34 29.51 -72.00
N GLN D 250 -19.27 29.59 -73.34
CA GLN D 250 -18.52 28.61 -74.12
C GLN D 250 -18.19 29.10 -75.54
N HIS D 251 -16.90 29.27 -75.85
CA HIS D 251 -16.41 29.58 -77.21
C HIS D 251 -15.22 28.67 -77.58
N GLY D 252 -15.46 27.61 -78.35
CA GLY D 252 -14.39 26.72 -78.80
C GLY D 252 -13.74 25.93 -77.66
N ASP D 253 -12.41 26.03 -77.56
CA ASP D 253 -11.63 25.37 -76.50
C ASP D 253 -11.98 25.92 -75.11
N LEU D 254 -12.26 27.21 -75.07
CA LEU D 254 -12.51 27.94 -73.83
C LEU D 254 -13.89 27.65 -73.25
N THR D 255 -13.95 27.49 -71.94
CA THR D 255 -15.18 27.17 -71.24
C THR D 255 -15.17 27.82 -69.85
N LEU D 256 -16.23 28.59 -69.53
CA LEU D 256 -16.36 29.32 -68.25
C LEU D 256 -17.65 28.92 -67.46
N ARG D 257 -17.46 28.34 -66.27
CA ARG D 257 -18.56 27.88 -65.40
C ARG D 257 -18.42 28.51 -64.00
N GLY D 258 -19.54 28.70 -63.30
CA GLY D 258 -19.51 29.22 -61.92
C GLY D 258 -20.71 30.03 -61.47
N TRP D 259 -20.48 30.96 -60.54
CA TRP D 259 -21.53 31.80 -59.92
C TRP D 259 -21.07 33.25 -59.73
N VAL D 260 -22.04 34.18 -59.73
CA VAL D 260 -21.80 35.61 -59.51
C VAL D 260 -22.96 36.21 -58.72
N ALA D 261 -22.68 36.80 -57.55
CA ALA D 261 -23.72 37.40 -56.72
C ALA D 261 -24.34 38.59 -57.44
N ASP D 262 -25.66 38.61 -57.54
CA ASP D 262 -26.38 39.70 -58.23
C ASP D 262 -25.92 41.02 -57.62
N PRO D 263 -25.36 41.94 -58.46
CA PRO D 263 -24.93 43.27 -58.01
C PRO D 263 -26.04 44.07 -57.33
N ASN D 264 -27.26 43.93 -57.86
CA ASN D 264 -28.43 44.61 -57.31
C ASN D 264 -28.61 44.36 -55.80
N HIS D 265 -28.37 43.13 -55.36
CA HIS D 265 -28.49 42.76 -53.94
C HIS D 265 -27.15 42.36 -53.29
N THR D 266 -26.06 42.99 -53.75
CA THR D 266 -24.73 42.74 -53.16
C THR D 266 -24.44 43.78 -52.05
N THR D 267 -24.25 43.28 -50.84
CA THR D 267 -24.12 44.08 -49.62
C THR D 267 -22.66 44.06 -49.11
N PRO D 268 -22.36 44.81 -48.02
CA PRO D 268 -21.02 44.77 -47.40
C PRO D 268 -20.50 43.40 -46.95
N ALA D 269 -21.41 42.52 -46.52
CA ALA D 269 -21.03 41.17 -46.10
C ALA D 269 -20.58 40.32 -47.30
N LEU D 270 -21.32 40.42 -48.40
CA LEU D 270 -21.06 39.62 -49.62
C LEU D 270 -19.77 40.00 -50.39
N ALA D 271 -19.41 41.28 -50.36
CA ALA D 271 -18.26 41.80 -51.14
C ALA D 271 -16.90 41.13 -50.84
N GLU D 272 -16.82 40.36 -49.75
CA GLU D 272 -15.58 39.67 -49.34
C GLU D 272 -15.18 38.46 -50.19
N ILE D 273 -16.01 38.11 -51.18
CA ILE D 273 -15.83 36.89 -51.95
C ILE D 273 -15.37 37.17 -53.39
N GLN D 274 -14.06 37.06 -53.62
CA GLN D 274 -13.48 37.23 -54.95
C GLN D 274 -12.36 36.23 -55.14
N TYR D 275 -12.67 35.12 -55.83
CA TYR D 275 -11.68 34.07 -56.07
C TYR D 275 -11.77 33.59 -57.51
N PHE D 276 -10.62 33.52 -58.19
CA PHE D 276 -10.59 33.10 -59.59
C PHE D 276 -9.63 31.94 -59.85
N TYR D 277 -10.15 30.90 -60.50
CA TYR D 277 -9.39 29.68 -60.75
C TYR D 277 -9.38 29.35 -62.22
N VAL D 278 -8.27 28.79 -62.68
CA VAL D 278 -8.06 28.52 -64.09
C VAL D 278 -7.55 27.10 -64.21
N ASN D 279 -8.41 26.21 -64.73
CA ASN D 279 -8.09 24.79 -64.78
C ASN D 279 -7.65 24.26 -63.40
N GLY D 280 -8.30 24.79 -62.36
CA GLY D 280 -8.02 24.45 -60.97
C GLY D 280 -7.21 25.49 -60.22
N ARG D 281 -6.20 26.05 -60.87
CA ARG D 281 -5.19 26.87 -60.19
C ARG D 281 -5.55 28.35 -60.11
N MET D 282 -5.58 28.88 -58.89
CA MET D 282 -5.75 30.32 -58.66
C MET D 282 -4.41 31.01 -58.91
N MET D 283 -4.33 31.94 -59.87
CA MET D 283 -3.09 32.79 -60.06
C MET D 283 -3.21 34.21 -59.52
N ARG D 284 -2.08 34.93 -59.53
CA ARG D 284 -1.97 36.33 -59.09
C ARG D 284 -1.89 37.37 -60.24
N ASP D 285 -2.98 37.48 -61.01
CA ASP D 285 -3.01 38.31 -62.22
C ASP D 285 -4.04 39.45 -62.26
N ARG D 286 -3.48 40.64 -62.26
CA ARG D 286 -4.20 41.90 -62.27
C ARG D 286 -5.17 42.05 -63.49
N LEU D 287 -4.90 41.32 -64.58
CA LEU D 287 -5.70 41.41 -65.82
C LEU D 287 -7.19 41.17 -65.61
N ILE D 288 -7.48 40.07 -64.93
CA ILE D 288 -8.84 39.59 -64.73
C ILE D 288 -9.61 40.57 -63.85
N ASN D 289 -8.88 41.27 -62.98
CA ASN D 289 -9.44 42.39 -62.17
C ASN D 289 -10.26 43.34 -63.03
N HIS D 290 -9.68 43.73 -64.16
CA HIS D 290 -10.35 44.61 -65.12
C HIS D 290 -11.60 43.94 -65.69
N ALA D 291 -11.43 42.77 -66.30
CA ALA D 291 -12.54 42.05 -66.96
C ALA D 291 -13.84 42.04 -66.14
N ILE D 292 -13.70 41.81 -64.83
CA ILE D 292 -14.83 41.71 -63.92
C ILE D 292 -15.31 43.05 -63.35
N ARG D 293 -14.40 43.98 -63.07
CA ARG D 293 -14.84 45.30 -62.60
C ARG D 293 -15.40 46.13 -63.76
N GLN D 294 -15.00 45.77 -64.98
CA GLN D 294 -15.65 46.20 -66.22
C GLN D 294 -17.10 45.68 -66.28
N ALA D 295 -17.27 44.40 -65.95
CA ALA D 295 -18.59 43.75 -65.97
C ALA D 295 -19.59 44.29 -64.93
N TYR D 296 -19.12 44.61 -63.73
CA TYR D 296 -19.96 45.18 -62.64
C TYR D 296 -20.29 46.66 -62.85
N GLU D 297 -19.38 47.37 -63.52
CA GLU D 297 -19.61 48.75 -63.93
C GLU D 297 -20.63 48.85 -65.08
N ASP D 298 -20.60 47.86 -65.99
CA ASP D 298 -21.40 47.90 -67.23
C ASP D 298 -22.88 47.50 -67.08
N LYS D 299 -23.20 46.70 -66.06
CA LYS D 299 -24.60 46.37 -65.74
C LYS D 299 -25.26 47.54 -65.00
N LEU D 300 -24.73 47.87 -63.82
CA LEU D 300 -25.10 49.09 -63.07
C LEU D 300 -23.85 49.94 -62.77
N GLY D 301 -23.95 51.24 -63.04
CA GLY D 301 -22.82 52.17 -62.93
C GLY D 301 -22.10 52.21 -61.59
N ALA D 302 -22.85 51.98 -60.51
CA ALA D 302 -22.29 51.92 -59.16
C ALA D 302 -21.17 50.87 -59.10
N ASP D 303 -19.92 51.32 -59.08
CA ASP D 303 -18.78 50.41 -59.02
C ASP D 303 -18.44 50.09 -57.56
N GLN D 304 -19.12 49.09 -57.04
CA GLN D 304 -18.89 48.56 -55.70
C GLN D 304 -18.28 47.17 -55.80
N GLN D 305 -17.79 46.67 -54.66
CA GLN D 305 -17.05 45.41 -54.62
C GLN D 305 -17.99 44.20 -54.89
N PRO D 306 -17.67 43.40 -55.92
CA PRO D 306 -18.49 42.28 -56.35
C PRO D 306 -18.31 41.03 -55.49
N ALA D 307 -19.12 40.01 -55.78
CA ALA D 307 -19.00 38.71 -55.16
C ALA D 307 -19.09 37.61 -56.22
N PHE D 308 -18.03 36.82 -56.38
CA PHE D 308 -17.95 35.81 -57.44
C PHE D 308 -17.02 34.65 -57.09
N VAL D 309 -17.27 33.51 -57.73
CA VAL D 309 -16.36 32.36 -57.74
C VAL D 309 -16.51 31.67 -59.10
N LEU D 310 -15.49 31.80 -59.94
CA LEU D 310 -15.60 31.36 -61.34
C LEU D 310 -14.55 30.32 -61.70
N TYR D 311 -14.95 29.41 -62.59
CA TYR D 311 -14.11 28.27 -63.01
C TYR D 311 -13.85 28.33 -64.52
N LEU D 312 -12.57 28.44 -64.93
CA LEU D 312 -12.19 28.57 -66.36
C LEU D 312 -11.34 27.40 -66.85
N GLU D 313 -11.66 26.93 -68.06
CA GLU D 313 -11.08 25.70 -68.62
C GLU D 313 -10.60 25.88 -70.06
N ILE D 314 -9.29 26.04 -70.25
CA ILE D 314 -8.69 26.33 -71.57
C ILE D 314 -7.39 25.57 -71.86
N ASP D 315 -6.87 25.83 -73.06
CA ASP D 315 -5.47 25.61 -73.39
C ASP D 315 -4.74 26.98 -73.28
N PRO D 316 -3.47 27.02 -72.77
CA PRO D 316 -2.73 28.22 -72.25
C PRO D 316 -2.77 29.61 -72.95
N HIS D 317 -2.99 30.65 -72.15
CA HIS D 317 -2.69 32.04 -72.51
C HIS D 317 -2.32 32.78 -71.23
N GLN D 318 -1.24 32.27 -70.63
CA GLN D 318 -0.62 32.81 -69.41
C GLN D 318 -0.42 34.34 -69.49
N VAL D 319 -0.64 35.03 -68.37
CA VAL D 319 -0.40 36.48 -68.27
C VAL D 319 0.20 36.88 -66.92
N SER D 335 -4.20 35.78 -74.95
CA SER D 335 -4.02 36.41 -73.66
C SER D 335 -4.97 37.60 -73.45
N ARG D 336 -5.34 38.27 -74.54
CA ARG D 336 -6.53 39.15 -74.59
C ARG D 336 -7.77 38.32 -74.96
N LEU D 337 -7.55 37.24 -75.71
CA LEU D 337 -8.56 36.20 -75.94
C LEU D 337 -9.32 35.87 -74.64
N VAL D 338 -8.57 35.55 -73.59
CA VAL D 338 -9.10 35.22 -72.25
C VAL D 338 -9.91 36.37 -71.62
N HIS D 339 -9.41 37.61 -71.79
CA HIS D 339 -10.03 38.82 -71.19
C HIS D 339 -11.49 39.08 -71.60
N ASP D 340 -11.75 39.24 -72.90
CA ASP D 340 -13.13 39.55 -73.37
C ASP D 340 -14.09 38.34 -73.30
N PHE D 341 -13.53 37.13 -73.37
CA PHE D 341 -14.28 35.90 -73.10
C PHE D 341 -14.94 35.93 -71.70
N ILE D 342 -14.12 36.24 -70.68
CA ILE D 342 -14.57 36.41 -69.29
C ILE D 342 -15.68 37.46 -69.20
N TYR D 343 -15.35 38.67 -69.68
CA TYR D 343 -16.26 39.81 -69.61
C TYR D 343 -17.67 39.52 -70.16
N GLN D 344 -17.75 38.98 -71.36
CA GLN D 344 -19.04 38.73 -72.02
C GLN D 344 -19.90 37.69 -71.30
N GLY D 345 -19.24 36.69 -70.69
CA GLY D 345 -19.93 35.66 -69.92
C GLY D 345 -20.73 36.21 -68.75
N VAL D 346 -20.09 37.08 -67.96
CA VAL D 346 -20.65 37.61 -66.71
C VAL D 346 -21.86 38.53 -66.95
N LEU D 347 -21.74 39.46 -67.90
CA LEU D 347 -22.76 40.49 -68.11
C LEU D 347 -24.13 39.95 -68.57
N SER D 348 -24.10 38.98 -69.50
CA SER D 348 -25.31 38.30 -69.95
C SER D 348 -26.08 37.71 -68.77
N VAL D 349 -25.34 37.08 -67.86
CA VAL D 349 -25.87 36.41 -66.65
C VAL D 349 -26.60 37.38 -65.71
N LEU D 350 -26.05 38.59 -65.55
CA LEU D 350 -26.62 39.59 -64.65
C LEU D 350 -27.96 40.14 -65.15
N GLN D 351 -28.17 40.10 -66.46
CA GLN D 351 -29.40 40.55 -67.10
C GLN D 351 -30.26 39.37 -67.54
N ARG E 128 -0.23 -35.84 12.73
CA ARG E 128 -0.19 -35.68 14.22
C ARG E 128 -0.24 -37.01 15.01
N GLN E 129 -0.65 -38.10 14.36
CA GLN E 129 -1.05 -39.34 15.06
C GLN E 129 -0.34 -40.59 14.48
N ASP E 130 0.92 -40.73 14.85
CA ASP E 130 1.79 -41.77 14.30
C ASP E 130 1.54 -43.16 14.89
N ASN E 131 1.66 -44.16 14.02
CA ASN E 131 1.69 -45.57 14.40
C ASN E 131 2.60 -46.26 13.39
N LEU E 132 3.78 -46.72 13.82
CA LEU E 132 4.93 -47.00 12.94
C LEU E 132 5.31 -48.48 12.78
N LEU E 133 6.31 -48.75 11.93
CA LEU E 133 6.92 -50.09 11.79
C LEU E 133 8.41 -50.00 12.13
N ALA E 134 8.99 -51.10 12.61
CA ALA E 134 10.44 -51.18 12.91
C ALA E 134 11.10 -52.50 12.48
N ALA E 135 12.44 -52.49 12.35
CA ALA E 135 13.27 -53.68 12.09
C ALA E 135 14.61 -53.60 12.84
N ILE E 136 15.02 -54.70 13.47
CA ILE E 136 16.06 -54.64 14.52
C ILE E 136 17.00 -55.85 14.59
N TRP E 137 18.26 -55.60 14.95
CA TRP E 137 19.34 -56.61 14.92
C TRP E 137 20.53 -56.28 15.87
N GLN E 138 21.34 -57.29 16.23
CA GLN E 138 22.59 -57.08 16.99
C GLN E 138 23.77 -58.01 16.59
N ASP E 139 24.99 -57.59 16.94
CA ASP E 139 26.25 -58.35 16.67
C ASP E 139 27.28 -58.28 17.80
N SER E 140 28.54 -58.60 17.46
CA SER E 140 29.71 -58.41 18.34
C SER E 140 29.88 -56.99 18.89
N LYS E 141 29.44 -55.97 18.15
CA LYS E 141 29.72 -54.56 18.48
C LYS E 141 28.57 -53.81 19.19
N GLY E 142 27.37 -53.90 18.62
CA GLY E 142 26.20 -53.17 19.13
C GLY E 142 24.89 -53.58 18.45
N PHE E 143 23.96 -52.62 18.31
CA PHE E 143 22.58 -52.88 17.81
C PHE E 143 22.22 -52.07 16.54
N GLY E 144 21.53 -52.71 15.59
CA GLY E 144 21.18 -52.09 14.30
C GLY E 144 19.69 -51.86 14.18
N TYR E 145 19.30 -50.84 13.42
CA TYR E 145 17.91 -50.36 13.42
C TYR E 145 17.51 -49.67 12.13
N ALA E 146 16.33 -50.01 11.61
CA ALA E 146 15.73 -49.35 10.44
C ALA E 146 14.20 -49.35 10.54
N THR E 147 13.56 -48.25 10.16
CA THR E 147 12.16 -47.95 10.53
C THR E 147 11.28 -47.61 9.32
N LEU E 148 9.96 -47.58 9.47
CA LEU E 148 9.07 -47.16 8.37
C LEU E 148 7.65 -46.76 8.79
N ASP E 149 7.09 -45.78 8.09
CA ASP E 149 5.68 -45.33 8.24
C ASP E 149 4.97 -45.31 6.87
N ILE E 150 3.99 -46.21 6.68
CA ILE E 150 3.22 -46.32 5.41
C ILE E 150 2.51 -45.00 5.03
N SER E 151 2.12 -44.26 6.06
CA SER E 151 1.36 -43.02 5.91
C SER E 151 2.15 -41.95 5.19
N SER E 152 3.34 -41.68 5.71
CA SER E 152 4.19 -40.56 5.27
C SER E 152 5.32 -40.97 4.29
N GLY E 153 5.71 -42.24 4.31
CA GLY E 153 6.66 -42.80 3.34
C GLY E 153 8.12 -42.56 3.65
N ARG E 154 8.40 -42.09 4.85
CA ARG E 154 9.76 -41.76 5.29
C ARG E 154 10.41 -43.00 5.93
N PHE E 155 11.70 -43.21 5.66
CA PHE E 155 12.42 -44.46 5.96
C PHE E 155 13.80 -44.10 6.49
N ARG E 156 14.17 -44.62 7.66
CA ARG E 156 15.40 -44.18 8.36
C ARG E 156 16.37 -45.32 8.70
N LEU E 157 17.57 -44.93 9.14
CA LEU E 157 18.62 -45.87 9.57
C LEU E 157 19.43 -45.34 10.76
N SER E 158 19.90 -46.25 11.62
CA SER E 158 20.77 -45.89 12.74
C SER E 158 21.48 -47.07 13.41
N GLU E 159 22.54 -46.72 14.13
CA GLU E 159 23.34 -47.66 14.94
C GLU E 159 23.62 -47.04 16.30
N PRO E 160 22.84 -47.44 17.31
CA PRO E 160 23.18 -47.11 18.70
C PRO E 160 24.51 -47.75 19.16
N ALA E 161 25.32 -47.02 19.92
CA ALA E 161 26.59 -47.54 20.46
C ALA E 161 26.39 -48.48 21.65
N ASP E 162 25.31 -48.23 22.41
CA ASP E 162 24.98 -49.03 23.61
C ASP E 162 23.50 -49.43 23.70
N ARG E 163 23.21 -50.30 24.69
CA ARG E 163 21.85 -50.72 24.97
C ARG E 163 20.95 -49.53 25.33
N GLU E 164 21.54 -48.48 25.90
CA GLU E 164 20.80 -47.29 26.33
C GLU E 164 20.26 -46.43 25.18
N THR E 165 21.06 -46.19 24.14
CA THR E 165 20.61 -45.39 22.99
C THR E 165 19.64 -46.17 22.10
N MET E 166 19.71 -47.49 22.16
CA MET E 166 18.77 -48.38 21.46
C MET E 166 17.35 -48.27 22.07
N ALA E 167 17.28 -48.42 23.39
CA ALA E 167 16.02 -48.23 24.15
C ALA E 167 15.47 -46.80 24.05
N ALA E 168 16.34 -45.82 23.76
CA ALA E 168 15.94 -44.43 23.46
C ALA E 168 15.13 -44.33 22.17
N GLU E 169 15.55 -45.11 21.16
CA GLU E 169 14.81 -45.18 19.90
C GLU E 169 13.51 -45.99 19.95
N LEU E 170 13.46 -47.01 20.80
CA LEU E 170 12.25 -47.86 20.98
C LEU E 170 11.12 -47.14 21.75
N GLN E 171 11.52 -46.36 22.75
CA GLN E 171 10.61 -45.48 23.49
C GLN E 171 9.86 -44.53 22.56
N ARG E 172 10.59 -43.94 21.62
CA ARG E 172 10.05 -42.92 20.74
C ARG E 172 9.03 -43.44 19.72
N THR E 173 9.43 -44.43 18.93
CA THR E 173 8.70 -44.82 17.70
C THR E 173 7.37 -45.56 17.85
N ASN E 174 7.19 -46.32 18.93
CA ASN E 174 5.94 -47.07 19.14
C ASN E 174 5.50 -47.90 17.92
N PRO E 175 6.27 -48.92 17.56
CA PRO E 175 5.85 -49.79 16.44
C PRO E 175 4.59 -50.62 16.71
N ALA E 176 3.62 -50.52 15.79
CA ALA E 176 2.45 -51.39 15.77
C ALA E 176 2.82 -52.81 15.34
N GLU E 177 3.71 -52.89 14.35
CA GLU E 177 4.29 -54.17 13.91
C GLU E 177 5.81 -54.06 14.08
N LEU E 178 6.46 -55.16 14.47
CA LEU E 178 7.90 -55.17 14.70
C LEU E 178 8.60 -56.35 14.00
N LEU E 179 9.27 -56.08 12.88
CA LEU E 179 10.15 -57.07 12.24
C LEU E 179 11.45 -57.10 13.02
N TYR E 180 11.98 -58.29 13.26
CA TYR E 180 13.26 -58.36 13.93
C TYR E 180 13.99 -59.59 13.47
N ALA E 181 15.32 -59.50 13.53
CA ALA E 181 16.17 -60.62 13.19
C ALA E 181 16.07 -61.67 14.28
N GLU E 182 15.94 -62.92 13.85
CA GLU E 182 15.93 -64.07 14.73
C GLU E 182 16.94 -64.01 15.91
N ASP E 183 18.12 -63.48 15.63
CA ASP E 183 19.25 -63.51 16.59
C ASP E 183 19.27 -62.43 17.69
N PHE E 184 18.17 -61.70 17.87
CA PHE E 184 18.14 -60.65 18.86
C PHE E 184 18.19 -61.23 20.29
N ALA E 185 19.34 -61.09 20.95
CA ALA E 185 19.61 -61.78 22.22
C ALA E 185 19.08 -61.03 23.45
N GLU E 186 19.33 -59.72 23.50
CA GLU E 186 18.84 -58.88 24.59
C GLU E 186 17.37 -58.53 24.35
N MET E 187 16.52 -59.50 24.65
CA MET E 187 15.10 -59.41 24.36
C MET E 187 14.30 -58.40 25.19
N SER E 188 14.82 -58.06 26.38
CA SER E 188 14.13 -57.11 27.28
C SER E 188 13.86 -55.74 26.63
N LEU E 189 14.57 -55.46 25.54
CA LEU E 189 14.31 -54.27 24.71
C LEU E 189 12.95 -54.31 24.00
N ILE E 190 12.58 -55.46 23.44
CA ILE E 190 11.37 -55.60 22.61
C ILE E 190 10.27 -56.51 23.16
N GLU E 191 10.53 -57.17 24.30
CA GLU E 191 9.64 -58.21 24.83
C GLU E 191 8.12 -57.89 24.91
N GLY E 192 7.78 -56.66 25.31
CA GLY E 192 6.37 -56.26 25.48
C GLY E 192 5.69 -55.60 24.30
N ARG E 193 6.07 -55.99 23.09
CA ARG E 193 5.51 -55.40 21.86
C ARG E 193 4.43 -56.26 21.23
N ARG E 194 3.55 -55.59 20.50
CA ARG E 194 2.42 -56.21 19.82
C ARG E 194 2.71 -56.41 18.33
N GLY E 195 1.83 -57.15 17.65
CA GLY E 195 1.87 -57.32 16.19
C GLY E 195 3.18 -57.88 15.67
N LEU E 196 3.57 -59.03 16.21
CA LEU E 196 4.93 -59.56 16.11
C LEU E 196 5.16 -60.39 14.83
N ARG E 197 6.33 -60.21 14.19
CA ARG E 197 6.72 -60.91 12.94
C ARG E 197 8.25 -61.22 12.84
N ARG E 198 8.67 -62.46 13.10
CA ARG E 198 10.09 -62.84 13.08
C ARG E 198 10.62 -62.98 11.66
N ARG E 199 11.82 -62.44 11.43
CA ARG E 199 12.43 -62.44 10.11
C ARG E 199 13.82 -63.12 10.11
N PRO E 200 14.18 -63.85 9.01
CA PRO E 200 15.51 -64.49 8.85
C PRO E 200 16.72 -63.62 8.46
N LEU E 201 17.93 -64.14 8.66
CA LEU E 201 19.20 -63.37 8.50
C LEU E 201 19.74 -63.24 7.08
N TRP E 202 19.33 -64.14 6.19
CA TRP E 202 19.67 -64.00 4.75
C TRP E 202 19.26 -62.62 4.21
N GLU E 203 18.28 -61.99 4.84
CA GLU E 203 17.83 -60.65 4.50
C GLU E 203 18.76 -59.54 5.02
N PHE E 204 19.69 -59.92 5.90
CA PHE E 204 20.67 -58.99 6.50
C PHE E 204 22.09 -59.18 5.89
N GLU E 205 22.12 -59.59 4.62
CA GLU E 205 23.36 -59.83 3.87
C GLU E 205 23.82 -58.54 3.19
N ILE E 206 25.12 -58.24 3.25
CA ILE E 206 25.64 -56.92 2.83
C ILE E 206 25.41 -56.58 1.36
N ASP E 207 25.78 -57.48 0.45
CA ASP E 207 25.67 -57.24 -0.99
C ASP E 207 24.19 -57.18 -1.39
N THR E 208 23.44 -58.20 -0.96
CA THR E 208 22.00 -58.25 -1.13
C THR E 208 21.40 -56.93 -0.65
N ALA E 209 21.78 -56.53 0.57
CA ALA E 209 21.28 -55.30 1.18
C ALA E 209 21.54 -54.07 0.31
N ARG E 210 22.80 -53.90 -0.09
CA ARG E 210 23.17 -52.72 -0.87
C ARG E 210 22.40 -52.69 -2.20
N GLN E 211 22.41 -53.82 -2.90
CA GLN E 211 21.73 -53.94 -4.19
C GLN E 211 20.23 -53.61 -4.06
N GLN E 212 19.60 -54.17 -3.03
CA GLN E 212 18.15 -53.99 -2.78
C GLN E 212 17.75 -52.52 -2.81
N LEU E 213 18.44 -51.72 -2.01
CA LEU E 213 18.16 -50.29 -1.88
C LEU E 213 18.64 -49.51 -3.12
N ASN E 214 19.73 -49.99 -3.72
CA ASN E 214 20.19 -49.47 -5.02
C ASN E 214 19.20 -49.71 -6.16
N LEU E 215 18.32 -50.70 -5.99
CA LEU E 215 17.22 -50.96 -6.92
C LEU E 215 16.04 -49.97 -6.76
N GLN E 216 15.65 -49.65 -5.51
CA GLN E 216 14.49 -48.74 -5.25
C GLN E 216 14.87 -47.25 -5.28
N PHE E 217 16.01 -46.89 -4.69
CA PHE E 217 16.46 -45.50 -4.71
C PHE E 217 17.24 -45.13 -5.97
N GLY E 218 17.62 -46.15 -6.76
CA GLY E 218 18.21 -45.97 -8.08
C GLY E 218 19.65 -45.50 -8.04
N THR E 219 20.47 -46.21 -7.26
CA THR E 219 21.88 -45.89 -7.10
C THR E 219 22.78 -47.11 -7.46
N ARG E 220 24.10 -46.91 -7.38
CA ARG E 220 25.13 -47.98 -7.55
C ARG E 220 25.83 -48.28 -6.21
N ASP E 221 25.99 -47.24 -5.38
CA ASP E 221 26.32 -47.35 -3.98
C ASP E 221 25.67 -46.15 -3.27
N LEU E 222 25.74 -46.12 -1.94
CA LEU E 222 24.90 -45.22 -1.16
C LEU E 222 25.65 -44.15 -0.36
N VAL E 223 26.84 -43.74 -0.83
CA VAL E 223 27.58 -42.65 -0.17
C VAL E 223 26.83 -41.32 -0.35
N GLY E 224 25.89 -41.29 -1.30
CA GLY E 224 24.99 -40.14 -1.50
C GLY E 224 23.82 -39.92 -0.51
N PHE E 225 23.36 -40.96 0.21
CA PHE E 225 22.25 -40.83 1.20
C PHE E 225 22.74 -40.49 2.62
N GLY E 226 24.04 -40.66 2.86
CA GLY E 226 24.63 -40.48 4.20
C GLY E 226 24.63 -41.76 5.00
N VAL E 227 24.66 -42.90 4.31
CA VAL E 227 24.43 -44.22 4.93
C VAL E 227 25.36 -45.35 4.50
N GLU E 228 26.02 -45.24 3.35
CA GLU E 228 26.96 -46.29 2.88
C GLU E 228 27.86 -46.82 3.99
N ASN E 229 28.15 -45.94 4.93
CA ASN E 229 29.17 -46.11 5.95
C ASN E 229 28.58 -46.52 7.30
N ALA E 230 27.34 -47.01 7.31
CA ALA E 230 26.67 -47.46 8.53
C ALA E 230 26.27 -48.93 8.40
N PRO E 231 27.25 -49.86 8.48
CA PRO E 231 27.07 -51.29 8.11
C PRO E 231 26.06 -52.12 8.94
N ARG E 232 26.25 -52.13 10.26
CA ARG E 232 25.39 -52.83 11.20
C ARG E 232 23.93 -52.41 10.99
N GLY E 233 23.72 -51.10 10.82
CA GLY E 233 22.40 -50.54 10.58
C GLY E 233 21.94 -50.86 9.18
N LEU E 234 22.85 -50.71 8.22
CA LEU E 234 22.56 -51.04 6.83
C LEU E 234 22.01 -52.46 6.66
N SER E 235 22.61 -53.43 7.36
CA SER E 235 22.11 -54.81 7.33
C SER E 235 20.62 -54.87 7.69
N ALA E 236 20.21 -54.05 8.65
CA ALA E 236 18.79 -53.90 9.01
C ALA E 236 17.96 -53.28 7.87
N ALA E 237 18.50 -52.25 7.21
CA ALA E 237 17.80 -51.55 6.11
C ALA E 237 17.42 -52.46 4.94
N GLY E 238 18.32 -53.37 4.56
CA GLY E 238 18.08 -54.30 3.46
C GLY E 238 16.97 -55.31 3.73
N ALA E 239 16.95 -55.82 4.96
CA ALA E 239 15.91 -56.74 5.40
C ALA E 239 14.49 -56.13 5.30
N LEU E 240 14.33 -54.87 5.74
CA LEU E 240 13.01 -54.18 5.76
C LEU E 240 12.40 -53.97 4.37
N LEU E 241 13.26 -53.76 3.37
CA LEU E 241 12.82 -53.59 1.99
C LEU E 241 12.32 -54.90 1.35
N GLN E 242 12.92 -56.02 1.75
CA GLN E 242 12.41 -57.33 1.32
C GLN E 242 10.98 -57.61 1.82
N TYR E 243 10.62 -57.07 2.99
CA TYR E 243 9.24 -57.15 3.51
C TYR E 243 8.34 -56.04 2.96
N ALA E 244 8.92 -54.90 2.57
CA ALA E 244 8.16 -53.87 1.84
C ALA E 244 7.71 -54.38 0.45
N LYS E 245 8.50 -55.29 -0.13
CA LYS E 245 8.13 -56.07 -1.33
C LYS E 245 6.98 -57.03 -1.08
N CYS E 246 6.95 -57.60 0.13
CA CYS E 246 5.84 -58.46 0.58
C CYS E 246 4.55 -57.64 0.86
N THR E 247 4.68 -56.44 1.46
CA THR E 247 3.52 -55.59 1.78
C THR E 247 2.86 -54.92 0.56
N GLN E 248 3.67 -54.57 -0.44
CA GLN E 248 3.20 -53.81 -1.62
C GLN E 248 3.30 -54.56 -2.96
N ARG E 249 4.23 -55.53 -3.05
CA ARG E 249 4.30 -56.52 -4.16
C ARG E 249 4.83 -55.98 -5.51
N THR E 250 4.90 -54.65 -5.60
CA THR E 250 5.41 -53.90 -6.74
C THR E 250 6.15 -52.66 -6.16
N THR E 251 6.45 -51.65 -6.98
CA THR E 251 7.18 -50.45 -6.51
C THR E 251 6.44 -49.70 -5.41
N LEU E 252 7.19 -48.88 -4.69
CA LEU E 252 6.65 -48.04 -3.64
C LEU E 252 6.93 -46.59 -3.95
N PRO E 253 5.98 -45.92 -4.59
CA PRO E 253 6.15 -44.50 -4.93
C PRO E 253 6.04 -43.61 -3.70
N HIS E 254 5.03 -43.86 -2.87
CA HIS E 254 4.79 -43.05 -1.67
C HIS E 254 5.87 -43.21 -0.59
N ILE E 255 6.65 -44.30 -0.67
CA ILE E 255 7.82 -44.50 0.18
C ILE E 255 9.07 -44.28 -0.67
N ARG E 256 9.90 -43.28 -0.32
CA ARG E 256 10.90 -42.73 -1.24
C ARG E 256 12.35 -42.47 -0.76
N SER E 257 12.61 -42.49 0.55
CA SER E 257 13.85 -41.91 1.07
C SER E 257 14.62 -42.80 2.02
N ILE E 258 15.81 -42.34 2.41
CA ILE E 258 16.57 -42.89 3.54
C ILE E 258 17.64 -41.89 4.01
N THR E 259 17.68 -41.62 5.31
CA THR E 259 18.59 -40.63 5.92
C THR E 259 19.12 -41.27 7.20
N MET E 260 19.95 -40.54 7.93
CA MET E 260 20.34 -40.94 9.25
C MET E 260 20.26 -39.79 10.26
N GLU E 261 19.98 -40.19 11.50
CA GLU E 261 20.11 -39.35 12.69
C GLU E 261 21.02 -40.12 13.64
N ARG E 262 22.00 -39.42 14.22
CA ARG E 262 23.06 -40.09 14.99
C ARG E 262 22.79 -40.04 16.50
N GLU E 263 23.60 -40.79 17.25
CA GLU E 263 23.58 -40.82 18.71
C GLU E 263 23.70 -39.42 19.27
N GLN E 264 24.72 -38.72 18.79
CA GLN E 264 24.93 -37.36 19.19
C GLN E 264 24.59 -36.43 18.03
N ASP E 265 23.50 -36.70 17.28
CA ASP E 265 23.20 -36.05 15.96
C ASP E 265 24.01 -34.76 15.69
N SER E 266 24.10 -33.90 16.70
CA SER E 266 25.03 -32.74 16.70
C SER E 266 26.50 -33.11 17.04
N ILE E 267 27.25 -33.58 16.03
CA ILE E 267 28.57 -34.20 16.26
C ILE E 267 29.76 -33.49 15.61
N ILE E 268 30.20 -34.02 14.46
CA ILE E 268 31.52 -33.83 13.94
C ILE E 268 31.53 -33.93 12.40
N MET E 269 32.69 -33.70 11.81
CA MET E 269 32.86 -33.63 10.36
C MET E 269 32.94 -34.99 9.64
N ASP E 270 32.63 -34.99 8.34
CA ASP E 270 32.83 -36.18 7.48
C ASP E 270 34.30 -36.46 7.07
N ALA E 271 34.56 -37.61 6.44
CA ALA E 271 35.92 -38.02 6.05
C ALA E 271 36.56 -37.08 5.03
N ALA E 272 35.75 -36.56 4.12
CA ALA E 272 36.21 -35.55 3.15
C ALA E 272 36.78 -34.33 3.83
N THR E 273 36.09 -33.87 4.87
CA THR E 273 36.59 -32.79 5.72
C THR E 273 37.87 -33.22 6.46
N ARG E 274 37.87 -34.44 7.00
CA ARG E 274 39.00 -34.93 7.79
C ARG E 274 40.31 -35.09 6.98
N ARG E 275 40.19 -35.45 5.70
CA ARG E 275 41.35 -35.55 4.81
C ARG E 275 41.81 -34.19 4.31
N ASN E 276 40.84 -33.39 3.89
CA ASN E 276 41.13 -32.19 3.14
C ASN E 276 41.56 -31.02 4.01
N LEU E 277 41.52 -31.23 5.33
CA LEU E 277 41.96 -30.24 6.30
C LEU E 277 43.48 -30.27 6.51
N GLU E 278 44.06 -31.47 6.44
CA GLU E 278 45.47 -31.72 6.80
C GLU E 278 45.60 -31.71 8.35
N ILE E 279 44.87 -32.61 9.01
CA ILE E 279 44.80 -32.64 10.49
C ILE E 279 46.05 -33.30 11.08
N THR E 280 46.14 -34.62 10.91
CA THR E 280 47.31 -35.39 11.29
C THR E 280 47.88 -36.12 10.08
N GLN E 281 47.36 -35.81 8.89
CA GLN E 281 47.94 -36.27 7.64
C GLN E 281 47.56 -35.30 6.55
N ASN E 282 48.56 -34.76 5.87
CA ASN E 282 48.30 -33.80 4.79
C ASN E 282 47.69 -34.46 3.56
N LEU E 283 47.27 -33.63 2.59
CA LEU E 283 46.77 -34.14 1.31
C LEU E 283 47.77 -35.14 0.75
N ALA E 284 49.06 -34.78 0.89
CA ALA E 284 50.19 -35.55 0.40
C ALA E 284 50.85 -36.49 1.44
N GLY E 285 50.04 -37.10 2.31
CA GLY E 285 50.44 -38.31 3.04
C GLY E 285 51.25 -38.28 4.33
N GLY E 286 52.08 -37.26 4.51
CA GLY E 286 52.97 -37.21 5.67
C GLY E 286 52.23 -36.84 6.95
N ALA E 287 52.99 -36.38 7.93
CA ALA E 287 52.39 -35.79 9.11
C ALA E 287 52.79 -34.30 9.22
N GLU E 288 53.19 -33.69 8.10
CA GLU E 288 53.77 -32.33 8.06
C GLU E 288 52.79 -31.23 7.57
N ASN E 289 53.01 -29.99 8.03
CA ASN E 289 52.17 -28.84 7.65
C ASN E 289 50.66 -29.07 7.82
N THR E 290 50.29 -29.40 9.06
CA THR E 290 48.93 -29.77 9.46
C THR E 290 48.45 -28.95 10.66
N LEU E 291 47.22 -29.22 11.12
CA LEU E 291 46.73 -28.75 12.42
C LEU E 291 47.66 -29.23 13.53
N ALA E 292 47.88 -30.55 13.60
CA ALA E 292 48.73 -31.15 14.65
C ALA E 292 50.12 -30.50 14.75
N SER E 293 50.69 -30.12 13.61
CA SER E 293 52.04 -29.54 13.53
C SER E 293 52.19 -28.19 14.24
N VAL E 294 51.13 -27.38 14.18
CA VAL E 294 51.16 -26.05 14.78
C VAL E 294 50.73 -26.10 16.25
N LEU E 295 49.86 -27.05 16.59
CA LEU E 295 49.42 -27.18 17.98
C LEU E 295 50.40 -28.01 18.82
N ASP E 296 50.65 -29.24 18.39
CA ASP E 296 51.17 -30.28 19.28
C ASP E 296 52.64 -30.14 19.71
N SER E 297 52.93 -29.24 20.66
CA SER E 297 54.26 -29.19 21.31
C SER E 297 54.19 -29.83 22.70
N THR E 298 53.35 -30.85 22.83
CA THR E 298 53.14 -31.55 24.08
C THR E 298 54.36 -32.39 24.40
N VAL E 299 54.60 -32.55 25.70
CA VAL E 299 55.85 -33.11 26.20
C VAL E 299 55.68 -34.47 26.89
N THR E 300 54.44 -34.88 27.11
CA THR E 300 54.15 -36.27 27.50
C THR E 300 53.54 -36.98 26.29
N PRO E 301 53.96 -38.23 26.03
CA PRO E 301 53.43 -38.96 24.87
C PRO E 301 51.95 -39.22 24.98
N MET E 302 51.50 -39.52 26.19
CA MET E 302 50.08 -39.68 26.50
C MET E 302 49.25 -38.39 26.25
N GLY E 303 49.93 -37.24 26.22
CA GLY E 303 49.28 -35.96 25.89
C GLY E 303 49.32 -35.61 24.42
N SER E 304 50.38 -36.05 23.73
CA SER E 304 50.47 -35.93 22.28
C SER E 304 49.31 -36.67 21.62
N ARG E 305 49.02 -37.86 22.10
CA ARG E 305 47.98 -38.72 21.53
C ARG E 305 46.54 -38.39 21.95
N MET E 306 46.38 -37.69 23.09
CA MET E 306 45.05 -37.21 23.52
C MET E 306 44.64 -35.95 22.75
N LEU E 307 45.61 -35.08 22.46
CA LEU E 307 45.39 -33.93 21.59
C LEU E 307 44.98 -34.37 20.19
N LYS E 308 45.50 -35.53 19.74
CA LYS E 308 45.00 -36.24 18.56
C LYS E 308 43.48 -36.43 18.58
N ARG E 309 42.98 -37.08 19.63
CA ARG E 309 41.55 -37.40 19.74
C ARG E 309 40.65 -36.18 19.96
N TRP E 310 41.16 -35.15 20.65
CA TRP E 310 40.40 -33.91 20.90
C TRP E 310 40.29 -33.04 19.62
N LEU E 311 41.40 -32.88 18.90
CA LEU E 311 41.39 -32.26 17.54
C LEU E 311 40.45 -32.96 16.56
N HIS E 312 40.21 -34.24 16.78
CA HIS E 312 39.32 -35.04 15.94
C HIS E 312 37.89 -35.16 16.50
N MET E 313 37.52 -34.33 17.49
CA MET E 313 36.20 -34.43 18.12
C MET E 313 35.71 -33.19 18.87
N PRO E 314 34.77 -32.44 18.27
CA PRO E 314 33.98 -31.52 19.09
C PRO E 314 33.03 -32.27 20.02
N VAL E 315 33.08 -31.97 21.34
CA VAL E 315 32.00 -32.32 22.31
C VAL E 315 31.28 -31.04 22.73
N ARG E 316 29.95 -31.02 22.61
CA ARG E 316 29.19 -29.77 22.54
C ARG E 316 28.37 -29.33 23.76
N ASP E 317 28.66 -29.92 24.92
CA ASP E 317 28.12 -29.46 26.19
C ASP E 317 28.80 -28.13 26.48
N THR E 318 28.02 -27.05 26.49
CA THR E 318 28.58 -25.70 26.55
C THR E 318 29.28 -25.37 27.87
N ARG E 319 29.03 -26.16 28.92
CA ARG E 319 29.68 -25.94 30.23
C ARG E 319 31.07 -26.58 30.39
N VAL E 320 31.34 -27.70 29.69
CA VAL E 320 32.67 -28.37 29.73
C VAL E 320 33.71 -27.61 28.92
N LEU E 321 33.26 -26.85 27.91
CA LEU E 321 34.12 -25.97 27.13
C LEU E 321 34.66 -24.85 27.99
N LEU E 322 33.75 -24.13 28.63
CA LEU E 322 34.10 -22.99 29.48
C LEU E 322 34.83 -23.44 30.76
N GLU E 323 34.77 -24.74 31.08
CA GLU E 323 35.62 -25.35 32.12
C GLU E 323 37.00 -25.73 31.54
N ARG E 324 37.06 -26.42 30.40
CA ARG E 324 38.31 -26.62 29.66
C ARG E 324 38.98 -25.28 29.33
N GLN E 325 38.17 -24.31 28.95
CA GLN E 325 38.67 -23.00 28.51
C GLN E 325 39.26 -22.15 29.63
N GLN E 326 38.64 -22.15 30.81
CA GLN E 326 39.19 -21.38 31.95
C GLN E 326 40.30 -22.11 32.64
N THR E 327 40.40 -23.40 32.38
CA THR E 327 41.61 -24.15 32.71
C THR E 327 42.74 -23.66 31.79
N ILE E 328 42.46 -23.59 30.48
CA ILE E 328 43.47 -23.16 29.44
C ILE E 328 43.98 -21.72 29.57
N GLY E 329 43.14 -20.80 30.06
CA GLY E 329 43.56 -19.41 30.25
C GLY E 329 44.49 -19.21 31.43
N ALA E 330 44.36 -20.08 32.44
CA ALA E 330 45.12 -20.00 33.69
C ALA E 330 46.49 -20.67 33.61
N LEU E 331 46.79 -21.27 32.45
CA LEU E 331 48.06 -21.96 32.18
C LEU E 331 49.02 -21.22 31.17
N GLN E 332 48.51 -20.22 30.44
CA GLN E 332 49.25 -19.46 29.40
C GLN E 332 50.67 -18.99 29.78
N ASP E 333 50.82 -18.42 30.98
CA ASP E 333 52.11 -17.88 31.45
C ASP E 333 52.81 -18.79 32.48
N PHE E 334 52.18 -19.92 32.80
CA PHE E 334 52.80 -21.00 33.59
C PHE E 334 53.26 -22.14 32.65
N THR E 335 53.19 -21.92 31.34
CA THR E 335 53.73 -22.84 30.33
C THR E 335 55.20 -23.10 30.59
N ALA E 336 55.94 -22.00 30.75
CA ALA E 336 57.38 -22.01 30.85
C ALA E 336 57.89 -22.94 31.95
N GLY E 337 57.37 -22.79 33.17
CA GLY E 337 57.85 -23.56 34.32
C GLY E 337 57.44 -25.03 34.28
N LEU E 338 56.26 -25.28 33.72
CA LEU E 338 55.61 -26.58 33.84
C LEU E 338 55.98 -27.55 32.73
N GLN E 339 55.99 -27.10 31.48
CA GLN E 339 56.31 -28.00 30.36
C GLN E 339 57.56 -28.82 30.64
N PRO E 340 58.65 -28.18 31.11
CA PRO E 340 59.89 -28.90 31.44
C PRO E 340 59.82 -29.89 32.62
N VAL E 341 58.88 -29.70 33.56
CA VAL E 341 58.62 -30.70 34.62
C VAL E 341 57.58 -31.69 34.10
N LEU E 342 56.72 -31.23 33.18
CA LEU E 342 55.74 -32.08 32.52
C LEU E 342 56.42 -33.07 31.61
N ARG E 343 57.32 -32.59 30.78
CA ARG E 343 58.11 -33.47 29.95
C ARG E 343 58.51 -34.69 30.79
N GLN E 344 58.99 -34.43 32.02
CA GLN E 344 59.65 -35.45 32.84
C GLN E 344 58.72 -36.48 33.50
N VAL E 345 57.40 -36.29 33.39
CA VAL E 345 56.45 -37.36 33.75
C VAL E 345 56.33 -38.37 32.60
N GLY E 346 56.13 -37.87 31.39
CA GLY E 346 56.12 -38.71 30.19
C GLY E 346 54.94 -39.65 30.05
N ASP E 347 55.23 -40.86 29.57
CA ASP E 347 54.21 -41.81 29.13
C ASP E 347 53.77 -42.78 30.24
N LEU E 348 53.06 -42.27 31.25
CA LEU E 348 52.59 -43.09 32.37
C LEU E 348 51.48 -44.02 31.93
N GLU E 349 50.56 -43.46 31.18
CA GLU E 349 49.47 -44.18 30.53
C GLU E 349 49.85 -45.59 30.09
N ARG E 350 50.85 -45.68 29.21
CA ARG E 350 51.19 -46.95 28.57
C ARG E 350 51.92 -47.96 29.47
N ILE E 351 52.71 -47.46 30.43
CA ILE E 351 53.48 -48.37 31.30
C ILE E 351 52.56 -49.07 32.29
N LEU E 352 51.41 -48.46 32.57
CA LEU E 352 50.38 -49.09 33.38
C LEU E 352 49.85 -50.37 32.75
N ALA E 353 49.61 -50.33 31.44
CA ALA E 353 49.07 -51.48 30.71
C ALA E 353 50.09 -52.59 30.45
N ARG E 354 51.35 -52.22 30.19
CA ARG E 354 52.43 -53.21 29.96
C ARG E 354 52.87 -53.90 31.25
N LEU E 355 52.84 -53.13 32.35
CA LEU E 355 52.98 -53.68 33.69
C LEU E 355 51.90 -54.74 33.92
N ALA E 356 50.68 -54.39 33.50
CA ALA E 356 49.49 -55.25 33.70
C ALA E 356 49.57 -56.59 32.99
N LEU E 357 49.92 -56.60 31.71
CA LEU E 357 49.96 -57.83 30.92
C LEU E 357 51.21 -58.68 31.20
N ARG E 358 52.05 -58.19 32.12
CA ARG E 358 53.18 -58.95 32.70
C ARG E 358 54.34 -59.18 31.71
N THR E 359 54.46 -58.28 30.72
CA THR E 359 55.56 -58.32 29.78
C THR E 359 56.56 -57.23 30.07
N ALA E 360 56.20 -56.28 30.93
CA ALA E 360 57.00 -55.06 31.15
C ALA E 360 58.50 -55.31 31.38
N ARG E 361 59.33 -54.34 30.98
CA ARG E 361 60.79 -54.43 31.02
C ARG E 361 61.38 -53.30 31.88
N PRO E 362 62.56 -53.53 32.51
CA PRO E 362 63.14 -52.64 33.54
C PRO E 362 63.11 -51.12 33.32
N ARG E 363 63.46 -50.66 32.12
CA ARG E 363 63.48 -49.21 31.81
C ARG E 363 62.08 -48.63 31.55
N ASP E 364 61.08 -49.50 31.39
CA ASP E 364 59.68 -49.08 31.46
C ASP E 364 59.40 -48.64 32.90
N LEU E 365 59.87 -49.44 33.84
CA LEU E 365 59.70 -49.16 35.27
C LEU E 365 60.68 -48.09 35.79
N ALA E 366 61.81 -47.92 35.11
CA ALA E 366 62.73 -46.83 35.42
C ALA E 366 62.21 -45.49 34.86
N ARG E 367 61.50 -45.56 33.73
CA ARG E 367 60.72 -44.42 33.21
C ARG E 367 59.68 -44.04 34.23
N MET E 368 58.99 -45.06 34.74
CA MET E 368 58.02 -44.92 35.81
C MET E 368 58.68 -44.27 37.02
N ARG E 369 59.88 -44.74 37.39
CA ARG E 369 60.67 -44.16 38.48
C ARG E 369 60.93 -42.64 38.28
N HIS E 370 61.43 -42.25 37.11
CA HIS E 370 61.79 -40.84 36.85
C HIS E 370 60.56 -39.92 36.85
N ALA E 371 59.46 -40.42 36.29
CA ALA E 371 58.20 -39.70 36.31
C ALA E 371 57.82 -39.32 37.73
N PHE E 372 57.97 -40.28 38.64
CA PHE E 372 57.49 -40.15 40.03
C PHE E 372 58.12 -39.03 40.86
N GLN E 373 59.41 -38.73 40.64
CA GLN E 373 60.07 -37.68 41.43
C GLN E 373 59.90 -36.26 40.85
N GLN E 374 58.99 -36.13 39.87
CA GLN E 374 58.50 -34.83 39.37
C GLN E 374 57.13 -34.45 39.94
N LEU E 375 56.50 -35.35 40.68
CA LEU E 375 55.07 -35.22 41.04
C LEU E 375 54.72 -34.32 42.25
N PRO E 376 55.47 -34.42 43.37
CA PRO E 376 55.33 -33.34 44.37
C PRO E 376 55.72 -31.96 43.82
N GLU E 377 56.63 -31.94 42.83
CA GLU E 377 57.04 -30.71 42.10
C GLU E 377 55.92 -30.19 41.20
N LEU E 378 55.19 -31.11 40.55
CA LEU E 378 54.01 -30.75 39.78
C LEU E 378 52.85 -30.34 40.67
N ARG E 379 52.67 -31.04 41.80
CA ARG E 379 51.68 -30.64 42.83
C ARG E 379 51.97 -29.24 43.39
N ALA E 380 53.24 -28.87 43.50
CA ALA E 380 53.67 -27.55 43.98
C ALA E 380 53.50 -26.46 42.92
N GLN E 381 53.87 -26.77 41.66
CA GLN E 381 53.68 -25.84 40.54
C GLN E 381 52.20 -25.66 40.14
N LEU E 382 51.33 -26.58 40.61
CA LEU E 382 49.86 -26.49 40.39
C LEU E 382 49.11 -25.82 41.54
N GLU E 383 49.75 -25.68 42.69
CA GLU E 383 49.17 -24.93 43.81
C GLU E 383 49.31 -23.41 43.58
N THR E 384 50.14 -23.01 42.60
CA THR E 384 50.25 -21.60 42.13
C THR E 384 49.31 -21.26 40.94
N VAL E 385 48.78 -22.30 40.30
CA VAL E 385 47.74 -22.15 39.28
C VAL E 385 46.37 -22.29 39.96
N ASP E 386 45.53 -21.29 39.79
CA ASP E 386 44.22 -21.21 40.47
C ASP E 386 43.05 -21.45 39.50
N SER E 387 42.77 -22.72 39.23
CA SER E 387 41.62 -23.15 38.42
C SER E 387 41.05 -24.45 38.99
N ALA E 388 39.74 -24.49 39.22
CA ALA E 388 39.09 -25.63 39.89
C ALA E 388 39.36 -26.98 39.20
N PRO E 389 39.24 -27.04 37.86
CA PRO E 389 39.69 -28.22 37.11
C PRO E 389 41.17 -28.57 37.31
N VAL E 390 42.02 -27.56 37.39
CA VAL E 390 43.44 -27.78 37.64
C VAL E 390 43.62 -28.34 39.04
N GLN E 391 43.09 -27.62 40.02
CA GLN E 391 43.06 -28.07 41.41
C GLN E 391 42.48 -29.46 41.55
N ALA E 392 41.41 -29.71 40.80
CA ALA E 392 40.79 -31.03 40.76
C ALA E 392 41.71 -32.04 40.05
N LEU E 393 42.36 -31.62 38.96
CA LEU E 393 43.24 -32.52 38.22
C LEU E 393 44.60 -32.69 38.88
N ARG E 394 44.95 -31.79 39.79
CA ARG E 394 46.13 -31.93 40.67
C ARG E 394 45.99 -33.09 41.67
N GLU E 395 44.75 -33.34 42.10
CA GLU E 395 44.39 -34.30 43.20
C GLU E 395 44.25 -35.77 42.71
N LYS E 396 43.54 -35.95 41.59
CA LYS E 396 43.37 -37.26 40.94
C LYS E 396 44.73 -37.86 40.55
N MET E 397 45.65 -36.96 40.24
CA MET E 397 47.03 -37.22 39.80
C MET E 397 47.99 -37.81 40.87
N GLY E 398 48.21 -37.07 41.96
CA GLY E 398 48.90 -37.61 43.15
C GLY E 398 50.41 -37.73 43.11
N GLU E 399 50.93 -38.83 43.66
CA GLU E 399 52.38 -39.07 43.87
C GLU E 399 52.75 -40.59 43.96
N PHE E 400 52.06 -41.37 44.81
CA PHE E 400 52.30 -42.84 44.99
C PHE E 400 53.71 -43.24 45.53
N ALA E 401 53.99 -42.89 46.79
CA ALA E 401 55.30 -43.13 47.43
C ALA E 401 55.55 -44.57 47.93
N GLU E 402 54.55 -45.45 47.77
CA GLU E 402 54.69 -46.89 48.04
C GLU E 402 55.36 -47.59 46.86
N LEU E 403 54.86 -47.28 45.67
CA LEU E 403 55.41 -47.80 44.43
C LEU E 403 56.79 -47.19 44.18
N ARG E 404 57.02 -45.95 44.63
CA ARG E 404 58.32 -45.26 44.50
C ARG E 404 59.45 -45.94 45.30
N ASP E 405 59.12 -46.32 46.54
CA ASP E 405 60.09 -46.96 47.44
C ASP E 405 60.43 -48.36 46.89
N LEU E 406 59.41 -49.08 46.41
CA LEU E 406 59.59 -50.42 45.80
C LEU E 406 60.54 -50.41 44.60
N LEU E 407 60.31 -49.50 43.66
CA LEU E 407 61.11 -49.40 42.46
C LEU E 407 62.54 -48.96 42.76
N GLU E 408 62.70 -47.96 43.64
CA GLU E 408 64.04 -47.45 44.01
C GLU E 408 64.89 -48.47 44.81
N ARG E 409 64.23 -49.44 45.44
CA ARG E 409 64.92 -50.57 46.08
C ARG E 409 65.14 -51.73 45.10
N ALA E 410 64.16 -51.92 44.21
CA ALA E 410 64.19 -52.98 43.23
C ALA E 410 65.19 -52.79 42.09
N ILE E 411 65.61 -51.55 41.81
CA ILE E 411 66.37 -51.20 40.56
C ILE E 411 67.48 -50.09 40.69
N ILE E 412 68.43 -50.08 39.75
CA ILE E 412 69.42 -49.00 39.60
C ILE E 412 68.73 -47.73 39.03
N ASP E 413 69.44 -46.59 38.96
CA ASP E 413 68.88 -45.33 38.40
C ASP E 413 68.14 -45.48 37.06
N THR E 414 68.81 -46.04 36.06
CA THR E 414 68.18 -46.49 34.79
C THR E 414 68.88 -47.77 34.29
N PRO E 415 68.30 -48.96 34.59
CA PRO E 415 68.93 -50.27 34.36
C PRO E 415 68.98 -50.68 32.87
N PRO E 416 69.43 -51.92 32.57
CA PRO E 416 69.32 -52.48 31.19
C PRO E 416 67.90 -52.88 30.78
N VAL E 417 67.64 -52.96 29.47
CA VAL E 417 66.28 -53.14 28.90
C VAL E 417 65.59 -54.49 29.21
N LEU E 418 66.34 -55.45 29.74
CA LEU E 418 65.76 -56.68 30.29
C LEU E 418 66.50 -57.08 31.56
N VAL E 419 65.74 -57.58 32.55
CA VAL E 419 66.26 -57.89 33.90
C VAL E 419 67.28 -59.02 33.84
N ARG E 420 66.93 -60.02 33.02
CA ARG E 420 67.75 -61.20 32.72
C ARG E 420 69.24 -61.21 33.08
N ASP E 421 69.98 -60.19 32.63
CA ASP E 421 71.47 -60.19 32.69
C ASP E 421 72.12 -59.77 34.01
N GLY E 422 71.30 -59.62 35.06
CA GLY E 422 71.77 -58.99 36.28
C GLY E 422 71.86 -57.49 36.07
N GLY E 423 72.36 -56.77 37.07
CA GLY E 423 72.53 -55.31 36.97
C GLY E 423 71.26 -54.48 36.77
N VAL E 424 70.10 -55.11 36.96
CA VAL E 424 68.83 -54.38 37.10
C VAL E 424 68.48 -54.39 38.58
N ILE E 425 68.17 -55.57 39.10
CA ILE E 425 67.74 -55.74 40.50
C ILE E 425 68.92 -55.65 41.45
N ALA E 426 68.85 -54.69 42.38
CA ALA E 426 69.99 -54.30 43.19
C ALA E 426 70.29 -55.28 44.33
N SER E 427 71.58 -55.49 44.62
CA SER E 427 72.00 -56.15 45.85
C SER E 427 71.66 -55.23 47.02
N GLY E 428 70.84 -55.71 47.94
CA GLY E 428 70.28 -54.88 49.00
C GLY E 428 68.77 -54.90 48.93
N TYR E 429 68.23 -55.30 47.78
CA TYR E 429 66.78 -55.48 47.58
C TYR E 429 66.18 -56.67 48.36
N ASN E 430 66.99 -57.71 48.61
CA ASN E 430 66.56 -58.93 49.33
C ASN E 430 67.82 -59.72 49.74
N GLU E 431 67.85 -60.30 50.95
CA GLU E 431 69.05 -61.01 51.43
C GLU E 431 69.39 -62.28 50.64
N GLU E 432 68.39 -62.85 49.96
CA GLU E 432 68.60 -64.00 49.07
C GLU E 432 69.72 -63.71 48.03
N LEU E 433 69.62 -62.55 47.37
CA LEU E 433 70.53 -62.14 46.29
C LEU E 433 71.97 -61.87 46.73
N ASP E 434 72.15 -61.25 47.91
CA ASP E 434 73.45 -60.68 48.32
C ASP E 434 74.43 -61.63 49.01
N GLU E 435 73.91 -62.69 49.64
CA GLU E 435 74.79 -63.78 50.09
C GLU E 435 75.55 -64.33 48.87
N TRP E 436 74.83 -64.50 47.77
CA TRP E 436 75.38 -65.05 46.53
C TRP E 436 76.21 -64.06 45.66
N ARG E 437 75.97 -62.77 45.80
CA ARG E 437 76.74 -61.75 45.06
C ARG E 437 78.08 -61.41 45.71
N ALA E 438 78.16 -61.55 47.03
CA ALA E 438 79.43 -61.48 47.73
C ALA E 438 80.26 -62.77 47.53
N LEU E 439 79.57 -63.92 47.47
CA LEU E 439 80.22 -65.24 47.29
C LEU E 439 80.55 -65.64 45.85
N ALA E 440 80.07 -64.86 44.87
CA ALA E 440 80.44 -65.07 43.45
C ALA E 440 81.95 -64.97 43.26
N ASP E 441 82.59 -64.17 44.10
CA ASP E 441 84.04 -64.07 44.16
C ASP E 441 84.53 -64.63 45.49
N LYS E 517 74.13 -67.77 43.44
CA LYS E 517 74.82 -66.95 42.45
C LYS E 517 74.12 -67.13 41.11
N GLY E 518 74.07 -68.38 40.64
CA GLY E 518 73.22 -68.79 39.50
C GLY E 518 71.90 -69.27 40.05
N LYS E 519 71.94 -69.62 41.33
CA LYS E 519 70.78 -69.58 42.19
C LYS E 519 70.21 -68.16 42.11
N ALA E 520 71.05 -67.17 42.40
CA ALA E 520 70.66 -65.75 42.34
C ALA E 520 70.25 -65.21 40.94
N LEU E 521 70.67 -65.90 39.86
CA LEU E 521 70.24 -65.56 38.48
C LEU E 521 68.74 -65.70 38.31
N ALA E 522 68.23 -66.87 38.70
CA ALA E 522 66.81 -67.12 38.66
C ALA E 522 66.06 -66.14 39.57
N LEU E 523 66.67 -65.75 40.70
CA LEU E 523 66.06 -64.81 41.65
C LEU E 523 65.78 -63.43 41.06
N GLU E 524 66.62 -63.01 40.12
CA GLU E 524 66.46 -61.72 39.46
C GLU E 524 65.18 -61.65 38.60
N LYS E 525 64.88 -62.72 37.87
CA LYS E 525 63.59 -62.87 37.17
C LYS E 525 62.41 -63.11 38.13
N GLN E 526 62.69 -63.81 39.24
CA GLN E 526 61.70 -64.10 40.29
C GLN E 526 61.26 -62.82 40.98
N LEU E 527 62.23 -62.10 41.53
CA LEU E 527 61.92 -60.87 42.25
C LEU E 527 61.37 -59.79 41.33
N TYR E 528 61.61 -59.92 40.01
CA TYR E 528 60.99 -59.04 39.01
C TYR E 528 59.49 -59.32 38.77
N GLU E 529 59.11 -60.60 38.71
CA GLU E 529 57.68 -60.96 38.63
C GLU E 529 56.94 -60.62 39.93
N GLU E 530 57.67 -60.59 41.05
CA GLU E 530 57.13 -60.15 42.32
C GLU E 530 56.82 -58.65 42.31
N LEU E 531 57.63 -57.86 41.59
CA LEU E 531 57.34 -56.43 41.37
C LEU E 531 55.96 -56.23 40.77
N PHE E 532 55.63 -57.04 39.75
CA PHE E 532 54.31 -56.99 39.14
C PHE E 532 53.24 -57.23 40.21
N ASP E 533 53.39 -58.32 40.95
CA ASP E 533 52.35 -58.77 41.90
C ASP E 533 52.09 -57.79 43.06
N LEU E 534 53.12 -57.07 43.49
CA LEU E 534 53.00 -56.03 44.53
C LEU E 534 52.41 -54.72 43.99
N LEU E 535 52.74 -54.40 42.73
CA LEU E 535 52.23 -53.19 42.09
C LEU E 535 50.88 -53.36 41.37
N LEU E 536 50.52 -54.60 41.03
CA LEU E 536 49.32 -54.89 40.20
C LEU E 536 47.95 -54.46 40.76
N PRO E 537 47.76 -54.56 42.11
CA PRO E 537 46.53 -54.01 42.70
C PRO E 537 46.43 -52.45 42.76
N HIS E 538 47.42 -51.72 42.22
CA HIS E 538 47.39 -50.24 42.10
C HIS E 538 47.14 -49.69 40.66
N LEU E 539 46.72 -50.56 39.72
CA LEU E 539 46.52 -50.17 38.29
C LEU E 539 45.49 -49.03 38.07
N GLU E 540 44.36 -49.14 38.74
CA GLU E 540 43.23 -48.20 38.61
C GLU E 540 43.44 -46.88 39.35
N ALA E 541 44.22 -46.91 40.44
CA ALA E 541 44.61 -45.70 41.20
C ALA E 541 45.46 -44.76 40.34
N LEU E 542 46.20 -45.37 39.42
CA LEU E 542 46.98 -44.67 38.42
C LEU E 542 46.21 -44.42 37.11
N GLN E 543 45.12 -45.15 36.88
CA GLN E 543 44.21 -44.84 35.75
C GLN E 543 43.39 -43.56 36.00
N GLN E 544 43.12 -43.24 37.26
CA GLN E 544 42.49 -41.96 37.64
C GLN E 544 43.47 -40.82 37.37
N SER E 545 44.74 -41.09 37.66
CA SER E 545 45.82 -40.16 37.36
C SER E 545 46.12 -40.04 35.84
N ALA E 546 45.97 -41.13 35.09
CA ALA E 546 46.23 -41.15 33.63
C ALA E 546 45.26 -40.28 32.83
N SER E 547 44.05 -40.13 33.34
CA SER E 547 43.07 -39.18 32.79
C SER E 547 43.49 -37.73 33.09
N ALA E 548 43.92 -37.47 34.32
CA ALA E 548 44.26 -36.10 34.78
C ALA E 548 45.58 -35.50 34.22
N LEU E 549 46.64 -36.30 34.17
CA LEU E 549 47.93 -35.88 33.60
C LEU E 549 47.78 -35.48 32.16
N ALA E 550 47.16 -36.36 31.39
CA ALA E 550 46.89 -36.09 29.99
C ALA E 550 45.96 -34.89 29.84
N GLU E 551 44.93 -34.80 30.69
CA GLU E 551 43.99 -33.68 30.67
C GLU E 551 44.79 -32.37 30.82
N LEU E 552 45.66 -32.31 31.83
CA LEU E 552 46.57 -31.18 32.00
C LEU E 552 47.37 -30.86 30.76
N ASP E 553 48.04 -31.88 30.22
CA ASP E 553 48.96 -31.73 29.11
C ASP E 553 48.30 -31.09 27.88
N VAL E 554 47.11 -31.57 27.51
CA VAL E 554 46.38 -30.99 26.37
C VAL E 554 45.98 -29.55 26.69
N LEU E 555 45.50 -29.32 27.91
CA LEU E 555 45.10 -27.99 28.35
C LEU E 555 46.26 -26.99 28.25
N VAL E 556 47.37 -27.32 28.92
CA VAL E 556 48.59 -26.49 28.88
C VAL E 556 49.00 -26.09 27.46
N ASN E 557 49.12 -27.11 26.61
CA ASN E 557 49.56 -26.93 25.25
C ASN E 557 48.68 -25.97 24.48
N LEU E 558 47.37 -26.23 24.46
CA LEU E 558 46.43 -25.36 23.77
C LEU E 558 46.60 -23.93 24.27
N ALA E 559 46.80 -23.80 25.58
CA ALA E 559 47.08 -22.52 26.23
C ALA E 559 48.36 -21.93 25.71
N GLU E 560 49.35 -22.80 25.57
CA GLU E 560 50.65 -22.39 25.04
C GLU E 560 50.56 -21.83 23.60
N ARG E 561 49.64 -22.35 22.80
CA ARG E 561 49.51 -21.92 21.40
C ARG E 561 48.70 -20.64 21.30
N ALA E 562 47.82 -20.42 22.27
CA ALA E 562 47.20 -19.13 22.40
C ALA E 562 48.26 -18.08 22.63
N TYR E 563 49.04 -18.27 23.68
CA TYR E 563 50.18 -17.42 24.06
C TYR E 563 51.10 -17.12 22.89
N THR E 564 51.60 -18.22 22.32
CA THR E 564 52.70 -18.18 21.38
C THR E 564 52.24 -17.72 20.00
N LEU E 565 51.10 -18.23 19.55
CA LEU E 565 50.57 -17.89 18.22
C LEU E 565 49.42 -16.89 18.31
N ASN E 566 49.30 -16.26 19.47
CA ASN E 566 48.39 -15.16 19.67
C ASN E 566 46.99 -15.52 19.25
N TYR E 567 46.35 -16.40 20.01
CA TYR E 567 44.92 -16.72 19.83
C TYR E 567 44.05 -15.93 20.83
N THR E 568 42.71 -16.05 20.74
CA THR E 568 41.81 -15.27 21.59
C THR E 568 40.68 -16.13 22.19
N SER E 569 39.98 -15.63 23.22
CA SER E 569 38.88 -16.37 23.85
C SER E 569 37.64 -16.42 22.96
N PRO E 570 37.24 -17.63 22.52
CA PRO E 570 36.05 -17.76 21.72
C PRO E 570 34.84 -18.09 22.61
N THR E 571 33.66 -17.58 22.25
CA THR E 571 32.40 -17.90 22.97
C THR E 571 31.43 -18.64 22.06
N PHE E 572 30.29 -19.01 22.62
CA PHE E 572 29.28 -19.73 21.87
C PHE E 572 27.91 -19.08 22.05
N ILE E 573 27.27 -18.76 20.93
CA ILE E 573 25.95 -18.12 20.91
C ILE E 573 24.88 -19.17 20.59
N ASP E 574 23.59 -18.83 20.76
CA ASP E 574 22.52 -19.82 20.65
C ASP E 574 21.86 -19.97 19.26
N LYS E 575 22.00 -18.96 18.40
CA LYS E 575 21.63 -19.10 16.98
C LYS E 575 22.80 -19.69 16.21
N PRO E 576 22.55 -20.63 15.28
CA PRO E 576 23.67 -21.09 14.44
C PRO E 576 24.42 -19.87 13.87
N GLY E 577 25.74 -19.85 13.92
CA GLY E 577 26.44 -18.65 13.47
C GLY E 577 27.92 -18.66 13.77
N ILE E 578 28.69 -18.12 12.83
CA ILE E 578 30.13 -18.07 12.94
C ILE E 578 30.54 -16.65 12.57
N ARG E 579 30.74 -15.83 13.59
CA ARG E 579 30.92 -14.40 13.38
C ARG E 579 32.36 -14.02 13.76
N ILE E 580 33.11 -13.49 12.80
CA ILE E 580 34.57 -13.39 12.86
C ILE E 580 35.10 -12.00 12.59
N THR E 581 36.14 -11.62 13.30
CA THR E 581 36.83 -10.36 13.08
C THR E 581 38.35 -10.56 12.84
N GLU E 582 38.81 -10.24 11.62
CA GLU E 582 40.21 -10.43 11.19
C GLU E 582 40.76 -11.81 11.54
N GLY E 583 40.16 -12.82 10.95
CA GLY E 583 40.39 -14.20 11.32
C GLY E 583 41.53 -14.81 10.57
N ARG E 584 42.18 -15.78 11.22
CA ARG E 584 43.37 -16.44 10.71
C ARG E 584 43.21 -17.97 10.67
N HIS E 585 44.24 -18.65 10.16
CA HIS E 585 44.38 -20.13 10.11
C HIS E 585 45.77 -20.48 10.67
N PRO E 586 45.90 -21.57 11.45
CA PRO E 586 47.13 -21.91 12.21
C PRO E 586 48.41 -22.28 11.44
N VAL E 587 48.29 -23.03 10.35
CA VAL E 587 49.45 -23.61 9.64
C VAL E 587 50.08 -22.64 8.61
N VAL E 588 49.22 -21.87 7.93
CA VAL E 588 49.64 -20.96 6.86
C VAL E 588 50.44 -19.77 7.42
N GLU E 589 50.05 -19.26 8.59
CA GLU E 589 50.74 -18.12 9.21
C GLU E 589 52.13 -18.52 9.76
N GLN E 590 52.42 -19.83 9.79
CA GLN E 590 53.75 -20.37 10.14
C GLN E 590 54.71 -20.42 8.90
N VAL E 591 54.17 -20.86 7.76
CA VAL E 591 54.98 -21.15 6.54
C VAL E 591 55.09 -19.97 5.59
N LEU E 592 53.98 -19.25 5.38
CA LEU E 592 53.89 -18.20 4.35
C LEU E 592 54.90 -17.08 4.59
N ASN E 593 55.38 -16.46 3.52
CA ASN E 593 56.37 -15.38 3.53
C ASN E 593 55.86 -14.09 4.18
N GLU E 594 54.93 -14.26 5.12
CA GLU E 594 54.05 -13.20 5.55
C GLU E 594 53.29 -13.70 6.77
N PRO E 595 52.63 -12.79 7.51
CA PRO E 595 51.52 -13.24 8.37
C PRO E 595 50.32 -13.51 7.48
N PHE E 596 49.40 -14.32 7.94
CA PHE E 596 48.24 -14.60 7.11
C PHE E 596 47.45 -13.30 6.89
N ILE E 597 46.99 -13.05 5.66
CA ILE E 597 46.16 -11.88 5.38
C ILE E 597 44.76 -12.10 5.97
N ALA E 598 44.55 -11.54 7.15
CA ALA E 598 43.31 -11.72 7.91
C ALA E 598 42.20 -10.84 7.37
N ASN E 599 40.97 -11.34 7.48
CA ASN E 599 39.78 -10.64 6.99
C ASN E 599 38.55 -11.03 7.85
N PRO E 600 37.58 -10.09 8.04
CA PRO E 600 36.41 -10.41 8.84
C PRO E 600 35.34 -11.15 8.06
N LEU E 601 34.49 -11.86 8.79
CA LEU E 601 33.44 -12.64 8.19
C LEU E 601 32.21 -12.61 9.06
N ASN E 602 31.04 -12.47 8.44
CA ASN E 602 29.78 -12.74 9.10
C ASN E 602 29.18 -14.01 8.51
N LEU E 603 28.86 -14.97 9.36
CA LEU E 603 28.08 -16.15 8.96
C LEU E 603 27.02 -16.48 10.00
N SER E 604 25.79 -16.72 9.54
CA SER E 604 24.68 -17.12 10.42
C SER E 604 23.53 -17.59 9.51
N PRO E 605 22.34 -17.85 10.06
CA PRO E 605 21.22 -18.20 9.22
C PRO E 605 20.68 -17.01 8.41
N GLN E 606 21.15 -15.80 8.71
CA GLN E 606 20.83 -14.59 7.94
C GLN E 606 21.69 -14.51 6.68
N ARG E 607 23.01 -14.64 6.87
CA ARG E 607 24.00 -14.66 5.78
C ARG E 607 24.50 -16.11 5.74
N ARG E 608 23.65 -16.98 5.20
CA ARG E 608 23.88 -18.42 5.29
C ARG E 608 24.55 -18.98 4.05
N MET E 609 24.45 -18.26 2.93
CA MET E 609 25.18 -18.64 1.72
C MET E 609 26.08 -17.50 1.23
N LEU E 610 27.33 -17.83 0.90
CA LEU E 610 28.22 -16.88 0.29
C LEU E 610 28.71 -17.49 -1.01
N ILE E 611 28.38 -16.86 -2.15
CA ILE E 611 28.99 -17.23 -3.44
C ILE E 611 30.26 -16.39 -3.61
N ILE E 612 31.36 -17.06 -3.97
CA ILE E 612 32.68 -16.42 -4.09
C ILE E 612 33.27 -16.63 -5.50
N THR E 613 33.92 -15.60 -6.04
CA THR E 613 34.58 -15.67 -7.37
C THR E 613 36.06 -15.25 -7.24
N GLY E 614 36.99 -16.01 -7.83
CA GLY E 614 38.43 -15.71 -7.65
C GLY E 614 39.49 -16.52 -8.41
N PRO E 615 40.78 -16.14 -8.24
CA PRO E 615 41.85 -16.69 -9.10
C PRO E 615 42.32 -18.13 -8.84
N ASN E 616 42.92 -18.72 -9.88
CA ASN E 616 43.75 -19.91 -9.76
C ASN E 616 45.09 -19.56 -9.08
N MET E 617 45.40 -20.29 -8.02
CA MET E 617 46.39 -19.87 -7.00
C MET E 617 46.00 -18.54 -6.33
N GLY E 618 44.70 -18.33 -6.09
CA GLY E 618 44.12 -17.02 -5.70
C GLY E 618 43.50 -16.78 -4.33
N GLY E 619 43.23 -17.85 -3.59
CA GLY E 619 42.68 -17.72 -2.23
C GLY E 619 41.21 -18.07 -2.04
N LYS E 620 40.56 -18.55 -3.10
CA LYS E 620 39.15 -18.94 -3.06
C LYS E 620 38.91 -19.94 -1.95
N SER E 621 39.62 -21.05 -2.02
CA SER E 621 39.43 -22.14 -1.07
C SER E 621 39.86 -21.74 0.33
N THR E 622 40.84 -20.83 0.42
CA THR E 622 41.48 -20.51 1.69
C THR E 622 40.56 -19.77 2.66
N TYR E 623 39.85 -18.74 2.21
CA TYR E 623 38.85 -18.05 3.06
C TYR E 623 37.86 -19.02 3.68
N MET E 624 37.50 -20.02 2.88
CA MET E 624 36.57 -21.05 3.26
C MET E 624 37.23 -22.00 4.24
N ARG E 625 38.41 -22.49 3.87
CA ARG E 625 39.14 -23.43 4.71
C ARG E 625 39.43 -22.84 6.11
N GLN E 626 39.77 -21.55 6.20
CA GLN E 626 40.05 -20.92 7.51
C GLN E 626 38.90 -21.14 8.49
N THR E 627 37.68 -20.93 8.00
CA THR E 627 36.49 -20.99 8.85
C THR E 627 36.34 -22.37 9.39
N ALA E 628 36.55 -23.36 8.52
CA ALA E 628 36.39 -24.76 8.87
C ALA E 628 36.97 -25.07 10.25
N LEU E 629 38.26 -24.82 10.47
CA LEU E 629 38.84 -25.18 11.78
C LEU E 629 38.48 -24.23 12.92
N ILE E 630 38.22 -22.96 12.61
CA ILE E 630 37.77 -22.03 13.64
C ILE E 630 36.73 -22.71 14.50
N ALA E 631 35.77 -23.34 13.83
CA ALA E 631 34.74 -24.14 14.46
C ALA E 631 35.37 -25.24 15.28
N LEU E 632 36.06 -26.16 14.64
CA LEU E 632 36.65 -27.28 15.37
C LEU E 632 37.53 -26.83 16.53
N MET E 633 38.29 -25.76 16.35
CA MET E 633 39.24 -25.32 17.38
C MET E 633 38.53 -24.90 18.65
N ALA E 634 37.51 -24.05 18.50
CA ALA E 634 36.76 -23.58 19.65
C ALA E 634 36.01 -24.70 20.39
N TYR E 635 35.60 -25.76 19.68
CA TYR E 635 34.75 -26.85 20.25
C TYR E 635 35.52 -28.05 20.84
N ILE E 636 36.80 -27.84 21.17
CA ILE E 636 37.51 -28.77 22.05
C ILE E 636 37.75 -28.10 23.41
N GLY E 637 37.44 -26.80 23.48
CA GLY E 637 37.74 -25.97 24.63
C GLY E 637 38.99 -25.12 24.47
N SER E 638 39.44 -24.84 23.24
CA SER E 638 40.69 -24.07 22.99
C SER E 638 40.47 -22.62 22.48
N TYR E 639 41.56 -21.84 22.47
CA TYR E 639 41.59 -20.51 21.83
C TYR E 639 41.87 -20.62 20.31
N VAL E 640 41.42 -19.63 19.55
CA VAL E 640 41.28 -19.73 18.08
C VAL E 640 41.90 -18.54 17.36
N PRO E 641 42.43 -18.77 16.15
CA PRO E 641 42.97 -17.71 15.33
C PRO E 641 41.92 -16.79 14.73
N ALA E 642 41.54 -15.81 15.52
CA ALA E 642 40.89 -14.63 15.00
C ALA E 642 41.03 -13.59 16.08
N GLN E 643 40.70 -12.34 15.75
CA GLN E 643 40.68 -11.30 16.76
C GLN E 643 39.55 -11.59 17.76
N LYS E 644 38.41 -12.04 17.26
CA LYS E 644 37.45 -12.77 18.11
C LYS E 644 36.57 -13.74 17.34
N VAL E 645 36.31 -14.88 17.99
CA VAL E 645 35.43 -15.90 17.48
C VAL E 645 34.18 -15.86 18.34
N GLU E 646 33.04 -15.79 17.65
CA GLU E 646 31.73 -15.70 18.25
C GLU E 646 30.82 -16.70 17.50
N ILE E 647 30.54 -17.85 18.13
CA ILE E 647 30.09 -19.05 17.38
C ILE E 647 28.89 -19.84 17.96
N GLY E 648 27.88 -20.05 17.12
CA GLY E 648 26.70 -20.80 17.49
C GLY E 648 26.92 -22.30 17.51
N PRO E 649 25.83 -23.07 17.57
CA PRO E 649 25.96 -24.51 17.51
C PRO E 649 26.35 -24.95 16.12
N ILE E 650 27.41 -25.75 16.05
CA ILE E 650 27.77 -26.44 14.83
C ILE E 650 27.85 -27.91 15.12
N ASP E 651 26.73 -28.57 14.81
CA ASP E 651 26.63 -30.02 14.94
C ASP E 651 27.69 -30.69 14.08
N ARG E 652 27.48 -30.58 12.78
CA ARG E 652 28.23 -31.30 11.79
C ARG E 652 28.93 -30.32 10.89
N ILE E 653 29.84 -30.84 10.09
CA ILE E 653 30.56 -30.02 9.16
C ILE E 653 30.76 -30.88 7.93
N PHE E 654 30.27 -30.42 6.77
CA PHE E 654 30.40 -31.14 5.48
C PHE E 654 31.35 -30.42 4.49
N THR E 655 31.74 -31.09 3.39
CA THR E 655 32.82 -30.59 2.49
C THR E 655 32.82 -31.20 1.06
N ARG E 656 33.31 -30.45 0.05
CA ARG E 656 33.50 -30.94 -1.35
C ARG E 656 34.82 -30.51 -1.98
N VAL E 657 35.53 -31.47 -2.60
CA VAL E 657 36.86 -31.27 -3.22
C VAL E 657 36.95 -31.74 -4.71
N GLY E 658 36.59 -30.88 -5.67
CA GLY E 658 36.47 -31.29 -7.08
C GLY E 658 37.81 -31.51 -7.77
N ALA E 659 37.92 -32.53 -8.60
CA ALA E 659 39.16 -32.92 -9.34
C ALA E 659 40.26 -33.44 -8.39
N PHE E 670 37.06 -40.61 -11.38
CA PHE E 670 35.94 -39.85 -11.90
C PHE E 670 34.67 -40.26 -11.19
N MET E 671 34.46 -41.57 -11.10
CA MET E 671 33.31 -42.15 -10.42
C MET E 671 32.91 -41.41 -9.13
N VAL E 672 33.89 -41.14 -8.28
CA VAL E 672 33.65 -40.74 -6.88
C VAL E 672 33.07 -39.32 -6.68
N GLU E 673 33.49 -38.37 -7.52
CA GLU E 673 32.98 -36.98 -7.47
C GLU E 673 31.47 -36.99 -7.47
N MET E 674 30.94 -37.79 -8.40
CA MET E 674 29.50 -37.87 -8.67
C MET E 674 28.67 -38.32 -7.46
N THR E 675 29.17 -39.31 -6.72
CA THR E 675 28.46 -39.90 -5.61
C THR E 675 28.29 -38.94 -4.40
N GLU E 676 29.35 -38.22 -4.07
CA GLU E 676 29.38 -37.38 -2.86
C GLU E 676 28.48 -36.16 -2.90
N THR E 677 28.08 -35.77 -4.10
CA THR E 677 27.15 -34.66 -4.27
C THR E 677 25.83 -34.87 -3.53
N ALA E 678 25.22 -36.04 -3.71
CA ALA E 678 23.97 -36.37 -3.04
C ALA E 678 24.14 -36.36 -1.52
N ASN E 679 25.31 -36.80 -1.05
CA ASN E 679 25.58 -36.96 0.38
C ASN E 679 25.33 -35.76 1.26
N ILE E 680 26.01 -34.67 0.93
CA ILE E 680 26.03 -33.49 1.77
C ILE E 680 24.67 -32.79 1.75
N LEU E 681 23.98 -32.94 0.62
CA LEU E 681 22.59 -32.53 0.53
C LEU E 681 21.73 -33.24 1.59
N HIS E 682 21.85 -34.57 1.66
CA HIS E 682 20.96 -35.42 2.50
C HIS E 682 21.12 -35.30 4.03
N ASN E 683 22.28 -34.84 4.49
CA ASN E 683 22.61 -34.83 5.93
C ASN E 683 22.86 -33.45 6.59
N ALA E 684 23.02 -32.38 5.82
CA ALA E 684 23.25 -31.04 6.40
C ALA E 684 21.98 -30.46 7.05
N THR E 685 22.07 -30.06 8.32
CA THR E 685 20.93 -29.47 9.07
C THR E 685 20.99 -27.93 9.25
N GLU E 686 20.04 -27.36 10.01
CA GLU E 686 19.99 -25.91 10.25
C GLU E 686 21.02 -25.41 11.28
N TYR E 687 21.71 -26.36 11.93
CA TYR E 687 22.83 -26.05 12.79
C TYR E 687 24.18 -26.28 12.07
N SER E 688 24.13 -26.91 10.88
CA SER E 688 25.33 -27.46 10.21
C SER E 688 26.25 -26.47 9.46
N LEU E 689 27.42 -26.98 9.10
CA LEU E 689 28.38 -26.23 8.34
C LEU E 689 28.62 -27.00 7.06
N VAL E 690 28.30 -26.38 5.94
CA VAL E 690 28.38 -27.02 4.62
C VAL E 690 29.36 -26.26 3.72
N LEU E 691 30.29 -26.96 3.07
CA LEU E 691 31.37 -26.33 2.27
C LEU E 691 31.49 -26.87 0.84
N MET E 692 31.19 -26.03 -0.14
CA MET E 692 31.21 -26.40 -1.56
C MET E 692 32.36 -25.75 -2.34
N ASP E 693 33.19 -26.56 -2.99
CA ASP E 693 34.29 -26.05 -3.77
C ASP E 693 34.12 -26.30 -5.26
N GLU E 694 33.91 -25.23 -6.02
CA GLU E 694 33.90 -25.24 -7.50
C GLU E 694 33.38 -26.55 -7.99
N ILE E 695 32.09 -26.74 -7.81
CA ILE E 695 31.53 -28.04 -8.04
C ILE E 695 31.16 -28.22 -9.49
N GLY E 696 31.26 -29.47 -9.94
CA GLY E 696 30.95 -29.81 -11.30
C GLY E 696 32.07 -29.45 -12.26
N ARG E 697 33.22 -30.10 -12.10
CA ARG E 697 34.22 -30.17 -13.17
C ARG E 697 33.63 -31.08 -14.26
N GLY E 698 33.06 -30.47 -15.28
CA GLY E 698 32.30 -31.18 -16.29
C GLY E 698 33.08 -31.48 -17.55
N THR E 699 32.62 -32.49 -18.31
CA THR E 699 33.22 -32.80 -19.63
C THR E 699 32.30 -32.42 -20.81
N SER E 700 31.09 -31.92 -20.48
CA SER E 700 30.18 -31.30 -21.47
C SER E 700 29.64 -29.94 -21.01
N THR E 701 28.82 -29.29 -21.82
CA THR E 701 28.54 -27.86 -21.62
C THR E 701 27.95 -27.58 -20.26
N TYR E 702 26.72 -28.07 -20.08
CA TYR E 702 25.85 -27.66 -18.98
C TYR E 702 25.85 -28.60 -17.80
N ASP E 703 26.45 -29.78 -17.94
CA ASP E 703 26.58 -30.65 -16.77
C ASP E 703 27.09 -29.82 -15.59
N GLY E 704 28.18 -29.08 -15.76
CA GLY E 704 28.67 -28.19 -14.70
C GLY E 704 27.59 -27.26 -14.14
N LEU E 705 27.01 -26.44 -15.02
CA LEU E 705 26.04 -25.40 -14.63
C LEU E 705 24.84 -25.92 -13.88
N SER E 706 24.01 -26.67 -14.60
CA SER E 706 22.68 -27.05 -14.12
C SER E 706 22.69 -27.39 -12.66
N LEU E 707 23.59 -28.32 -12.34
CA LEU E 707 23.63 -28.94 -11.05
C LEU E 707 23.74 -27.87 -10.00
N ALA E 708 24.77 -27.07 -10.11
CA ALA E 708 25.03 -26.05 -9.11
C ALA E 708 23.81 -25.24 -8.69
N TRP E 709 23.07 -24.63 -9.63
CA TRP E 709 21.99 -23.71 -9.24
C TRP E 709 21.02 -24.45 -8.35
N ALA E 710 20.48 -25.55 -8.87
CA ALA E 710 19.43 -26.33 -8.15
C ALA E 710 19.84 -26.76 -6.74
N VAL E 711 21.13 -26.98 -6.54
CA VAL E 711 21.71 -27.28 -5.23
C VAL E 711 21.79 -26.02 -4.36
N ALA E 712 22.31 -24.94 -4.91
CA ALA E 712 22.38 -23.66 -4.18
C ALA E 712 21.00 -23.17 -3.77
N GLU E 713 20.05 -23.25 -4.71
CA GLU E 713 18.61 -23.11 -4.41
C GLU E 713 18.29 -23.93 -3.19
N ASN E 714 18.55 -25.23 -3.28
CA ASN E 714 18.31 -26.13 -2.17
C ASN E 714 19.00 -25.73 -0.86
N LEU E 715 20.31 -25.49 -0.87
CA LEU E 715 21.02 -25.23 0.38
C LEU E 715 20.62 -23.89 1.00
N ALA E 716 20.34 -22.91 0.14
CA ALA E 716 19.88 -21.60 0.60
C ALA E 716 18.46 -21.69 1.17
N ASN E 717 17.59 -22.36 0.42
CA ASN E 717 16.12 -22.31 0.57
C ASN E 717 15.48 -23.29 1.56
N LYS E 718 15.81 -24.57 1.39
CA LYS E 718 15.18 -25.69 2.09
C LYS E 718 16.05 -26.18 3.28
N ILE E 719 17.34 -26.41 3.05
CA ILE E 719 18.30 -26.76 4.13
C ILE E 719 18.66 -25.56 5.02
N LYS E 720 18.69 -24.35 4.43
CA LYS E 720 18.93 -23.11 5.18
C LYS E 720 20.24 -23.19 6.00
N ALA E 721 21.22 -23.95 5.53
CA ALA E 721 22.42 -24.23 6.33
C ALA E 721 23.50 -23.14 6.18
N LEU E 722 24.49 -23.14 7.09
CA LEU E 722 25.70 -22.35 6.90
C LEU E 722 26.46 -23.01 5.78
N THR E 723 26.21 -22.49 4.58
CA THR E 723 26.68 -23.07 3.32
C THR E 723 27.60 -22.09 2.59
N LEU E 724 28.76 -22.58 2.13
CA LEU E 724 29.77 -21.76 1.46
C LEU E 724 30.14 -22.38 0.11
N PHE E 725 30.34 -21.52 -0.89
CA PHE E 725 30.16 -21.91 -2.29
C PHE E 725 31.19 -21.29 -3.22
N ALA E 726 32.19 -22.07 -3.63
CA ALA E 726 33.29 -21.56 -4.46
C ALA E 726 33.05 -21.78 -5.95
N THR E 727 33.51 -20.83 -6.75
CA THR E 727 33.39 -20.91 -8.20
C THR E 727 34.05 -19.75 -8.95
N HIS E 728 34.35 -19.96 -10.22
CA HIS E 728 34.50 -18.87 -11.18
C HIS E 728 33.12 -18.29 -11.47
N TYR E 729 32.16 -19.18 -11.71
CA TYR E 729 30.93 -18.86 -12.41
C TYR E 729 30.52 -17.43 -12.17
N PHE E 730 30.40 -16.65 -13.25
CA PHE E 730 29.64 -15.42 -13.16
C PHE E 730 28.15 -15.78 -13.17
N GLU E 731 27.84 -16.91 -13.81
CA GLU E 731 26.46 -17.32 -14.09
C GLU E 731 25.54 -17.64 -12.83
N LEU E 732 26.15 -17.91 -11.68
CA LEU E 732 25.44 -18.16 -10.40
C LEU E 732 25.39 -17.00 -9.43
N THR E 733 26.26 -16.02 -9.60
CA THR E 733 26.18 -14.78 -8.82
C THR E 733 24.92 -14.05 -9.22
N GLN E 734 24.11 -14.70 -10.06
CA GLN E 734 22.72 -14.38 -10.24
C GLN E 734 21.91 -14.58 -8.92
N LEU E 735 22.42 -15.36 -7.97
CA LEU E 735 21.62 -15.77 -6.80
C LEU E 735 21.17 -14.69 -5.79
N PRO E 736 22.09 -13.87 -5.24
CA PRO E 736 21.77 -12.89 -4.17
C PRO E 736 20.56 -11.97 -4.42
N GLU E 737 20.24 -11.69 -5.69
CA GLU E 737 19.06 -10.89 -6.04
C GLU E 737 17.81 -11.74 -6.29
N LYS E 738 18.02 -13.05 -6.39
CA LYS E 738 16.97 -14.10 -6.40
C LYS E 738 16.73 -14.76 -5.02
N MET E 739 17.69 -14.62 -4.09
CA MET E 739 17.64 -15.23 -2.74
C MET E 739 18.27 -14.30 -1.69
N GLU E 740 17.54 -13.98 -0.62
CA GLU E 740 18.16 -13.24 0.49
C GLU E 740 19.14 -14.17 1.22
N GLY E 741 20.20 -13.60 1.78
CA GLY E 741 21.15 -14.38 2.58
C GLY E 741 22.22 -15.08 1.78
N VAL E 742 22.06 -15.12 0.47
CA VAL E 742 23.14 -15.44 -0.45
C VAL E 742 23.81 -14.10 -0.71
N ALA E 743 25.12 -14.06 -0.49
CA ALA E 743 25.90 -12.80 -0.47
C ALA E 743 27.34 -12.93 -1.04
N ASN E 744 27.62 -12.15 -2.08
CA ASN E 744 28.88 -12.16 -2.79
C ASN E 744 29.96 -11.37 -2.06
N VAL E 745 31.03 -12.07 -1.69
CA VAL E 745 32.34 -11.46 -1.41
C VAL E 745 33.32 -12.11 -2.39
N HIS E 746 34.55 -11.60 -2.50
CA HIS E 746 35.58 -12.29 -3.31
C HIS E 746 37.07 -11.99 -2.98
N LEU E 747 37.92 -13.02 -3.10
CA LEU E 747 39.35 -12.90 -2.84
C LEU E 747 39.97 -12.20 -4.03
N ASP E 748 39.90 -10.88 -4.02
CA ASP E 748 40.25 -10.14 -5.19
C ASP E 748 41.73 -10.26 -5.45
N ALA E 749 42.07 -10.29 -6.74
CA ALA E 749 43.45 -10.18 -7.18
C ALA E 749 43.60 -8.86 -7.95
N LEU E 750 44.63 -8.06 -7.63
CA LEU E 750 44.89 -6.80 -8.37
C LEU E 750 46.02 -6.96 -9.40
N GLU E 751 45.58 -7.16 -10.64
CA GLU E 751 46.35 -7.67 -11.77
C GLU E 751 46.67 -6.48 -12.70
N HIS E 752 47.75 -6.57 -13.47
CA HIS E 752 48.06 -5.56 -14.51
C HIS E 752 49.36 -5.84 -15.23
N GLY E 753 49.34 -5.91 -16.57
CA GLY E 753 50.57 -6.01 -17.38
C GLY E 753 51.87 -6.45 -16.71
N ASP E 754 52.56 -5.52 -16.04
CA ASP E 754 53.88 -5.80 -15.45
C ASP E 754 53.81 -6.34 -14.00
N THR E 755 53.06 -7.45 -13.82
CA THR E 755 52.83 -8.19 -12.53
C THR E 755 51.37 -8.68 -12.32
N ILE E 756 51.14 -9.46 -11.27
CA ILE E 756 49.77 -9.75 -10.78
C ILE E 756 49.85 -9.88 -9.26
N ALA E 757 48.80 -9.42 -8.58
CA ALA E 757 48.74 -9.47 -7.14
C ALA E 757 47.55 -10.27 -6.66
N PHE E 758 47.79 -11.19 -5.74
CA PHE E 758 46.74 -11.81 -4.94
C PHE E 758 46.65 -11.05 -3.63
N MET E 759 45.60 -10.27 -3.45
CA MET E 759 45.36 -9.53 -2.21
C MET E 759 45.43 -10.45 -1.02
N HIS E 760 44.92 -11.66 -1.23
CA HIS E 760 44.70 -12.62 -0.17
C HIS E 760 43.67 -12.04 0.82
N SER E 761 42.82 -11.15 0.29
CA SER E 761 41.95 -10.31 1.11
C SER E 761 40.50 -10.38 0.63
N VAL E 762 39.58 -10.11 1.53
CA VAL E 762 38.17 -10.22 1.20
C VAL E 762 37.58 -8.84 1.01
N GLN E 763 36.78 -8.73 -0.04
CA GLN E 763 35.98 -7.55 -0.32
C GLN E 763 34.60 -8.00 -0.79
N ASP E 764 33.57 -7.22 -0.46
CA ASP E 764 32.25 -7.39 -1.09
C ASP E 764 32.39 -7.06 -2.59
N GLY E 765 31.49 -7.58 -3.39
CA GLY E 765 31.45 -7.27 -4.82
C GLY E 765 30.65 -8.34 -5.51
N ALA E 766 31.15 -8.83 -6.63
CA ALA E 766 30.43 -9.85 -7.39
C ALA E 766 31.39 -10.73 -8.21
N ALA E 767 30.83 -11.41 -9.22
CA ALA E 767 31.62 -12.31 -10.04
C ALA E 767 32.70 -11.59 -10.86
N SER E 768 33.54 -12.37 -11.51
CA SER E 768 34.77 -11.83 -12.10
C SER E 768 35.04 -12.37 -13.51
N LYS E 769 35.55 -13.61 -13.59
CA LYS E 769 36.14 -14.12 -14.82
C LYS E 769 36.87 -15.44 -14.52
N SER E 770 37.55 -15.94 -15.56
CA SER E 770 38.54 -17.03 -15.44
C SER E 770 39.99 -16.49 -15.30
N TYR E 771 40.66 -16.82 -14.19
CA TYR E 771 42.05 -16.43 -13.93
C TYR E 771 43.03 -17.60 -14.14
N GLY E 772 42.68 -18.56 -14.99
CA GLY E 772 43.58 -19.70 -15.31
C GLY E 772 44.74 -19.32 -16.22
N LEU E 773 44.45 -18.51 -17.24
CA LEU E 773 45.46 -17.88 -18.09
C LEU E 773 46.40 -16.99 -17.25
N ALA E 774 46.03 -16.69 -16.01
CA ALA E 774 46.93 -16.08 -15.03
C ALA E 774 48.11 -16.98 -14.67
N VAL E 775 47.88 -18.27 -14.44
CA VAL E 775 48.99 -19.18 -14.07
C VAL E 775 49.47 -20.02 -15.29
N ALA E 776 49.07 -19.63 -16.50
CA ALA E 776 49.14 -20.50 -17.70
C ALA E 776 50.47 -20.63 -18.47
N ALA E 777 51.05 -19.53 -18.90
CA ALA E 777 52.34 -19.58 -19.64
C ALA E 777 53.51 -20.14 -18.82
N LEU E 778 53.31 -20.26 -17.50
CA LEU E 778 54.26 -20.82 -16.51
C LEU E 778 55.06 -22.05 -16.98
N ALA E 779 54.51 -22.84 -17.90
CA ALA E 779 55.25 -23.95 -18.49
C ALA E 779 56.49 -23.49 -19.26
N GLY E 780 56.35 -22.35 -19.93
CA GLY E 780 57.32 -21.88 -20.91
C GLY E 780 56.72 -22.12 -22.28
N VAL E 781 55.58 -21.47 -22.51
CA VAL E 781 54.70 -21.80 -23.65
C VAL E 781 54.96 -20.90 -24.86
N PRO E 782 54.81 -21.44 -26.11
CA PRO E 782 54.73 -20.56 -27.29
C PRO E 782 53.71 -19.42 -27.09
N LYS E 783 54.08 -18.17 -27.39
CA LYS E 783 53.22 -17.01 -27.07
C LYS E 783 51.97 -16.89 -27.92
N GLU E 784 52.05 -17.19 -29.23
CA GLU E 784 50.86 -17.19 -30.14
C GLU E 784 49.97 -18.45 -30.04
N VAL E 785 50.43 -19.42 -29.28
CA VAL E 785 49.61 -20.56 -28.91
C VAL E 785 48.88 -20.27 -27.56
N ILE E 786 49.53 -19.57 -26.62
CA ILE E 786 48.85 -18.95 -25.43
C ILE E 786 47.92 -17.80 -25.87
N LYS E 787 48.35 -17.05 -26.88
CA LYS E 787 47.71 -15.77 -27.28
C LYS E 787 46.59 -15.88 -28.34
N ARG E 788 46.46 -17.03 -29.02
CA ARG E 788 45.24 -17.37 -29.83
C ARG E 788 44.08 -17.72 -28.89
N ALA E 789 44.41 -18.29 -27.72
CA ALA E 789 43.47 -18.50 -26.63
C ALA E 789 42.94 -17.17 -26.10
N ARG E 790 43.76 -16.13 -26.19
CA ARG E 790 43.44 -14.80 -25.70
C ARG E 790 42.63 -13.94 -26.70
N GLN E 791 42.91 -14.03 -28.00
CA GLN E 791 42.23 -13.16 -28.98
C GLN E 791 40.88 -13.68 -29.48
N LYS E 792 40.80 -14.97 -29.81
CA LYS E 792 39.57 -15.57 -30.35
C LYS E 792 38.41 -15.64 -29.33
N LEU E 793 38.77 -15.61 -28.03
CA LEU E 793 37.81 -15.53 -26.90
C LEU E 793 36.79 -14.40 -27.13
N ARG E 794 37.31 -13.17 -27.23
CA ARG E 794 36.47 -11.97 -27.31
C ARG E 794 36.13 -11.56 -28.76
N GLU E 795 36.56 -12.36 -29.73
CA GLU E 795 35.99 -12.32 -31.10
C GLU E 795 34.54 -12.79 -31.04
N LEU E 796 34.33 -13.84 -30.24
CA LEU E 796 33.03 -14.50 -30.11
C LEU E 796 32.32 -14.26 -28.77
N GLU E 797 33.06 -13.92 -27.70
CA GLU E 797 32.47 -13.61 -26.38
C GLU E 797 31.62 -12.33 -26.35
N SER E 798 31.74 -11.48 -27.37
CA SER E 798 30.90 -10.27 -27.48
C SER E 798 29.43 -10.53 -27.85
N ILE E 799 29.11 -11.75 -28.26
CA ILE E 799 27.77 -12.11 -28.79
C ILE E 799 26.92 -12.95 -27.80
N SER E 800 27.37 -13.09 -26.54
CA SER E 800 26.68 -13.94 -25.56
C SER E 800 26.72 -13.39 -24.12
N VAL F 40 78.24 -1.37 8.58
CA VAL F 40 77.45 -2.65 8.33
C VAL F 40 78.43 -3.83 8.18
N GLU F 41 79.17 -4.10 9.24
CA GLU F 41 80.19 -5.13 9.28
C GLU F 41 79.64 -6.51 9.63
N ARG F 42 79.09 -6.69 10.82
CA ARG F 42 78.49 -7.97 11.29
C ARG F 42 77.00 -8.02 10.90
N PRO F 43 76.37 -9.23 10.94
CA PRO F 43 74.90 -9.28 10.81
C PRO F 43 74.22 -8.67 12.03
N ALA F 44 74.85 -8.81 13.19
CA ALA F 44 74.40 -8.18 14.43
C ALA F 44 74.17 -6.69 14.28
N SER F 45 75.08 -6.01 13.57
CA SER F 45 74.97 -4.56 13.35
C SER F 45 73.84 -4.18 12.40
N VAL F 46 73.71 -4.90 11.27
CA VAL F 46 72.63 -4.64 10.30
C VAL F 46 71.28 -4.90 10.95
N VAL F 47 71.24 -5.94 11.78
CA VAL F 47 70.10 -6.23 12.61
C VAL F 47 69.75 -5.05 13.53
N LYS F 48 70.68 -4.67 14.40
CA LYS F 48 70.40 -3.67 15.44
C LYS F 48 69.87 -2.36 14.86
N GLU F 49 70.52 -1.87 13.80
CA GLU F 49 70.11 -0.62 13.17
C GLU F 49 68.74 -0.69 12.54
N LEU F 50 68.49 -1.72 11.73
CA LEU F 50 67.19 -1.85 11.04
C LEU F 50 66.06 -2.23 12.00
N VAL F 51 66.41 -2.79 13.17
CA VAL F 51 65.47 -2.99 14.27
C VAL F 51 65.05 -1.64 14.88
N GLU F 52 66.01 -0.73 15.02
CA GLU F 52 65.72 0.60 15.57
C GLU F 52 65.12 1.59 14.56
N ASN F 53 65.17 1.28 13.25
CA ASN F 53 64.47 2.08 12.23
C ASN F 53 62.95 2.07 12.44
N SER F 54 62.46 0.90 12.83
CA SER F 54 61.05 0.67 13.09
C SER F 54 60.60 1.27 14.43
N LEU F 55 61.43 1.12 15.47
CA LEU F 55 61.18 1.74 16.79
C LEU F 55 60.97 3.24 16.68
N ASP F 56 61.80 3.89 15.86
CA ASP F 56 61.69 5.33 15.60
C ASP F 56 60.42 5.71 14.84
N ALA F 57 59.87 4.75 14.09
CA ALA F 57 58.55 4.89 13.44
C ALA F 57 57.34 4.53 14.33
N GLY F 58 57.56 4.51 15.65
CA GLY F 58 56.52 4.27 16.65
C GLY F 58 56.02 2.85 16.70
N ALA F 59 56.92 1.88 16.58
CA ALA F 59 56.52 0.48 16.44
C ALA F 59 56.16 -0.18 17.77
N THR F 60 55.09 -0.99 17.72
CA THR F 60 54.64 -1.87 18.82
C THR F 60 54.87 -3.35 18.52
N ARG F 61 55.06 -3.71 17.26
CA ARG F 61 55.27 -5.10 16.87
C ARG F 61 56.45 -5.17 15.89
N ILE F 62 57.38 -6.05 16.19
CA ILE F 62 58.53 -6.26 15.34
C ILE F 62 58.81 -7.75 15.21
N ASP F 63 58.67 -8.25 13.99
CA ASP F 63 59.10 -9.61 13.67
C ASP F 63 60.52 -9.59 13.11
N ILE F 64 61.39 -10.44 13.67
CA ILE F 64 62.76 -10.55 13.22
C ILE F 64 63.13 -12.02 12.96
N ASP F 65 63.40 -12.34 11.71
CA ASP F 65 63.68 -13.72 11.28
C ASP F 65 65.05 -13.86 10.58
N ILE F 66 65.78 -14.93 10.92
CA ILE F 66 67.13 -15.17 10.42
C ILE F 66 67.30 -16.63 10.02
N GLU F 67 68.19 -16.86 9.06
CA GLU F 67 68.74 -18.19 8.81
C GLU F 67 70.26 -18.12 8.66
N ARG F 68 70.96 -19.11 9.23
CA ARG F 68 72.41 -19.28 9.01
C ARG F 68 73.29 -18.11 9.50
N GLY F 69 73.23 -17.80 10.79
CA GLY F 69 74.05 -16.72 11.38
C GLY F 69 73.83 -15.32 10.82
N GLY F 70 72.81 -15.16 9.95
CA GLY F 70 72.57 -13.92 9.22
C GLY F 70 73.07 -13.95 7.79
N ALA F 71 73.98 -14.87 7.46
CA ALA F 71 74.53 -14.96 6.12
C ALA F 71 73.40 -15.01 5.09
N LYS F 72 72.58 -16.06 5.17
CA LYS F 72 71.55 -16.38 4.16
C LYS F 72 70.32 -15.48 4.19
N LEU F 73 69.66 -15.42 5.35
CA LEU F 73 68.38 -14.71 5.47
C LEU F 73 68.39 -13.74 6.61
N ILE F 74 67.79 -12.57 6.37
CA ILE F 74 67.34 -11.68 7.43
C ILE F 74 66.01 -11.02 6.99
N ARG F 75 64.97 -11.15 7.82
CA ARG F 75 63.65 -10.60 7.55
C ARG F 75 63.15 -9.73 8.70
N ILE F 76 62.89 -8.46 8.40
CA ILE F 76 62.35 -7.52 9.39
C ILE F 76 60.99 -7.04 8.95
N ARG F 77 59.99 -7.25 9.78
CA ARG F 77 58.66 -6.74 9.54
C ARG F 77 58.31 -5.85 10.74
N ASP F 78 57.74 -4.68 10.44
CA ASP F 78 57.37 -3.73 11.49
C ASP F 78 55.98 -3.14 11.27
N ASN F 79 55.38 -2.65 12.37
CA ASN F 79 54.11 -1.95 12.26
C ASN F 79 54.28 -0.43 12.33
N GLY F 80 55.52 0.05 12.41
CA GLY F 80 55.78 1.49 12.27
C GLY F 80 55.30 1.98 10.90
N SER F 81 55.02 3.28 10.79
CA SER F 81 54.40 3.84 9.56
C SER F 81 55.14 3.48 8.29
N GLY F 82 54.51 3.62 7.14
CA GLY F 82 55.09 3.08 5.89
C GLY F 82 55.73 4.03 4.87
N ILE F 83 56.12 3.45 3.73
CA ILE F 83 56.88 4.13 2.68
C ILE F 83 56.05 4.16 1.39
N LYS F 84 55.77 5.34 0.89
CA LYS F 84 54.94 5.51 -0.31
C LYS F 84 55.63 4.97 -1.56
N LYS F 85 54.88 4.76 -2.62
CA LYS F 85 55.40 4.10 -3.82
C LYS F 85 56.50 4.88 -4.60
N ASP F 86 56.48 6.23 -4.52
CA ASP F 86 57.56 7.05 -5.11
C ASP F 86 58.86 6.96 -4.30
N GLU F 87 58.74 6.96 -2.97
CA GLU F 87 59.88 6.97 -2.04
C GLU F 87 60.65 5.65 -2.00
N LEU F 88 60.04 4.56 -2.48
CA LEU F 88 60.65 3.24 -2.46
C LEU F 88 61.85 3.14 -3.42
N ALA F 89 61.64 3.56 -4.66
CA ALA F 89 62.63 3.44 -5.72
C ALA F 89 64.00 4.10 -5.42
N LEU F 90 63.99 5.42 -5.26
CA LEU F 90 65.25 6.21 -5.13
C LEU F 90 65.98 6.14 -3.76
N ALA F 91 65.31 5.61 -2.73
CA ALA F 91 65.95 5.36 -1.42
C ALA F 91 67.11 4.36 -1.52
N LEU F 92 67.15 3.61 -2.62
CA LEU F 92 68.18 2.62 -2.91
C LEU F 92 69.00 2.88 -4.21
N ALA F 93 68.29 3.11 -5.34
CA ALA F 93 68.92 3.39 -6.62
C ALA F 93 69.49 4.80 -6.63
N ILE F 100 70.75 11.71 -6.06
CA ILE F 100 69.91 12.71 -5.38
C ILE F 100 69.48 13.92 -6.23
N ALA F 101 70.31 14.39 -7.18
CA ALA F 101 69.89 15.43 -8.17
C ALA F 101 68.85 14.94 -9.20
N SER F 102 68.43 13.69 -9.05
CA SER F 102 67.13 13.25 -9.59
C SER F 102 66.01 13.98 -8.83
N LEU F 103 66.36 14.84 -7.85
CA LEU F 103 65.42 15.83 -7.26
C LEU F 103 64.88 16.88 -8.22
N ASP F 104 65.72 17.31 -9.18
CA ASP F 104 65.31 18.23 -10.23
C ASP F 104 63.88 17.85 -10.61
N ASP F 105 63.74 16.57 -10.95
CA ASP F 105 62.47 15.83 -10.99
C ASP F 105 61.97 15.43 -9.58
N LEU F 106 62.89 14.96 -8.72
CA LEU F 106 62.55 14.40 -7.38
C LEU F 106 62.02 15.34 -6.28
N GLU F 107 62.52 16.58 -6.23
CA GLU F 107 62.12 17.58 -5.24
C GLU F 107 62.40 17.18 -3.78
N ALA F 108 63.59 16.63 -3.51
CA ALA F 108 64.05 16.34 -2.15
C ALA F 108 62.97 15.61 -1.37
N ILE F 109 62.62 14.42 -1.87
CA ILE F 109 61.74 13.48 -1.19
C ILE F 109 62.62 12.39 -0.59
N ILE F 110 63.89 12.35 -0.97
CA ILE F 110 64.93 11.67 -0.20
C ILE F 110 64.77 11.95 1.31
N SER F 111 64.28 13.15 1.64
CA SER F 111 64.02 13.59 3.02
C SER F 111 63.35 12.54 3.90
N LEU F 112 62.18 12.07 3.47
CA LEU F 112 61.40 11.10 4.24
C LEU F 112 62.03 9.72 4.06
N GLY F 113 62.87 9.34 5.01
CA GLY F 113 63.57 8.04 4.99
C GLY F 113 64.96 8.20 5.53
N PHE F 114 65.06 8.20 6.86
CA PHE F 114 66.33 8.22 7.57
C PHE F 114 66.88 6.78 7.66
N ARG F 115 65.99 5.80 7.51
CA ARG F 115 66.38 4.43 7.24
C ARG F 115 66.92 4.32 5.83
N GLY F 116 66.34 5.12 4.92
CA GLY F 116 66.87 5.30 3.56
C GLY F 116 68.36 5.56 3.51
N GLU F 117 68.94 6.21 4.54
CA GLU F 117 70.41 6.33 4.70
C GLU F 117 71.04 4.94 4.91
N ALA F 118 70.50 4.19 5.89
CA ALA F 118 70.98 2.80 6.19
C ALA F 118 70.74 1.81 5.05
N LEU F 119 69.61 1.98 4.35
CA LEU F 119 69.28 1.12 3.22
C LEU F 119 70.24 1.28 2.01
N ALA F 120 70.51 2.53 1.62
CA ALA F 120 71.34 2.85 0.42
C ALA F 120 72.72 2.16 0.41
N SER F 121 73.37 2.12 1.59
CA SER F 121 74.67 1.46 1.76
C SER F 121 74.60 -0.06 1.53
N ILE F 122 73.55 -0.67 2.08
CA ILE F 122 73.32 -2.10 2.00
C ILE F 122 73.06 -2.53 0.53
N SER F 123 72.28 -1.74 -0.19
CA SER F 123 71.64 -2.13 -1.47
C SER F 123 72.52 -2.27 -2.73
N SER F 124 73.54 -1.43 -2.85
CA SER F 124 74.36 -1.40 -4.08
C SER F 124 75.11 -2.72 -4.34
N VAL F 125 75.47 -3.41 -3.26
CA VAL F 125 76.30 -4.62 -3.30
C VAL F 125 75.57 -5.82 -2.69
N SER F 126 74.27 -5.98 -3.02
CA SER F 126 73.45 -7.07 -2.48
C SER F 126 72.17 -7.46 -3.24
N ARG F 127 71.41 -8.38 -2.63
CA ARG F 127 70.15 -8.86 -3.16
C ARG F 127 69.00 -8.49 -2.17
N LEU F 128 68.59 -7.23 -2.22
CA LEU F 128 67.65 -6.67 -1.22
C LEU F 128 66.20 -6.61 -1.72
N THR F 129 65.24 -6.79 -0.79
CA THR F 129 63.83 -6.70 -1.12
C THR F 129 63.05 -5.88 -0.10
N LEU F 130 62.75 -4.64 -0.49
CA LEU F 130 61.86 -3.81 0.31
C LEU F 130 60.41 -4.02 -0.16
N THR F 131 59.48 -4.06 0.78
CA THR F 131 58.03 -4.14 0.48
C THR F 131 57.20 -3.48 1.57
N SER F 132 56.28 -2.63 1.17
CA SER F 132 55.55 -1.83 2.13
C SER F 132 54.28 -1.20 1.60
N ARG F 133 53.29 -1.16 2.47
CA ARG F 133 52.03 -0.44 2.27
C ARG F 133 51.99 0.63 3.34
N THR F 134 51.65 1.85 2.92
CA THR F 134 51.56 2.97 3.83
C THR F 134 50.33 2.88 4.71
N ALA F 135 50.40 3.53 5.86
CA ALA F 135 49.22 3.74 6.69
C ALA F 135 48.16 4.51 5.91
N GLU F 136 48.61 5.42 5.05
CA GLU F 136 47.73 6.21 4.18
C GLU F 136 47.11 5.28 3.13
N GLN F 137 45.79 5.28 3.01
CA GLN F 137 45.07 4.31 2.16
C GLN F 137 45.77 4.13 0.79
N GLN F 138 46.45 2.99 0.62
CA GLN F 138 47.23 2.67 -0.59
C GLN F 138 47.08 1.16 -0.78
N GLU F 139 47.62 0.63 -1.87
CA GLU F 139 47.92 -0.80 -2.01
C GLU F 139 49.41 -0.99 -1.66
N ALA F 140 49.83 -2.21 -1.34
CA ALA F 140 51.25 -2.47 -1.01
C ALA F 140 52.14 -2.51 -2.25
N TRP F 141 53.33 -1.93 -2.14
CA TRP F 141 54.31 -1.94 -3.23
C TRP F 141 55.68 -2.45 -2.77
N GLN F 142 56.54 -2.82 -3.73
CA GLN F 142 57.66 -3.73 -3.47
C GLN F 142 58.82 -3.51 -4.43
N ALA F 143 60.05 -3.65 -3.90
CA ALA F 143 61.28 -3.55 -4.69
C ALA F 143 62.19 -4.78 -4.45
N TYR F 144 62.83 -5.25 -5.53
CA TYR F 144 63.59 -6.52 -5.54
C TYR F 144 65.03 -6.34 -6.05
N ALA F 145 65.95 -7.17 -5.55
CA ALA F 145 67.35 -7.23 -6.05
C ALA F 145 68.13 -5.91 -6.02
N VAL F 152 65.14 -6.57 -9.89
CA VAL F 152 65.00 -5.75 -11.08
C VAL F 152 63.56 -5.22 -11.34
N THR F 153 62.66 -5.25 -10.33
CA THR F 153 61.22 -4.95 -10.53
C THR F 153 60.53 -4.22 -9.36
N VAL F 154 59.77 -3.15 -9.69
CA VAL F 154 58.82 -2.55 -8.75
C VAL F 154 57.41 -2.90 -9.21
N LYS F 155 56.70 -3.58 -8.32
CA LYS F 155 55.33 -3.99 -8.58
C LYS F 155 54.58 -4.04 -7.26
N PRO F 156 53.23 -4.08 -7.29
CA PRO F 156 52.56 -4.24 -6.03
C PRO F 156 52.56 -5.71 -5.57
N ALA F 157 52.60 -5.90 -4.26
CA ALA F 157 52.28 -7.18 -3.66
C ALA F 157 51.43 -6.83 -2.44
N ALA F 158 51.28 -7.74 -1.49
CA ALA F 158 50.34 -7.51 -0.37
C ALA F 158 51.05 -7.41 0.95
N HIS F 159 50.58 -6.53 1.83
CA HIS F 159 51.18 -6.37 3.16
C HIS F 159 50.32 -5.48 4.06
N PRO F 160 50.35 -5.73 5.39
CA PRO F 160 49.66 -4.86 6.36
C PRO F 160 50.31 -3.49 6.54
N VAL F 161 49.73 -2.68 7.43
CA VAL F 161 50.21 -1.31 7.70
C VAL F 161 51.62 -1.35 8.29
N GLY F 162 52.62 -1.08 7.46
CA GLY F 162 54.03 -1.11 7.88
C GLY F 162 55.00 -1.45 6.77
N THR F 163 56.06 -2.18 7.12
CA THR F 163 57.17 -2.42 6.20
C THR F 163 57.88 -3.74 6.50
N THR F 164 58.33 -4.38 5.43
CA THR F 164 59.08 -5.65 5.51
C THR F 164 60.38 -5.58 4.67
N LEU F 165 61.48 -6.15 5.18
CA LEU F 165 62.76 -6.20 4.45
C LEU F 165 63.31 -7.59 4.42
N GLU F 166 63.45 -8.11 3.21
CA GLU F 166 63.98 -9.47 2.98
C GLU F 166 65.34 -9.38 2.27
N VAL F 167 66.29 -10.26 2.64
CA VAL F 167 67.68 -10.17 2.12
C VAL F 167 68.39 -11.51 1.94
N LEU F 168 69.16 -11.63 0.86
CA LEU F 168 70.14 -12.72 0.68
C LEU F 168 71.58 -12.20 0.72
N ASP F 169 72.43 -12.99 1.35
CA ASP F 169 73.69 -12.53 1.97
C ASP F 169 74.35 -11.27 1.36
N LEU F 170 74.45 -10.24 2.20
CA LEU F 170 74.67 -8.83 1.82
C LEU F 170 75.74 -8.53 0.75
N PHE F 171 77.02 -8.70 1.08
CA PHE F 171 78.08 -8.52 0.10
C PHE F 171 77.82 -9.59 -0.96
N TYR F 172 77.71 -9.22 -2.23
CA TYR F 172 77.74 -10.23 -3.33
C TYR F 172 78.96 -10.26 -4.28
N ASN F 173 79.74 -9.18 -4.37
CA ASN F 173 81.00 -9.20 -5.15
C ASN F 173 82.24 -8.74 -4.37
N THR F 174 82.12 -8.51 -3.07
CA THR F 174 83.29 -8.14 -2.26
C THR F 174 83.94 -9.42 -1.76
N PRO F 175 85.19 -9.67 -2.20
CA PRO F 175 85.82 -10.96 -1.90
C PRO F 175 86.04 -11.22 -0.41
N ALA F 176 86.53 -10.21 0.30
CA ALA F 176 87.03 -10.44 1.65
C ALA F 176 85.96 -10.22 2.72
N ARG F 177 85.27 -9.07 2.67
CA ARG F 177 84.34 -8.70 3.72
C ARG F 177 83.35 -9.83 4.04
N ARG F 178 83.09 -10.69 3.04
CA ARG F 178 82.36 -11.94 3.26
C ARG F 178 83.26 -12.99 3.90
N LYS F 179 84.40 -13.26 3.25
CA LYS F 179 85.38 -14.22 3.79
C LYS F 179 85.63 -14.07 5.30
N PHE F 180 85.45 -12.85 5.82
CA PHE F 180 85.58 -12.60 7.26
C PHE F 180 84.39 -13.06 8.10
N LEU F 181 83.18 -12.80 7.56
CA LEU F 181 81.95 -12.77 8.39
C LEU F 181 81.74 -13.95 9.33
N ARG F 182 81.81 -13.67 10.62
CA ARG F 182 82.19 -14.69 11.61
C ARG F 182 81.30 -15.90 11.69
N THR F 183 81.91 -17.05 11.94
CA THR F 183 81.23 -18.33 12.19
C THR F 183 79.74 -18.33 11.72
N GLU F 184 78.84 -18.84 12.56
CA GLU F 184 77.43 -19.02 12.24
C GLU F 184 76.69 -18.98 13.58
N LYS F 185 77.10 -19.91 14.46
CA LYS F 185 76.60 -20.04 15.80
C LYS F 185 76.77 -18.73 16.58
N THR F 186 77.97 -18.16 16.55
CA THR F 186 78.29 -16.99 17.36
C THR F 186 77.56 -15.76 16.85
N GLU F 187 77.38 -15.66 15.54
CA GLU F 187 76.64 -14.54 14.97
C GLU F 187 75.23 -14.47 15.49
N PHE F 188 74.56 -15.61 15.64
CA PHE F 188 73.21 -15.64 16.25
C PHE F 188 73.23 -15.29 17.73
N ASN F 189 74.21 -15.84 18.46
CA ASN F 189 74.37 -15.56 19.88
C ASN F 189 74.58 -14.07 20.15
N HIS F 190 75.23 -13.38 19.21
CA HIS F 190 75.32 -11.92 19.23
C HIS F 190 73.98 -11.26 18.90
N ILE F 191 73.34 -11.68 17.81
CA ILE F 191 72.01 -11.16 17.45
C ILE F 191 71.04 -11.36 18.63
N ASP F 192 71.12 -12.53 19.25
CA ASP F 192 70.31 -12.86 20.42
C ASP F 192 70.45 -11.80 21.51
N GLU F 193 71.68 -11.31 21.71
CA GLU F 193 71.97 -10.22 22.64
C GLU F 193 71.43 -8.89 22.13
N ILE F 194 71.55 -8.62 20.83
CA ILE F 194 71.05 -7.36 20.24
C ILE F 194 69.57 -7.16 20.61
N ILE F 195 68.77 -8.20 20.40
CA ILE F 195 67.34 -8.18 20.68
C ILE F 195 67.09 -8.10 22.19
N ARG F 196 67.89 -8.86 22.96
CA ARG F 196 67.80 -8.85 24.42
C ARG F 196 68.02 -7.44 25.02
N ARG F 197 69.01 -6.71 24.49
CA ARG F 197 69.25 -5.32 24.92
C ARG F 197 68.06 -4.41 24.61
N ILE F 198 67.62 -4.41 23.34
CA ILE F 198 66.54 -3.51 22.89
C ILE F 198 65.21 -3.91 23.52
N ALA F 199 65.08 -5.18 23.91
CA ALA F 199 63.88 -5.71 24.57
C ALA F 199 63.63 -5.06 25.93
N LEU F 200 64.66 -5.01 26.78
CA LEU F 200 64.56 -4.38 28.10
C LEU F 200 64.47 -2.85 28.01
N ALA F 201 64.99 -2.29 26.92
CA ALA F 201 64.87 -0.86 26.63
C ALA F 201 63.45 -0.43 26.26
N ARG F 202 62.68 -1.34 25.66
CA ARG F 202 61.30 -1.06 25.21
C ARG F 202 60.31 -2.18 25.63
N PHE F 203 59.69 -2.02 26.79
CA PHE F 203 58.68 -2.94 27.27
C PHE F 203 57.37 -2.81 26.50
N ASP F 204 57.29 -1.79 25.63
CA ASP F 204 56.06 -1.50 24.88
C ASP F 204 56.02 -2.12 23.48
N VAL F 205 57.07 -2.82 23.07
CA VAL F 205 57.11 -3.36 21.71
C VAL F 205 57.24 -4.88 21.75
N THR F 206 56.31 -5.56 21.09
CA THR F 206 56.32 -7.02 20.99
C THR F 206 57.33 -7.45 19.91
N ILE F 207 58.25 -8.33 20.30
CA ILE F 207 59.30 -8.76 19.42
C ILE F 207 59.33 -10.28 19.34
N ASN F 208 59.34 -10.79 18.12
CA ASN F 208 59.51 -12.20 17.88
C ASN F 208 60.81 -12.45 17.14
N LEU F 209 61.74 -13.14 17.81
CA LEU F 209 62.99 -13.57 17.20
C LEU F 209 62.90 -15.05 16.83
N SER F 210 63.23 -15.36 15.59
CA SER F 210 63.26 -16.75 15.14
C SER F 210 64.56 -17.03 14.42
N HIS F 211 64.93 -18.31 14.37
CA HIS F 211 66.14 -18.75 13.67
C HIS F 211 65.86 -20.04 12.90
N ASN F 212 66.16 -20.02 11.60
CA ASN F 212 65.97 -21.16 10.70
C ASN F 212 64.51 -21.65 10.64
N GLY F 213 63.61 -20.68 10.57
CA GLY F 213 62.17 -20.94 10.53
C GLY F 213 61.56 -21.14 11.90
N LYS F 214 62.39 -21.55 12.87
CA LYS F 214 61.92 -21.94 14.20
C LYS F 214 61.94 -20.79 15.19
N ILE F 215 60.82 -20.61 15.88
CA ILE F 215 60.68 -19.63 16.96
C ILE F 215 61.69 -19.91 18.07
N VAL F 216 62.40 -18.87 18.49
CA VAL F 216 63.37 -18.97 19.57
C VAL F 216 62.89 -18.17 20.78
N ARG F 217 62.58 -16.90 20.57
CA ARG F 217 62.20 -15.99 21.65
C ARG F 217 60.99 -15.11 21.31
N GLN F 218 60.02 -15.09 22.24
CA GLN F 218 58.80 -14.30 22.10
C GLN F 218 58.64 -13.35 23.28
N TYR F 219 58.98 -12.08 23.06
CA TYR F 219 58.83 -11.05 24.07
C TYR F 219 57.53 -10.31 23.87
N ARG F 220 56.55 -10.59 24.73
CA ARG F 220 55.26 -9.90 24.68
C ARG F 220 55.39 -8.50 25.24
N ALA F 221 54.72 -7.56 24.58
CA ALA F 221 54.60 -6.21 25.07
C ALA F 221 53.66 -6.20 26.26
N VAL F 222 54.13 -5.62 27.37
CA VAL F 222 53.35 -5.54 28.59
C VAL F 222 52.31 -4.43 28.44
N PRO F 223 51.06 -4.67 28.91
CA PRO F 223 50.07 -3.60 28.84
C PRO F 223 50.51 -2.38 29.63
N GLU F 224 50.10 -1.20 29.18
CA GLU F 224 50.60 0.05 29.76
C GLU F 224 50.13 0.13 31.22
N GLY F 225 51.08 0.27 32.14
CA GLY F 225 50.81 0.18 33.57
C GLY F 225 50.47 -1.26 34.01
N GLY F 226 51.15 -2.23 33.40
CA GLY F 226 50.84 -3.64 33.59
C GLY F 226 51.84 -4.44 34.41
N GLN F 227 51.69 -5.77 34.35
CA GLN F 227 52.55 -6.71 35.07
C GLN F 227 53.87 -6.88 34.31
N LYS F 228 54.90 -6.18 34.80
CA LYS F 228 56.21 -6.16 34.14
C LYS F 228 57.11 -7.36 34.54
N GLU F 229 56.67 -8.16 35.51
CA GLU F 229 57.41 -9.36 35.93
C GLU F 229 57.40 -10.42 34.84
N ARG F 230 56.33 -10.43 34.04
CA ARG F 230 56.21 -11.32 32.88
C ARG F 230 57.41 -11.23 31.94
N ARG F 231 57.72 -10.00 31.52
CA ARG F 231 58.73 -9.75 30.49
C ARG F 231 60.14 -9.85 31.05
N LEU F 232 60.30 -9.54 32.34
CA LEU F 232 61.58 -9.64 33.05
C LEU F 232 62.08 -11.09 33.17
N GLY F 233 61.16 -12.02 33.42
CA GLY F 233 61.49 -13.45 33.47
C GLY F 233 61.79 -14.05 32.11
N ALA F 234 61.10 -13.54 31.09
CA ALA F 234 61.26 -14.01 29.70
C ALA F 234 62.65 -13.66 29.12
N ILE F 235 63.12 -12.45 29.43
CA ILE F 235 64.40 -11.94 28.91
C ILE F 235 65.62 -12.43 29.71
N LEU F 236 65.50 -12.46 31.04
CA LEU F 236 66.63 -12.75 31.94
C LEU F 236 66.53 -14.11 32.65
N GLY F 237 65.64 -14.98 32.18
CA GLY F 237 65.41 -16.28 32.82
C GLY F 237 64.62 -16.16 34.11
N THR F 238 64.11 -17.31 34.55
CA THR F 238 63.34 -17.39 35.78
C THR F 238 64.21 -17.24 37.05
N ALA F 239 65.50 -17.57 36.93
CA ALA F 239 66.44 -17.49 38.06
C ALA F 239 66.58 -16.06 38.61
N PHE F 240 66.76 -15.10 37.70
CA PHE F 240 66.80 -13.67 38.08
C PHE F 240 65.45 -13.20 38.62
N LEU F 241 64.38 -13.50 37.88
CA LEU F 241 63.01 -13.05 38.22
C LEU F 241 62.68 -13.26 39.71
N GLU F 242 62.98 -14.46 40.22
CA GLU F 242 62.62 -14.83 41.60
C GLU F 242 63.56 -14.22 42.68
N GLN F 243 64.67 -13.61 42.28
CA GLN F 243 65.52 -12.85 43.21
C GLN F 243 65.43 -11.35 42.99
N ALA F 244 64.54 -10.90 42.09
CA ALA F 244 64.42 -9.49 41.73
C ALA F 244 63.86 -8.67 42.88
N LEU F 245 64.67 -7.72 43.37
CA LEU F 245 64.22 -6.73 44.34
C LEU F 245 64.12 -5.38 43.64
N ALA F 246 62.90 -4.89 43.47
CA ALA F 246 62.65 -3.65 42.75
C ALA F 246 63.26 -2.44 43.46
N ILE F 247 63.43 -1.35 42.72
CA ILE F 247 63.99 -0.11 43.26
C ILE F 247 63.19 1.10 42.77
N GLU F 248 62.92 2.04 43.69
CA GLU F 248 62.20 3.28 43.41
C GLU F 248 62.78 4.45 44.22
N TRP F 249 63.70 5.19 43.59
CA TRP F 249 64.38 6.32 44.22
C TRP F 249 64.07 7.60 43.46
N GLN F 250 64.11 8.73 44.16
CA GLN F 250 63.65 9.98 43.56
C GLN F 250 64.18 11.20 44.30
N HIS F 251 65.01 12.01 43.63
CA HIS F 251 65.46 13.33 44.15
C HIS F 251 65.33 14.42 43.09
N GLY F 252 64.27 15.22 43.14
CA GLY F 252 64.08 16.33 42.20
C GLY F 252 63.78 15.87 40.78
N ASP F 253 64.53 16.40 39.81
CA ASP F 253 64.38 15.98 38.40
C ASP F 253 64.84 14.53 38.19
N LEU F 254 65.79 14.05 39.00
CA LEU F 254 66.33 12.69 38.89
C LEU F 254 65.38 11.62 39.44
N THR F 255 65.28 10.52 38.71
CA THR F 255 64.37 9.44 39.05
C THR F 255 64.97 8.10 38.62
N LEU F 256 65.07 7.16 39.56
CA LEU F 256 65.67 5.82 39.34
C LEU F 256 64.69 4.66 39.63
N ARG F 257 64.36 3.88 38.59
CA ARG F 257 63.42 2.74 38.68
C ARG F 257 64.08 1.47 38.15
N GLY F 258 63.67 0.30 38.66
CA GLY F 258 64.19 -0.98 38.15
C GLY F 258 64.24 -2.11 39.15
N TRP F 259 65.21 -3.02 38.95
CA TRP F 259 65.39 -4.25 39.77
C TRP F 259 66.88 -4.55 40.08
N VAL F 260 67.14 -5.20 41.21
CA VAL F 260 68.50 -5.63 41.61
C VAL F 260 68.41 -6.99 42.30
N ALA F 261 69.12 -8.00 41.78
CA ALA F 261 69.11 -9.34 42.37
C ALA F 261 69.74 -9.32 43.74
N ASP F 262 69.03 -9.88 44.73
CA ASP F 262 69.50 -9.88 46.11
C ASP F 262 70.91 -10.52 46.13
N PRO F 263 71.92 -9.76 46.62
CA PRO F 263 73.29 -10.28 46.73
C PRO F 263 73.39 -11.56 47.55
N ASN F 264 72.58 -11.65 48.60
CA ASN F 264 72.54 -12.82 49.47
C ASN F 264 72.33 -14.12 48.69
N HIS F 265 71.45 -14.08 47.68
CA HIS F 265 71.14 -15.25 46.85
C HIS F 265 71.60 -15.08 45.39
N THR F 266 72.68 -14.35 45.17
CA THR F 266 73.26 -14.17 43.82
C THR F 266 74.35 -15.22 43.57
N THR F 267 74.13 -16.05 42.55
CA THR F 267 74.98 -17.19 42.23
C THR F 267 75.78 -16.91 40.93
N PRO F 268 76.67 -17.86 40.52
CA PRO F 268 77.40 -17.73 39.25
C PRO F 268 76.55 -17.57 37.98
N ALA F 269 75.36 -18.17 37.95
CA ALA F 269 74.46 -18.05 36.81
C ALA F 269 73.89 -16.62 36.68
N LEU F 270 73.49 -16.04 37.82
CA LEU F 270 72.87 -14.71 37.88
C LEU F 270 73.82 -13.55 37.55
N ALA F 271 75.10 -13.69 37.91
CA ALA F 271 76.10 -12.63 37.74
C ALA F 271 76.27 -12.08 36.31
N GLU F 272 75.74 -12.79 35.31
CA GLU F 272 75.83 -12.38 33.89
C GLU F 272 74.98 -11.18 33.48
N ILE F 273 74.18 -10.65 34.41
CA ILE F 273 73.20 -9.61 34.09
C ILE F 273 73.59 -8.25 34.64
N GLN F 274 74.18 -7.41 33.80
CA GLN F 274 74.56 -6.06 34.18
C GLN F 274 74.31 -5.10 33.01
N TYR F 275 73.19 -4.39 33.06
CA TYR F 275 72.82 -3.46 31.99
C TYR F 275 72.28 -2.15 32.57
N PHE F 276 72.79 -1.01 32.07
CA PHE F 276 72.34 0.33 32.50
C PHE F 276 71.80 1.16 31.38
N TYR F 277 70.64 1.73 31.62
CA TYR F 277 70.00 2.59 30.65
C TYR F 277 69.70 3.92 31.26
N VAL F 278 69.82 4.95 30.44
CA VAL F 278 69.65 6.30 30.90
C VAL F 278 68.73 7.00 29.92
N ASN F 279 67.51 7.30 30.37
CA ASN F 279 66.50 7.88 29.49
C ASN F 279 66.36 7.07 28.19
N GLY F 280 66.47 5.74 28.34
CA GLY F 280 66.38 4.78 27.24
C GLY F 280 67.72 4.20 26.83
N ARG F 281 68.72 5.06 26.72
CA ARG F 281 69.97 4.71 26.06
C ARG F 281 71.00 4.09 26.99
N MET F 282 71.46 2.89 26.62
CA MET F 282 72.59 2.25 27.30
C MET F 282 73.91 2.85 26.82
N MET F 283 74.70 3.39 27.75
CA MET F 283 76.15 3.52 27.56
C MET F 283 76.76 2.68 28.68
N ARG F 284 77.96 2.14 28.45
CA ARG F 284 78.77 1.58 29.53
C ARG F 284 79.74 2.69 29.85
N ASP F 285 79.30 3.61 30.71
CA ASP F 285 80.18 4.65 31.15
C ASP F 285 80.92 4.17 32.39
N ARG F 286 82.22 4.25 32.23
CA ARG F 286 83.21 4.17 33.27
C ARG F 286 83.02 5.16 34.43
N LEU F 287 82.03 4.92 35.29
CA LEU F 287 81.71 5.74 36.51
C LEU F 287 80.66 4.98 37.31
N ILE F 288 79.58 4.59 36.63
CA ILE F 288 78.47 3.86 37.23
C ILE F 288 78.92 2.48 37.75
N ASN F 289 79.92 1.92 37.09
CA ASN F 289 80.59 0.70 37.56
C ASN F 289 80.97 0.76 39.05
N HIS F 290 81.56 1.88 39.44
CA HIS F 290 81.88 2.15 40.84
C HIS F 290 80.64 2.23 41.72
N ALA F 291 79.71 3.13 41.37
CA ALA F 291 78.48 3.36 42.15
C ALA F 291 77.80 2.08 42.63
N ILE F 292 77.76 1.08 41.74
CA ILE F 292 77.10 -0.20 42.02
C ILE F 292 77.99 -1.23 42.70
N ARG F 293 79.27 -1.29 42.34
CA ARG F 293 80.21 -2.20 43.01
C ARG F 293 80.55 -1.68 44.43
N GLN F 294 80.40 -0.37 44.62
CA GLN F 294 80.34 0.25 45.94
C GLN F 294 79.13 -0.22 46.73
N ALA F 295 77.96 -0.26 46.07
CA ALA F 295 76.71 -0.69 46.70
C ALA F 295 76.69 -2.17 47.13
N TYR F 296 77.26 -3.07 46.32
CA TYR F 296 77.34 -4.51 46.64
C TYR F 296 78.41 -4.85 47.69
N GLU F 297 79.45 -4.04 47.75
CA GLU F 297 80.48 -4.12 48.79
C GLU F 297 79.95 -3.64 50.17
N ASP F 298 79.10 -2.61 50.15
CA ASP F 298 78.64 -1.93 51.38
C ASP F 298 77.52 -2.64 52.16
N LYS F 299 76.72 -3.46 51.46
CA LYS F 299 75.69 -4.28 52.12
C LYS F 299 76.37 -5.51 52.74
N LEU F 300 76.99 -6.35 51.89
CA LEU F 300 77.84 -7.46 52.34
C LEU F 300 79.25 -7.36 51.74
N GLY F 301 80.28 -7.51 52.57
CA GLY F 301 81.67 -7.31 52.17
C GLY F 301 82.16 -8.15 51.00
N ALA F 302 81.61 -9.36 50.84
CA ALA F 302 81.94 -10.23 49.71
C ALA F 302 81.67 -9.51 48.39
N ASP F 303 82.74 -9.07 47.72
CA ASP F 303 82.60 -8.35 46.45
C ASP F 303 82.59 -9.35 45.31
N GLN F 304 81.40 -9.86 45.02
CA GLN F 304 81.17 -10.76 43.88
C GLN F 304 80.33 -10.04 42.82
N GLN F 305 80.22 -10.65 41.65
CA GLN F 305 79.56 -10.02 40.50
C GLN F 305 78.03 -9.92 40.69
N PRO F 306 77.47 -8.68 40.62
CA PRO F 306 76.05 -8.42 40.86
C PRO F 306 75.14 -8.76 39.69
N ALA F 307 73.84 -8.63 39.91
CA ALA F 307 72.83 -8.81 38.87
C ALA F 307 71.79 -7.70 38.95
N PHE F 308 71.68 -6.87 37.91
CA PHE F 308 70.82 -5.70 37.92
C PHE F 308 70.37 -5.28 36.53
N VAL F 309 69.24 -4.56 36.47
CA VAL F 309 68.78 -3.84 35.28
C VAL F 309 68.06 -2.57 35.76
N LEU F 310 68.67 -1.40 35.55
CA LEU F 310 68.15 -0.17 36.14
C LEU F 310 67.81 0.89 35.09
N TYR F 311 66.79 1.68 35.39
CA TYR F 311 66.24 2.71 34.47
C TYR F 311 66.35 4.08 35.12
N LEU F 312 67.11 4.98 34.49
CA LEU F 312 67.36 6.33 35.04
C LEU F 312 66.81 7.43 34.14
N GLU F 313 66.19 8.44 34.76
CA GLU F 313 65.47 9.51 34.05
C GLU F 313 65.84 10.90 34.58
N ILE F 314 66.68 11.63 33.83
CA ILE F 314 67.17 12.96 34.26
C ILE F 314 67.21 14.03 33.14
N ASP F 315 67.58 15.26 33.57
CA ASP F 315 67.94 16.43 32.72
C ASP F 315 69.47 16.76 32.86
N PRO F 316 70.18 17.09 31.75
CA PRO F 316 71.67 16.99 31.57
C PRO F 316 72.67 17.37 32.68
N HIS F 317 73.55 16.42 32.98
CA HIS F 317 74.85 16.65 33.64
C HIS F 317 75.81 15.53 33.23
N GLN F 318 76.66 15.75 32.22
CA GLN F 318 77.35 14.66 31.47
C GLN F 318 78.14 13.64 32.31
N VAL F 319 77.95 12.36 32.00
CA VAL F 319 78.62 11.26 32.66
C VAL F 319 78.94 10.15 31.66
N SER F 335 77.49 15.68 37.55
CA SER F 335 78.16 14.47 37.08
C SER F 335 78.54 13.53 38.21
N ARG F 336 78.82 14.10 39.40
CA ARG F 336 78.83 13.31 40.63
C ARG F 336 77.46 13.27 41.28
N LEU F 337 76.65 14.29 40.98
CA LEU F 337 75.22 14.28 41.27
C LEU F 337 74.61 12.91 40.97
N VAL F 338 74.85 12.44 39.73
CA VAL F 338 74.34 11.16 39.24
C VAL F 338 74.91 9.96 40.03
N HIS F 339 76.19 10.03 40.38
CA HIS F 339 76.90 8.92 41.06
C HIS F 339 76.30 8.52 42.41
N ASP F 340 76.23 9.45 43.35
CA ASP F 340 75.74 9.13 44.71
C ASP F 340 74.22 8.93 44.76
N PHE F 341 73.50 9.55 43.81
CA PHE F 341 72.07 9.27 43.60
C PHE F 341 71.83 7.79 43.36
N ILE F 342 72.60 7.23 42.41
CA ILE F 342 72.56 5.80 42.08
C ILE F 342 72.86 4.96 43.31
N TYR F 343 74.02 5.21 43.93
CA TYR F 343 74.49 4.45 45.07
C TYR F 343 73.45 4.31 46.19
N GLN F 344 72.89 5.44 46.62
CA GLN F 344 71.95 5.44 47.76
C GLN F 344 70.65 4.69 47.46
N GLY F 345 70.21 4.74 46.21
CA GLY F 345 69.02 4.01 45.77
C GLY F 345 69.12 2.51 46.00
N VAL F 346 70.23 1.93 45.56
CA VAL F 346 70.43 0.47 45.56
C VAL F 346 70.55 -0.11 46.97
N LEU F 347 71.32 0.53 47.83
CA LEU F 347 71.64 0.01 49.17
C LEU F 347 70.42 -0.10 50.09
N SER F 348 69.57 0.92 50.08
CA SER F 348 68.31 0.92 50.83
C SER F 348 67.47 -0.31 50.48
N VAL F 349 67.40 -0.58 49.17
CA VAL F 349 66.62 -1.70 48.58
C VAL F 349 67.10 -3.07 49.07
N LEU F 350 68.41 -3.24 49.20
CA LEU F 350 68.99 -4.53 49.61
C LEU F 350 68.71 -4.87 51.07
N GLN F 351 68.48 -3.84 51.89
CA GLN F 351 68.12 -4.01 53.30
C GLN F 351 66.64 -3.76 53.54
PG ANP G . -14.68 -12.04 -1.85
O1G ANP G . -15.78 -12.99 -2.23
O2G ANP G . -13.67 -11.68 -2.95
O3G ANP G . -15.23 -10.93 -1.00
PB ANP G . -13.08 -12.29 0.71
O1B ANP G . -12.24 -13.36 1.34
O2B ANP G . -12.38 -10.96 0.42
N3B ANP G . -13.63 -12.95 -0.82
PA ANP G . -14.71 -10.70 2.42
O1A ANP G . -13.51 -10.29 3.22
O2A ANP G . -15.23 -9.74 1.38
O3A ANP G . -14.36 -12.08 1.66
O5' ANP G . -15.95 -11.11 3.42
C5' ANP G . -17.35 -11.05 3.03
C4' ANP G . -18.35 -10.70 4.14
O4' ANP G . -18.17 -11.46 5.34
C3' ANP G . -18.30 -9.22 4.52
O3' ANP G . -19.42 -8.48 3.95
C2' ANP G . -18.30 -9.19 6.04
O2' ANP G . -19.43 -8.46 6.45
C1' ANP G . -18.30 -10.65 6.51
N9 ANP G . -17.16 -10.90 7.44
C8 ANP G . -15.88 -10.90 7.02
N7 ANP G . -15.03 -11.13 8.05
C5 ANP G . -15.74 -11.28 9.18
C6 ANP G . -15.43 -11.54 10.60
N6 ANP G . -14.15 -11.69 11.02
N1 ANP G . -16.46 -11.63 11.47
C2 ANP G . -17.72 -11.48 11.03
N3 ANP G . -18.06 -11.24 9.74
C4 ANP G . -17.15 -11.13 8.76
PG ANP H . -7.92 -4.68 -20.16
O1G ANP H . -6.47 -4.71 -19.82
O2G ANP H . -8.76 -5.25 -19.09
O3G ANP H . -8.40 -3.35 -20.65
PB ANP H . -9.35 -5.72 -22.61
O1B ANP H . -9.09 -6.78 -23.64
O2B ANP H . -10.70 -5.66 -21.99
N3B ANP H . -8.12 -5.89 -21.40
PA ANP H . -10.28 -3.22 -23.45
O1A ANP H . -11.34 -3.89 -24.29
O2A ANP H . -10.59 -2.71 -22.07
O3A ANP H . -9.11 -4.31 -23.31
O5' ANP H . -9.58 -2.00 -24.29
C5' ANP H . -8.14 -1.89 -24.43
C4' ANP H . -7.52 -0.58 -24.94
O4' ANP H . -7.40 -0.64 -26.35
C3' ANP H . -8.26 0.69 -24.62
O3' ANP H . -7.32 1.68 -24.14
C2' ANP H . -8.92 1.13 -25.92
O2' ANP H . -8.85 2.55 -26.06
C1' ANP H . -8.10 0.44 -27.00
N9 ANP H . -8.89 -0.18 -28.09
C8 ANP H . -9.64 -1.29 -27.97
N7 ANP H . -10.21 -1.63 -29.16
C5 ANP H . -9.82 -0.72 -30.07
C6 ANP H . -10.04 -0.49 -31.53
N6 ANP H . -10.85 -1.32 -32.24
N1 ANP H . -9.43 0.57 -32.12
C2 ANP H . -8.64 1.40 -31.41
N3 ANP H . -8.39 1.24 -30.09
C4 ANP H . -8.94 0.22 -29.36
PG ANP I . 43.45 -23.14 -7.52
O1G ANP I . 44.15 -22.71 -8.79
O2G ANP I . 42.47 -24.26 -7.71
O3G ANP I . 44.39 -23.43 -6.39
PB ANP I . 42.29 -21.11 -5.39
O1B ANP I . 41.65 -19.77 -5.54
O2B ANP I . 41.54 -22.17 -4.64
N3B ANP I . 42.50 -21.73 -7.03
PA ANP I . 43.96 -21.19 -3.06
O1A ANP I . 42.76 -20.70 -2.32
O2A ANP I . 44.34 -22.64 -2.94
O3A ANP I . 43.71 -20.83 -4.63
O5' ANP I . 45.22 -20.30 -2.55
C5' ANP I . 46.53 -20.57 -3.07
C4' ANP I . 47.72 -20.04 -2.25
O4' ANP I . 47.56 -18.67 -1.84
C3' ANP I . 48.08 -20.88 -1.01
O3' ANP I . 49.24 -21.70 -1.22
C2' ANP I . 48.29 -19.86 0.11
O2' ANP I . 49.60 -19.92 0.66
C1' ANP I . 48.01 -18.47 -0.50
N9 ANP I . 46.89 -17.83 0.25
C8 ANP I . 45.58 -18.08 0.02
N7 ANP I . 44.79 -17.38 0.86
C5 ANP I . 45.60 -16.64 1.64
C6 ANP I . 45.38 -15.68 2.75
N6 ANP I . 44.11 -15.38 3.15
N1 ANP I . 46.48 -15.12 3.30
C2 ANP I . 47.75 -15.41 2.88
N3 ANP I . 48.02 -16.30 1.89
C4 ANP I . 47.00 -16.93 1.24
#